data_8UFB
#
_entry.id   8UFB
#
_cell.length_a   1.00
_cell.length_b   1.00
_cell.length_c   1.00
_cell.angle_alpha   90.00
_cell.angle_beta   90.00
_cell.angle_gamma   90.00
#
_symmetry.space_group_name_H-M   'P 1'
#
loop_
_entity.id
_entity.type
_entity.pdbx_description
1 polymer 'E1 protein'
2 polymer 'E2 protein'
3 polymer 'Capsid protein'
4 polymer 'Isoform Short of Very low-density lipoprotein receptor'
5 non-polymer 2-acetamido-2-deoxy-beta-D-glucopyranose
6 non-polymer 'CALCIUM ION'
#
loop_
_entity_poly.entity_id
_entity_poly.type
_entity_poly.pdbx_seq_one_letter_code
_entity_poly.pdbx_strand_id
1 'polypeptide(L)'
;YEHTAVMPNKVGIPYKALVERPGYAPVHLQIQLVNTRIIPSTNLEYITCKYKTKVPSPVVKCCGATQCTSKPHPDYQCQV
FSGVYPFMYGGAYCFCDTENTQMSEAYVERSEECSIDHAKAYKVHTGTVQAMVNITYGSVSWRSADVYVNGETPAKIGDA
KLIIGPLSSAWSPFDNKVVVYGHEVYNYDFPEYGTGKAGSFGDLQSRTSTSNDLYANTNLKLQRPQAGIVHTPFTQVPSG
FERWKKDKGAPLNDVAPFGCSIALEPLRAENCAVGSIPISIDIPDAAFTRISETPTVSDLECKITECTYAFDFGGIATVA
YKSSKAGNCPIHSPSGVAVIKENDVTLAESGSFTFHFSTANIHPAFKLQVCTSAVTCKGDCKPPKDHIVDYAAQHTESFT
SAISATAWSWIKVLVGGTSAFIVLGLIATAVVALVLFFHRH
;
A,D,G,J
2 'polypeptide(L)'
;DLDTHFTQYKLARPYIADCPNCGHSRCDSPIAIEEVRGDAHAGVIRIQTSAMFGLKTDGVDLAYMSFMNGKTQKSIKIDN
LHVRTSAPCSLVSHHGYYILAQCPPGDTVTVGFHDGPNRHTCTVAHKVEFRPVGREKYRHPPEHGVELPCNRYTHKRADQ
GHYVEMHQPGLVADHSLLSIHSAKVKITVPSGAQVKYYCKCPDVRKGITSSDHTTTCTDVKQCRAYLIDNKKWVYNSGRL
PRGEGDTFKGKLHVPFVPVKAKCIATLAPEPLVEHKHRTLILHLHPDHPTLLTTRSLGSDANPTRQWIERPTTVNFTVTG
EGLEYTWGNHPPKRVWAQESGEGNPHGWPHEVVVYYYNRYPLTTIIGLCTCVAIIMVSCVTSVWLLCRTRNLCITPYKLA
PNAQVPILLALLCC
;
B,E,H,K
3 'polypeptide(L)'
;DKTFPIMLNGQVNGYACVVGGRVFKPLHVEGRIDNEQLAAIKLKKASIYDLEYGDVPQCMKSDTLQYTSDKPPGFYNWHH
GAVQYENNRFTVPRGVGGKGDSGRPILDNKGRVVAIVLGGVNEGSRTALSVVTWNQKGVTVKDTPEGSEPW
;
C,F,I,L
4 'polypeptide(L)'
;GRKAKCEPSQFQCTNGRCITLLWKCDGDEDCVDGSDEKNCVKKTCAESDFVCNNGQCVPSRWKCDGDPDCEDGSDESPEQ
CHMRTCRIHEISCGAHSTQCIPVSWRCDGENDCDSGEDEENCGNITCSPDEFTCSSGRCISRNFVCNGQDDCSDGSDELD
CAPPTCGAHEFQCSTSSCIPISWVCDDDADCSDQSDESLEQCGRQPVIHTKCPASEIQCGSGECIHKKWRCDGDPDCKDG
SDEVNCPSRTCRPDQFECEDGSCIHGSRQCNGIRDCVDGSDEVNCKNVNQCLGPGKFKCRSGECIDISKVCNQEQDCRDW
SDEPLKECHINECLVNNGGCSHICKDLVIGYECDCAAGFELIDRKTCGDIDECQNPGICSQICINLKGGYKCECSRGYQM
DLATGVCKAVGKEPSLIFTNRRDIRKIGLERKEYIQLVEQLRNTVALDADIAAQKLFWADLSQKAIFSASIDDKVGRHVK
MIDNVYNPAAIAVDWVYKTIYWTDAASKTISVATLDGTKRKFLFNSDLREPASIAVDPLSGFVYWSDWGEPAKIEKAGMN
GFDRRPLVTADIQWPNGITLDLIKSRLYWLDSKLHMLSSVDLNGQDRRIVLKSLEFLAHPLALTIFEDRVYWIDGENEAV
YGANKFTGSELATLVNNLNDAQDIIVYHELVQPSGKNWCEEDMENGGCEYLCLPAPQINDHSPKYTCSCPSGYNVEENGR
DCQRINVTTAVSEVSVPPKGTSHHHHHH
;
V,W,X,Y,R,S,T,U
#
loop_
_chem_comp.id
_chem_comp.type
_chem_comp.name
_chem_comp.formula
CA non-polymer 'CALCIUM ION' 'Ca 2'
NAG D-saccharide, beta linking 2-acetamido-2-deoxy-beta-D-glucopyranose 'C8 H15 N O6'
#
# COMPACT_ATOMS: atom_id res chain seq x y z
N TYR A 1 -34.26 -7.32 8.56
CA TYR A 1 -33.79 -7.35 9.93
C TYR A 1 -32.93 -8.58 10.18
N GLU A 2 -31.66 -8.35 10.54
CA GLU A 2 -30.72 -9.45 10.77
C GLU A 2 -30.89 -10.01 12.17
N HIS A 3 -31.07 -11.33 12.25
CA HIS A 3 -31.11 -12.06 13.52
C HIS A 3 -29.91 -13.00 13.57
N THR A 4 -29.08 -12.85 14.61
CA THR A 4 -27.89 -13.68 14.78
C THR A 4 -28.02 -14.51 16.05
N ALA A 5 -27.57 -15.76 15.97
CA ALA A 5 -27.66 -16.68 17.10
C ALA A 5 -26.72 -17.85 16.82
N VAL A 6 -26.64 -18.76 17.79
CA VAL A 6 -25.83 -19.97 17.68
C VAL A 6 -26.75 -21.17 17.89
N MET A 7 -26.81 -22.06 16.90
CA MET A 7 -27.63 -23.25 16.99
C MET A 7 -26.76 -24.50 17.10
N PRO A 8 -27.24 -25.53 17.80
CA PRO A 8 -26.43 -26.75 17.92
C PRO A 8 -26.32 -27.46 16.58
N ASN A 9 -25.17 -28.11 16.39
CA ASN A 9 -24.91 -28.87 15.16
C ASN A 9 -25.58 -30.23 15.25
N LYS A 10 -26.90 -30.22 15.15
CA LYS A 10 -27.72 -31.42 15.19
C LYS A 10 -28.63 -31.46 13.99
N VAL A 11 -28.81 -32.66 13.43
CA VAL A 11 -29.64 -32.85 12.25
C VAL A 11 -30.99 -33.37 12.69
N GLY A 12 -32.06 -32.79 12.16
CA GLY A 12 -33.41 -33.16 12.52
C GLY A 12 -33.97 -32.45 13.74
N ILE A 13 -33.15 -31.71 14.47
CA ILE A 13 -33.59 -30.95 15.64
C ILE A 13 -33.72 -29.49 15.21
N PRO A 14 -34.92 -28.93 15.19
CA PRO A 14 -35.06 -27.54 14.73
C PRO A 14 -34.66 -26.53 15.80
N TYR A 15 -34.08 -25.42 15.32
CA TYR A 15 -33.76 -24.28 16.16
C TYR A 15 -34.90 -23.28 16.07
N LYS A 16 -35.47 -22.92 17.21
CA LYS A 16 -36.60 -22.01 17.26
C LYS A 16 -36.21 -20.74 17.99
N ALA A 17 -36.66 -19.60 17.47
CA ALA A 17 -36.39 -18.32 18.10
C ALA A 17 -37.44 -17.33 17.64
N LEU A 18 -37.62 -16.27 18.42
CA LEU A 18 -38.49 -15.16 18.07
C LEU A 18 -37.64 -13.99 17.60
N VAL A 19 -37.87 -13.53 16.38
CA VAL A 19 -37.17 -12.37 15.85
C VAL A 19 -37.89 -11.13 16.36
N GLU A 20 -37.26 -10.43 17.29
CA GLU A 20 -37.87 -9.26 17.94
C GLU A 20 -37.31 -8.00 17.29
N ARG A 21 -38.14 -7.35 16.48
CA ARG A 21 -37.75 -6.12 15.81
C ARG A 21 -38.37 -4.94 16.53
N PRO A 22 -37.59 -3.95 16.98
CA PRO A 22 -38.18 -2.86 17.75
C PRO A 22 -39.36 -2.22 17.04
N GLY A 23 -40.48 -2.13 17.74
CA GLY A 23 -41.69 -1.53 17.22
C GLY A 23 -42.58 -2.46 16.43
N TYR A 24 -42.14 -3.68 16.15
CA TYR A 24 -42.91 -4.65 15.40
C TYR A 24 -43.14 -5.90 16.24
N ALA A 25 -44.23 -6.60 15.97
CA ALA A 25 -44.52 -7.82 16.70
C ALA A 25 -43.47 -8.88 16.36
N PRO A 26 -43.14 -9.75 17.31
CA PRO A 26 -42.11 -10.76 17.04
C PRO A 26 -42.53 -11.71 15.94
N VAL A 27 -41.57 -12.09 15.11
CA VAL A 27 -41.77 -13.04 14.01
C VAL A 27 -41.09 -14.34 14.38
N HIS A 28 -41.86 -15.43 14.41
CA HIS A 28 -41.31 -16.72 14.77
C HIS A 28 -40.39 -17.22 13.67
N LEU A 29 -39.20 -17.68 14.05
CA LEU A 29 -38.20 -18.19 13.12
C LEU A 29 -37.87 -19.63 13.50
N GLN A 30 -37.80 -20.50 12.49
CA GLN A 30 -37.48 -21.90 12.71
C GLN A 30 -36.48 -22.35 11.66
N ILE A 31 -35.28 -22.71 12.10
CA ILE A 31 -34.20 -23.17 11.21
C ILE A 31 -33.89 -24.62 11.59
N GLN A 32 -33.93 -25.50 10.59
CA GLN A 32 -33.66 -26.92 10.79
C GLN A 32 -32.66 -27.39 9.73
N LEU A 33 -31.63 -28.11 10.17
CA LEU A 33 -30.66 -28.69 9.26
C LEU A 33 -31.18 -30.03 8.76
N VAL A 34 -31.20 -30.21 7.44
CA VAL A 34 -31.61 -31.47 6.85
C VAL A 34 -30.45 -32.45 6.79
N ASN A 35 -29.27 -31.96 6.43
CA ASN A 35 -28.05 -32.77 6.47
C ASN A 35 -26.85 -31.83 6.53
N THR A 36 -25.74 -32.36 7.03
CA THR A 36 -24.48 -31.63 7.09
C THR A 36 -23.41 -32.52 6.51
N ARG A 37 -22.58 -31.96 5.62
CA ARG A 37 -21.60 -32.73 4.88
C ARG A 37 -20.24 -32.06 4.99
N ILE A 38 -19.25 -32.81 5.46
CA ILE A 38 -17.85 -32.38 5.48
C ILE A 38 -17.20 -32.97 4.25
N ILE A 39 -16.85 -32.11 3.29
CA ILE A 39 -16.31 -32.59 2.01
C ILE A 39 -14.84 -32.20 1.92
N PRO A 40 -13.92 -33.06 2.36
CA PRO A 40 -12.50 -32.72 2.29
C PRO A 40 -11.98 -32.72 0.87
N SER A 41 -10.84 -32.08 0.68
CA SER A 41 -10.13 -32.07 -0.59
C SER A 41 -9.23 -33.29 -0.67
N THR A 42 -9.34 -34.04 -1.76
CA THR A 42 -8.62 -35.29 -1.92
C THR A 42 -7.78 -35.28 -3.19
N ASN A 43 -6.60 -35.89 -3.11
CA ASN A 43 -5.70 -36.09 -4.24
C ASN A 43 -5.45 -37.58 -4.39
N LEU A 44 -5.80 -38.14 -5.55
CA LEU A 44 -5.56 -39.55 -5.78
C LEU A 44 -4.05 -39.82 -5.86
N GLU A 45 -3.56 -40.66 -4.95
CA GLU A 45 -2.13 -40.97 -4.93
C GLU A 45 -1.82 -42.11 -5.89
N TYR A 46 -2.58 -43.19 -5.83
CA TYR A 46 -2.40 -44.29 -6.77
C TYR A 46 -3.57 -45.25 -6.61
N ILE A 47 -3.66 -46.21 -7.52
CA ILE A 47 -4.71 -47.22 -7.54
C ILE A 47 -4.05 -48.59 -7.35
N THR A 48 -4.60 -49.38 -6.44
CA THR A 48 -4.12 -50.72 -6.14
C THR A 48 -5.17 -51.73 -6.56
N CYS A 49 -4.74 -52.87 -7.11
CA CYS A 49 -5.65 -53.92 -7.51
C CYS A 49 -4.87 -55.22 -7.65
N LYS A 50 -5.61 -56.30 -7.93
CA LYS A 50 -4.98 -57.60 -8.08
C LYS A 50 -4.19 -57.65 -9.38
N TYR A 51 -2.95 -58.14 -9.30
CA TYR A 51 -2.09 -58.23 -10.46
C TYR A 51 -2.43 -59.44 -11.34
N LYS A 52 -2.03 -59.34 -12.62
CA LYS A 52 -2.06 -60.42 -13.59
C LYS A 52 -0.65 -60.71 -14.10
N THR A 53 -0.25 -61.98 -14.07
CA THR A 53 1.05 -62.41 -14.59
C THR A 53 0.95 -62.79 -16.06
N LYS A 54 1.43 -61.89 -16.93
CA LYS A 54 1.51 -62.12 -18.38
C LYS A 54 2.77 -62.90 -18.72
N VAL A 55 2.60 -64.06 -19.37
CA VAL A 55 3.70 -64.97 -19.69
C VAL A 55 3.81 -65.20 -21.19
N PRO A 56 4.60 -64.39 -21.92
CA PRO A 56 4.79 -64.65 -23.36
C PRO A 56 5.36 -66.02 -23.64
N SER A 57 5.14 -66.46 -24.88
CA SER A 57 5.61 -67.76 -25.36
C SER A 57 7.12 -67.92 -25.14
N PRO A 58 7.57 -69.06 -24.59
CA PRO A 58 9.01 -69.31 -24.46
C PRO A 58 9.67 -69.54 -25.80
N VAL A 59 10.94 -69.13 -25.88
CA VAL A 59 11.78 -69.33 -27.07
C VAL A 59 12.60 -70.59 -26.87
N VAL A 60 12.34 -71.62 -27.67
CA VAL A 60 13.06 -72.89 -27.60
C VAL A 60 14.06 -72.92 -28.76
N LYS A 61 15.33 -72.64 -28.45
CA LYS A 61 16.41 -72.65 -29.43
C LYS A 61 17.08 -74.02 -29.41
N CYS A 62 16.79 -74.83 -30.43
CA CYS A 62 17.42 -76.15 -30.53
C CYS A 62 18.86 -76.05 -30.99
N CYS A 63 19.73 -76.85 -30.37
CA CYS A 63 21.14 -76.94 -30.73
C CYS A 63 21.80 -75.56 -30.74
N GLY A 64 21.62 -74.83 -29.65
CA GLY A 64 22.20 -73.51 -29.52
C GLY A 64 21.81 -72.89 -28.19
N ALA A 65 22.16 -71.62 -28.01
CA ALA A 65 21.86 -70.93 -26.76
C ALA A 65 21.46 -69.49 -27.03
N THR A 66 20.63 -68.94 -26.14
CA THR A 66 20.15 -67.57 -26.26
C THR A 66 20.43 -66.81 -24.97
N GLN A 67 20.36 -65.49 -25.06
CA GLN A 67 20.59 -64.58 -23.93
C GLN A 67 19.39 -63.66 -23.72
N CYS A 68 18.91 -63.61 -22.48
CA CYS A 68 17.87 -62.66 -22.05
C CYS A 68 18.33 -61.21 -22.14
N THR A 69 17.35 -60.33 -22.40
CA THR A 69 17.52 -58.88 -22.44
C THR A 69 16.60 -58.21 -21.43
N SER A 70 17.03 -57.03 -20.96
CA SER A 70 16.22 -56.19 -20.07
C SER A 70 15.13 -55.42 -20.83
N LYS A 71 13.92 -55.45 -20.28
CA LYS A 71 12.75 -54.76 -20.80
C LYS A 71 12.07 -53.95 -19.71
N PRO A 72 11.39 -52.86 -20.07
CA PRO A 72 10.71 -52.02 -19.07
C PRO A 72 9.45 -52.62 -18.45
N HIS A 73 9.00 -53.79 -18.88
CA HIS A 73 7.82 -54.40 -18.28
C HIS A 73 7.94 -54.45 -16.77
N PRO A 74 6.89 -54.11 -16.02
CA PRO A 74 6.96 -54.18 -14.56
C PRO A 74 7.32 -55.56 -14.06
N ASP A 75 8.28 -55.62 -13.13
CA ASP A 75 8.72 -56.87 -12.51
C ASP A 75 9.16 -57.90 -13.55
N TYR A 76 9.71 -57.42 -14.66
CA TYR A 76 10.12 -58.28 -15.76
C TYR A 76 11.15 -59.31 -15.30
N GLN A 77 10.89 -60.58 -15.63
CA GLN A 77 11.79 -61.70 -15.35
C GLN A 77 12.14 -62.44 -16.62
N CYS A 78 13.43 -62.72 -16.82
CA CYS A 78 13.92 -63.48 -17.96
C CYS A 78 15.08 -64.35 -17.52
N GLN A 79 15.00 -65.65 -17.79
CA GLN A 79 16.04 -66.60 -17.41
C GLN A 79 16.21 -67.64 -18.50
N VAL A 80 17.47 -68.00 -18.75
CA VAL A 80 17.83 -68.96 -19.80
C VAL A 80 18.11 -70.32 -19.15
N PHE A 81 17.27 -71.31 -19.47
CA PHE A 81 17.40 -72.67 -18.95
C PHE A 81 18.02 -73.58 -20.00
N SER A 82 19.28 -73.93 -19.80
CA SER A 82 20.03 -74.84 -20.67
C SER A 82 19.70 -76.30 -20.38
N GLY A 83 19.97 -77.15 -21.37
CA GLY A 83 19.78 -78.58 -21.24
C GLY A 83 18.35 -79.07 -21.24
N VAL A 84 17.45 -78.31 -21.85
CA VAL A 84 16.06 -78.71 -22.00
C VAL A 84 15.92 -79.67 -23.17
N TYR A 85 15.03 -80.66 -23.06
CA TYR A 85 14.73 -81.55 -24.17
C TYR A 85 13.21 -81.72 -24.31
N PRO A 86 12.52 -80.63 -24.61
CA PRO A 86 11.05 -80.67 -24.68
C PRO A 86 10.50 -81.63 -25.72
N PHE A 87 9.37 -82.26 -25.38
CA PHE A 87 8.56 -83.09 -26.27
C PHE A 87 7.19 -82.46 -26.45
N MET A 88 6.66 -82.56 -27.68
CA MET A 88 5.31 -82.12 -27.99
C MET A 88 4.55 -83.26 -28.66
N TYR A 89 3.30 -82.97 -29.05
CA TYR A 89 2.47 -83.96 -29.74
C TYR A 89 3.21 -84.60 -30.91
N GLY A 90 4.04 -83.84 -31.61
CA GLY A 90 4.81 -84.38 -32.71
C GLY A 90 6.06 -85.13 -32.31
N GLY A 91 6.32 -85.28 -31.02
CA GLY A 91 7.53 -85.87 -30.52
C GLY A 91 8.57 -84.86 -30.04
N ALA A 92 9.81 -85.34 -30.00
CA ALA A 92 10.95 -84.47 -29.69
C ALA A 92 10.93 -83.20 -30.53
N TYR A 93 10.88 -82.06 -29.85
CA TYR A 93 10.97 -80.77 -30.54
C TYR A 93 12.37 -80.55 -31.11
N CYS A 94 13.40 -80.75 -30.30
CA CYS A 94 14.78 -80.56 -30.74
C CYS A 94 15.50 -81.89 -31.00
N PHE A 95 16.49 -81.82 -31.89
CA PHE A 95 17.45 -82.88 -32.15
C PHE A 95 18.43 -83.10 -31.00
N CYS A 96 19.32 -82.12 -30.78
CA CYS A 96 20.35 -82.27 -29.77
C CYS A 96 19.76 -82.55 -28.40
N ASP A 97 20.40 -83.44 -27.66
CA ASP A 97 19.92 -83.84 -26.34
C ASP A 97 20.12 -82.75 -25.29
N THR A 98 21.36 -82.29 -25.12
CA THR A 98 21.67 -81.32 -24.08
C THR A 98 22.07 -79.94 -24.57
N GLU A 99 22.21 -79.73 -25.87
CA GLU A 99 22.71 -78.47 -26.40
C GLU A 99 21.61 -77.45 -26.73
N ASN A 100 20.35 -77.81 -26.52
CA ASN A 100 19.22 -76.91 -26.81
C ASN A 100 18.85 -76.09 -25.57
N THR A 101 18.24 -74.91 -25.82
CA THR A 101 17.99 -73.91 -24.78
C THR A 101 16.57 -73.34 -24.86
N GLN A 102 15.95 -73.19 -23.68
CA GLN A 102 14.64 -72.55 -23.55
C GLN A 102 14.78 -71.22 -22.79
N MET A 103 14.29 -70.14 -23.39
CA MET A 103 14.21 -68.83 -22.73
C MET A 103 12.78 -68.57 -22.28
N SER A 104 12.60 -68.28 -20.99
CA SER A 104 11.30 -67.98 -20.41
C SER A 104 11.19 -66.51 -20.02
N GLU A 105 10.03 -65.90 -20.30
CA GLU A 105 9.74 -64.51 -19.93
C GLU A 105 8.44 -64.42 -19.17
N ALA A 106 8.38 -63.49 -18.21
CA ALA A 106 7.16 -63.24 -17.45
C ALA A 106 7.19 -61.81 -16.92
N TYR A 107 6.01 -61.16 -16.89
CA TYR A 107 5.90 -59.82 -16.35
C TYR A 107 4.50 -59.61 -15.78
N VAL A 108 4.39 -58.62 -14.88
CA VAL A 108 3.16 -58.30 -14.17
C VAL A 108 2.44 -57.14 -14.85
N GLU A 109 1.12 -57.30 -15.03
CA GLU A 109 0.24 -56.28 -15.58
C GLU A 109 -1.05 -56.26 -14.78
N ARG A 110 -1.75 -55.13 -14.80
CA ARG A 110 -3.05 -55.04 -14.16
C ARG A 110 -4.04 -56.03 -14.77
N SER A 111 -4.77 -56.72 -13.90
CA SER A 111 -5.83 -57.62 -14.33
C SER A 111 -7.03 -56.85 -14.87
N GLU A 112 -7.89 -57.57 -15.60
CA GLU A 112 -9.12 -56.98 -16.11
C GLU A 112 -9.98 -56.43 -14.97
N GLU A 113 -10.07 -57.18 -13.86
CA GLU A 113 -10.86 -56.73 -12.73
C GLU A 113 -10.41 -55.37 -12.21
N CYS A 114 -9.16 -54.98 -12.47
CA CYS A 114 -8.67 -53.69 -11.99
C CYS A 114 -9.49 -52.52 -12.53
N SER A 115 -10.21 -52.72 -13.64
CA SER A 115 -11.08 -51.65 -14.13
C SER A 115 -12.22 -51.34 -13.16
N ILE A 116 -12.69 -52.34 -12.42
CA ILE A 116 -13.84 -52.17 -11.54
C ILE A 116 -13.51 -52.45 -10.08
N ASP A 117 -12.72 -53.50 -9.81
CA ASP A 117 -12.47 -53.97 -8.45
C ASP A 117 -11.08 -53.52 -8.02
N HIS A 118 -10.98 -52.28 -7.57
CA HIS A 118 -9.70 -51.73 -7.17
C HIS A 118 -9.90 -50.74 -6.03
N ALA A 119 -8.82 -50.50 -5.30
CA ALA A 119 -8.81 -49.58 -4.18
C ALA A 119 -8.07 -48.31 -4.55
N LYS A 120 -8.65 -47.16 -4.20
CA LYS A 120 -8.08 -45.86 -4.49
C LYS A 120 -7.42 -45.30 -3.23
N ALA A 121 -6.14 -44.99 -3.32
CA ALA A 121 -5.41 -44.39 -2.19
C ALA A 121 -5.45 -42.87 -2.33
N TYR A 122 -6.03 -42.20 -1.35
CA TYR A 122 -6.21 -40.76 -1.39
C TYR A 122 -5.46 -40.10 -0.24
N LYS A 123 -4.96 -38.89 -0.50
CA LYS A 123 -4.47 -38.00 0.53
C LYS A 123 -5.55 -36.97 0.79
N VAL A 124 -5.90 -36.77 2.06
CA VAL A 124 -7.05 -35.97 2.44
C VAL A 124 -6.56 -34.70 3.13
N HIS A 125 -7.06 -33.55 2.69
CA HIS A 125 -6.74 -32.25 3.25
C HIS A 125 -8.04 -31.55 3.61
N THR A 126 -7.93 -30.54 4.47
CA THR A 126 -9.11 -29.78 4.87
C THR A 126 -9.77 -29.21 3.64
N GLY A 127 -11.09 -29.43 3.52
CA GLY A 127 -11.83 -28.97 2.36
C GLY A 127 -12.88 -27.93 2.68
N THR A 128 -14.14 -28.26 2.42
CA THR A 128 -15.25 -27.37 2.64
C THR A 128 -16.35 -28.09 3.41
N VAL A 129 -17.26 -27.31 3.98
CA VAL A 129 -18.41 -27.83 4.72
C VAL A 129 -19.67 -27.25 4.11
N GLN A 130 -20.63 -28.12 3.79
CA GLN A 130 -21.90 -27.73 3.19
C GLN A 130 -23.03 -28.35 3.98
N ALA A 131 -24.22 -27.74 3.88
CA ALA A 131 -25.38 -28.25 4.58
C ALA A 131 -26.64 -27.89 3.82
N MET A 132 -27.69 -28.66 4.08
CA MET A 132 -29.03 -28.41 3.55
C MET A 132 -29.88 -27.91 4.70
N VAL A 133 -30.42 -26.70 4.57
CA VAL A 133 -31.14 -26.03 5.65
C VAL A 133 -32.59 -25.82 5.25
N ASN A 134 -33.49 -26.17 6.16
CA ASN A 134 -34.93 -26.01 5.99
C ASN A 134 -35.37 -24.87 6.89
N ILE A 135 -35.97 -23.84 6.31
CA ILE A 135 -36.32 -22.63 7.06
C ILE A 135 -37.77 -22.24 6.80
N THR A 136 -38.47 -21.90 7.89
CA THR A 136 -39.80 -21.32 7.84
C THR A 136 -39.85 -20.18 8.85
N TYR A 137 -40.47 -19.07 8.46
CA TYR A 137 -40.61 -17.93 9.35
C TYR A 137 -41.97 -17.29 9.15
N GLY A 138 -42.57 -16.83 10.24
CA GLY A 138 -43.87 -16.19 10.18
C GLY A 138 -44.90 -17.05 9.49
N SER A 139 -45.53 -16.51 8.45
CA SER A 139 -46.52 -17.24 7.67
C SER A 139 -45.94 -17.84 6.40
N VAL A 140 -44.63 -17.78 6.23
CA VAL A 140 -43.98 -18.34 5.04
C VAL A 140 -43.77 -19.84 5.26
N SER A 141 -44.21 -20.64 4.28
CA SER A 141 -44.08 -22.08 4.39
C SER A 141 -42.60 -22.49 4.38
N TRP A 142 -42.36 -23.77 4.66
CA TRP A 142 -41.00 -24.29 4.70
C TRP A 142 -40.31 -24.13 3.35
N ARG A 143 -39.10 -23.57 3.39
CA ARG A 143 -38.26 -23.42 2.22
C ARG A 143 -36.87 -23.94 2.56
N SER A 144 -36.18 -24.50 1.58
CA SER A 144 -34.85 -25.04 1.81
C SER A 144 -33.92 -24.76 0.64
N ALA A 145 -32.63 -24.71 0.94
CA ALA A 145 -31.60 -24.51 -0.07
C ALA A 145 -30.29 -25.08 0.45
N ASP A 146 -29.42 -25.45 -0.48
CA ASP A 146 -28.08 -25.92 -0.13
C ASP A 146 -27.17 -24.72 0.10
N VAL A 147 -26.48 -24.71 1.23
CA VAL A 147 -25.64 -23.57 1.62
C VAL A 147 -24.25 -24.06 1.97
N TYR A 148 -23.31 -23.12 1.92
CA TYR A 148 -21.91 -23.37 2.29
C TYR A 148 -21.70 -22.87 3.71
N VAL A 149 -21.20 -23.74 4.59
CA VAL A 149 -21.01 -23.33 5.97
C VAL A 149 -19.63 -22.68 6.06
N ASN A 150 -19.54 -21.45 5.56
CA ASN A 150 -18.31 -20.66 5.60
C ASN A 150 -18.38 -19.50 6.58
N GLY A 151 -19.58 -19.01 6.87
CA GLY A 151 -19.75 -17.83 7.69
C GLY A 151 -19.71 -16.53 6.91
N GLU A 152 -19.51 -16.61 5.61
CA GLU A 152 -19.44 -15.44 4.74
C GLU A 152 -20.37 -15.54 3.54
N THR A 153 -20.45 -16.71 2.91
CA THR A 153 -21.26 -16.86 1.70
C THR A 153 -22.74 -16.84 2.04
N PRO A 154 -23.50 -15.85 1.57
CA PRO A 154 -24.94 -15.83 1.86
C PRO A 154 -25.71 -16.70 0.89
N ALA A 155 -26.87 -17.17 1.35
CA ALA A 155 -27.78 -17.96 0.52
C ALA A 155 -29.18 -17.38 0.64
N LYS A 156 -29.88 -17.31 -0.49
CA LYS A 156 -31.23 -16.77 -0.55
C LYS A 156 -32.23 -17.91 -0.38
N ILE A 157 -32.96 -17.92 0.73
CA ILE A 157 -33.93 -18.97 1.05
C ILE A 157 -35.26 -18.27 1.27
N GLY A 158 -36.11 -18.26 0.23
CA GLY A 158 -37.43 -17.69 0.35
C GLY A 158 -37.45 -16.22 0.74
N ASP A 159 -36.67 -15.40 0.04
CA ASP A 159 -36.52 -13.97 0.27
C ASP A 159 -35.70 -13.66 1.51
N ALA A 160 -35.27 -14.66 2.27
CA ALA A 160 -34.43 -14.47 3.44
C ALA A 160 -32.99 -14.85 3.10
N LYS A 161 -32.05 -14.05 3.56
CA LYS A 161 -30.64 -14.27 3.30
C LYS A 161 -30.00 -14.89 4.53
N LEU A 162 -29.47 -16.09 4.38
CA LEU A 162 -28.91 -16.86 5.48
C LEU A 162 -27.39 -16.96 5.35
N ILE A 163 -26.68 -16.65 6.43
CA ILE A 163 -25.24 -16.82 6.53
C ILE A 163 -25.00 -17.73 7.72
N ILE A 164 -24.30 -18.84 7.49
CA ILE A 164 -24.03 -19.83 8.54
C ILE A 164 -22.54 -19.81 8.85
N GLY A 165 -22.21 -19.53 10.11
CA GLY A 165 -20.85 -19.48 10.56
C GLY A 165 -20.16 -20.83 10.45
N PRO A 166 -18.82 -20.84 10.47
CA PRO A 166 -18.10 -22.10 10.41
C PRO A 166 -18.35 -22.93 11.66
N LEU A 167 -18.25 -24.25 11.51
CA LEU A 167 -18.46 -25.12 12.64
C LEU A 167 -17.48 -24.79 13.76
N SER A 168 -17.97 -24.83 15.00
CA SER A 168 -17.12 -24.50 16.13
C SER A 168 -15.97 -25.48 16.30
N SER A 169 -16.08 -26.68 15.72
CA SER A 169 -15.03 -27.68 15.80
C SER A 169 -14.55 -28.02 14.39
N ALA A 170 -13.23 -28.05 14.21
CA ALA A 170 -12.62 -28.43 12.93
C ALA A 170 -12.47 -29.93 12.79
N TRP A 171 -13.05 -30.70 13.72
CA TRP A 171 -12.91 -32.15 13.70
C TRP A 171 -13.47 -32.73 12.40
N SER A 172 -12.77 -33.74 11.89
CA SER A 172 -13.17 -34.48 10.70
C SER A 172 -12.78 -35.94 10.90
N PRO A 173 -13.63 -36.89 10.49
CA PRO A 173 -13.30 -38.30 10.72
C PRO A 173 -12.21 -38.83 9.82
N PHE A 174 -11.89 -38.15 8.72
CA PHE A 174 -10.89 -38.64 7.78
C PHE A 174 -9.49 -38.31 8.26
N ASP A 175 -8.60 -39.29 8.19
CA ASP A 175 -7.20 -39.08 8.53
C ASP A 175 -6.47 -38.45 7.36
N ASN A 176 -5.17 -38.21 7.52
CA ASN A 176 -4.40 -37.59 6.45
C ASN A 176 -4.35 -38.47 5.21
N LYS A 177 -4.41 -39.79 5.38
CA LYS A 177 -4.40 -40.73 4.27
C LYS A 177 -5.51 -41.74 4.45
N VAL A 178 -6.31 -41.94 3.41
CA VAL A 178 -7.41 -42.89 3.44
C VAL A 178 -7.40 -43.72 2.17
N VAL A 179 -8.00 -44.91 2.27
CA VAL A 179 -8.13 -45.84 1.15
C VAL A 179 -9.62 -46.07 0.93
N VAL A 180 -10.08 -45.82 -0.30
CA VAL A 180 -11.48 -45.97 -0.66
C VAL A 180 -11.62 -47.24 -1.49
N TYR A 181 -12.43 -48.17 -1.00
CA TYR A 181 -12.69 -49.44 -1.69
C TYR A 181 -14.19 -49.66 -1.75
N GLY A 182 -14.73 -49.79 -2.96
CA GLY A 182 -16.16 -49.95 -3.08
C GLY A 182 -16.86 -48.76 -2.47
N HIS A 183 -17.78 -49.02 -1.54
CA HIS A 183 -18.47 -47.97 -0.81
C HIS A 183 -17.83 -47.65 0.53
N GLU A 184 -16.76 -48.35 0.91
CA GLU A 184 -16.14 -48.20 2.22
C GLU A 184 -14.93 -47.30 2.16
N VAL A 185 -14.67 -46.61 3.28
CA VAL A 185 -13.50 -45.75 3.45
C VAL A 185 -12.70 -46.26 4.63
N TYR A 186 -11.39 -46.42 4.45
CA TYR A 186 -10.50 -46.92 5.49
C TYR A 186 -9.43 -45.88 5.81
N ASN A 187 -9.22 -45.61 7.10
CA ASN A 187 -8.12 -44.77 7.55
C ASN A 187 -6.85 -45.62 7.60
N TYR A 188 -6.40 -46.00 6.42
CA TYR A 188 -5.25 -46.89 6.25
C TYR A 188 -4.04 -46.09 5.80
N ASP A 189 -2.94 -46.18 6.56
CA ASP A 189 -1.70 -45.49 6.22
C ASP A 189 -0.98 -46.31 5.16
N PHE A 190 -1.39 -46.12 3.91
CA PHE A 190 -0.84 -46.90 2.81
C PHE A 190 0.60 -46.48 2.51
N PRO A 191 1.42 -47.41 2.01
CA PRO A 191 2.80 -47.06 1.66
C PRO A 191 2.84 -46.13 0.44
N GLU A 192 3.87 -45.30 0.40
CA GLU A 192 4.03 -44.37 -0.71
C GLU A 192 4.28 -45.12 -2.01
N TYR A 193 4.04 -44.43 -3.11
CA TYR A 193 4.22 -45.03 -4.43
C TYR A 193 5.66 -45.49 -4.61
N GLY A 194 5.82 -46.71 -5.09
CA GLY A 194 7.14 -47.28 -5.32
C GLY A 194 7.75 -48.02 -4.15
N THR A 195 7.10 -48.03 -2.98
CA THR A 195 7.63 -48.72 -1.81
C THR A 195 6.75 -49.86 -1.34
N GLY A 196 5.75 -50.26 -2.12
CA GLY A 196 4.91 -51.37 -1.71
C GLY A 196 5.69 -52.67 -1.71
N LYS A 197 5.36 -53.54 -0.76
CA LYS A 197 6.05 -54.80 -0.56
C LYS A 197 5.22 -55.95 -1.10
N ALA A 198 5.91 -57.02 -1.51
CA ALA A 198 5.24 -58.19 -2.04
C ALA A 198 4.29 -58.79 -1.00
N GLY A 199 3.10 -59.14 -1.44
CA GLY A 199 2.11 -59.72 -0.56
C GLY A 199 1.45 -58.74 0.38
N SER A 200 1.66 -57.44 0.20
CA SER A 200 1.06 -56.42 1.03
C SER A 200 0.18 -55.52 0.16
N PHE A 201 -0.50 -54.59 0.83
CA PHE A 201 -1.48 -53.75 0.12
C PHE A 201 -0.88 -53.12 -1.13
N GLY A 202 0.29 -52.51 -1.02
CA GLY A 202 0.88 -51.79 -2.13
C GLY A 202 1.71 -52.61 -3.11
N ASP A 203 1.54 -53.94 -3.12
CA ASP A 203 2.38 -54.76 -4.00
C ASP A 203 2.31 -54.27 -5.43
N LEU A 204 1.11 -53.93 -5.91
CA LEU A 204 0.91 -53.34 -7.23
C LEU A 204 0.33 -51.95 -7.07
N GLN A 205 0.98 -50.97 -7.69
CA GLN A 205 0.52 -49.58 -7.60
C GLN A 205 0.55 -48.93 -8.98
N SER A 206 -0.50 -48.17 -9.27
CA SER A 206 -0.65 -47.46 -10.52
C SER A 206 -1.17 -46.06 -10.24
N ARG A 207 -0.57 -45.05 -10.86
CA ARG A 207 -1.01 -43.68 -10.62
C ARG A 207 -2.47 -43.48 -11.05
N THR A 208 -2.90 -44.16 -12.10
CA THR A 208 -4.28 -44.09 -12.55
C THR A 208 -4.69 -45.47 -13.05
N SER A 209 -6.00 -45.66 -13.23
CA SER A 209 -6.50 -46.94 -13.72
C SER A 209 -6.11 -47.17 -15.18
N THR A 210 -5.63 -46.15 -15.87
CA THR A 210 -5.19 -46.27 -17.26
C THR A 210 -3.72 -45.97 -17.44
N SER A 211 -2.98 -45.73 -16.36
CA SER A 211 -1.58 -45.38 -16.47
C SER A 211 -0.79 -46.50 -17.15
N ASN A 212 0.18 -46.10 -17.97
CA ASN A 212 1.06 -47.05 -18.65
C ASN A 212 2.28 -47.42 -17.82
N ASP A 213 2.54 -46.72 -16.72
CA ASP A 213 3.67 -47.00 -15.84
C ASP A 213 3.12 -47.69 -14.60
N LEU A 214 3.29 -49.01 -14.53
CA LEU A 214 2.80 -49.83 -13.44
C LEU A 214 3.96 -50.27 -12.58
N TYR A 215 3.86 -50.04 -11.27
CA TYR A 215 4.82 -50.55 -10.31
C TYR A 215 4.31 -51.86 -9.74
N ALA A 216 5.15 -52.89 -9.79
CA ALA A 216 4.78 -54.21 -9.29
C ALA A 216 5.97 -54.78 -8.54
N ASN A 217 5.74 -55.20 -7.29
CA ASN A 217 6.80 -55.74 -6.44
C ASN A 217 6.33 -57.08 -5.90
N THR A 218 6.59 -58.14 -6.67
CA THR A 218 6.29 -59.50 -6.29
C THR A 218 7.54 -60.33 -6.53
N ASN A 219 7.77 -61.34 -5.69
CA ASN A 219 8.94 -62.21 -5.85
C ASN A 219 8.69 -63.23 -6.96
N LEU A 220 8.45 -62.70 -8.15
CA LEU A 220 8.26 -63.48 -9.38
C LEU A 220 9.56 -64.17 -9.78
N LYS A 221 9.67 -65.47 -9.55
CA LYS A 221 10.84 -66.26 -9.90
C LYS A 221 10.45 -67.34 -10.90
N LEU A 222 11.02 -67.27 -12.09
CA LEU A 222 10.86 -68.33 -13.09
C LEU A 222 11.52 -69.62 -12.64
N GLN A 223 10.77 -70.72 -12.71
CA GLN A 223 11.27 -72.06 -12.42
C GLN A 223 11.67 -72.78 -13.71
N ARG A 224 12.63 -73.69 -13.57
CA ARG A 224 13.02 -74.57 -14.67
C ARG A 224 11.84 -75.38 -15.18
N PRO A 225 11.57 -75.36 -16.49
CA PRO A 225 10.50 -76.19 -17.03
C PRO A 225 10.74 -77.67 -16.76
N GLN A 226 9.65 -78.38 -16.48
CA GLN A 226 9.70 -79.83 -16.29
C GLN A 226 10.28 -80.54 -17.51
N ALA A 227 11.02 -81.60 -17.25
CA ALA A 227 11.60 -82.49 -18.26
C ALA A 227 10.63 -82.90 -19.36
N GLY A 228 10.92 -82.46 -20.59
CA GLY A 228 10.11 -82.71 -21.77
C GLY A 228 8.81 -81.96 -21.92
N ILE A 229 8.58 -80.91 -21.12
CA ILE A 229 7.34 -80.13 -21.17
C ILE A 229 7.68 -78.69 -21.54
N VAL A 230 7.03 -78.19 -22.58
CA VAL A 230 7.18 -76.80 -23.01
C VAL A 230 6.15 -75.97 -22.25
N HIS A 231 6.60 -75.28 -21.22
CA HIS A 231 5.77 -74.42 -20.40
C HIS A 231 6.69 -73.45 -19.67
N THR A 232 6.10 -72.38 -19.13
CA THR A 232 6.84 -71.37 -18.40
C THR A 232 6.36 -71.33 -16.95
N PRO A 233 6.75 -72.33 -16.15
CA PRO A 233 6.38 -72.32 -14.74
C PRO A 233 7.03 -71.15 -13.99
N PHE A 234 6.33 -70.67 -12.97
CA PHE A 234 6.84 -69.57 -12.16
C PHE A 234 6.19 -69.63 -10.79
N THR A 235 6.89 -69.07 -9.81
CA THR A 235 6.40 -68.87 -8.44
C THR A 235 6.25 -67.39 -8.15
N GLN A 236 5.19 -67.03 -7.43
CA GLN A 236 4.91 -65.64 -7.14
C GLN A 236 4.16 -65.53 -5.83
N VAL A 237 4.43 -64.46 -5.10
CA VAL A 237 3.77 -64.24 -3.81
C VAL A 237 2.30 -63.88 -4.06
N PRO A 238 1.35 -64.55 -3.41
CA PRO A 238 -0.06 -64.21 -3.65
C PRO A 238 -0.30 -62.72 -3.53
N SER A 239 -1.25 -62.22 -4.32
CA SER A 239 -1.50 -60.79 -4.38
C SER A 239 -1.82 -60.25 -3.00
N GLY A 240 -1.20 -59.12 -2.65
CA GLY A 240 -1.45 -58.49 -1.38
C GLY A 240 -2.76 -57.75 -1.30
N PHE A 241 -3.39 -57.48 -2.45
CA PHE A 241 -4.69 -56.85 -2.44
C PHE A 241 -5.77 -57.80 -1.97
N GLU A 242 -5.74 -59.06 -2.43
CA GLU A 242 -6.70 -60.05 -1.93
C GLU A 242 -6.50 -60.33 -0.45
N ARG A 243 -5.24 -60.38 0.00
CA ARG A 243 -4.97 -60.55 1.42
C ARG A 243 -5.51 -59.36 2.20
N TRP A 244 -5.35 -58.15 1.67
CA TRP A 244 -5.91 -56.98 2.32
C TRP A 244 -7.43 -57.09 2.40
N LYS A 245 -8.07 -57.52 1.31
CA LYS A 245 -9.52 -57.68 1.34
C LYS A 245 -9.92 -58.57 2.51
N LYS A 246 -9.15 -59.63 2.76
CA LYS A 246 -9.51 -60.50 3.88
C LYS A 246 -9.25 -59.84 5.22
N ASP A 247 -8.18 -59.02 5.33
CA ASP A 247 -7.80 -58.45 6.60
C ASP A 247 -8.06 -56.94 6.71
N LYS A 248 -8.85 -56.37 5.79
CA LYS A 248 -9.03 -54.91 5.81
C LYS A 248 -9.69 -54.42 7.10
N GLY A 249 -10.46 -55.28 7.77
CA GLY A 249 -11.05 -54.89 9.04
C GLY A 249 -12.29 -54.02 8.90
N ALA A 250 -12.55 -53.25 9.95
CA ALA A 250 -13.74 -52.41 10.02
C ALA A 250 -13.51 -51.10 9.26
N PRO A 251 -14.40 -50.71 8.36
CA PRO A 251 -14.22 -49.45 7.64
C PRO A 251 -14.58 -48.25 8.51
N LEU A 252 -14.16 -47.07 8.04
CA LEU A 252 -14.48 -45.83 8.72
C LEU A 252 -15.99 -45.63 8.84
N ASN A 253 -16.76 -46.16 7.88
CA ASN A 253 -18.21 -46.04 7.95
C ASN A 253 -18.77 -46.62 9.24
N ASP A 254 -18.10 -47.60 9.84
CA ASP A 254 -18.60 -48.29 11.01
C ASP A 254 -17.91 -47.90 12.31
N VAL A 255 -16.88 -47.06 12.28
CA VAL A 255 -16.16 -46.65 13.48
C VAL A 255 -16.06 -45.15 13.63
N ALA A 256 -16.51 -44.37 12.65
CA ALA A 256 -16.43 -42.92 12.76
C ALA A 256 -17.22 -42.45 13.97
N PRO A 257 -16.65 -41.60 14.82
CA PRO A 257 -17.43 -41.08 15.96
C PRO A 257 -18.54 -40.13 15.52
N PHE A 258 -19.35 -39.75 16.50
CA PHE A 258 -20.44 -38.80 16.33
C PHE A 258 -21.47 -39.25 15.32
N GLY A 259 -21.50 -40.54 14.98
CA GLY A 259 -22.51 -41.02 14.06
C GLY A 259 -22.34 -40.55 12.63
N CYS A 260 -21.13 -40.17 12.23
CA CYS A 260 -20.92 -39.71 10.86
C CYS A 260 -21.26 -40.81 9.87
N SER A 261 -21.93 -40.43 8.79
CA SER A 261 -22.22 -41.31 7.66
C SER A 261 -21.29 -40.92 6.52
N ILE A 262 -20.65 -41.93 5.90
CA ILE A 262 -19.63 -41.70 4.89
C ILE A 262 -20.23 -41.95 3.51
N ALA A 263 -19.99 -41.00 2.60
CA ALA A 263 -20.41 -41.10 1.20
C ALA A 263 -19.18 -40.83 0.33
N LEU A 264 -19.22 -41.32 -0.91
CA LEU A 264 -18.04 -41.30 -1.76
C LEU A 264 -18.09 -40.32 -2.93
N GLU A 265 -19.26 -39.86 -3.34
CA GLU A 265 -19.38 -38.99 -4.52
C GLU A 265 -20.01 -37.66 -4.15
N PRO A 266 -19.22 -36.68 -3.69
CA PRO A 266 -17.78 -36.72 -3.42
C PRO A 266 -17.49 -37.39 -2.08
N LEU A 267 -16.25 -37.77 -1.79
CA LEU A 267 -15.95 -38.34 -0.48
C LEU A 267 -16.31 -37.33 0.59
N ARG A 268 -17.14 -37.74 1.55
CA ARG A 268 -17.60 -36.81 2.57
C ARG A 268 -18.14 -37.56 3.77
N ALA A 269 -18.16 -36.86 4.91
CA ALA A 269 -18.72 -37.35 6.16
C ALA A 269 -19.99 -36.56 6.45
N GLU A 270 -21.11 -37.24 6.60
CA GLU A 270 -22.40 -36.61 6.76
C GLU A 270 -22.93 -36.70 8.19
N ASN A 271 -23.65 -35.65 8.58
CA ASN A 271 -24.38 -35.59 9.85
C ASN A 271 -23.48 -35.82 11.07
N CYS A 272 -22.27 -35.25 11.04
CA CYS A 272 -21.41 -35.31 12.21
C CYS A 272 -21.88 -34.27 13.21
N ALA A 273 -22.42 -34.73 14.34
CA ALA A 273 -22.98 -33.84 15.36
C ALA A 273 -21.85 -33.37 16.28
N VAL A 274 -21.07 -32.42 15.77
CA VAL A 274 -19.91 -31.89 16.49
C VAL A 274 -20.10 -30.39 16.69
N GLY A 275 -20.02 -29.95 17.95
CA GLY A 275 -20.03 -28.54 18.28
C GLY A 275 -21.34 -27.84 17.96
N SER A 276 -21.22 -26.56 17.61
CA SER A 276 -22.36 -25.70 17.31
C SER A 276 -22.06 -24.90 16.06
N ILE A 277 -23.12 -24.32 15.48
CA ILE A 277 -23.02 -23.58 14.23
C ILE A 277 -23.61 -22.18 14.40
N PRO A 278 -22.82 -21.12 14.25
CA PRO A 278 -23.41 -19.77 14.26
C PRO A 278 -24.28 -19.54 13.02
N ILE A 279 -25.33 -18.74 13.20
CA ILE A 279 -26.25 -18.43 12.12
C ILE A 279 -26.55 -16.94 12.10
N SER A 280 -26.83 -16.43 10.91
CA SER A 280 -27.22 -15.03 10.71
C SER A 280 -28.22 -15.01 9.56
N ILE A 281 -29.46 -14.61 9.85
CA ILE A 281 -30.53 -14.61 8.86
C ILE A 281 -31.19 -13.24 8.87
N ASP A 282 -31.37 -12.67 7.68
CA ASP A 282 -32.07 -11.40 7.49
C ASP A 282 -33.52 -11.69 7.13
N ILE A 283 -34.43 -11.35 8.02
CA ILE A 283 -35.86 -11.53 7.75
C ILE A 283 -36.36 -10.34 6.93
N PRO A 284 -37.07 -10.57 5.83
CA PRO A 284 -37.53 -9.43 5.02
C PRO A 284 -38.43 -8.51 5.82
N ASP A 285 -38.33 -7.21 5.51
CA ASP A 285 -39.10 -6.21 6.25
C ASP A 285 -40.60 -6.47 6.15
N ALA A 286 -41.07 -7.03 5.03
CA ALA A 286 -42.50 -7.25 4.86
C ALA A 286 -43.06 -8.28 5.83
N ALA A 287 -42.20 -9.10 6.45
CA ALA A 287 -42.67 -10.14 7.36
C ALA A 287 -43.10 -9.61 8.72
N PHE A 288 -42.81 -8.36 9.04
CA PHE A 288 -43.08 -7.81 10.36
C PHE A 288 -44.33 -6.94 10.36
N THR A 289 -45.14 -7.10 11.41
CA THR A 289 -46.35 -6.31 11.61
C THR A 289 -46.17 -5.41 12.83
N ARG A 290 -46.70 -4.19 12.73
CA ARG A 290 -46.59 -3.24 13.82
C ARG A 290 -47.26 -3.78 15.07
N ILE A 291 -46.67 -3.45 16.23
CA ILE A 291 -47.18 -3.96 17.51
C ILE A 291 -48.64 -3.57 17.71
N SER A 292 -48.97 -2.31 17.41
CA SER A 292 -50.35 -1.86 17.60
C SER A 292 -51.34 -2.62 16.74
N GLU A 293 -50.88 -3.31 15.71
CA GLU A 293 -51.76 -4.06 14.81
C GLU A 293 -51.93 -5.51 15.24
N THR A 294 -51.29 -5.96 16.31
CA THR A 294 -51.39 -7.34 16.77
C THR A 294 -52.11 -7.43 18.11
N PRO A 295 -52.57 -8.62 18.49
CA PRO A 295 -53.26 -8.79 19.77
C PRO A 295 -52.36 -8.51 20.96
N THR A 296 -52.96 -8.02 22.03
CA THR A 296 -52.28 -7.80 23.31
C THR A 296 -52.87 -8.77 24.33
N VAL A 297 -51.99 -9.57 24.94
CA VAL A 297 -52.39 -10.61 25.88
C VAL A 297 -52.03 -10.17 27.30
N SER A 298 -52.89 -10.52 28.25
CA SER A 298 -52.67 -10.14 29.64
C SER A 298 -53.28 -11.20 30.55
N ASP A 299 -52.89 -11.14 31.83
CA ASP A 299 -53.36 -12.07 32.85
C ASP A 299 -53.07 -13.52 32.47
N LEU A 300 -51.87 -13.77 31.96
CA LEU A 300 -51.47 -15.12 31.58
C LEU A 300 -51.22 -15.97 32.81
N GLU A 301 -51.84 -17.14 32.88
CA GLU A 301 -51.64 -18.08 33.96
C GLU A 301 -51.35 -19.45 33.37
N CYS A 302 -50.15 -19.98 33.65
CA CYS A 302 -49.69 -21.24 33.09
C CYS A 302 -49.78 -22.35 34.13
N LYS A 303 -50.47 -23.43 33.77
CA LYS A 303 -50.64 -24.60 34.63
C LYS A 303 -50.11 -25.82 33.91
N ILE A 304 -49.17 -26.53 34.54
CA ILE A 304 -48.65 -27.78 33.99
C ILE A 304 -49.61 -28.90 34.38
N THR A 305 -50.32 -29.47 33.40
CA THR A 305 -51.31 -30.50 33.69
C THR A 305 -50.69 -31.89 33.76
N GLU A 306 -49.62 -32.13 33.02
CA GLU A 306 -48.92 -33.41 33.05
C GLU A 306 -47.53 -33.20 32.47
N CYS A 307 -46.53 -33.86 33.07
CA CYS A 307 -45.18 -33.75 32.55
C CYS A 307 -44.39 -35.02 32.81
N THR A 308 -43.66 -35.45 31.77
CA THR A 308 -42.71 -36.55 31.85
C THR A 308 -41.47 -36.10 31.11
N TYR A 309 -40.29 -36.28 31.71
CA TYR A 309 -39.09 -35.81 31.03
C TYR A 309 -38.60 -36.84 30.03
N ALA A 310 -39.51 -37.31 29.18
CA ALA A 310 -39.19 -38.25 28.13
C ALA A 310 -38.51 -37.53 26.97
N PHE A 311 -37.90 -38.31 26.08
CA PHE A 311 -37.24 -37.71 24.93
C PHE A 311 -38.26 -37.06 23.99
N ASP A 312 -39.49 -37.55 23.97
CA ASP A 312 -40.53 -36.95 23.15
C ASP A 312 -41.12 -35.73 23.86
N PHE A 313 -42.16 -35.15 23.26
CA PHE A 313 -42.88 -34.04 23.87
C PHE A 313 -43.87 -34.59 24.89
N GLY A 314 -43.32 -35.04 26.01
CA GLY A 314 -44.11 -35.63 27.07
C GLY A 314 -44.78 -34.67 28.02
N GLY A 315 -44.51 -33.37 27.89
CA GLY A 315 -45.11 -32.35 28.74
C GLY A 315 -46.31 -31.69 28.09
N ILE A 316 -47.33 -31.45 28.91
CA ILE A 316 -48.56 -30.78 28.47
C ILE A 316 -48.86 -29.67 29.47
N ALA A 317 -49.17 -28.48 28.96
CA ALA A 317 -49.46 -27.34 29.82
C ALA A 317 -50.65 -26.58 29.26
N THR A 318 -51.38 -25.92 30.17
CA THR A 318 -52.53 -25.10 29.83
C THR A 318 -52.29 -23.68 30.30
N VAL A 319 -52.48 -22.71 29.40
CA VAL A 319 -52.29 -21.31 29.71
C VAL A 319 -53.63 -20.60 29.58
N ALA A 320 -54.11 -20.02 30.68
CA ALA A 320 -55.30 -19.19 30.65
C ALA A 320 -54.90 -17.77 30.24
N TYR A 321 -55.76 -17.11 29.46
CA TYR A 321 -55.38 -15.81 28.94
C TYR A 321 -56.62 -15.00 28.59
N LYS A 322 -56.40 -13.69 28.45
CA LYS A 322 -57.37 -12.75 27.91
C LYS A 322 -56.64 -11.90 26.89
N SER A 323 -57.27 -11.66 25.73
CA SER A 323 -56.60 -10.96 24.66
C SER A 323 -57.60 -10.16 23.84
N SER A 324 -57.15 -9.01 23.36
CA SER A 324 -57.93 -8.18 22.46
C SER A 324 -57.73 -8.62 21.01
N LYS A 325 -58.70 -8.28 20.17
CA LYS A 325 -58.67 -8.52 18.74
C LYS A 325 -58.73 -10.00 18.35
N ALA A 326 -58.57 -10.89 19.32
CA ALA A 326 -58.72 -12.34 19.11
C ALA A 326 -57.97 -12.80 17.84
N GLY A 327 -56.66 -12.53 17.81
CA GLY A 327 -55.83 -12.90 16.70
C GLY A 327 -54.86 -14.02 17.00
N ASN A 328 -54.00 -14.30 16.02
CA ASN A 328 -52.96 -15.30 16.15
C ASN A 328 -51.78 -14.76 16.96
N CYS A 329 -51.12 -15.65 17.70
CA CYS A 329 -50.06 -15.24 18.61
C CYS A 329 -48.93 -16.26 18.65
N PRO A 330 -47.71 -15.88 18.25
CA PRO A 330 -46.57 -16.80 18.37
C PRO A 330 -46.30 -17.19 19.81
N ILE A 331 -45.81 -18.43 19.99
CA ILE A 331 -45.45 -18.98 21.29
C ILE A 331 -43.99 -19.42 21.24
N HIS A 332 -43.24 -19.12 22.29
CA HIS A 332 -41.83 -19.49 22.33
C HIS A 332 -41.39 -19.58 23.79
N SER A 333 -40.28 -20.28 24.01
CA SER A 333 -39.66 -20.41 25.32
C SER A 333 -38.17 -20.16 25.18
N PRO A 334 -37.68 -18.95 25.49
CA PRO A 334 -36.25 -18.67 25.30
C PRO A 334 -35.33 -19.45 26.23
N SER A 335 -35.83 -19.89 27.39
CA SER A 335 -35.00 -20.68 28.28
C SER A 335 -34.80 -22.08 27.72
N GLY A 336 -33.61 -22.63 27.93
CA GLY A 336 -33.31 -23.96 27.44
C GLY A 336 -33.93 -25.09 28.23
N VAL A 337 -34.66 -24.78 29.29
CA VAL A 337 -35.24 -25.83 30.14
C VAL A 337 -36.23 -26.67 29.35
N ALA A 338 -37.05 -26.03 28.51
CA ALA A 338 -38.08 -26.75 27.77
C ALA A 338 -38.15 -26.24 26.34
N VAL A 339 -38.41 -27.16 25.41
CA VAL A 339 -38.60 -26.86 23.99
C VAL A 339 -40.08 -27.00 23.69
N ILE A 340 -40.67 -25.97 23.10
CA ILE A 340 -42.11 -25.93 22.83
C ILE A 340 -42.37 -26.56 21.47
N LYS A 341 -43.37 -27.44 21.42
CA LYS A 341 -43.74 -28.08 20.16
C LYS A 341 -44.45 -27.12 19.23
N GLU A 342 -45.47 -26.43 19.73
CA GLU A 342 -46.25 -25.53 18.89
C GLU A 342 -45.47 -24.26 18.59
N ASN A 343 -45.66 -23.74 17.38
CA ASN A 343 -45.01 -22.49 16.98
C ASN A 343 -45.89 -21.28 17.24
N ASP A 344 -47.21 -21.44 17.15
CA ASP A 344 -48.14 -20.35 17.39
C ASP A 344 -49.48 -20.94 17.78
N VAL A 345 -50.35 -20.08 18.33
CA VAL A 345 -51.68 -20.48 18.75
C VAL A 345 -52.68 -19.45 18.28
N THR A 346 -53.94 -19.87 18.20
CA THR A 346 -55.05 -19.00 17.85
C THR A 346 -55.74 -18.55 19.13
N LEU A 347 -55.77 -17.24 19.35
CA LEU A 347 -56.33 -16.68 20.58
C LEU A 347 -57.71 -16.10 20.34
N ALA A 348 -58.58 -16.26 21.34
CA ALA A 348 -59.90 -15.66 21.35
C ALA A 348 -59.90 -14.47 22.30
N GLU A 349 -61.06 -13.87 22.53
CA GLU A 349 -61.13 -12.76 23.47
C GLU A 349 -60.74 -13.21 24.87
N SER A 350 -61.16 -14.41 25.25
CA SER A 350 -60.79 -14.99 26.55
C SER A 350 -60.91 -16.50 26.43
N GLY A 351 -60.15 -17.18 27.27
CA GLY A 351 -60.18 -18.63 27.30
C GLY A 351 -58.83 -19.17 27.75
N SER A 352 -58.48 -20.34 27.22
CA SER A 352 -57.20 -20.95 27.50
C SER A 352 -56.78 -21.78 26.30
N PHE A 353 -55.47 -22.00 26.20
CA PHE A 353 -54.90 -22.82 25.14
C PHE A 353 -53.86 -23.76 25.76
N THR A 354 -53.61 -24.87 25.09
CA THR A 354 -52.64 -25.85 25.54
C THR A 354 -51.49 -25.95 24.56
N PHE A 355 -50.31 -26.26 25.10
CA PHE A 355 -49.11 -26.45 24.31
C PHE A 355 -48.34 -27.62 24.89
N HIS A 356 -47.50 -28.23 24.06
CA HIS A 356 -46.71 -29.39 24.46
C HIS A 356 -45.23 -29.00 24.49
N PHE A 357 -44.49 -29.57 25.44
CA PHE A 357 -43.08 -29.26 25.56
C PHE A 357 -42.32 -30.48 26.02
N SER A 358 -41.02 -30.48 25.76
CA SER A 358 -40.11 -31.54 26.18
C SER A 358 -39.04 -30.93 27.07
N THR A 359 -38.86 -31.50 28.26
CA THR A 359 -37.89 -30.97 29.21
C THR A 359 -37.17 -32.12 29.91
N ALA A 360 -35.89 -31.91 30.20
CA ALA A 360 -35.10 -32.88 30.95
C ALA A 360 -35.16 -32.66 32.45
N ASN A 361 -35.59 -31.50 32.90
CA ASN A 361 -35.57 -31.18 34.31
C ASN A 361 -36.68 -31.90 35.06
N ILE A 362 -36.37 -32.34 36.28
CA ILE A 362 -37.39 -32.98 37.11
C ILE A 362 -38.37 -31.95 37.65
N HIS A 363 -37.93 -30.71 37.82
CA HIS A 363 -38.78 -29.59 38.21
C HIS A 363 -38.54 -28.46 37.22
N PRO A 364 -39.18 -28.51 36.04
CA PRO A 364 -38.96 -27.47 35.05
C PRO A 364 -39.50 -26.13 35.47
N ALA A 365 -38.81 -25.07 35.06
CA ALA A 365 -39.23 -23.70 35.30
C ALA A 365 -38.75 -22.90 34.10
N PHE A 366 -39.69 -22.42 33.28
CA PHE A 366 -39.30 -21.74 32.05
C PHE A 366 -40.28 -20.62 31.75
N LYS A 367 -39.78 -19.63 31.01
CA LYS A 367 -40.55 -18.47 30.60
C LYS A 367 -41.14 -18.75 29.21
N LEU A 368 -42.46 -18.66 29.10
CA LEU A 368 -43.15 -18.86 27.83
C LEU A 368 -43.50 -17.49 27.26
N GLN A 369 -42.83 -17.11 26.17
CA GLN A 369 -43.02 -15.79 25.55
C GLN A 369 -44.24 -15.81 24.64
N VAL A 370 -45.41 -15.66 25.24
CA VAL A 370 -46.61 -15.42 24.45
C VAL A 370 -46.47 -14.05 23.81
N CYS A 371 -46.67 -13.98 22.49
CA CYS A 371 -46.34 -12.80 21.69
C CYS A 371 -46.51 -11.49 22.46
N THR A 372 -45.41 -10.74 22.58
CA THR A 372 -45.30 -9.46 23.29
C THR A 372 -45.43 -9.61 24.81
N SER A 373 -45.69 -10.81 25.32
CA SER A 373 -45.86 -11.01 26.75
C SER A 373 -45.06 -12.20 27.24
N ALA A 374 -45.27 -12.62 28.49
CA ALA A 374 -44.55 -13.76 29.01
C ALA A 374 -45.27 -14.31 30.24
N VAL A 375 -45.19 -15.63 30.40
CA VAL A 375 -45.77 -16.33 31.55
C VAL A 375 -44.77 -17.37 32.01
N THR A 376 -44.60 -17.49 33.33
CA THR A 376 -43.68 -18.46 33.92
C THR A 376 -44.43 -19.75 34.23
N CYS A 377 -43.94 -20.87 33.70
CA CYS A 377 -44.53 -22.18 33.92
C CYS A 377 -43.63 -22.99 34.85
N LYS A 378 -44.23 -23.61 35.88
CA LYS A 378 -43.50 -24.44 36.82
C LYS A 378 -44.31 -25.70 37.10
N GLY A 379 -43.61 -26.82 37.29
CA GLY A 379 -44.30 -28.08 37.55
C GLY A 379 -43.32 -29.16 37.95
N ASP A 380 -43.87 -30.36 38.14
CA ASP A 380 -43.11 -31.55 38.49
C ASP A 380 -43.30 -32.60 37.41
N CYS A 381 -42.18 -33.13 36.90
CA CYS A 381 -42.18 -34.12 35.83
C CYS A 381 -41.83 -35.50 36.36
N LYS A 382 -42.59 -36.51 35.91
CA LYS A 382 -42.37 -37.91 36.26
C LYS A 382 -41.34 -38.56 35.34
N PRO A 383 -40.71 -39.65 35.79
CA PRO A 383 -39.74 -40.31 34.94
C PRO A 383 -40.40 -41.05 33.79
N PRO A 384 -39.77 -41.12 32.62
CA PRO A 384 -40.33 -41.90 31.51
C PRO A 384 -40.26 -43.39 31.78
N LYS A 385 -41.23 -44.11 31.20
CA LYS A 385 -41.33 -45.55 31.40
C LYS A 385 -40.50 -46.36 30.42
N ASP A 386 -40.30 -45.87 29.19
CA ASP A 386 -39.59 -46.63 28.17
C ASP A 386 -38.08 -46.54 28.38
N HIS A 387 -37.42 -47.69 28.48
CA HIS A 387 -35.98 -47.71 28.70
C HIS A 387 -35.21 -47.27 27.46
N ILE A 388 -35.62 -47.75 26.29
CA ILE A 388 -34.92 -47.47 25.04
C ILE A 388 -35.90 -46.92 24.02
N VAL A 389 -35.47 -45.88 23.30
CA VAL A 389 -36.28 -45.24 22.26
C VAL A 389 -35.46 -45.12 21.00
N ASP A 390 -36.15 -45.06 19.86
CA ASP A 390 -35.51 -45.01 18.55
C ASP A 390 -35.45 -43.59 17.97
N TYR A 391 -35.61 -42.57 18.79
CA TYR A 391 -35.54 -41.19 18.33
C TYR A 391 -34.70 -40.37 19.29
N ALA A 392 -34.02 -39.36 18.76
CA ALA A 392 -33.13 -38.54 19.57
C ALA A 392 -33.93 -37.64 20.49
N ALA A 393 -33.29 -37.24 21.58
CA ALA A 393 -33.93 -36.36 22.56
C ALA A 393 -34.18 -34.99 21.96
N GLN A 394 -35.39 -34.47 22.15
CA GLN A 394 -35.75 -33.15 21.64
C GLN A 394 -35.28 -32.02 22.54
N HIS A 395 -34.86 -32.32 23.76
CA HIS A 395 -34.45 -31.32 24.73
C HIS A 395 -32.95 -31.42 25.00
N THR A 396 -32.46 -30.52 25.85
CA THR A 396 -31.06 -30.48 26.26
C THR A 396 -30.98 -30.65 27.76
N GLU A 397 -30.18 -31.61 28.21
CA GLU A 397 -29.99 -31.85 29.64
C GLU A 397 -28.88 -30.97 30.18
N SER A 398 -29.07 -30.49 31.41
CA SER A 398 -28.10 -29.65 32.09
C SER A 398 -27.56 -30.35 33.33
N PHE A 399 -26.56 -29.73 33.94
CA PHE A 399 -25.91 -30.32 35.12
C PHE A 399 -26.90 -30.48 36.27
N THR A 400 -27.76 -29.49 36.49
CA THR A 400 -28.71 -29.51 37.60
C THR A 400 -30.09 -29.98 37.18
N SER A 401 -30.26 -30.48 35.96
CA SER A 401 -31.57 -30.91 35.50
C SER A 401 -32.14 -32.02 36.38
N ALA A 402 -31.28 -32.92 36.85
CA ALA A 402 -31.74 -34.07 37.63
C ALA A 402 -31.88 -33.80 39.12
N ILE A 403 -31.41 -32.65 39.61
CA ILE A 403 -31.44 -32.38 41.05
C ILE A 403 -32.88 -32.05 41.44
N SER A 404 -33.49 -32.91 42.24
CA SER A 404 -34.85 -32.73 42.70
C SER A 404 -34.92 -31.73 43.85
N ALA A 405 -36.15 -31.36 44.22
CA ALA A 405 -36.35 -30.48 45.36
C ALA A 405 -35.82 -31.11 46.63
N THR A 406 -36.05 -32.42 46.83
CA THR A 406 -35.52 -33.09 48.00
C THR A 406 -33.99 -33.12 47.99
N ALA A 407 -33.40 -33.32 46.81
CA ALA A 407 -31.94 -33.30 46.72
C ALA A 407 -31.39 -31.93 47.08
N TRP A 408 -32.04 -30.87 46.59
CA TRP A 408 -31.61 -29.52 46.98
C TRP A 408 -31.81 -29.30 48.47
N SER A 409 -32.91 -29.80 49.03
CA SER A 409 -33.13 -29.66 50.46
C SER A 409 -32.00 -30.30 51.25
N TRP A 410 -31.62 -31.52 50.89
CA TRP A 410 -30.54 -32.18 51.61
C TRP A 410 -29.20 -31.48 51.39
N ILE A 411 -28.94 -30.99 50.18
CA ILE A 411 -27.70 -30.28 49.93
C ILE A 411 -27.64 -29.02 50.77
N LYS A 412 -28.75 -28.27 50.80
CA LYS A 412 -28.81 -27.06 51.60
C LYS A 412 -28.65 -27.38 53.08
N VAL A 413 -29.27 -28.44 53.55
CA VAL A 413 -29.15 -28.79 54.97
C VAL A 413 -27.71 -29.16 55.30
N LEU A 414 -27.06 -29.97 54.48
CA LEU A 414 -25.69 -30.37 54.79
C LEU A 414 -24.74 -29.18 54.73
N VAL A 415 -24.83 -28.36 53.68
CA VAL A 415 -23.94 -27.22 53.54
C VAL A 415 -24.20 -26.21 54.65
N GLY A 416 -25.47 -25.87 54.88
CA GLY A 416 -25.80 -24.91 55.91
C GLY A 416 -25.47 -25.40 57.30
N GLY A 417 -25.76 -26.67 57.60
CA GLY A 417 -25.45 -27.19 58.91
C GLY A 417 -23.96 -27.18 59.19
N THR A 418 -23.16 -27.65 58.24
CA THR A 418 -21.71 -27.65 58.46
C THR A 418 -21.18 -26.22 58.57
N SER A 419 -21.68 -25.31 57.72
CA SER A 419 -21.24 -23.92 57.79
C SER A 419 -21.64 -23.27 59.12
N ALA A 420 -22.88 -23.50 59.56
CA ALA A 420 -23.34 -22.95 60.82
C ALA A 420 -22.55 -23.51 61.99
N PHE A 421 -22.22 -24.80 61.95
CA PHE A 421 -21.43 -25.38 63.03
C PHE A 421 -20.03 -24.78 63.08
N ILE A 422 -19.43 -24.55 61.91
CA ILE A 422 -18.13 -23.90 61.85
C ILE A 422 -18.22 -22.49 62.43
N VAL A 423 -19.23 -21.74 62.01
CA VAL A 423 -19.41 -20.37 62.50
C VAL A 423 -19.62 -20.39 64.01
N LEU A 424 -20.39 -21.35 64.52
CA LEU A 424 -20.58 -21.45 65.96
C LEU A 424 -19.24 -21.62 66.68
N GLY A 425 -18.37 -22.48 66.15
CA GLY A 425 -17.08 -22.65 66.78
C GLY A 425 -16.24 -21.39 66.76
N LEU A 426 -16.21 -20.70 65.62
CA LEU A 426 -15.42 -19.48 65.51
C LEU A 426 -15.97 -18.40 66.44
N ILE A 427 -17.28 -18.25 66.49
CA ILE A 427 -17.90 -17.25 67.35
C ILE A 427 -17.59 -17.54 68.81
N ALA A 428 -17.70 -18.81 69.21
CA ALA A 428 -17.42 -19.15 70.60
C ALA A 428 -15.96 -18.82 70.95
N THR A 429 -15.04 -19.07 70.01
CA THR A 429 -13.64 -18.75 70.28
C THR A 429 -13.44 -17.25 70.46
N ALA A 430 -14.07 -16.44 69.60
CA ALA A 430 -13.92 -15.00 69.74
C ALA A 430 -14.55 -14.48 71.03
N VAL A 431 -15.73 -14.99 71.37
CA VAL A 431 -16.42 -14.56 72.57
C VAL A 431 -15.59 -14.88 73.81
N VAL A 432 -15.04 -16.10 73.87
CA VAL A 432 -14.22 -16.44 75.03
C VAL A 432 -12.97 -15.57 75.09
N ALA A 433 -12.41 -15.21 73.93
CA ALA A 433 -11.27 -14.29 73.95
C ALA A 433 -11.66 -12.96 74.61
N LEU A 434 -12.86 -12.46 74.30
CA LEU A 434 -13.30 -11.23 74.94
C LEU A 434 -13.55 -11.43 76.43
N VAL A 435 -14.09 -12.59 76.81
CA VAL A 435 -14.31 -12.87 78.23
C VAL A 435 -13.00 -12.83 78.99
N LEU A 436 -11.95 -13.44 78.43
CA LEU A 436 -10.64 -13.39 79.09
C LEU A 436 -10.11 -11.97 79.17
N PHE A 437 -10.29 -11.20 78.09
CA PHE A 437 -9.86 -9.81 78.11
C PHE A 437 -10.52 -9.07 79.27
N PHE A 438 -11.84 -9.21 79.42
CA PHE A 438 -12.51 -8.56 80.53
C PHE A 438 -12.03 -9.11 81.87
N HIS A 439 -11.57 -10.37 81.91
CA HIS A 439 -11.02 -10.89 83.15
C HIS A 439 -9.77 -10.10 83.55
N ARG A 440 -8.91 -9.78 82.59
CA ARG A 440 -7.73 -8.98 82.93
C ARG A 440 -8.11 -7.54 83.22
N HIS A 441 -9.05 -6.98 82.47
CA HIS A 441 -9.46 -5.59 82.66
C HIS A 441 -10.85 -5.51 83.29
N ASP B 1 -24.87 -58.49 -35.43
CA ASP B 1 -24.84 -59.95 -35.54
C ASP B 1 -23.57 -60.51 -34.93
N LEU B 2 -23.49 -61.84 -34.86
CA LEU B 2 -22.31 -62.48 -34.29
C LEU B 2 -21.08 -62.24 -35.15
N ASP B 3 -21.27 -62.03 -36.46
CA ASP B 3 -20.13 -61.79 -37.35
C ASP B 3 -19.27 -60.64 -36.86
N THR B 4 -19.87 -59.63 -36.24
CA THR B 4 -19.11 -58.50 -35.71
C THR B 4 -18.16 -58.94 -34.60
N HIS B 5 -18.62 -59.85 -33.73
CA HIS B 5 -17.79 -60.30 -32.62
C HIS B 5 -16.75 -61.32 -33.03
N PHE B 6 -17.02 -62.13 -34.05
CA PHE B 6 -16.08 -63.15 -34.51
C PHE B 6 -15.22 -62.68 -35.66
N THR B 7 -15.30 -61.41 -36.05
CA THR B 7 -14.46 -60.90 -37.12
C THR B 7 -12.99 -61.22 -36.89
N GLN B 8 -12.47 -60.90 -35.70
CA GLN B 8 -11.07 -61.19 -35.39
C GLN B 8 -10.81 -62.66 -35.11
N TYR B 9 -11.71 -63.32 -34.37
CA TYR B 9 -11.51 -64.74 -34.06
C TYR B 9 -11.46 -65.62 -35.30
N LYS B 10 -12.11 -65.22 -36.40
CA LYS B 10 -11.96 -66.02 -37.62
C LYS B 10 -10.51 -66.19 -38.02
N LEU B 11 -9.63 -65.24 -37.68
CA LEU B 11 -8.23 -65.33 -38.05
C LEU B 11 -7.44 -66.30 -37.19
N ALA B 12 -7.92 -66.66 -36.00
CA ALA B 12 -7.21 -67.56 -35.10
C ALA B 12 -7.75 -68.98 -35.20
N ARG B 13 -6.93 -69.93 -34.76
CA ARG B 13 -7.23 -71.35 -34.76
C ARG B 13 -6.98 -71.97 -33.39
N PRO B 14 -7.61 -73.11 -33.10
CA PRO B 14 -7.24 -73.88 -31.91
C PRO B 14 -5.81 -74.37 -31.97
N TYR B 15 -5.31 -74.79 -30.81
CA TYR B 15 -3.96 -75.34 -30.69
C TYR B 15 -3.91 -76.39 -29.58
N ILE B 16 -2.89 -77.25 -29.68
CA ILE B 16 -2.59 -78.28 -28.69
C ILE B 16 -1.46 -77.80 -27.79
N ALA B 17 -1.71 -77.80 -26.48
CA ALA B 17 -0.73 -77.35 -25.50
C ALA B 17 -0.70 -78.31 -24.32
N ASP B 18 0.40 -78.25 -23.57
CA ASP B 18 0.56 -79.03 -22.34
C ASP B 18 -0.60 -78.84 -21.37
N CYS B 19 -1.17 -79.96 -20.94
CA CYS B 19 -2.23 -80.01 -19.94
C CYS B 19 -1.72 -80.72 -18.69
N PRO B 20 -1.65 -80.05 -17.53
CA PRO B 20 -1.13 -80.74 -16.33
C PRO B 20 -1.72 -82.12 -16.10
N ASN B 21 -3.01 -82.31 -16.39
CA ASN B 21 -3.65 -83.60 -16.18
C ASN B 21 -4.72 -83.78 -17.24
N CYS B 22 -4.46 -84.67 -18.20
CA CYS B 22 -5.41 -84.97 -19.27
C CYS B 22 -6.12 -86.29 -19.01
N GLY B 23 -6.32 -86.62 -17.74
CA GLY B 23 -6.92 -87.85 -17.31
C GLY B 23 -6.05 -88.56 -16.30
N HIS B 24 -5.62 -89.78 -16.61
CA HIS B 24 -4.75 -90.53 -15.71
C HIS B 24 -3.30 -90.04 -15.76
N SER B 25 -2.92 -89.24 -16.75
CA SER B 25 -1.54 -88.81 -16.88
C SER B 25 -1.49 -87.45 -17.54
N ARG B 26 -0.30 -86.83 -17.46
CA ARG B 26 -0.02 -85.57 -18.14
C ARG B 26 0.22 -85.78 -19.63
N CYS B 27 -0.49 -85.01 -20.46
CA CYS B 27 -0.32 -85.13 -21.90
C CYS B 27 -0.77 -83.83 -22.57
N ASP B 28 -0.33 -83.67 -23.81
CA ASP B 28 -0.74 -82.56 -24.67
C ASP B 28 -2.20 -82.70 -25.07
N SER B 29 -3.05 -81.80 -24.58
CA SER B 29 -4.49 -81.85 -24.76
C SER B 29 -4.97 -80.73 -25.67
N PRO B 30 -5.84 -81.01 -26.65
CA PRO B 30 -6.43 -79.92 -27.45
C PRO B 30 -7.28 -78.95 -26.65
N ILE B 31 -7.71 -79.33 -25.45
CA ILE B 31 -8.55 -78.51 -24.60
C ILE B 31 -7.77 -77.96 -23.40
N ALA B 32 -6.44 -77.91 -23.50
CA ALA B 32 -5.60 -77.42 -22.42
C ALA B 32 -6.08 -76.07 -21.89
N ILE B 33 -6.22 -76.00 -20.57
CA ILE B 33 -6.66 -74.79 -19.85
C ILE B 33 -5.47 -73.86 -19.61
N GLU B 34 -5.58 -72.63 -20.12
CA GLU B 34 -4.54 -71.63 -19.93
C GLU B 34 -4.73 -70.80 -18.67
N GLU B 35 -5.95 -70.34 -18.40
CA GLU B 35 -6.22 -69.39 -17.32
C GLU B 35 -7.61 -69.60 -16.74
N VAL B 36 -7.72 -69.50 -15.42
CA VAL B 36 -8.99 -69.53 -14.71
C VAL B 36 -9.17 -68.21 -13.96
N ARG B 37 -10.15 -67.41 -14.38
CA ARG B 37 -10.54 -66.16 -13.72
C ARG B 37 -11.64 -66.46 -12.71
N GLY B 38 -11.33 -66.32 -11.41
CA GLY B 38 -12.29 -66.66 -10.38
C GLY B 38 -12.63 -65.52 -9.42
N ASP B 39 -12.34 -64.28 -9.83
CA ASP B 39 -12.57 -63.10 -8.98
C ASP B 39 -14.00 -62.57 -9.09
N ALA B 40 -14.99 -63.42 -8.82
CA ALA B 40 -16.38 -63.04 -8.95
C ALA B 40 -17.19 -63.56 -7.77
N HIS B 41 -18.18 -62.77 -7.36
CA HIS B 41 -18.94 -63.10 -6.15
C HIS B 41 -19.86 -64.29 -6.36
N ALA B 42 -20.60 -64.30 -7.46
CA ALA B 42 -21.57 -65.38 -7.67
C ALA B 42 -20.92 -66.71 -8.01
N GLY B 43 -19.61 -66.83 -7.97
CA GLY B 43 -18.95 -68.05 -8.38
C GLY B 43 -18.77 -68.21 -9.86
N VAL B 44 -18.98 -67.13 -10.63
CA VAL B 44 -18.74 -67.18 -12.08
C VAL B 44 -17.24 -67.23 -12.34
N ILE B 45 -16.81 -68.23 -13.11
CA ILE B 45 -15.41 -68.37 -13.50
C ILE B 45 -15.32 -68.39 -15.02
N ARG B 46 -14.29 -67.73 -15.55
CA ARG B 46 -14.01 -67.69 -16.99
C ARG B 46 -12.76 -68.50 -17.31
N ILE B 47 -12.93 -69.62 -18.01
CA ILE B 47 -11.84 -70.55 -18.30
C ILE B 47 -11.42 -70.36 -19.76
N GLN B 48 -10.18 -69.92 -19.95
CA GLN B 48 -9.56 -69.83 -21.27
C GLN B 48 -8.90 -71.15 -21.64
N THR B 49 -9.36 -71.76 -22.73
CA THR B 49 -8.84 -73.00 -23.24
C THR B 49 -8.24 -72.80 -24.63
N SER B 50 -7.46 -73.79 -25.07
CA SER B 50 -6.90 -73.76 -26.41
C SER B 50 -7.91 -74.07 -27.50
N ALA B 51 -9.04 -74.69 -27.17
CA ALA B 51 -10.07 -74.94 -28.17
C ALA B 51 -10.84 -73.65 -28.46
N MET B 52 -11.44 -73.60 -29.64
CA MET B 52 -12.31 -72.50 -30.06
C MET B 52 -13.76 -72.95 -30.14
N PHE B 53 -14.62 -72.27 -29.41
CA PHE B 53 -16.04 -72.57 -29.34
C PHE B 53 -16.82 -71.47 -30.05
N GLY B 54 -17.84 -71.87 -30.80
CA GLY B 54 -18.60 -70.94 -31.62
C GLY B 54 -18.06 -70.74 -33.01
N LEU B 55 -16.99 -71.44 -33.40
CA LEU B 55 -16.43 -71.34 -34.74
C LEU B 55 -16.19 -72.73 -35.31
N LYS B 56 -16.48 -72.86 -36.60
CA LYS B 56 -16.13 -74.03 -37.38
C LYS B 56 -15.25 -73.56 -38.53
N THR B 57 -14.38 -74.46 -39.01
CA THR B 57 -13.48 -74.08 -40.08
C THR B 57 -14.24 -73.49 -41.26
N ASP B 58 -15.49 -73.90 -41.45
CA ASP B 58 -16.32 -73.36 -42.52
C ASP B 58 -16.97 -72.03 -42.19
N GLY B 59 -16.97 -71.60 -40.92
CA GLY B 59 -17.56 -70.34 -40.58
C GLY B 59 -17.98 -70.28 -39.12
N VAL B 60 -18.77 -69.25 -38.81
CA VAL B 60 -19.24 -69.01 -37.44
C VAL B 60 -20.50 -69.81 -37.18
N ASP B 61 -20.55 -70.47 -36.02
CA ASP B 61 -21.73 -71.21 -35.59
C ASP B 61 -21.63 -71.54 -34.11
N LEU B 62 -22.52 -70.98 -33.29
CA LEU B 62 -22.46 -71.22 -31.85
C LEU B 62 -22.72 -72.68 -31.49
N ALA B 63 -23.26 -73.47 -32.41
CA ALA B 63 -23.48 -74.89 -32.15
C ALA B 63 -22.22 -75.73 -32.36
N TYR B 64 -21.18 -75.17 -32.97
CA TYR B 64 -19.99 -75.92 -33.34
C TYR B 64 -18.77 -75.39 -32.59
N MET B 65 -17.80 -76.28 -32.38
CA MET B 65 -16.52 -75.95 -31.77
C MET B 65 -15.40 -76.51 -32.63
N SER B 66 -14.26 -75.83 -32.65
CA SER B 66 -13.11 -76.25 -33.42
C SER B 66 -11.94 -76.60 -32.51
N PHE B 67 -11.25 -77.70 -32.86
CA PHE B 67 -10.06 -78.13 -32.13
C PHE B 67 -9.12 -78.81 -33.11
N MET B 68 -7.84 -78.80 -32.75
CA MET B 68 -6.80 -79.44 -33.57
C MET B 68 -6.75 -80.95 -33.35
N ASN B 69 -6.74 -81.69 -34.45
CA ASN B 69 -6.54 -83.14 -34.44
C ASN B 69 -5.24 -83.39 -35.21
N GLY B 70 -4.13 -83.18 -34.50
CA GLY B 70 -2.81 -83.09 -35.09
C GLY B 70 -2.53 -81.86 -35.94
N LYS B 71 -2.17 -82.07 -37.21
CA LYS B 71 -2.04 -80.97 -38.15
C LYS B 71 -3.38 -80.36 -38.54
N THR B 72 -4.42 -81.19 -38.64
CA THR B 72 -5.70 -80.75 -39.19
C THR B 72 -6.64 -80.25 -38.10
N GLN B 73 -7.28 -79.11 -38.37
CA GLN B 73 -8.30 -78.52 -37.51
C GLN B 73 -9.65 -79.20 -37.74
N LYS B 74 -10.15 -79.88 -36.71
CA LYS B 74 -11.42 -80.59 -36.76
C LYS B 74 -12.49 -79.78 -36.04
N SER B 75 -13.62 -79.57 -36.69
CA SER B 75 -14.75 -78.85 -36.13
C SER B 75 -15.93 -79.80 -35.95
N ILE B 76 -16.49 -79.84 -34.74
CA ILE B 76 -17.59 -80.72 -34.40
C ILE B 76 -18.63 -79.94 -33.62
N LYS B 77 -19.87 -80.45 -33.64
CA LYS B 77 -20.90 -79.92 -32.78
C LYS B 77 -20.52 -80.09 -31.32
N ILE B 78 -20.80 -79.06 -30.52
CA ILE B 78 -20.54 -79.11 -29.09
C ILE B 78 -21.30 -80.29 -28.51
N ASP B 79 -20.57 -81.27 -27.98
CA ASP B 79 -21.15 -82.52 -27.50
C ASP B 79 -20.70 -82.76 -26.07
N ASN B 80 -21.64 -82.64 -25.13
CA ASN B 80 -21.37 -82.86 -23.71
C ASN B 80 -20.24 -81.98 -23.18
N LEU B 81 -20.08 -80.78 -23.73
CA LEU B 81 -19.10 -79.86 -23.19
C LEU B 81 -19.46 -79.56 -21.73
N HIS B 82 -18.52 -79.78 -20.82
CA HIS B 82 -18.81 -79.66 -19.41
C HIS B 82 -17.63 -79.07 -18.65
N VAL B 83 -17.94 -78.53 -17.48
CA VAL B 83 -16.96 -77.95 -16.56
C VAL B 83 -17.25 -78.50 -15.17
N ARG B 84 -16.20 -78.91 -14.45
CA ARG B 84 -16.35 -79.45 -13.11
C ARG B 84 -15.36 -78.81 -12.16
N THR B 85 -15.83 -78.47 -10.97
CA THR B 85 -15.01 -77.90 -9.90
C THR B 85 -15.35 -78.58 -8.58
N SER B 86 -15.30 -79.91 -8.57
CA SER B 86 -15.77 -80.79 -7.51
C SER B 86 -17.28 -81.02 -7.63
N ALA B 87 -17.92 -80.46 -8.64
CA ALA B 87 -19.34 -80.67 -8.90
C ALA B 87 -19.65 -80.09 -10.28
N PRO B 88 -20.63 -80.61 -11.00
CA PRO B 88 -20.92 -80.08 -12.34
C PRO B 88 -21.27 -78.61 -12.29
N CYS B 89 -20.77 -77.86 -13.28
CA CYS B 89 -21.04 -76.44 -13.40
C CYS B 89 -22.04 -76.19 -14.51
N SER B 90 -22.87 -75.17 -14.32
CA SER B 90 -23.80 -74.72 -15.35
C SER B 90 -23.05 -73.82 -16.33
N LEU B 91 -23.08 -74.19 -17.61
CA LEU B 91 -22.45 -73.34 -18.63
C LEU B 91 -23.30 -72.11 -18.87
N VAL B 92 -22.65 -70.94 -18.90
CA VAL B 92 -23.33 -69.69 -19.19
C VAL B 92 -23.24 -69.44 -20.70
N SER B 93 -22.02 -69.40 -21.23
CA SER B 93 -21.80 -69.14 -22.64
C SER B 93 -20.35 -69.46 -22.96
N HIS B 94 -20.05 -69.46 -24.25
CA HIS B 94 -18.69 -69.73 -24.74
C HIS B 94 -18.41 -68.86 -25.95
N HIS B 95 -17.15 -68.46 -26.09
CA HIS B 95 -16.75 -67.59 -27.20
C HIS B 95 -15.27 -67.75 -27.43
N GLY B 96 -14.90 -68.26 -28.60
CA GLY B 96 -13.50 -68.49 -28.92
C GLY B 96 -12.83 -69.41 -27.91
N TYR B 97 -11.71 -68.93 -27.34
CA TYR B 97 -11.00 -69.66 -26.29
C TYR B 97 -11.74 -69.70 -24.95
N TYR B 98 -12.66 -68.77 -24.69
CA TYR B 98 -13.22 -68.58 -23.35
C TYR B 98 -14.53 -69.32 -23.13
N ILE B 99 -14.61 -70.00 -21.98
CA ILE B 99 -15.82 -70.65 -21.48
C ILE B 99 -16.21 -69.98 -20.17
N LEU B 100 -17.45 -69.51 -20.09
CA LEU B 100 -17.99 -68.89 -18.88
C LEU B 100 -18.95 -69.85 -18.21
N ALA B 101 -18.74 -70.10 -16.92
CA ALA B 101 -19.56 -71.06 -16.18
C ALA B 101 -19.75 -70.58 -14.75
N GLN B 102 -20.82 -71.08 -14.14
CA GLN B 102 -21.10 -70.88 -12.72
C GLN B 102 -20.68 -72.15 -11.98
N CYS B 103 -19.62 -72.06 -11.17
CA CYS B 103 -19.05 -73.23 -10.52
C CYS B 103 -19.09 -73.10 -9.01
N PRO B 104 -19.33 -74.20 -8.28
CA PRO B 104 -19.23 -74.17 -6.82
C PRO B 104 -17.77 -74.22 -6.39
N PRO B 105 -17.47 -73.96 -5.12
CA PRO B 105 -16.08 -74.01 -4.67
C PRO B 105 -15.46 -75.39 -4.88
N GLY B 106 -14.17 -75.40 -5.17
CA GLY B 106 -13.47 -76.65 -5.41
C GLY B 106 -11.98 -76.42 -5.52
N ASP B 107 -11.24 -77.52 -5.43
CA ASP B 107 -9.80 -77.49 -5.52
C ASP B 107 -9.28 -77.51 -6.95
N THR B 108 -10.07 -78.05 -7.89
CA THR B 108 -9.63 -78.20 -9.27
C THR B 108 -10.71 -77.69 -10.22
N VAL B 109 -10.27 -77.34 -11.42
CA VAL B 109 -11.16 -76.95 -12.51
C VAL B 109 -10.94 -77.90 -13.67
N THR B 110 -11.98 -78.63 -14.06
CA THR B 110 -11.88 -79.59 -15.15
C THR B 110 -12.75 -79.15 -16.31
N VAL B 111 -12.17 -79.13 -17.51
CA VAL B 111 -12.86 -78.85 -18.76
C VAL B 111 -12.67 -80.04 -19.68
N GLY B 112 -13.73 -80.43 -20.38
CA GLY B 112 -13.61 -81.49 -21.34
C GLY B 112 -14.84 -81.61 -22.20
N PHE B 113 -14.68 -82.33 -23.31
CA PHE B 113 -15.74 -82.53 -24.28
C PHE B 113 -15.58 -83.91 -24.91
N HIS B 114 -16.67 -84.40 -25.50
CA HIS B 114 -16.68 -85.71 -26.13
C HIS B 114 -16.66 -85.57 -27.65
N ASP B 115 -16.00 -86.54 -28.29
CA ASP B 115 -15.93 -86.62 -29.76
C ASP B 115 -16.09 -88.09 -30.12
N GLY B 116 -17.33 -88.51 -30.30
CA GLY B 116 -17.65 -89.90 -30.53
C GLY B 116 -17.13 -90.78 -29.40
N PRO B 117 -16.27 -91.76 -29.73
CA PRO B 117 -15.66 -92.56 -28.67
C PRO B 117 -14.56 -91.84 -27.90
N ASN B 118 -14.03 -90.73 -28.41
CA ASN B 118 -12.94 -90.04 -27.75
C ASN B 118 -13.43 -89.11 -26.64
N ARG B 119 -12.65 -89.02 -25.57
CA ARG B 119 -12.93 -88.13 -24.45
C ARG B 119 -11.70 -87.27 -24.21
N HIS B 120 -11.86 -85.95 -24.34
CA HIS B 120 -10.77 -85.00 -24.16
C HIS B 120 -11.06 -84.14 -22.94
N THR B 121 -10.25 -84.29 -21.89
CA THR B 121 -10.43 -83.56 -20.64
C THR B 121 -9.11 -82.99 -20.17
N CYS B 122 -9.18 -81.85 -19.47
CA CYS B 122 -8.01 -81.18 -18.91
C CYS B 122 -8.33 -80.68 -17.51
N THR B 123 -7.63 -81.21 -16.50
CA THR B 123 -7.83 -80.80 -15.10
C THR B 123 -6.62 -80.01 -14.63
N VAL B 124 -6.87 -78.78 -14.17
CA VAL B 124 -5.85 -77.90 -13.62
C VAL B 124 -6.20 -77.59 -12.17
N ALA B 125 -5.22 -77.74 -11.28
CA ALA B 125 -5.44 -77.39 -9.88
C ALA B 125 -5.57 -75.89 -9.72
N HIS B 126 -6.72 -75.44 -9.23
CA HIS B 126 -7.02 -74.03 -9.07
C HIS B 126 -8.02 -73.86 -7.95
N LYS B 127 -7.73 -72.96 -7.01
CA LYS B 127 -8.60 -72.71 -5.87
C LYS B 127 -9.81 -71.90 -6.33
N VAL B 128 -10.94 -72.57 -6.52
CA VAL B 128 -12.19 -71.93 -6.87
C VAL B 128 -12.98 -71.73 -5.58
N GLU B 129 -13.25 -70.47 -5.24
CA GLU B 129 -13.96 -70.13 -4.02
C GLU B 129 -15.20 -69.31 -4.32
N PHE B 130 -16.25 -69.57 -3.56
CA PHE B 130 -17.45 -68.74 -3.61
C PHE B 130 -17.20 -67.51 -2.75
N ARG B 131 -17.50 -66.32 -3.30
CA ARG B 131 -17.20 -65.06 -2.64
C ARG B 131 -18.51 -64.34 -2.33
N PRO B 132 -19.08 -64.55 -1.14
CA PRO B 132 -20.35 -63.87 -0.80
C PRO B 132 -20.18 -62.36 -0.83
N VAL B 133 -21.24 -61.68 -1.27
CA VAL B 133 -21.30 -60.22 -1.28
C VAL B 133 -22.09 -59.76 -0.05
N GLY B 134 -21.54 -58.79 0.66
CA GLY B 134 -22.20 -58.24 1.82
C GLY B 134 -21.66 -58.76 3.13
N ARG B 135 -22.50 -58.64 4.16
CA ARG B 135 -22.12 -58.95 5.53
C ARG B 135 -22.54 -60.34 5.98
N GLU B 136 -22.92 -61.22 5.06
CA GLU B 136 -23.34 -62.56 5.44
C GLU B 136 -22.68 -63.58 4.52
N LYS B 137 -22.04 -64.58 5.11
CA LYS B 137 -21.29 -65.59 4.35
C LYS B 137 -22.21 -66.74 3.97
N TYR B 138 -23.10 -66.46 3.02
CA TYR B 138 -23.97 -67.50 2.50
C TYR B 138 -23.15 -68.39 1.55
N ARG B 139 -23.59 -69.64 1.42
CA ARG B 139 -22.86 -70.62 0.62
C ARG B 139 -23.45 -70.81 -0.77
N HIS B 140 -24.56 -70.15 -1.10
CA HIS B 140 -25.16 -70.27 -2.42
C HIS B 140 -26.07 -69.07 -2.63
N PRO B 141 -26.15 -68.52 -3.84
CA PRO B 141 -27.01 -67.36 -4.06
C PRO B 141 -28.45 -67.65 -3.65
N PRO B 142 -29.06 -66.79 -2.85
CA PRO B 142 -30.42 -67.04 -2.39
C PRO B 142 -31.46 -66.64 -3.42
N GLU B 143 -32.67 -67.19 -3.25
CA GLU B 143 -33.78 -66.85 -4.12
C GLU B 143 -34.39 -65.49 -3.80
N HIS B 144 -34.13 -64.96 -2.60
CA HIS B 144 -34.64 -63.65 -2.23
C HIS B 144 -33.70 -63.04 -1.19
N GLY B 145 -33.75 -61.72 -1.08
CA GLY B 145 -32.92 -61.02 -0.11
C GLY B 145 -32.78 -59.56 -0.49
N VAL B 146 -31.61 -59.00 -0.18
CA VAL B 146 -31.29 -57.61 -0.46
C VAL B 146 -30.37 -57.56 -1.68
N GLU B 147 -30.72 -56.69 -2.64
CA GLU B 147 -29.93 -56.50 -3.85
C GLU B 147 -28.72 -55.62 -3.56
N LEU B 148 -27.52 -56.18 -3.67
CA LEU B 148 -26.28 -55.45 -3.40
C LEU B 148 -25.41 -55.37 -4.66
N PRO B 149 -24.70 -54.27 -4.86
CA PRO B 149 -23.77 -54.19 -6.00
C PRO B 149 -22.65 -55.21 -5.86
N CYS B 150 -22.31 -55.85 -6.99
CA CYS B 150 -21.31 -56.91 -7.00
C CYS B 150 -20.58 -56.90 -8.34
N ASN B 151 -19.46 -57.64 -8.38
CA ASN B 151 -18.65 -57.80 -9.58
C ASN B 151 -18.94 -59.14 -10.24
N ARG B 152 -19.33 -59.11 -11.51
CA ARG B 152 -19.64 -60.32 -12.25
C ARG B 152 -19.01 -60.26 -13.64
N TYR B 153 -18.69 -61.44 -14.17
CA TYR B 153 -18.28 -61.56 -15.57
C TYR B 153 -19.53 -61.62 -16.43
N THR B 154 -19.76 -60.60 -17.23
CA THR B 154 -20.96 -60.54 -18.05
C THR B 154 -20.97 -61.68 -19.06
N HIS B 155 -22.16 -62.14 -19.41
CA HIS B 155 -22.32 -63.18 -20.42
C HIS B 155 -22.30 -62.62 -21.84
N LYS B 156 -22.14 -61.31 -22.01
CA LYS B 156 -22.10 -60.71 -23.33
C LYS B 156 -20.77 -60.94 -24.03
N ARG B 157 -20.83 -61.39 -25.29
CA ARG B 157 -19.64 -61.62 -26.10
C ARG B 157 -19.00 -60.33 -26.60
N ALA B 158 -19.69 -59.20 -26.50
CA ALA B 158 -19.22 -57.96 -27.11
C ALA B 158 -17.88 -57.51 -26.55
N ASP B 159 -17.13 -56.80 -27.38
CA ASP B 159 -15.85 -56.22 -27.01
C ASP B 159 -16.06 -55.02 -26.09
N GLN B 160 -15.46 -55.08 -24.89
CA GLN B 160 -15.58 -54.00 -23.91
C GLN B 160 -14.24 -53.35 -23.59
N GLY B 161 -13.27 -53.45 -24.50
CA GLY B 161 -11.98 -52.79 -24.34
C GLY B 161 -10.85 -53.64 -23.79
N HIS B 162 -11.05 -54.94 -23.60
CA HIS B 162 -9.98 -55.83 -23.14
C HIS B 162 -9.58 -56.77 -24.26
N TYR B 163 -8.28 -56.80 -24.57
CA TYR B 163 -7.74 -57.55 -25.69
C TYR B 163 -6.55 -58.42 -25.30
N VAL B 164 -6.38 -59.51 -26.04
CA VAL B 164 -5.22 -60.39 -25.97
C VAL B 164 -4.59 -60.45 -27.35
N GLU B 165 -3.27 -60.59 -27.38
CA GLU B 165 -2.51 -60.66 -28.63
C GLU B 165 -2.44 -62.08 -29.20
N MET B 166 -2.76 -62.19 -30.48
CA MET B 166 -2.61 -63.42 -31.26
C MET B 166 -1.37 -63.30 -32.14
N HIS B 167 -0.47 -64.29 -32.04
CA HIS B 167 0.80 -64.28 -32.73
C HIS B 167 0.86 -65.43 -33.73
N GLN B 168 1.68 -65.24 -34.77
CA GLN B 168 1.99 -66.28 -35.74
C GLN B 168 2.54 -67.53 -35.04
N PRO B 169 1.91 -68.70 -35.19
CA PRO B 169 2.41 -69.91 -34.53
C PRO B 169 3.87 -70.21 -34.88
N GLY B 170 4.61 -70.66 -33.88
CA GLY B 170 5.96 -71.15 -34.11
C GLY B 170 6.01 -72.49 -34.81
N LEU B 171 7.24 -72.93 -35.07
CA LEU B 171 7.49 -74.28 -35.59
C LEU B 171 6.76 -75.34 -34.79
N VAL B 172 5.86 -76.07 -35.45
CA VAL B 172 5.09 -77.14 -34.81
C VAL B 172 5.75 -78.47 -35.22
N ALA B 173 6.72 -78.91 -34.42
CA ALA B 173 7.40 -80.17 -34.63
C ALA B 173 6.41 -81.32 -34.87
N ASP B 174 6.62 -82.08 -35.94
CA ASP B 174 5.75 -83.20 -36.27
C ASP B 174 6.56 -84.25 -37.02
N HIS B 175 7.03 -85.26 -36.28
CA HIS B 175 7.78 -86.37 -36.85
C HIS B 175 7.04 -87.11 -37.97
N SER B 176 5.70 -87.11 -37.95
CA SER B 176 4.95 -87.85 -38.97
C SER B 176 5.20 -87.35 -40.39
N LEU B 177 5.68 -86.12 -40.58
CA LEU B 177 6.03 -85.67 -41.91
C LEU B 177 7.13 -86.50 -42.56
N LEU B 178 7.95 -87.20 -41.77
CA LEU B 178 9.07 -87.98 -42.29
C LEU B 178 8.66 -89.41 -42.62
N SER B 179 9.11 -89.90 -43.78
CA SER B 179 8.82 -91.25 -44.25
C SER B 179 10.09 -91.91 -44.75
N ILE B 180 10.23 -93.21 -44.46
CA ILE B 180 11.38 -93.99 -44.91
C ILE B 180 11.46 -94.04 -46.44
N HIS B 181 10.32 -94.08 -47.11
CA HIS B 181 10.29 -94.19 -48.58
C HIS B 181 11.18 -95.36 -49.00
N SER B 182 12.06 -95.20 -49.99
CA SER B 182 12.93 -96.29 -50.44
C SER B 182 14.19 -96.35 -49.57
N ALA B 183 13.97 -96.67 -48.30
CA ALA B 183 15.04 -96.75 -47.30
C ALA B 183 15.81 -95.44 -47.19
N LYS B 184 15.13 -94.33 -47.47
CA LYS B 184 15.72 -93.00 -47.39
C LYS B 184 14.66 -92.02 -46.92
N VAL B 185 14.94 -91.35 -45.80
CA VAL B 185 14.00 -90.43 -45.17
C VAL B 185 13.45 -89.43 -46.18
N LYS B 186 12.13 -89.45 -46.38
CA LYS B 186 11.45 -88.51 -47.26
C LYS B 186 10.53 -87.59 -46.45
N ILE B 187 10.60 -86.30 -46.73
CA ILE B 187 9.77 -85.28 -46.09
C ILE B 187 8.52 -85.04 -46.93
N THR B 188 7.36 -85.42 -46.39
CA THR B 188 6.07 -85.15 -47.00
C THR B 188 5.60 -83.75 -46.57
N VAL B 189 5.42 -82.88 -47.56
CA VAL B 189 5.04 -81.48 -47.33
C VAL B 189 3.54 -81.35 -47.56
N PRO B 190 2.73 -81.16 -46.51
CA PRO B 190 1.30 -80.91 -46.72
C PRO B 190 1.06 -79.74 -47.67
N SER B 191 -0.01 -79.85 -48.44
CA SER B 191 -0.43 -78.80 -49.36
C SER B 191 -0.60 -77.44 -48.69
N GLY B 192 -0.07 -76.41 -49.33
CA GLY B 192 -0.11 -75.05 -48.84
C GLY B 192 0.70 -74.77 -47.58
N ALA B 193 1.78 -75.51 -47.34
CA ALA B 193 2.57 -75.33 -46.14
C ALA B 193 4.03 -75.62 -46.47
N GLN B 194 4.92 -75.10 -45.64
CA GLN B 194 6.35 -75.36 -45.78
C GLN B 194 6.82 -76.18 -44.58
N VAL B 195 7.72 -77.12 -44.84
CA VAL B 195 8.31 -77.98 -43.82
C VAL B 195 9.77 -77.63 -43.64
N LYS B 196 10.10 -76.99 -42.51
CA LYS B 196 11.50 -76.82 -42.14
C LYS B 196 12.02 -78.16 -41.63
N TYR B 197 13.19 -78.57 -42.14
CA TYR B 197 13.81 -79.84 -41.82
C TYR B 197 15.22 -79.67 -41.30
N TYR B 198 15.57 -80.47 -40.29
CA TYR B 198 16.89 -80.50 -39.69
C TYR B 198 17.25 -81.95 -39.40
N CYS B 199 18.35 -82.42 -40.01
CA CYS B 199 18.75 -83.84 -39.94
C CYS B 199 20.29 -83.92 -39.89
N LYS B 200 20.83 -83.92 -38.66
CA LYS B 200 22.28 -83.94 -38.46
C LYS B 200 22.91 -85.29 -38.74
N CYS B 201 22.66 -85.85 -39.92
CA CYS B 201 23.29 -87.08 -40.35
C CYS B 201 24.68 -86.74 -40.90
N PRO B 202 25.53 -87.74 -41.17
CA PRO B 202 26.78 -87.46 -41.89
C PRO B 202 26.59 -86.47 -43.04
N ASP B 203 25.54 -86.64 -43.83
CA ASP B 203 25.15 -85.63 -44.82
C ASP B 203 24.20 -84.61 -44.19
N VAL B 204 24.78 -83.78 -43.31
CA VAL B 204 24.01 -82.78 -42.59
C VAL B 204 23.30 -81.88 -43.60
N ARG B 205 21.97 -81.87 -43.55
CA ARG B 205 21.16 -81.04 -44.43
C ARG B 205 20.06 -80.36 -43.65
N LYS B 206 19.76 -79.12 -44.03
CA LYS B 206 18.74 -78.31 -43.38
C LYS B 206 18.21 -77.27 -44.37
N GLY B 207 17.03 -76.74 -44.06
CA GLY B 207 16.44 -75.70 -44.89
C GLY B 207 14.92 -75.74 -44.82
N ILE B 208 14.31 -74.94 -45.70
CA ILE B 208 12.87 -74.82 -45.81
C ILE B 208 12.48 -75.33 -47.19
N THR B 209 11.73 -76.44 -47.23
CA THR B 209 11.27 -77.02 -48.48
C THR B 209 9.76 -76.83 -48.62
N SER B 210 9.33 -76.34 -49.77
CA SER B 210 7.92 -76.15 -50.07
C SER B 210 7.29 -77.37 -50.71
N SER B 211 8.08 -78.40 -51.02
CA SER B 211 7.57 -79.61 -51.65
C SER B 211 8.37 -80.80 -51.18
N ASP B 212 7.83 -81.99 -51.42
CA ASP B 212 8.47 -83.25 -51.07
C ASP B 212 9.96 -83.27 -51.38
N HIS B 213 10.76 -83.57 -50.36
CA HIS B 213 12.21 -83.60 -50.45
C HIS B 213 12.74 -84.93 -49.94
N THR B 214 13.57 -85.59 -50.73
CA THR B 214 14.22 -86.84 -50.36
C THR B 214 15.69 -86.58 -50.03
N THR B 215 16.06 -86.86 -48.79
CA THR B 215 17.43 -86.72 -48.34
C THR B 215 18.19 -88.04 -48.49
N THR B 216 19.51 -87.97 -48.29
CA THR B 216 20.36 -89.16 -48.27
C THR B 216 20.32 -89.91 -46.95
N CYS B 217 19.82 -89.28 -45.89
CA CYS B 217 19.76 -89.95 -44.59
C CYS B 217 18.72 -91.06 -44.59
N THR B 218 19.12 -92.22 -44.06
CA THR B 218 18.28 -93.41 -44.05
C THR B 218 17.43 -93.56 -42.80
N ASP B 219 17.89 -93.06 -41.65
CA ASP B 219 17.16 -93.22 -40.39
C ASP B 219 16.25 -92.02 -40.15
N VAL B 220 14.93 -92.26 -40.19
CA VAL B 220 13.94 -91.23 -39.87
C VAL B 220 14.24 -90.58 -38.52
N LYS B 221 14.56 -91.39 -37.51
CA LYS B 221 14.80 -90.85 -36.18
C LYS B 221 15.84 -89.73 -36.16
N GLN B 222 16.74 -89.67 -37.15
CA GLN B 222 17.73 -88.61 -37.21
C GLN B 222 17.19 -87.26 -37.67
N CYS B 223 16.02 -87.20 -38.31
CA CYS B 223 15.47 -85.94 -38.82
C CYS B 223 14.33 -85.43 -37.96
N ARG B 224 14.26 -84.11 -37.85
CA ARG B 224 13.19 -83.36 -37.18
C ARG B 224 12.50 -82.48 -38.22
N ALA B 225 11.20 -82.72 -38.43
CA ALA B 225 10.40 -81.94 -39.38
C ALA B 225 9.47 -81.00 -38.63
N TYR B 226 9.43 -79.74 -39.06
CA TYR B 226 8.60 -78.71 -38.45
C TYR B 226 7.66 -78.13 -39.50
N LEU B 227 6.36 -78.19 -39.23
CA LEU B 227 5.35 -77.64 -40.13
C LEU B 227 5.25 -76.12 -39.95
N ILE B 228 5.42 -75.38 -41.04
CA ILE B 228 5.22 -73.92 -41.07
C ILE B 228 3.91 -73.65 -41.79
N ASP B 229 2.87 -73.29 -41.03
CA ASP B 229 1.57 -72.97 -41.61
C ASP B 229 1.01 -71.79 -40.83
N ASN B 230 1.06 -70.60 -41.43
CA ASN B 230 0.61 -69.36 -40.84
C ASN B 230 -0.79 -68.93 -41.29
N LYS B 231 -1.53 -69.78 -42.00
CA LYS B 231 -2.87 -69.39 -42.43
C LYS B 231 -3.69 -68.86 -41.26
N LYS B 232 -3.61 -69.53 -40.12
CA LYS B 232 -4.33 -69.16 -38.92
C LYS B 232 -3.33 -68.82 -37.82
N TRP B 233 -3.63 -67.77 -37.05
CA TRP B 233 -2.78 -67.34 -35.95
C TRP B 233 -3.26 -67.99 -34.65
N VAL B 234 -2.46 -67.85 -33.59
CA VAL B 234 -2.78 -68.44 -32.29
C VAL B 234 -2.50 -67.45 -31.18
N TYR B 235 -3.16 -67.67 -30.04
CA TYR B 235 -2.86 -66.87 -28.86
C TYR B 235 -1.40 -67.10 -28.49
N ASN B 236 -0.73 -66.05 -27.98
CA ASN B 236 0.69 -66.19 -27.62
C ASN B 236 0.84 -66.93 -26.29
N SER B 237 0.30 -68.14 -26.28
CA SER B 237 0.29 -69.01 -25.10
C SER B 237 1.69 -69.31 -24.59
N GLY B 238 1.85 -69.27 -23.28
CA GLY B 238 3.11 -69.63 -22.65
C GLY B 238 3.50 -71.08 -22.81
N ARG B 239 2.64 -71.89 -23.45
CA ARG B 239 2.91 -73.30 -23.68
C ARG B 239 3.28 -73.62 -25.13
N LEU B 240 3.41 -72.62 -26.01
CA LEU B 240 3.77 -72.80 -27.41
C LEU B 240 5.09 -72.08 -27.74
N PRO B 241 5.99 -72.71 -28.51
CA PRO B 241 7.21 -72.01 -28.94
C PRO B 241 6.89 -70.71 -29.67
N ARG B 242 7.56 -69.63 -29.26
CA ARG B 242 7.35 -68.30 -29.85
C ARG B 242 7.55 -68.29 -31.36
N GLY B 243 8.68 -68.78 -31.84
CA GLY B 243 9.00 -68.71 -33.26
C GLY B 243 9.76 -67.45 -33.65
N GLU B 244 10.52 -67.59 -34.74
CA GLU B 244 11.41 -66.56 -35.27
C GLU B 244 10.71 -65.26 -35.68
N GLY B 245 11.38 -64.13 -35.40
CA GLY B 245 10.97 -62.78 -35.78
C GLY B 245 9.79 -62.19 -35.01
N ASP B 246 9.17 -61.18 -35.62
CA ASP B 246 8.01 -60.50 -35.05
C ASP B 246 6.75 -61.29 -35.40
N THR B 247 6.36 -62.18 -34.48
CA THR B 247 5.18 -63.02 -34.69
C THR B 247 3.86 -62.31 -34.40
N PHE B 248 3.90 -61.17 -33.71
CA PHE B 248 2.70 -60.37 -33.45
C PHE B 248 1.92 -60.03 -34.72
N LYS B 249 0.69 -60.52 -34.81
CA LYS B 249 -0.19 -60.28 -35.96
C LYS B 249 -1.41 -59.43 -35.63
N GLY B 250 -1.99 -59.54 -34.44
CA GLY B 250 -3.15 -58.73 -34.12
C GLY B 250 -3.67 -59.02 -32.72
N LYS B 251 -4.72 -58.29 -32.36
CA LYS B 251 -5.40 -58.44 -31.08
C LYS B 251 -6.76 -59.10 -31.19
N LEU B 252 -7.06 -59.96 -30.22
CA LEU B 252 -8.36 -60.56 -30.00
C LEU B 252 -8.99 -59.95 -28.75
N HIS B 253 -10.21 -59.46 -28.87
CA HIS B 253 -10.90 -58.92 -27.71
C HIS B 253 -11.27 -60.03 -26.73
N VAL B 254 -11.19 -59.70 -25.44
CA VAL B 254 -11.57 -60.57 -24.33
C VAL B 254 -13.07 -60.59 -24.12
N PRO B 255 -13.77 -61.69 -24.40
CA PRO B 255 -15.20 -61.74 -24.09
C PRO B 255 -15.42 -61.84 -22.59
N PHE B 256 -16.68 -61.67 -22.19
CA PHE B 256 -17.11 -61.79 -20.81
C PHE B 256 -16.18 -61.00 -19.87
N VAL B 257 -16.09 -59.72 -20.16
CA VAL B 257 -15.30 -58.80 -19.32
C VAL B 257 -15.97 -58.65 -17.95
N PRO B 258 -15.21 -58.51 -16.87
CA PRO B 258 -15.84 -58.19 -15.58
C PRO B 258 -16.63 -56.90 -15.64
N VAL B 259 -17.82 -56.92 -15.03
CA VAL B 259 -18.70 -55.76 -14.99
C VAL B 259 -19.32 -55.63 -13.61
N LYS B 260 -19.73 -54.41 -13.28
CA LYS B 260 -20.51 -54.18 -12.07
C LYS B 260 -21.93 -54.69 -12.26
N ALA B 261 -22.42 -55.48 -11.31
CA ALA B 261 -23.74 -56.09 -11.40
C ALA B 261 -24.40 -56.06 -10.03
N LYS B 262 -25.67 -56.47 -10.01
CA LYS B 262 -26.45 -56.57 -8.78
C LYS B 262 -26.61 -58.04 -8.41
N CYS B 263 -26.15 -58.40 -7.21
CA CYS B 263 -26.30 -59.74 -6.66
C CYS B 263 -27.28 -59.71 -5.49
N ILE B 264 -28.12 -60.74 -5.41
CA ILE B 264 -29.09 -60.88 -4.33
C ILE B 264 -28.40 -61.54 -3.13
N ALA B 265 -28.21 -60.77 -2.06
CA ALA B 265 -27.61 -61.25 -0.84
C ALA B 265 -28.69 -61.54 0.20
N THR B 266 -28.43 -62.54 1.05
CA THR B 266 -29.40 -62.95 2.05
C THR B 266 -29.63 -61.87 3.11
N LEU B 267 -30.77 -61.99 3.78
CA LEU B 267 -31.12 -61.16 4.94
C LEU B 267 -31.23 -62.07 6.15
N ALA B 268 -30.47 -61.75 7.20
CA ALA B 268 -30.51 -62.55 8.40
C ALA B 268 -31.86 -62.42 9.09
N PRO B 269 -32.28 -63.42 9.85
CA PRO B 269 -33.56 -63.31 10.58
C PRO B 269 -33.59 -62.08 11.47
N GLU B 270 -34.76 -61.45 11.52
CA GLU B 270 -34.91 -60.23 12.29
C GLU B 270 -34.51 -60.47 13.75
N PRO B 271 -33.63 -59.67 14.32
CA PRO B 271 -33.22 -59.89 15.70
C PRO B 271 -34.34 -59.60 16.68
N LEU B 272 -34.39 -60.37 17.75
CA LEU B 272 -35.35 -60.15 18.83
C LEU B 272 -34.70 -59.22 19.85
N VAL B 273 -35.36 -58.11 20.14
CA VAL B 273 -34.78 -57.04 20.95
C VAL B 273 -35.51 -56.95 22.28
N GLU B 274 -34.74 -56.88 23.36
CA GLU B 274 -35.24 -56.61 24.70
C GLU B 274 -34.51 -55.39 25.24
N HIS B 275 -35.16 -54.65 26.13
CA HIS B 275 -34.60 -53.41 26.65
C HIS B 275 -34.54 -53.42 28.17
N LYS B 276 -33.42 -52.93 28.69
CA LYS B 276 -33.20 -52.71 30.11
C LYS B 276 -32.58 -51.32 30.27
N HIS B 277 -32.50 -50.85 31.50
CA HIS B 277 -31.96 -49.53 31.76
C HIS B 277 -30.59 -49.36 31.12
N ARG B 278 -30.51 -48.44 30.16
CA ARG B 278 -29.26 -48.16 29.45
C ARG B 278 -28.64 -49.42 28.85
N THR B 279 -29.45 -50.42 28.54
CA THR B 279 -28.93 -51.68 28.01
C THR B 279 -29.83 -52.18 26.90
N LEU B 280 -29.21 -52.58 25.80
CA LEU B 280 -29.89 -53.18 24.65
C LEU B 280 -29.50 -54.64 24.59
N ILE B 281 -30.49 -55.53 24.65
CA ILE B 281 -30.27 -56.97 24.60
C ILE B 281 -30.79 -57.50 23.27
N LEU B 282 -29.91 -58.10 22.50
CA LEU B 282 -30.24 -58.66 21.19
C LEU B 282 -30.12 -60.18 21.23
N HIS B 283 -31.18 -60.88 20.85
CA HIS B 283 -31.15 -62.33 20.67
C HIS B 283 -31.05 -62.58 19.18
N LEU B 284 -29.91 -63.10 18.74
CA LEU B 284 -29.58 -63.20 17.33
C LEU B 284 -29.62 -64.67 16.89
N HIS B 285 -30.24 -64.92 15.74
CA HIS B 285 -30.35 -66.25 15.15
C HIS B 285 -29.95 -66.10 13.68
N PRO B 286 -28.66 -66.20 13.36
CA PRO B 286 -28.20 -65.76 12.04
C PRO B 286 -28.45 -66.73 10.89
N ASP B 287 -28.41 -68.03 11.14
CA ASP B 287 -28.53 -69.07 10.11
C ASP B 287 -27.31 -69.16 9.20
N HIS B 288 -26.47 -68.13 9.19
CA HIS B 288 -25.21 -68.10 8.46
C HIS B 288 -24.30 -67.12 9.18
N PRO B 289 -22.99 -67.28 9.08
CA PRO B 289 -22.11 -66.32 9.75
C PRO B 289 -22.49 -64.90 9.37
N THR B 290 -23.01 -64.14 10.33
CA THR B 290 -23.54 -62.81 10.10
C THR B 290 -22.75 -61.80 10.92
N LEU B 291 -22.33 -60.71 10.27
CA LEU B 291 -21.52 -59.70 10.93
C LEU B 291 -22.39 -58.75 11.72
N LEU B 292 -22.08 -58.58 13.01
CA LEU B 292 -22.75 -57.63 13.88
C LEU B 292 -21.75 -56.55 14.25
N THR B 293 -22.09 -55.29 13.96
CA THR B 293 -21.26 -54.17 14.35
C THR B 293 -22.10 -53.12 15.04
N THR B 294 -21.49 -52.44 16.01
CA THR B 294 -22.15 -51.37 16.75
C THR B 294 -21.13 -50.29 17.05
N ARG B 295 -21.65 -49.09 17.28
CA ARG B 295 -20.82 -47.96 17.66
C ARG B 295 -21.68 -46.96 18.41
N SER B 296 -21.09 -46.29 19.39
CA SER B 296 -21.81 -45.24 20.06
C SER B 296 -21.78 -43.97 19.20
N LEU B 297 -22.78 -43.12 19.40
CA LEU B 297 -22.93 -41.89 18.64
C LEU B 297 -22.32 -40.71 19.34
N GLY B 298 -21.50 -40.93 20.37
CA GLY B 298 -20.86 -39.87 21.11
C GLY B 298 -19.49 -39.56 20.57
N SER B 299 -18.75 -38.74 21.34
CA SER B 299 -17.40 -38.36 20.94
C SER B 299 -16.42 -39.50 21.06
N ASP B 300 -16.69 -40.49 21.92
CA ASP B 300 -15.80 -41.63 22.12
C ASP B 300 -16.53 -42.87 21.63
N ALA B 301 -16.40 -43.15 20.33
CA ALA B 301 -17.00 -44.36 19.78
C ALA B 301 -16.26 -45.58 20.28
N ASN B 302 -17.01 -46.64 20.57
CA ASN B 302 -16.47 -47.91 21.07
C ASN B 302 -16.91 -48.99 20.09
N PRO B 303 -16.29 -49.09 18.92
CA PRO B 303 -16.78 -50.02 17.90
C PRO B 303 -16.70 -51.47 18.37
N THR B 304 -17.70 -52.24 17.95
CA THR B 304 -17.75 -53.67 18.15
C THR B 304 -17.86 -54.33 16.78
N ARG B 305 -17.18 -55.47 16.60
CA ARG B 305 -17.24 -56.18 15.34
C ARG B 305 -16.98 -57.65 15.62
N GLN B 306 -18.00 -58.49 15.42
CA GLN B 306 -17.87 -59.91 15.65
C GLN B 306 -18.75 -60.67 14.66
N TRP B 307 -18.25 -61.82 14.22
CA TRP B 307 -19.01 -62.71 13.34
C TRP B 307 -19.78 -63.69 14.20
N ILE B 308 -21.10 -63.74 14.02
CA ILE B 308 -21.98 -64.58 14.82
C ILE B 308 -22.43 -65.75 13.97
N GLU B 309 -22.06 -66.96 14.40
CA GLU B 309 -22.32 -68.17 13.63
C GLU B 309 -23.41 -69.04 14.23
N ARG B 310 -23.70 -68.89 15.51
CA ARG B 310 -24.70 -69.67 16.23
C ARG B 310 -25.57 -68.74 17.05
N PRO B 311 -26.73 -69.21 17.52
CA PRO B 311 -27.58 -68.36 18.35
C PRO B 311 -26.82 -67.84 19.55
N THR B 312 -26.98 -66.55 19.83
CA THR B 312 -26.26 -65.92 20.92
C THR B 312 -27.03 -64.68 21.38
N THR B 313 -26.76 -64.26 22.61
CA THR B 313 -27.34 -63.06 23.19
C THR B 313 -26.24 -62.06 23.43
N VAL B 314 -26.39 -60.87 22.85
CA VAL B 314 -25.39 -59.80 22.94
C VAL B 314 -26.03 -58.59 23.62
N ASN B 315 -25.36 -58.08 24.65
CA ASN B 315 -25.84 -56.93 25.41
C ASN B 315 -24.91 -55.75 25.15
N PHE B 316 -25.49 -54.63 24.71
CA PHE B 316 -24.75 -53.40 24.45
C PHE B 316 -25.20 -52.33 25.41
N THR B 317 -24.26 -51.54 25.91
CA THR B 317 -24.58 -50.41 26.78
C THR B 317 -24.98 -49.21 25.93
N VAL B 318 -26.16 -48.67 26.20
CA VAL B 318 -26.69 -47.52 25.48
C VAL B 318 -26.85 -46.37 26.46
N THR B 319 -26.35 -45.19 26.09
CA THR B 319 -26.43 -43.99 26.89
C THR B 319 -27.33 -42.97 26.21
N GLY B 320 -27.43 -41.79 26.81
CA GLY B 320 -28.22 -40.73 26.21
C GLY B 320 -27.68 -40.23 24.89
N GLU B 321 -26.43 -40.58 24.55
CA GLU B 321 -25.87 -40.19 23.26
C GLU B 321 -26.41 -41.07 22.14
N GLY B 322 -26.74 -42.32 22.43
CA GLY B 322 -27.30 -43.24 21.47
C GLY B 322 -26.30 -44.31 21.05
N LEU B 323 -26.85 -45.38 20.47
CA LEU B 323 -26.06 -46.49 19.97
C LEU B 323 -26.60 -46.89 18.62
N GLU B 324 -25.70 -47.10 17.67
CA GLU B 324 -26.05 -47.62 16.35
C GLU B 324 -25.56 -49.05 16.26
N TYR B 325 -26.42 -49.94 15.78
CA TYR B 325 -26.05 -51.33 15.57
C TYR B 325 -26.52 -51.75 14.19
N THR B 326 -25.72 -52.59 13.54
CA THR B 326 -26.00 -53.08 12.20
C THR B 326 -25.96 -54.60 12.23
N TRP B 327 -27.06 -55.22 11.83
CA TRP B 327 -27.15 -56.67 11.72
C TRP B 327 -26.97 -57.03 10.27
N GLY B 328 -26.12 -58.00 9.99
CA GLY B 328 -25.69 -58.30 8.63
C GLY B 328 -26.75 -58.13 7.56
N ASN B 329 -26.47 -57.25 6.60
CA ASN B 329 -27.31 -56.91 5.46
C ASN B 329 -28.57 -56.15 5.84
N HIS B 330 -28.77 -55.83 7.11
CA HIS B 330 -29.91 -54.99 7.46
C HIS B 330 -29.48 -53.53 7.56
N PRO B 331 -30.38 -52.57 7.30
CA PRO B 331 -29.99 -51.17 7.45
C PRO B 331 -29.60 -50.87 8.88
N PRO B 332 -28.67 -49.94 9.10
CA PRO B 332 -28.31 -49.60 10.48
C PRO B 332 -29.49 -49.04 11.24
N LYS B 333 -29.62 -49.45 12.50
CA LYS B 333 -30.65 -48.97 13.40
C LYS B 333 -29.99 -48.20 14.54
N ARG B 334 -30.62 -47.10 14.95
CA ARG B 334 -30.12 -46.27 16.03
C ARG B 334 -31.12 -46.27 17.17
N VAL B 335 -30.61 -46.33 18.40
CA VAL B 335 -31.43 -46.31 19.60
C VAL B 335 -30.78 -45.44 20.65
N TRP B 336 -31.60 -44.86 21.52
CA TRP B 336 -31.15 -43.99 22.60
C TRP B 336 -31.81 -44.43 23.90
N ALA B 337 -31.08 -44.26 25.00
CA ALA B 337 -31.56 -44.64 26.32
C ALA B 337 -32.13 -43.43 27.04
N GLN B 338 -33.31 -43.60 27.64
CA GLN B 338 -33.95 -42.55 28.42
C GLN B 338 -33.54 -42.66 29.88
N GLU B 339 -33.72 -41.55 30.61
CA GLU B 339 -33.34 -41.50 32.02
C GLU B 339 -34.46 -42.09 32.89
N SER B 340 -34.69 -43.39 32.70
CA SER B 340 -35.75 -44.11 33.38
C SER B 340 -35.22 -45.00 34.49
N GLY B 341 -34.13 -44.61 35.14
CA GLY B 341 -33.55 -45.45 36.16
C GLY B 341 -34.47 -45.63 37.35
N GLU B 342 -34.16 -46.66 38.15
CA GLU B 342 -34.94 -46.98 39.32
C GLU B 342 -34.61 -46.04 40.47
N GLY B 343 -35.59 -45.87 41.36
CA GLY B 343 -35.46 -45.02 42.53
C GLY B 343 -36.56 -43.98 42.58
N ASN B 344 -36.52 -43.19 43.65
CA ASN B 344 -37.48 -42.11 43.87
C ASN B 344 -36.73 -40.90 44.40
N PRO B 345 -36.43 -39.91 43.56
CA PRO B 345 -35.67 -38.75 44.04
C PRO B 345 -36.44 -37.87 45.02
N HIS B 346 -37.73 -38.13 45.22
CA HIS B 346 -38.55 -37.34 46.14
C HIS B 346 -38.86 -38.09 47.44
N GLY B 347 -38.26 -39.25 47.65
CA GLY B 347 -38.52 -40.07 48.81
C GLY B 347 -37.50 -39.90 49.90
N TRP B 348 -37.32 -40.96 50.69
CA TRP B 348 -36.38 -40.96 51.79
C TRP B 348 -34.95 -40.94 51.26
N PRO B 349 -33.96 -40.64 52.11
CA PRO B 349 -32.57 -40.65 51.64
C PRO B 349 -32.18 -41.94 50.95
N HIS B 350 -32.71 -43.08 51.40
CA HIS B 350 -32.41 -44.35 50.74
C HIS B 350 -32.83 -44.32 49.28
N GLU B 351 -34.07 -43.88 49.02
CA GLU B 351 -34.56 -43.86 47.65
C GLU B 351 -33.90 -42.77 46.83
N VAL B 352 -33.57 -41.64 47.45
CA VAL B 352 -32.92 -40.54 46.72
C VAL B 352 -31.53 -40.97 46.28
N VAL B 353 -30.76 -41.56 47.20
CA VAL B 353 -29.42 -42.00 46.87
C VAL B 353 -29.48 -43.11 45.83
N VAL B 354 -30.44 -44.02 45.94
CA VAL B 354 -30.55 -45.08 44.94
C VAL B 354 -30.80 -44.49 43.56
N TYR B 355 -31.73 -43.53 43.46
CA TYR B 355 -32.04 -42.94 42.17
C TYR B 355 -30.81 -42.28 41.57
N TYR B 356 -30.14 -41.42 42.33
CA TYR B 356 -28.99 -40.71 41.76
C TYR B 356 -27.82 -41.65 41.49
N TYR B 357 -27.67 -42.71 42.28
CA TYR B 357 -26.62 -43.69 42.01
C TYR B 357 -26.87 -44.40 40.69
N ASN B 358 -28.11 -44.82 40.45
CA ASN B 358 -28.43 -45.47 39.18
C ASN B 358 -28.27 -44.51 38.00
N ARG B 359 -28.63 -43.24 38.19
CA ARG B 359 -28.53 -42.29 37.08
C ARG B 359 -27.10 -41.77 36.93
N TYR B 360 -26.40 -41.53 38.04
CA TYR B 360 -25.02 -41.04 38.02
C TYR B 360 -24.19 -41.85 39.01
N PRO B 361 -23.78 -43.07 38.64
CA PRO B 361 -23.02 -43.91 39.58
C PRO B 361 -21.75 -43.25 40.11
N LEU B 362 -20.86 -42.86 39.20
CA LEU B 362 -19.58 -42.30 39.63
C LEU B 362 -19.76 -40.96 40.32
N THR B 363 -20.59 -40.09 39.75
CA THR B 363 -20.81 -38.79 40.37
C THR B 363 -21.43 -38.92 41.75
N THR B 364 -22.36 -39.86 41.91
CA THR B 364 -22.96 -40.07 43.22
C THR B 364 -21.95 -40.57 44.23
N ILE B 365 -21.09 -41.50 43.83
CA ILE B 365 -20.08 -42.00 44.77
C ILE B 365 -19.12 -40.88 45.17
N ILE B 366 -18.64 -40.13 44.19
CA ILE B 366 -17.73 -39.02 44.49
C ILE B 366 -18.43 -37.98 45.36
N GLY B 367 -19.69 -37.67 45.05
CA GLY B 367 -20.42 -36.69 45.83
C GLY B 367 -20.58 -37.10 47.28
N LEU B 368 -21.00 -38.35 47.50
CA LEU B 368 -21.16 -38.81 48.87
C LEU B 368 -19.84 -38.82 49.63
N CYS B 369 -18.76 -39.27 48.98
CA CYS B 369 -17.47 -39.26 49.66
C CYS B 369 -17.04 -37.83 49.99
N THR B 370 -17.24 -36.90 49.06
CA THR B 370 -16.87 -35.50 49.31
C THR B 370 -17.71 -34.91 50.42
N CYS B 371 -19.01 -35.19 50.44
CA CYS B 371 -19.87 -34.71 51.51
C CYS B 371 -19.43 -35.26 52.86
N VAL B 372 -19.12 -36.55 52.92
CA VAL B 372 -18.66 -37.13 54.18
C VAL B 372 -17.36 -36.49 54.61
N ALA B 373 -16.44 -36.25 53.68
CA ALA B 373 -15.19 -35.60 54.03
C ALA B 373 -15.43 -34.19 54.57
N ILE B 374 -16.31 -33.43 53.92
CA ILE B 374 -16.61 -32.07 54.38
C ILE B 374 -17.27 -32.12 55.76
N ILE B 375 -18.18 -33.06 55.96
CA ILE B 375 -18.86 -33.18 57.25
C ILE B 375 -17.86 -33.52 58.34
N MET B 376 -16.99 -34.50 58.08
CA MET B 376 -16.00 -34.88 59.08
C MET B 376 -15.06 -33.73 59.41
N VAL B 377 -14.55 -33.05 58.38
CA VAL B 377 -13.64 -31.94 58.62
C VAL B 377 -14.34 -30.83 59.40
N SER B 378 -15.57 -30.51 59.04
CA SER B 378 -16.30 -29.45 59.72
C SER B 378 -16.61 -29.83 61.16
N CYS B 379 -17.08 -31.05 61.38
CA CYS B 379 -17.42 -31.48 62.74
C CYS B 379 -16.18 -31.56 63.61
N VAL B 380 -15.08 -32.10 63.09
CA VAL B 380 -13.85 -32.16 63.88
C VAL B 380 -13.37 -30.76 64.22
N THR B 381 -13.37 -29.86 63.23
CA THR B 381 -12.92 -28.50 63.49
C THR B 381 -13.81 -27.81 64.52
N SER B 382 -15.12 -27.95 64.38
CA SER B 382 -16.04 -27.31 65.33
C SER B 382 -15.92 -27.90 66.72
N VAL B 383 -15.79 -29.23 66.83
CA VAL B 383 -15.63 -29.86 68.14
C VAL B 383 -14.34 -29.41 68.78
N TRP B 384 -13.26 -29.34 68.00
CA TRP B 384 -12.00 -28.85 68.55
C TRP B 384 -12.11 -27.40 69.01
N LEU B 385 -12.76 -26.56 68.19
CA LEU B 385 -12.94 -25.16 68.57
C LEU B 385 -13.75 -25.04 69.85
N LEU B 386 -14.80 -25.84 69.99
CA LEU B 386 -15.64 -25.76 71.18
C LEU B 386 -14.92 -26.30 72.41
N CYS B 387 -14.15 -27.39 72.26
CA CYS B 387 -13.39 -27.89 73.40
C CYS B 387 -12.33 -26.90 73.85
N ARG B 388 -11.62 -26.30 72.89
CA ARG B 388 -10.62 -25.28 73.22
C ARG B 388 -11.28 -24.09 73.89
N THR B 389 -12.41 -23.63 73.36
CA THR B 389 -13.14 -22.52 73.96
C THR B 389 -13.58 -22.87 75.37
N ARG B 390 -14.09 -24.08 75.58
CA ARG B 390 -14.54 -24.48 76.91
C ARG B 390 -13.37 -24.48 77.89
N ASN B 391 -12.22 -25.01 77.47
CA ASN B 391 -11.07 -25.01 78.35
C ASN B 391 -10.68 -23.58 78.72
N LEU B 392 -10.64 -22.68 77.73
CA LEU B 392 -10.31 -21.29 78.04
C LEU B 392 -11.35 -20.66 78.96
N CYS B 393 -12.63 -21.03 78.78
CA CYS B 393 -13.69 -20.45 79.60
C CYS B 393 -13.62 -20.91 81.04
N ILE B 394 -13.34 -22.20 81.28
CA ILE B 394 -13.37 -22.73 82.63
C ILE B 394 -12.02 -22.61 83.35
N THR B 395 -10.91 -22.64 82.64
CA THR B 395 -9.60 -22.55 83.28
C THR B 395 -9.49 -21.37 84.24
N PRO B 396 -9.97 -20.17 83.93
CA PRO B 396 -9.86 -19.07 84.89
C PRO B 396 -10.50 -19.36 86.23
N TYR B 397 -11.48 -20.28 86.28
CA TYR B 397 -12.14 -20.63 87.52
C TYR B 397 -11.62 -21.94 88.13
N LYS B 398 -11.14 -22.86 87.29
CA LYS B 398 -10.57 -24.09 87.83
C LYS B 398 -9.34 -23.81 88.68
N LEU B 399 -8.60 -22.75 88.34
CA LEU B 399 -7.43 -22.34 89.10
C LEU B 399 -7.78 -21.45 90.29
N ALA B 400 -9.07 -21.20 90.54
CA ALA B 400 -9.52 -20.38 91.67
C ALA B 400 -10.57 -21.17 92.42
N PRO B 401 -10.16 -22.08 93.30
CA PRO B 401 -11.12 -22.96 94.00
C PRO B 401 -12.27 -22.23 94.67
N ASN B 402 -12.09 -20.98 95.12
CA ASN B 402 -13.15 -20.24 95.78
C ASN B 402 -13.84 -19.23 94.86
N ALA B 403 -13.59 -19.29 93.55
CA ALA B 403 -14.21 -18.36 92.64
C ALA B 403 -15.73 -18.53 92.60
N GLN B 404 -16.42 -17.47 92.19
CA GLN B 404 -17.88 -17.49 92.17
C GLN B 404 -18.41 -18.48 91.14
N VAL B 405 -17.74 -18.61 90.00
CA VAL B 405 -18.24 -19.45 88.91
C VAL B 405 -19.63 -18.99 88.52
N PRO B 406 -19.76 -17.91 87.74
CA PRO B 406 -21.08 -17.39 87.41
C PRO B 406 -22.02 -18.46 86.86
N ILE B 407 -23.31 -18.31 87.18
CA ILE B 407 -24.30 -19.31 86.78
C ILE B 407 -24.36 -19.43 85.27
N LEU B 408 -24.34 -18.29 84.56
CA LEU B 408 -24.36 -18.35 83.10
C LEU B 408 -23.16 -19.09 82.56
N LEU B 409 -21.98 -18.83 83.11
CA LEU B 409 -20.78 -19.56 82.68
C LEU B 409 -20.87 -21.02 83.08
N ALA B 410 -21.44 -21.31 84.26
CA ALA B 410 -21.60 -22.69 84.68
C ALA B 410 -22.51 -23.47 83.75
N LEU B 411 -23.48 -22.79 83.12
CA LEU B 411 -24.42 -23.46 82.23
C LEU B 411 -23.91 -23.51 80.78
N LEU B 412 -23.21 -22.47 80.34
CA LEU B 412 -22.72 -22.41 78.97
C LEU B 412 -21.35 -23.06 78.79
N CYS B 413 -20.51 -23.06 79.82
CA CYS B 413 -19.16 -23.62 79.73
C CYS B 413 -18.97 -24.88 80.55
N CYS B 414 -19.56 -24.95 81.75
CA CYS B 414 -19.34 -26.10 82.62
C CYS B 414 -20.42 -27.15 82.41
N ASP C 1 7.57 -29.01 103.79
CA ASP C 1 7.84 -28.05 102.73
C ASP C 1 6.68 -27.99 101.74
N LYS C 2 6.33 -26.77 101.32
CA LYS C 2 5.26 -26.56 100.35
C LYS C 2 5.77 -26.06 99.00
N THR C 3 7.06 -25.76 98.89
CA THR C 3 7.68 -25.35 97.64
C THR C 3 8.75 -26.37 97.30
N PHE C 4 8.77 -26.83 96.05
CA PHE C 4 9.70 -27.88 95.63
C PHE C 4 10.49 -27.41 94.41
N PRO C 5 11.82 -27.47 94.46
CA PRO C 5 12.60 -27.04 93.30
C PRO C 5 12.43 -27.97 92.11
N ILE C 6 12.57 -27.40 90.93
CA ILE C 6 12.51 -28.14 89.67
C ILE C 6 13.91 -28.12 89.06
N MET C 7 14.47 -29.30 88.81
CA MET C 7 15.81 -29.43 88.28
C MET C 7 15.81 -30.33 87.06
N LEU C 8 16.49 -29.90 86.00
CA LEU C 8 16.59 -30.66 84.77
C LEU C 8 17.85 -31.51 84.71
N ASN C 9 19.01 -30.91 85.02
CA ASN C 9 20.30 -31.59 85.00
C ASN C 9 21.02 -31.42 86.32
N GLY C 10 20.27 -31.21 87.41
CA GLY C 10 20.84 -30.97 88.71
C GLY C 10 20.86 -29.51 89.10
N GLN C 11 20.62 -28.60 88.16
CA GLN C 11 20.53 -27.18 88.43
C GLN C 11 19.07 -26.79 88.59
N VAL C 12 18.82 -25.79 89.42
CA VAL C 12 17.45 -25.36 89.69
C VAL C 12 16.96 -24.50 88.54
N ASN C 13 15.89 -24.96 87.88
CA ASN C 13 15.29 -24.24 86.77
C ASN C 13 14.07 -23.42 87.20
N GLY C 14 13.45 -23.79 88.31
CA GLY C 14 12.28 -23.08 88.81
C GLY C 14 11.77 -23.77 90.05
N TYR C 15 10.65 -23.27 90.56
CA TYR C 15 10.03 -23.83 91.75
C TYR C 15 8.56 -24.15 91.49
N ALA C 16 8.08 -25.15 92.20
CA ALA C 16 6.67 -25.54 92.20
C ALA C 16 6.10 -25.28 93.59
N CYS C 17 4.81 -24.97 93.64
CA CYS C 17 4.14 -24.71 94.92
C CYS C 17 2.74 -25.31 94.88
N VAL C 18 2.24 -25.62 96.08
CA VAL C 18 0.91 -26.19 96.26
C VAL C 18 0.02 -25.08 96.80
N VAL C 19 -0.93 -24.63 96.00
CA VAL C 19 -1.81 -23.51 96.35
C VAL C 19 -3.25 -23.97 96.17
N GLY C 20 -4.04 -23.87 97.24
CA GLY C 20 -5.45 -24.18 97.16
C GLY C 20 -5.79 -25.62 96.89
N GLY C 21 -4.80 -26.51 96.91
CA GLY C 21 -5.00 -27.91 96.60
C GLY C 21 -4.52 -28.33 95.24
N ARG C 22 -3.86 -27.43 94.50
CA ARG C 22 -3.33 -27.74 93.18
C ARG C 22 -1.83 -27.46 93.17
N VAL C 23 -1.10 -28.24 92.38
CA VAL C 23 0.34 -28.05 92.18
C VAL C 23 0.53 -27.13 90.97
N PHE C 24 1.32 -26.09 91.15
CA PHE C 24 1.55 -25.10 90.10
C PHE C 24 3.03 -25.05 89.71
N LYS C 25 3.27 -24.95 88.40
CA LYS C 25 4.62 -24.73 87.89
C LYS C 25 4.50 -24.06 86.53
N PRO C 26 5.45 -23.20 86.16
CA PRO C 26 5.39 -22.56 84.84
C PRO C 26 5.66 -23.54 83.71
N LEU C 27 5.15 -23.20 82.53
CA LEU C 27 5.39 -24.02 81.35
C LEU C 27 6.86 -23.98 80.94
N HIS C 28 7.50 -22.82 81.06
CA HIS C 28 8.88 -22.66 80.60
C HIS C 28 9.91 -23.31 81.51
N VAL C 29 9.50 -23.81 82.68
CA VAL C 29 10.44 -24.46 83.59
C VAL C 29 10.55 -25.92 83.19
N GLU C 30 11.76 -26.33 82.80
CA GLU C 30 12.04 -27.70 82.41
C GLU C 30 12.71 -28.44 83.56
N GLY C 31 12.50 -29.75 83.59
CA GLY C 31 13.06 -30.62 84.61
C GLY C 31 11.99 -31.35 85.37
N ARG C 32 12.41 -32.05 86.43
CA ARG C 32 11.54 -32.86 87.26
C ARG C 32 11.51 -32.31 88.68
N ILE C 33 10.35 -32.39 89.31
CA ILE C 33 10.21 -31.99 90.70
C ILE C 33 10.90 -33.01 91.59
N ASP C 34 11.63 -32.52 92.60
CA ASP C 34 12.38 -33.42 93.47
C ASP C 34 11.45 -34.38 94.21
N ASN C 35 10.23 -33.95 94.52
CA ASN C 35 9.26 -34.80 95.19
C ASN C 35 8.64 -35.73 94.16
N GLU C 36 8.92 -37.03 94.27
CA GLU C 36 8.37 -37.98 93.32
C GLU C 36 6.85 -38.05 93.38
N GLN C 37 6.28 -37.73 94.55
CA GLN C 37 4.82 -37.75 94.67
C GLN C 37 4.17 -36.71 93.75
N LEU C 38 4.85 -35.59 93.52
CA LEU C 38 4.34 -34.57 92.62
C LEU C 38 4.82 -34.76 91.18
N ALA C 39 6.06 -35.21 91.00
CA ALA C 39 6.59 -35.38 89.65
C ALA C 39 5.82 -36.42 88.86
N ALA C 40 5.25 -37.41 89.53
CA ALA C 40 4.49 -38.46 88.85
C ALA C 40 3.10 -38.02 88.44
N ILE C 41 2.67 -36.81 88.83
CA ILE C 41 1.34 -36.33 88.49
C ILE C 41 1.33 -35.82 87.06
N LYS C 42 0.33 -36.22 86.29
CA LYS C 42 0.13 -35.69 84.95
C LYS C 42 -0.45 -34.29 85.06
N LEU C 43 0.24 -33.30 84.48
CA LEU C 43 -0.14 -31.91 84.60
C LEU C 43 -0.81 -31.41 83.33
N LYS C 44 -1.87 -30.62 83.51
CA LYS C 44 -2.57 -30.02 82.39
C LYS C 44 -1.86 -28.74 81.94
N LYS C 45 -1.81 -28.53 80.64
CA LYS C 45 -1.10 -27.39 80.06
C LYS C 45 -2.07 -26.22 79.89
N ALA C 46 -2.04 -25.29 80.85
CA ALA C 46 -2.84 -24.07 80.77
C ALA C 46 -2.02 -22.98 80.08
N SER C 47 -1.90 -23.12 78.75
CA SER C 47 -1.13 -22.17 77.97
C SER C 47 -1.66 -20.75 78.10
N ILE C 48 -2.92 -20.58 78.50
CA ILE C 48 -3.46 -19.24 78.71
C ILE C 48 -2.66 -18.49 79.76
N TYR C 49 -2.14 -19.19 80.78
CA TYR C 49 -1.42 -18.56 81.88
C TYR C 49 0.01 -19.06 82.03
N ASP C 50 0.51 -19.85 81.09
CA ASP C 50 1.86 -20.41 81.18
C ASP C 50 2.05 -21.17 82.50
N LEU C 51 1.06 -21.98 82.85
CA LEU C 51 1.10 -22.76 84.08
C LEU C 51 0.67 -24.20 83.82
N GLU C 52 1.38 -25.14 84.46
CA GLU C 52 0.99 -26.54 84.51
C GLU C 52 0.36 -26.80 85.87
N TYR C 53 -0.73 -27.56 85.90
CA TYR C 53 -1.41 -27.83 87.16
C TYR C 53 -1.95 -29.25 87.20
N GLY C 54 -2.15 -29.73 88.42
CA GLY C 54 -2.68 -31.07 88.67
C GLY C 54 -3.28 -31.13 90.06
N ASP C 55 -3.87 -32.27 90.36
CA ASP C 55 -4.54 -32.50 91.64
C ASP C 55 -3.53 -33.02 92.66
N VAL C 56 -3.56 -32.43 93.85
CA VAL C 56 -2.63 -32.82 94.92
C VAL C 56 -3.00 -34.23 95.41
N PRO C 57 -2.04 -35.15 95.52
CA PRO C 57 -2.37 -36.48 96.04
C PRO C 57 -2.90 -36.41 97.46
N GLN C 58 -3.76 -37.37 97.80
CA GLN C 58 -4.33 -37.42 99.14
C GLN C 58 -3.25 -37.46 100.22
N CYS C 59 -2.11 -38.09 99.93
CA CYS C 59 -1.02 -38.13 100.89
C CYS C 59 -0.34 -36.78 101.05
N MET C 60 -0.52 -35.86 100.09
CA MET C 60 0.08 -34.54 100.14
C MET C 60 -0.94 -33.43 100.38
N LYS C 61 -2.21 -33.79 100.62
CA LYS C 61 -3.25 -32.78 100.77
C LYS C 61 -2.96 -31.81 101.91
N SER C 62 -2.26 -32.28 102.95
CA SER C 62 -1.97 -31.41 104.09
C SER C 62 -0.95 -30.32 103.75
N ASP C 63 -0.10 -30.54 102.75
CA ASP C 63 0.91 -29.56 102.35
C ASP C 63 0.35 -28.61 101.29
N THR C 64 -0.69 -27.87 101.69
CA THR C 64 -1.38 -26.95 100.79
C THR C 64 -1.38 -25.55 101.38
N LEU C 65 -1.04 -24.57 100.55
CA LEU C 65 -1.05 -23.17 100.96
C LEU C 65 -2.40 -22.53 100.64
N GLN C 66 -2.92 -21.77 101.60
CA GLN C 66 -4.13 -20.99 101.37
C GLN C 66 -3.82 -19.77 100.51
N TYR C 67 -4.78 -19.41 99.64
CA TYR C 67 -4.64 -18.24 98.80
C TYR C 67 -5.84 -17.32 99.00
N THR C 68 -5.70 -16.08 98.56
CA THR C 68 -6.76 -15.09 98.68
C THR C 68 -6.65 -14.08 97.55
N SER C 69 -7.79 -13.46 97.22
CA SER C 69 -7.85 -12.41 96.22
C SER C 69 -7.78 -11.01 96.82
N ASP C 70 -7.83 -10.89 98.14
CA ASP C 70 -7.78 -9.59 98.82
C ASP C 70 -6.32 -9.18 98.93
N LYS C 71 -5.86 -8.36 97.99
CA LYS C 71 -4.46 -7.93 97.91
C LYS C 71 -4.42 -6.40 97.89
N PRO C 72 -4.58 -5.76 99.05
CA PRO C 72 -4.50 -4.30 99.10
C PRO C 72 -3.08 -3.83 98.90
N PRO C 73 -2.87 -2.57 98.53
CA PRO C 73 -1.50 -2.05 98.37
C PRO C 73 -0.72 -2.17 99.67
N GLY C 74 0.55 -2.52 99.54
CA GLY C 74 1.40 -2.72 100.70
C GLY C 74 2.59 -3.60 100.35
N PHE C 75 3.16 -4.21 101.38
CA PHE C 75 4.34 -5.06 101.26
C PHE C 75 3.97 -6.51 101.51
N TYR C 76 4.54 -7.40 100.69
CA TYR C 76 4.29 -8.84 100.78
C TYR C 76 5.62 -9.56 100.89
N ASN C 77 5.57 -10.79 101.40
CA ASN C 77 6.77 -11.58 101.64
C ASN C 77 6.91 -12.70 100.63
N TRP C 78 8.16 -13.04 100.33
CA TRP C 78 8.48 -14.22 99.53
C TRP C 78 9.89 -14.67 99.90
N HIS C 79 10.35 -15.73 99.23
CA HIS C 79 11.63 -16.34 99.61
C HIS C 79 12.81 -15.39 99.59
N HIS C 80 12.75 -14.31 98.80
CA HIS C 80 13.85 -13.36 98.76
C HIS C 80 13.62 -12.13 99.64
N GLY C 81 12.52 -12.08 100.40
CA GLY C 81 12.28 -10.97 101.29
C GLY C 81 10.93 -10.30 101.10
N ALA C 82 10.90 -8.98 101.25
CA ALA C 82 9.68 -8.21 101.07
C ALA C 82 9.44 -7.89 99.60
N VAL C 83 8.17 -7.77 99.24
CA VAL C 83 7.73 -7.41 97.90
C VAL C 83 6.73 -6.27 98.02
N GLN C 84 6.93 -5.22 97.23
CA GLN C 84 6.06 -4.05 97.27
C GLN C 84 5.07 -4.11 96.10
N TYR C 85 3.79 -3.96 96.42
CA TYR C 85 2.72 -3.98 95.44
C TYR C 85 1.98 -2.66 95.47
N GLU C 86 1.93 -1.96 94.33
CA GLU C 86 1.24 -0.69 94.23
C GLU C 86 0.77 -0.48 92.80
N ASN C 87 -0.34 0.25 92.66
CA ASN C 87 -0.90 0.58 91.36
C ASN C 87 -1.08 -0.66 90.49
N ASN C 88 -1.54 -1.74 91.11
CA ASN C 88 -1.76 -3.01 90.42
C ASN C 88 -0.47 -3.57 89.83
N ARG C 89 0.67 -3.25 90.45
CA ARG C 89 1.97 -3.71 89.99
C ARG C 89 2.76 -4.30 91.15
N PHE C 90 3.41 -5.42 90.89
CA PHE C 90 4.29 -6.07 91.86
C PHE C 90 5.73 -5.72 91.54
N THR C 91 6.46 -5.22 92.53
CA THR C 91 7.81 -4.72 92.32
C THR C 91 8.74 -5.20 93.43
N VAL C 92 9.99 -5.50 93.03
CA VAL C 92 11.04 -5.85 93.98
C VAL C 92 12.27 -5.01 93.65
N PRO C 93 13.16 -4.79 94.62
CA PRO C 93 14.39 -4.06 94.33
C PRO C 93 15.23 -4.80 93.29
N ARG C 94 15.94 -4.02 92.48
CA ARG C 94 16.76 -4.62 91.44
C ARG C 94 17.81 -5.54 92.05
N GLY C 95 17.99 -6.70 91.43
CA GLY C 95 18.92 -7.70 91.91
C GLY C 95 18.32 -8.72 92.85
N VAL C 96 17.07 -8.52 93.27
CA VAL C 96 16.40 -9.46 94.17
C VAL C 96 15.58 -10.40 93.28
N GLY C 97 16.11 -11.60 93.07
CA GLY C 97 15.47 -12.57 92.20
C GLY C 97 16.01 -12.53 90.78
N GLY C 98 15.81 -13.63 90.08
CA GLY C 98 16.29 -13.75 88.72
C GLY C 98 15.91 -15.08 88.13
N LYS C 99 16.62 -15.46 87.06
CA LYS C 99 16.34 -16.73 86.40
C LYS C 99 16.43 -17.87 87.40
N GLY C 100 15.39 -18.72 87.39
CA GLY C 100 15.29 -19.81 88.33
C GLY C 100 14.31 -19.57 89.46
N ASP C 101 13.87 -18.32 89.66
CA ASP C 101 12.96 -17.97 90.73
C ASP C 101 11.50 -17.98 90.30
N SER C 102 11.21 -18.30 89.04
CA SER C 102 9.82 -18.38 88.62
C SER C 102 9.12 -19.54 89.33
N GLY C 103 7.84 -19.32 89.63
CA GLY C 103 7.05 -20.29 90.37
C GLY C 103 7.02 -20.08 91.86
N ARG C 104 7.83 -19.17 92.40
CA ARG C 104 7.78 -18.88 93.82
C ARG C 104 6.47 -18.16 94.16
N PRO C 105 5.87 -18.46 95.31
CA PRO C 105 4.65 -17.75 95.72
C PRO C 105 4.96 -16.51 96.54
N ILE C 106 3.99 -15.59 96.53
CA ILE C 106 4.06 -14.35 97.31
C ILE C 106 2.98 -14.42 98.37
N LEU C 107 3.35 -14.18 99.63
CA LEU C 107 2.46 -14.34 100.76
C LEU C 107 2.18 -13.00 101.42
N ASP C 108 0.96 -12.87 101.94
CA ASP C 108 0.52 -11.66 102.62
C ASP C 108 0.88 -11.75 104.11
N ASN C 109 0.33 -10.83 104.91
CA ASN C 109 0.60 -10.81 106.34
C ASN C 109 -0.01 -12.00 107.08
N LYS C 110 -0.91 -12.75 106.44
CA LYS C 110 -1.52 -13.91 107.06
C LYS C 110 -1.02 -15.23 106.50
N GLY C 111 0.02 -15.18 105.65
CA GLY C 111 0.54 -16.40 105.07
C GLY C 111 -0.25 -16.96 103.92
N ARG C 112 -1.11 -16.15 103.30
CA ARG C 112 -1.91 -16.58 102.17
C ARG C 112 -1.21 -16.18 100.87
N VAL C 113 -1.18 -17.10 99.91
CA VAL C 113 -0.54 -16.83 98.63
C VAL C 113 -1.41 -15.88 97.82
N VAL C 114 -0.81 -14.78 97.37
CA VAL C 114 -1.51 -13.80 96.55
C VAL C 114 -1.07 -13.81 95.09
N ALA C 115 0.10 -14.37 94.78
CA ALA C 115 0.57 -14.38 93.40
C ALA C 115 1.65 -15.44 93.22
N ILE C 116 1.87 -15.80 91.96
CA ILE C 116 2.93 -16.71 91.54
C ILE C 116 3.79 -15.97 90.53
N VAL C 117 5.11 -15.95 90.75
CA VAL C 117 6.02 -15.17 89.94
C VAL C 117 6.43 -15.97 88.72
N LEU C 118 6.28 -15.36 87.53
CA LEU C 118 6.70 -15.94 86.27
C LEU C 118 7.97 -15.31 85.72
N GLY C 119 8.17 -14.01 85.95
CA GLY C 119 9.33 -13.32 85.43
C GLY C 119 9.31 -11.90 85.92
N GLY C 120 10.03 -11.02 85.22
CA GLY C 120 10.03 -9.64 85.65
C GLY C 120 10.77 -8.73 84.68
N VAL C 121 10.66 -7.43 84.96
CA VAL C 121 11.30 -6.38 84.19
C VAL C 121 12.10 -5.52 85.14
N ASN C 122 13.36 -5.25 84.79
CA ASN C 122 14.20 -4.37 85.60
C ASN C 122 13.91 -2.93 85.20
N GLU C 123 13.34 -2.17 86.13
CA GLU C 123 12.98 -0.76 85.90
C GLU C 123 13.84 0.10 86.81
N GLY C 124 15.06 0.40 86.35
CA GLY C 124 15.96 1.21 87.15
C GLY C 124 16.27 0.55 88.47
N SER C 125 16.04 1.30 89.56
CA SER C 125 16.34 0.79 90.90
C SER C 125 15.42 -0.33 91.34
N ARG C 126 14.33 -0.60 90.61
CA ARG C 126 13.38 -1.62 90.99
C ARG C 126 13.11 -2.55 89.81
N THR C 127 12.71 -3.78 90.12
CA THR C 127 12.36 -4.79 89.13
C THR C 127 10.88 -5.11 89.27
N ALA C 128 10.13 -4.97 88.18
CA ALA C 128 8.73 -5.34 88.14
C ALA C 128 8.61 -6.82 87.81
N LEU C 129 7.64 -7.50 88.44
CA LEU C 129 7.46 -8.93 88.31
C LEU C 129 6.23 -9.26 87.46
N SER C 130 6.38 -10.25 86.59
CA SER C 130 5.24 -10.86 85.91
C SER C 130 4.66 -11.92 86.84
N VAL C 131 3.38 -11.77 87.21
CA VAL C 131 2.76 -12.65 88.18
C VAL C 131 1.37 -13.08 87.70
N VAL C 132 0.93 -14.22 88.23
CA VAL C 132 -0.41 -14.73 88.02
C VAL C 132 -1.20 -14.43 89.28
N THR C 133 -2.24 -13.62 89.15
CA THR C 133 -3.02 -13.16 90.30
C THR C 133 -4.50 -13.32 90.00
N TRP C 134 -5.30 -13.15 91.05
CA TRP C 134 -6.74 -13.18 90.97
C TRP C 134 -7.28 -11.75 91.09
N ASN C 135 -8.20 -11.40 90.21
CA ASN C 135 -8.73 -10.04 90.18
C ASN C 135 -9.66 -9.82 91.38
N GLN C 136 -10.28 -8.64 91.42
CA GLN C 136 -11.16 -8.31 92.53
C GLN C 136 -12.31 -9.27 92.68
N LYS C 137 -12.63 -10.05 91.65
CA LYS C 137 -13.66 -11.07 91.71
C LYS C 137 -13.09 -12.47 91.90
N GLY C 138 -11.78 -12.59 92.10
CA GLY C 138 -11.16 -13.89 92.30
C GLY C 138 -10.90 -14.70 91.04
N VAL C 139 -10.92 -14.07 89.87
CA VAL C 139 -10.70 -14.77 88.61
C VAL C 139 -9.21 -14.74 88.28
N THR C 140 -8.66 -15.90 87.91
CA THR C 140 -7.24 -15.99 87.61
C THR C 140 -6.89 -15.16 86.38
N VAL C 141 -5.84 -14.34 86.51
CA VAL C 141 -5.36 -13.52 85.41
C VAL C 141 -3.84 -13.52 85.43
N LYS C 142 -3.27 -13.14 84.29
CA LYS C 142 -1.82 -13.07 84.11
C LYS C 142 -1.42 -11.61 83.89
N ASP C 143 -0.54 -11.11 84.75
CA ASP C 143 -0.02 -9.74 84.65
C ASP C 143 1.39 -9.80 84.11
N THR C 144 1.62 -9.14 82.97
CA THR C 144 2.92 -9.19 82.29
C THR C 144 3.36 -7.79 81.91
N PRO C 145 4.29 -7.19 82.66
CA PRO C 145 4.87 -5.91 82.22
C PRO C 145 5.57 -6.08 80.87
N GLU C 146 5.49 -5.04 80.05
CA GLU C 146 6.05 -5.10 78.71
C GLU C 146 7.54 -5.42 78.78
N GLY C 147 7.98 -6.41 77.99
CA GLY C 147 9.37 -6.80 77.96
C GLY C 147 9.79 -7.76 79.06
N SER C 148 8.87 -8.28 79.85
CA SER C 148 9.22 -9.17 80.94
C SER C 148 9.91 -10.43 80.42
N GLU C 149 11.00 -10.80 81.09
CA GLU C 149 11.77 -11.98 80.75
C GLU C 149 11.38 -13.13 81.67
N PRO C 150 10.97 -14.28 81.15
CA PRO C 150 10.64 -15.41 82.04
C PRO C 150 11.84 -15.84 82.85
N TRP C 151 11.60 -16.11 84.13
CA TRP C 151 12.67 -16.54 85.04
C TRP C 151 12.64 -18.06 85.22
N TYR D 1 26.06 -51.50 -3.14
CA TYR D 1 26.50 -50.87 -1.90
C TYR D 1 25.75 -49.56 -1.69
N GLU D 2 25.08 -49.44 -0.55
CA GLU D 2 24.31 -48.24 -0.23
C GLU D 2 25.20 -47.19 0.42
N HIS D 3 25.22 -45.99 -0.18
CA HIS D 3 25.91 -44.84 0.38
C HIS D 3 24.86 -43.83 0.83
N THR D 4 24.90 -43.48 2.12
CA THR D 4 23.98 -42.51 2.70
C THR D 4 24.72 -41.27 3.16
N ALA D 5 24.14 -40.11 2.91
CA ALA D 5 24.74 -38.84 3.28
C ALA D 5 23.66 -37.76 3.24
N VAL D 6 24.06 -36.54 3.57
CA VAL D 6 23.17 -35.38 3.52
C VAL D 6 23.82 -34.32 2.63
N MET D 7 23.07 -33.86 1.64
CA MET D 7 23.55 -32.83 0.73
C MET D 7 22.73 -31.56 0.89
N PRO D 8 23.34 -30.38 0.72
CA PRO D 8 22.57 -29.14 0.83
C PRO D 8 21.59 -28.98 -0.32
N ASN D 9 20.48 -28.31 -0.03
CA ASN D 9 19.44 -28.07 -1.03
C ASN D 9 19.84 -26.88 -1.90
N LYS D 10 20.84 -27.13 -2.75
CA LYS D 10 21.37 -26.14 -3.68
C LYS D 10 21.26 -26.68 -5.10
N VAL D 11 20.95 -25.79 -6.04
CA VAL D 11 20.79 -26.15 -7.44
C VAL D 11 22.00 -25.60 -8.20
N GLY D 12 22.62 -26.46 -9.00
CA GLY D 12 23.80 -26.10 -9.75
C GLY D 12 25.11 -26.33 -9.02
N ILE D 13 25.06 -26.61 -7.73
CA ILE D 13 26.26 -26.90 -6.94
C ILE D 13 26.32 -28.42 -6.74
N PRO D 14 27.27 -29.12 -7.34
CA PRO D 14 27.30 -30.58 -7.22
C PRO D 14 27.79 -31.03 -5.86
N TYR D 15 27.20 -32.13 -5.38
CA TYR D 15 27.65 -32.80 -4.17
C TYR D 15 28.61 -33.92 -4.54
N LYS D 16 29.79 -33.92 -3.92
CA LYS D 16 30.83 -34.90 -4.22
C LYS D 16 31.16 -35.70 -2.97
N ALA D 17 31.36 -37.01 -3.17
CA ALA D 17 31.71 -37.89 -2.06
C ALA D 17 32.38 -39.13 -2.62
N LEU D 18 33.11 -39.83 -1.75
CA LEU D 18 33.74 -41.09 -2.09
C LEU D 18 32.95 -42.23 -1.44
N VAL D 19 32.48 -43.16 -2.26
CA VAL D 19 31.81 -44.35 -1.76
C VAL D 19 32.89 -45.37 -1.41
N GLU D 20 33.09 -45.60 -0.11
CA GLU D 20 34.15 -46.48 0.38
C GLU D 20 33.53 -47.80 0.79
N ARG D 21 33.66 -48.81 -0.08
CA ARG D 21 33.17 -50.14 0.21
C ARG D 21 34.32 -50.99 0.73
N PRO D 22 34.23 -51.53 1.95
CA PRO D 22 35.35 -52.31 2.49
C PRO D 22 35.84 -53.37 1.51
N GLY D 23 37.15 -53.38 1.28
CA GLY D 23 37.77 -54.32 0.38
C GLY D 23 37.88 -53.85 -1.06
N TYR D 24 37.26 -52.72 -1.42
CA TYR D 24 37.28 -52.20 -2.77
C TYR D 24 37.79 -50.77 -2.78
N ALA D 25 38.40 -50.38 -3.89
CA ALA D 25 38.91 -49.03 -4.02
C ALA D 25 37.75 -48.03 -4.02
N PRO D 26 37.97 -46.83 -3.48
CA PRO D 26 36.88 -45.84 -3.44
C PRO D 26 36.36 -45.54 -4.83
N VAL D 27 35.04 -45.38 -4.92
CA VAL D 27 34.35 -45.01 -6.15
C VAL D 27 33.84 -43.58 -5.96
N HIS D 28 34.29 -42.67 -6.83
CA HIS D 28 33.87 -41.29 -6.73
C HIS D 28 32.41 -41.16 -7.14
N LEU D 29 31.63 -40.44 -6.34
CA LEU D 29 30.21 -40.22 -6.58
C LEU D 29 29.94 -38.73 -6.60
N GLN D 30 29.20 -38.28 -7.61
CA GLN D 30 28.85 -36.87 -7.75
C GLN D 30 27.36 -36.76 -8.05
N ILE D 31 26.63 -36.07 -7.18
CA ILE D 31 25.19 -35.89 -7.30
C ILE D 31 24.91 -34.41 -7.41
N GLN D 32 24.25 -33.99 -8.48
CA GLN D 32 23.91 -32.60 -8.71
C GLN D 32 22.42 -32.48 -9.00
N LEU D 33 21.75 -31.54 -8.33
CA LEU D 33 20.35 -31.28 -8.61
C LEU D 33 20.23 -30.33 -9.79
N VAL D 34 19.42 -30.71 -10.78
CA VAL D 34 19.17 -29.83 -11.91
C VAL D 34 18.09 -28.82 -11.57
N ASN D 35 17.04 -29.26 -10.88
CA ASN D 35 16.03 -28.34 -10.38
C ASN D 35 15.28 -29.02 -9.25
N THR D 36 14.69 -28.19 -8.38
CA THR D 36 13.87 -28.65 -7.27
C THR D 36 12.53 -27.95 -7.38
N ARG D 37 11.45 -28.72 -7.35
CA ARG D 37 10.11 -28.18 -7.57
C ARG D 37 9.20 -28.55 -6.41
N ILE D 38 8.67 -27.54 -5.73
CA ILE D 38 7.67 -27.74 -4.70
C ILE D 38 6.32 -27.59 -5.38
N ILE D 39 5.58 -28.69 -5.50
CA ILE D 39 4.32 -28.70 -6.25
C ILE D 39 3.16 -28.85 -5.28
N PRO D 40 2.57 -27.76 -4.80
CA PRO D 40 1.46 -27.88 -3.86
C PRO D 40 0.18 -28.34 -4.57
N SER D 41 -0.74 -28.85 -3.76
CA SER D 41 -2.07 -29.25 -4.24
C SER D 41 -3.00 -28.04 -4.20
N THR D 42 -3.68 -27.78 -5.31
CA THR D 42 -4.53 -26.61 -5.42
C THR D 42 -5.95 -27.00 -5.83
N ASN D 43 -6.93 -26.27 -5.29
CA ASN D 43 -8.34 -26.44 -5.63
C ASN D 43 -8.86 -25.11 -6.14
N LEU D 44 -9.34 -25.08 -7.38
CA LEU D 44 -9.89 -23.86 -7.94
C LEU D 44 -11.15 -23.45 -7.19
N GLU D 45 -11.13 -22.25 -6.59
CA GLU D 45 -12.29 -21.77 -5.85
C GLU D 45 -13.28 -21.09 -6.79
N TYR D 46 -12.82 -20.14 -7.59
CA TYR D 46 -13.68 -19.44 -8.54
C TYR D 46 -12.79 -18.68 -9.52
N ILE D 47 -13.41 -18.21 -10.60
CA ILE D 47 -12.73 -17.43 -11.64
C ILE D 47 -13.32 -16.03 -11.67
N THR D 48 -12.45 -15.03 -11.67
CA THR D 48 -12.83 -13.63 -11.70
C THR D 48 -12.39 -13.02 -13.03
N CYS D 49 -13.24 -12.17 -13.61
CA CYS D 49 -12.90 -11.50 -14.86
C CYS D 49 -13.73 -10.25 -15.00
N LYS D 50 -13.41 -9.47 -16.04
CA LYS D 50 -14.17 -8.26 -16.33
C LYS D 50 -15.59 -8.61 -16.75
N TYR D 51 -16.57 -7.94 -16.14
CA TYR D 51 -17.96 -8.19 -16.46
C TYR D 51 -18.41 -7.43 -17.70
N LYS D 52 -19.49 -7.91 -18.30
CA LYS D 52 -20.18 -7.26 -19.41
C LYS D 52 -21.62 -7.00 -19.01
N THR D 53 -22.12 -5.78 -19.29
CA THR D 53 -23.49 -5.41 -18.96
C THR D 53 -24.37 -5.58 -20.19
N LYS D 54 -25.26 -6.57 -20.13
CA LYS D 54 -26.20 -6.86 -21.20
C LYS D 54 -27.51 -6.10 -20.95
N VAL D 55 -27.96 -5.35 -21.95
CA VAL D 55 -29.14 -4.51 -21.80
C VAL D 55 -30.16 -4.82 -22.90
N PRO D 56 -31.15 -5.67 -22.67
CA PRO D 56 -32.15 -5.96 -23.70
C PRO D 56 -32.97 -4.74 -24.07
N SER D 57 -33.61 -4.84 -25.23
CA SER D 57 -34.45 -3.77 -25.76
C SER D 57 -35.53 -3.37 -24.74
N PRO D 58 -35.64 -2.09 -24.40
CA PRO D 58 -36.71 -1.66 -23.49
C PRO D 58 -38.10 -1.84 -24.09
N VAL D 59 -39.05 -2.20 -23.22
CA VAL D 59 -40.47 -2.31 -23.58
C VAL D 59 -41.12 -0.93 -23.42
N VAL D 60 -41.43 -0.28 -24.55
CA VAL D 60 -42.09 1.02 -24.54
C VAL D 60 -43.60 0.79 -24.71
N LYS D 61 -44.34 0.83 -23.61
CA LYS D 61 -45.78 0.65 -23.62
C LYS D 61 -46.44 2.02 -23.76
N CYS D 62 -47.10 2.26 -24.89
CA CYS D 62 -47.80 3.52 -25.13
C CYS D 62 -49.24 3.47 -24.65
N CYS D 63 -49.67 4.56 -24.02
CA CYS D 63 -51.03 4.69 -23.51
C CYS D 63 -51.39 3.53 -22.58
N GLY D 64 -50.52 3.29 -21.61
CA GLY D 64 -50.73 2.20 -20.68
C GLY D 64 -49.56 2.10 -19.73
N ALA D 65 -49.46 0.94 -19.07
CA ALA D 65 -48.40 0.73 -18.10
C ALA D 65 -48.03 -0.74 -18.06
N THR D 66 -46.77 -1.00 -17.72
CA THR D 66 -46.25 -2.35 -17.55
C THR D 66 -45.63 -2.50 -16.17
N GLN D 67 -45.41 -3.76 -15.77
CA GLN D 67 -44.83 -4.08 -14.47
C GLN D 67 -43.62 -4.99 -14.63
N CYS D 68 -42.55 -4.67 -13.90
CA CYS D 68 -41.34 -5.48 -13.86
C CYS D 68 -41.55 -6.77 -13.07
N THR D 69 -40.87 -7.82 -13.51
CA THR D 69 -40.86 -9.12 -12.83
C THR D 69 -39.43 -9.55 -12.59
N SER D 70 -39.23 -10.29 -11.51
CA SER D 70 -37.91 -10.84 -11.19
C SER D 70 -37.53 -11.93 -12.19
N LYS D 71 -36.23 -12.04 -12.45
CA LYS D 71 -35.66 -13.04 -13.34
C LYS D 71 -34.36 -13.57 -12.75
N PRO D 72 -34.01 -14.82 -13.03
CA PRO D 72 -32.78 -15.42 -12.50
C PRO D 72 -31.52 -14.97 -13.25
N HIS D 73 -31.27 -13.66 -13.28
CA HIS D 73 -30.09 -13.14 -13.94
C HIS D 73 -29.19 -12.43 -12.93
N PRO D 74 -27.86 -12.54 -13.08
CA PRO D 74 -26.97 -11.89 -12.13
C PRO D 74 -27.18 -10.38 -12.07
N ASP D 75 -27.37 -9.87 -10.86
CA ASP D 75 -27.53 -8.43 -10.61
C ASP D 75 -28.64 -7.84 -11.47
N TYR D 76 -29.69 -8.61 -11.70
CA TYR D 76 -30.78 -8.17 -12.57
C TYR D 76 -31.43 -6.90 -12.04
N GLN D 77 -31.65 -5.93 -12.93
CA GLN D 77 -32.34 -4.70 -12.60
C GLN D 77 -33.49 -4.47 -13.57
N CYS D 78 -34.63 -4.05 -13.03
CA CYS D 78 -35.79 -3.72 -13.86
C CYS D 78 -36.55 -2.58 -13.21
N GLN D 79 -36.86 -1.54 -13.98
CA GLN D 79 -37.59 -0.40 -13.46
C GLN D 79 -38.46 0.17 -14.57
N VAL D 80 -39.69 0.54 -14.21
CA VAL D 80 -40.66 1.13 -15.13
C VAL D 80 -40.64 2.65 -14.96
N PHE D 81 -40.23 3.37 -16.02
CA PHE D 81 -40.22 4.83 -16.03
C PHE D 81 -41.47 5.33 -16.74
N SER D 82 -42.42 5.85 -15.95
CA SER D 82 -43.67 6.40 -16.47
C SER D 82 -43.49 7.85 -16.93
N GLY D 83 -44.37 8.26 -17.84
CA GLY D 83 -44.35 9.61 -18.37
C GLY D 83 -43.30 9.89 -19.43
N VAL D 84 -42.90 8.88 -20.17
CA VAL D 84 -41.96 9.03 -21.28
C VAL D 84 -42.73 9.34 -22.55
N TYR D 85 -42.11 10.14 -23.43
CA TYR D 85 -42.66 10.48 -24.74
C TYR D 85 -41.56 10.31 -25.77
N PRO D 86 -41.09 9.09 -25.98
CA PRO D 86 -39.95 8.87 -26.89
C PRO D 86 -40.24 9.25 -28.33
N PHE D 87 -39.18 9.63 -29.03
CA PHE D 87 -39.23 9.92 -30.45
C PHE D 87 -38.25 9.01 -31.19
N MET D 88 -38.66 8.55 -32.35
CA MET D 88 -37.83 7.73 -33.22
C MET D 88 -37.51 8.52 -34.48
N TYR D 89 -36.84 7.87 -35.43
CA TYR D 89 -36.56 8.53 -36.69
C TYR D 89 -37.84 8.95 -37.40
N GLY D 90 -38.91 8.19 -37.20
CA GLY D 90 -40.19 8.44 -37.83
C GLY D 90 -41.14 9.33 -37.05
N GLY D 91 -40.68 9.96 -35.99
CA GLY D 91 -41.49 10.88 -35.21
C GLY D 91 -41.84 10.31 -33.85
N ALA D 92 -42.82 10.96 -33.22
CA ALA D 92 -43.34 10.52 -31.93
C ALA D 92 -43.74 9.05 -31.97
N TYR D 93 -43.15 8.26 -31.07
CA TYR D 93 -43.47 6.84 -31.00
C TYR D 93 -44.86 6.61 -30.40
N CYS D 94 -45.14 7.22 -29.25
CA CYS D 94 -46.41 7.05 -28.57
C CYS D 94 -47.36 8.21 -28.86
N PHE D 95 -48.65 7.92 -28.74
CA PHE D 95 -49.68 8.95 -28.90
C PHE D 95 -49.90 9.74 -27.61
N CYS D 96 -50.20 9.05 -26.52
CA CYS D 96 -50.46 9.74 -25.25
C CYS D 96 -49.25 10.53 -24.80
N ASP D 97 -49.51 11.72 -24.25
CA ASP D 97 -48.44 12.62 -23.84
C ASP D 97 -47.68 12.09 -22.62
N THR D 98 -48.39 11.56 -21.63
CA THR D 98 -47.75 11.09 -20.40
C THR D 98 -48.14 9.68 -19.98
N GLU D 99 -49.25 9.13 -20.46
CA GLU D 99 -49.65 7.78 -20.06
C GLU D 99 -48.85 6.69 -20.78
N ASN D 100 -47.52 6.82 -20.80
CA ASN D 100 -46.65 5.84 -21.44
C ASN D 100 -45.53 5.46 -20.49
N THR D 101 -45.12 4.20 -20.53
CA THR D 101 -44.06 3.68 -19.67
C THR D 101 -43.00 2.95 -20.48
N GLN D 102 -41.74 3.19 -20.13
CA GLN D 102 -40.58 2.47 -20.65
C GLN D 102 -40.02 1.56 -19.57
N MET D 103 -40.03 0.25 -19.82
CA MET D 103 -39.46 -0.73 -18.90
C MET D 103 -38.02 -1.06 -19.31
N SER D 104 -37.07 -0.62 -18.52
CA SER D 104 -35.65 -0.86 -18.75
C SER D 104 -35.21 -2.14 -18.04
N GLU D 105 -34.39 -2.95 -18.71
CA GLU D 105 -33.84 -4.17 -18.13
C GLU D 105 -32.34 -4.23 -18.37
N ALA D 106 -31.61 -4.76 -17.40
CA ALA D 106 -30.17 -4.91 -17.53
C ALA D 106 -29.69 -6.01 -16.59
N TYR D 107 -28.67 -6.75 -17.04
CA TYR D 107 -28.06 -7.78 -16.21
C TYR D 107 -26.59 -7.95 -16.62
N VAL D 108 -25.82 -8.54 -15.72
CA VAL D 108 -24.38 -8.70 -15.87
C VAL D 108 -24.03 -10.07 -16.44
N GLU D 109 -23.10 -10.08 -17.39
CA GLU D 109 -22.59 -11.31 -18.01
C GLU D 109 -21.07 -11.30 -18.01
N ARG D 110 -20.48 -12.48 -18.17
CA ARG D 110 -19.05 -12.56 -18.43
C ARG D 110 -18.72 -12.05 -19.83
N SER D 111 -17.75 -11.16 -19.91
CA SER D 111 -17.31 -10.64 -21.19
C SER D 111 -16.59 -11.71 -22.00
N GLU D 112 -16.50 -11.47 -23.32
CA GLU D 112 -15.77 -12.38 -24.19
C GLU D 112 -14.33 -12.59 -23.70
N GLU D 113 -13.70 -11.53 -23.21
CA GLU D 113 -12.32 -11.66 -22.73
C GLU D 113 -12.20 -12.66 -21.58
N CYS D 114 -13.30 -12.93 -20.87
CA CYS D 114 -13.22 -13.82 -19.71
C CYS D 114 -12.70 -15.19 -20.06
N SER D 115 -12.79 -15.61 -21.33
CA SER D 115 -12.23 -16.89 -21.72
C SER D 115 -10.71 -16.90 -21.64
N ILE D 116 -10.07 -15.75 -21.85
CA ILE D 116 -8.62 -15.65 -21.88
C ILE D 116 -8.08 -14.75 -20.78
N ASP D 117 -8.75 -13.63 -20.52
CA ASP D 117 -8.27 -12.62 -19.57
C ASP D 117 -9.05 -12.75 -18.27
N HIS D 118 -8.61 -13.68 -17.41
CA HIS D 118 -9.29 -13.91 -16.14
C HIS D 118 -8.28 -14.39 -15.12
N ALA D 119 -8.62 -14.19 -13.85
CA ALA D 119 -7.78 -14.60 -12.72
C ALA D 119 -8.42 -15.78 -12.02
N LYS D 120 -7.61 -16.78 -11.71
CA LYS D 120 -8.06 -18.01 -11.04
C LYS D 120 -7.68 -17.93 -9.57
N ALA D 121 -8.68 -18.06 -8.69
CA ALA D 121 -8.45 -18.08 -7.26
C ALA D 121 -8.34 -19.52 -6.79
N TYR D 122 -7.21 -19.85 -6.16
CA TYR D 122 -6.94 -21.22 -5.74
C TYR D 122 -6.74 -21.32 -4.24
N LYS D 123 -7.19 -22.44 -3.69
CA LYS D 123 -6.84 -22.85 -2.33
C LYS D 123 -5.62 -23.75 -2.43
N VAL D 124 -4.58 -23.46 -1.65
CA VAL D 124 -3.31 -24.17 -1.74
C VAL D 124 -3.08 -24.98 -0.47
N HIS D 125 -2.82 -26.27 -0.65
CA HIS D 125 -2.53 -27.19 0.44
C HIS D 125 -1.20 -27.87 0.17
N THR D 126 -0.60 -28.42 1.22
CA THR D 126 0.66 -29.14 1.06
C THR D 126 0.50 -30.24 0.03
N GLY D 127 1.43 -30.28 -0.93
CA GLY D 127 1.37 -31.26 -1.99
C GLY D 127 2.53 -32.23 -1.99
N THR D 128 3.36 -32.17 -3.04
CA THR D 128 4.50 -33.04 -3.18
C THR D 128 5.72 -32.21 -3.58
N VAL D 129 6.89 -32.81 -3.43
CA VAL D 129 8.16 -32.19 -3.81
C VAL D 129 8.88 -33.12 -4.77
N GLN D 130 9.27 -32.58 -5.92
CA GLN D 130 9.99 -33.35 -6.93
C GLN D 130 11.26 -32.61 -7.31
N ALA D 131 12.22 -33.36 -7.86
CA ALA D 131 13.48 -32.79 -8.29
C ALA D 131 14.02 -33.60 -9.47
N MET D 132 14.87 -32.93 -10.26
CA MET D 132 15.61 -33.57 -11.34
C MET D 132 17.05 -33.71 -10.86
N VAL D 133 17.52 -34.94 -10.78
CA VAL D 133 18.82 -35.25 -10.19
C VAL D 133 19.76 -35.74 -11.29
N ASN D 134 20.95 -35.16 -11.32
CA ASN D 134 22.02 -35.51 -12.26
C ASN D 134 23.09 -36.25 -11.47
N ILE D 135 23.37 -37.49 -11.85
CA ILE D 135 24.30 -38.34 -11.09
C ILE D 135 25.32 -38.96 -12.02
N THR D 136 26.58 -38.95 -11.57
CA THR D 136 27.67 -39.66 -12.22
C THR D 136 28.52 -40.32 -11.13
N TYR D 137 29.04 -41.50 -11.43
CA TYR D 137 29.88 -42.22 -10.48
C TYR D 137 30.88 -43.06 -11.25
N GLY D 138 32.08 -43.19 -10.69
CA GLY D 138 33.12 -43.97 -11.32
C GLY D 138 33.37 -43.56 -12.75
N SER D 139 33.27 -44.52 -13.67
CA SER D 139 33.44 -44.28 -15.09
C SER D 139 32.11 -44.14 -15.83
N VAL D 140 31.00 -44.08 -15.11
CA VAL D 140 29.68 -43.96 -15.73
C VAL D 140 29.39 -42.49 -15.98
N SER D 141 29.02 -42.17 -17.22
CA SER D 141 28.73 -40.79 -17.59
C SER D 141 27.50 -40.28 -16.85
N TRP D 142 27.28 -38.98 -16.96
CA TRP D 142 26.15 -38.35 -16.26
C TRP D 142 24.82 -38.91 -16.74
N ARG D 143 23.98 -39.28 -15.78
CA ARG D 143 22.63 -39.76 -16.03
C ARG D 143 21.68 -39.01 -15.11
N SER D 144 20.46 -38.78 -15.58
CA SER D 144 19.49 -38.03 -14.78
C SER D 144 18.09 -38.60 -14.97
N ALA D 145 17.25 -38.35 -13.97
CA ALA D 145 15.86 -38.77 -13.99
C ALA D 145 15.09 -37.95 -12.97
N ASP D 146 13.78 -37.86 -13.17
CA ASP D 146 12.91 -37.22 -12.19
C ASP D 146 12.69 -38.12 -11.00
N VAL D 147 12.82 -37.56 -9.80
CA VAL D 147 12.65 -38.31 -8.56
C VAL D 147 11.72 -37.53 -7.65
N TYR D 148 11.16 -38.24 -6.68
CA TYR D 148 10.26 -37.65 -5.69
C TYR D 148 11.04 -37.43 -4.39
N VAL D 149 11.05 -36.19 -3.92
CA VAL D 149 11.79 -35.85 -2.69
C VAL D 149 10.83 -36.14 -1.54
N ASN D 150 10.75 -37.42 -1.18
CA ASN D 150 9.91 -37.86 -0.08
C ASN D 150 10.59 -38.88 0.82
N GLY D 151 11.77 -39.36 0.48
CA GLY D 151 12.50 -40.33 1.29
C GLY D 151 11.98 -41.74 1.18
N GLU D 152 10.98 -41.99 0.35
CA GLU D 152 10.40 -43.32 0.19
C GLU D 152 10.54 -43.85 -1.23
N THR D 153 10.07 -43.11 -2.22
CA THR D 153 10.04 -43.60 -3.59
C THR D 153 11.45 -43.71 -4.16
N PRO D 154 11.92 -44.90 -4.53
CA PRO D 154 13.24 -45.00 -5.15
C PRO D 154 13.17 -44.72 -6.64
N ALA D 155 14.30 -44.25 -7.18
CA ALA D 155 14.42 -43.95 -8.59
C ALA D 155 15.63 -44.67 -9.15
N LYS D 156 15.49 -45.19 -10.37
CA LYS D 156 16.57 -45.91 -11.05
C LYS D 156 17.25 -44.93 -12.01
N ILE D 157 18.49 -44.58 -11.69
CA ILE D 157 19.28 -43.64 -12.47
C ILE D 157 20.56 -44.35 -12.87
N GLY D 158 20.65 -44.77 -14.12
CA GLY D 158 21.85 -45.40 -14.64
C GLY D 158 22.26 -46.64 -13.88
N ASP D 159 21.31 -47.55 -13.64
CA ASP D 159 21.50 -48.79 -12.88
C ASP D 159 21.68 -48.53 -11.39
N ALA D 160 21.72 -47.29 -10.95
CA ALA D 160 21.83 -46.96 -9.54
C ALA D 160 20.46 -46.58 -8.99
N LYS D 161 20.15 -47.08 -7.80
CA LYS D 161 18.86 -46.83 -7.15
C LYS D 161 19.03 -45.68 -6.18
N LEU D 162 18.34 -44.58 -6.44
CA LEU D 162 18.48 -43.35 -5.67
C LEU D 162 17.20 -43.08 -4.87
N ILE D 163 17.36 -42.85 -3.57
CA ILE D 163 16.27 -42.46 -2.68
C ILE D 163 16.63 -41.10 -2.09
N ILE D 164 15.84 -40.09 -2.40
CA ILE D 164 16.09 -38.73 -1.95
C ILE D 164 15.18 -38.45 -0.77
N GLY D 165 15.79 -38.15 0.38
CA GLY D 165 15.06 -37.88 1.60
C GLY D 165 14.24 -36.61 1.51
N PRO D 166 13.27 -36.46 2.41
CA PRO D 166 12.45 -35.24 2.40
C PRO D 166 13.27 -34.02 2.77
N LEU D 167 12.84 -32.87 2.28
CA LEU D 167 13.53 -31.63 2.61
C LEU D 167 13.47 -31.41 4.12
N SER D 168 14.60 -30.98 4.69
CA SER D 168 14.64 -30.74 6.13
C SER D 168 13.72 -29.59 6.54
N SER D 169 13.37 -28.71 5.61
CA SER D 169 12.48 -27.59 5.88
C SER D 169 11.19 -27.77 5.07
N ALA D 170 10.06 -27.66 5.75
CA ALA D 170 8.75 -27.76 5.11
C ALA D 170 8.28 -26.42 4.55
N TRP D 171 9.16 -25.42 4.52
CA TRP D 171 8.80 -24.10 4.04
C TRP D 171 8.28 -24.15 2.61
N SER D 172 7.25 -23.34 2.33
CA SER D 172 6.67 -23.21 1.01
C SER D 172 6.30 -21.75 0.79
N PRO D 173 6.54 -21.19 -0.40
CA PRO D 173 6.26 -19.77 -0.62
C PRO D 173 4.78 -19.44 -0.79
N PHE D 174 3.91 -20.41 -0.99
CA PHE D 174 2.50 -20.15 -1.22
C PHE D 174 1.73 -20.16 0.09
N ASP D 175 0.86 -19.17 0.27
CA ASP D 175 -0.04 -19.14 1.40
C ASP D 175 -1.24 -20.03 1.11
N ASN D 176 -2.17 -20.11 2.07
CA ASN D 176 -3.34 -20.96 1.88
C ASN D 176 -4.24 -20.47 0.75
N LYS D 177 -4.08 -19.22 0.32
CA LYS D 177 -4.87 -18.66 -0.76
C LYS D 177 -3.93 -17.92 -1.72
N VAL D 178 -4.05 -18.23 -3.01
CA VAL D 178 -3.26 -17.56 -4.04
C VAL D 178 -4.17 -17.24 -5.22
N VAL D 179 -3.78 -16.21 -5.98
CA VAL D 179 -4.47 -15.81 -7.19
C VAL D 179 -3.49 -15.92 -8.35
N VAL D 180 -3.88 -16.66 -9.38
CA VAL D 180 -3.05 -16.88 -10.56
C VAL D 180 -3.64 -16.10 -11.71
N TYR D 181 -2.86 -15.15 -12.24
CA TYR D 181 -3.26 -14.34 -13.37
C TYR D 181 -2.13 -14.35 -14.39
N GLY D 182 -2.44 -14.82 -15.60
CA GLY D 182 -1.39 -14.92 -16.60
C GLY D 182 -0.32 -15.88 -16.12
N HIS D 183 0.93 -15.41 -16.14
CA HIS D 183 2.06 -16.18 -15.64
C HIS D 183 2.43 -15.84 -14.20
N GLU D 184 1.73 -14.89 -13.58
CA GLU D 184 2.09 -14.39 -12.25
C GLU D 184 1.21 -15.00 -11.18
N VAL D 185 1.80 -15.23 -10.00
CA VAL D 185 1.08 -15.74 -8.84
C VAL D 185 1.12 -14.68 -7.75
N TYR D 186 -0.02 -14.43 -7.12
CA TYR D 186 -0.15 -13.43 -6.07
C TYR D 186 -0.69 -14.08 -4.80
N ASN D 187 -0.04 -13.81 -3.67
CA ASN D 187 -0.56 -14.23 -2.37
C ASN D 187 -1.64 -13.22 -1.98
N TYR D 188 -2.90 -13.61 -2.15
CA TYR D 188 -4.02 -12.70 -1.97
C TYR D 188 -5.16 -13.43 -1.28
N ASP D 189 -5.57 -12.92 -0.12
CA ASP D 189 -6.68 -13.50 0.63
C ASP D 189 -7.99 -13.04 -0.02
N PHE D 190 -8.29 -13.66 -1.15
CA PHE D 190 -9.46 -13.28 -1.93
C PHE D 190 -10.75 -13.54 -1.13
N PRO D 191 -11.79 -12.74 -1.36
CA PRO D 191 -13.05 -12.98 -0.67
C PRO D 191 -13.68 -14.31 -1.05
N GLU D 192 -14.39 -14.90 -0.09
CA GLU D 192 -15.11 -16.14 -0.34
C GLU D 192 -16.14 -15.95 -1.44
N TYR D 193 -16.45 -17.04 -2.13
CA TYR D 193 -17.45 -16.98 -3.20
C TYR D 193 -18.77 -16.43 -2.67
N GLY D 194 -19.38 -15.53 -3.44
CA GLY D 194 -20.59 -14.86 -3.04
C GLY D 194 -20.42 -13.70 -2.08
N THR D 195 -19.18 -13.34 -1.74
CA THR D 195 -18.92 -12.25 -0.81
C THR D 195 -18.16 -11.10 -1.43
N GLY D 196 -17.79 -11.21 -2.71
CA GLY D 196 -17.04 -10.13 -3.33
C GLY D 196 -17.84 -8.84 -3.38
N LYS D 197 -17.15 -7.74 -3.09
CA LYS D 197 -17.77 -6.43 -3.01
C LYS D 197 -17.70 -5.72 -4.35
N ALA D 198 -18.65 -4.82 -4.58
CA ALA D 198 -18.67 -4.07 -5.83
C ALA D 198 -17.40 -3.23 -5.98
N GLY D 199 -16.85 -3.25 -7.19
CA GLY D 199 -15.63 -2.52 -7.47
C GLY D 199 -14.38 -3.11 -6.88
N SER D 200 -14.47 -4.29 -6.26
CA SER D 200 -13.34 -4.98 -5.68
C SER D 200 -13.03 -6.23 -6.50
N PHE D 201 -11.88 -6.85 -6.18
CA PHE D 201 -11.44 -8.04 -6.90
C PHE D 201 -12.59 -9.02 -7.16
N GLY D 202 -13.31 -9.40 -6.12
CA GLY D 202 -14.37 -10.38 -6.27
C GLY D 202 -15.71 -9.89 -6.75
N ASP D 203 -15.78 -8.70 -7.34
CA ASP D 203 -17.07 -8.19 -7.81
C ASP D 203 -17.76 -9.20 -8.72
N LEU D 204 -17.01 -9.88 -9.57
CA LEU D 204 -17.54 -10.93 -10.43
C LEU D 204 -16.86 -12.25 -10.08
N GLN D 205 -17.65 -13.25 -9.69
CA GLN D 205 -17.13 -14.55 -9.30
C GLN D 205 -17.91 -15.66 -10.00
N SER D 206 -17.19 -16.61 -10.57
CA SER D 206 -17.76 -17.75 -11.28
C SER D 206 -16.97 -18.99 -10.89
N ARG D 207 -17.67 -20.08 -10.58
CA ARG D 207 -16.99 -21.30 -10.16
C ARG D 207 -16.06 -21.83 -11.23
N THR D 208 -16.43 -21.67 -12.50
CA THR D 208 -15.54 -22.02 -13.60
C THR D 208 -15.86 -21.12 -14.78
N SER D 209 -14.90 -21.03 -15.72
CA SER D 209 -15.05 -20.14 -16.85
C SER D 209 -16.19 -20.51 -17.78
N THR D 210 -16.76 -21.72 -17.64
CA THR D 210 -17.86 -22.16 -18.47
C THR D 210 -19.13 -22.45 -17.68
N SER D 211 -19.21 -22.00 -16.43
CA SER D 211 -20.38 -22.26 -15.61
C SER D 211 -21.56 -21.43 -16.10
N ASN D 212 -22.76 -21.87 -15.70
CA ASN D 212 -24.01 -21.20 -16.04
C ASN D 212 -24.65 -20.54 -14.82
N ASP D 213 -23.86 -20.27 -13.79
CA ASP D 213 -24.32 -19.61 -12.57
C ASP D 213 -23.27 -18.59 -12.19
N LEU D 214 -23.56 -17.31 -12.44
CA LEU D 214 -22.59 -16.24 -12.28
C LEU D 214 -23.01 -15.33 -11.12
N TYR D 215 -22.07 -15.08 -10.21
CA TYR D 215 -22.27 -14.13 -9.12
C TYR D 215 -21.73 -12.77 -9.55
N ALA D 216 -22.58 -11.75 -9.46
CA ALA D 216 -22.21 -10.39 -9.83
C ALA D 216 -22.72 -9.45 -8.76
N ASN D 217 -21.84 -8.59 -8.25
CA ASN D 217 -22.19 -7.64 -7.20
C ASN D 217 -21.67 -6.27 -7.62
N THR D 218 -22.47 -5.56 -8.40
CA THR D 218 -22.15 -4.22 -8.86
C THR D 218 -23.38 -3.35 -8.59
N ASN D 219 -23.15 -2.07 -8.33
CA ASN D 219 -24.27 -1.18 -8.09
C ASN D 219 -24.92 -0.78 -9.41
N LEU D 220 -25.31 -1.79 -10.20
CA LEU D 220 -26.04 -1.57 -11.44
C LEU D 220 -27.39 -0.94 -11.13
N LYS D 221 -27.57 0.31 -11.53
CA LYS D 221 -28.82 1.02 -11.28
C LYS D 221 -29.29 1.68 -12.57
N LEU D 222 -30.52 1.37 -12.96
CA LEU D 222 -31.12 1.98 -14.15
C LEU D 222 -31.47 3.43 -13.90
N GLN D 223 -31.07 4.30 -14.83
CA GLN D 223 -31.41 5.72 -14.78
C GLN D 223 -32.57 6.00 -15.72
N ARG D 224 -33.30 7.07 -15.44
CA ARG D 224 -34.40 7.46 -16.30
C ARG D 224 -33.88 7.82 -17.70
N PRO D 225 -34.46 7.28 -18.76
CA PRO D 225 -34.08 7.71 -20.11
C PRO D 225 -34.29 9.19 -20.30
N GLN D 226 -33.41 9.81 -21.09
CA GLN D 226 -33.52 11.23 -21.39
C GLN D 226 -34.82 11.51 -22.14
N ALA D 227 -35.34 12.71 -21.95
CA ALA D 227 -36.62 13.10 -22.52
C ALA D 227 -36.64 12.89 -24.03
N GLY D 228 -37.58 12.06 -24.50
CA GLY D 228 -37.77 11.85 -25.92
C GLY D 228 -36.82 10.89 -26.60
N ILE D 229 -35.98 10.18 -25.84
CA ILE D 229 -34.97 9.29 -26.42
C ILE D 229 -35.24 7.87 -25.95
N VAL D 230 -35.25 6.93 -26.89
CA VAL D 230 -35.40 5.51 -26.58
C VAL D 230 -34.01 4.94 -26.34
N HIS D 231 -33.64 4.79 -25.08
CA HIS D 231 -32.37 4.19 -24.70
C HIS D 231 -32.49 3.74 -23.25
N THR D 232 -31.53 2.92 -22.82
CA THR D 232 -31.53 2.34 -21.49
C THR D 232 -30.26 2.78 -20.75
N PRO D 233 -30.25 3.99 -20.21
CA PRO D 233 -29.07 4.45 -19.47
C PRO D 233 -28.96 3.74 -18.12
N PHE D 234 -27.72 3.56 -17.67
CA PHE D 234 -27.47 2.91 -16.40
C PHE D 234 -26.12 3.37 -15.86
N THR D 235 -25.98 3.30 -14.54
CA THR D 235 -24.73 3.58 -13.86
C THR D 235 -24.26 2.32 -13.15
N GLN D 236 -22.95 2.14 -13.09
CA GLN D 236 -22.41 0.92 -12.51
C GLN D 236 -21.00 1.20 -12.00
N VAL D 237 -20.63 0.48 -10.94
CA VAL D 237 -19.30 0.65 -10.36
C VAL D 237 -18.26 0.07 -11.32
N PRO D 238 -17.22 0.80 -11.69
CA PRO D 238 -16.23 0.27 -12.63
C PRO D 238 -15.69 -1.07 -12.19
N SER D 239 -15.40 -1.93 -13.18
CA SER D 239 -14.98 -3.30 -12.92
C SER D 239 -13.86 -3.34 -11.89
N GLY D 240 -14.08 -4.12 -10.83
CA GLY D 240 -13.03 -4.30 -9.84
C GLY D 240 -11.89 -5.17 -10.33
N PHE D 241 -12.11 -5.96 -11.39
CA PHE D 241 -11.00 -6.69 -11.99
C PHE D 241 -10.02 -5.77 -12.68
N GLU D 242 -10.52 -4.83 -13.50
CA GLU D 242 -9.63 -3.83 -14.11
C GLU D 242 -8.87 -3.05 -13.04
N ARG D 243 -9.57 -2.60 -12.00
CA ARG D 243 -8.92 -1.93 -10.89
C ARG D 243 -7.81 -2.79 -10.31
N TRP D 244 -8.13 -4.04 -9.98
CA TRP D 244 -7.12 -4.94 -9.44
C TRP D 244 -5.92 -5.04 -10.38
N LYS D 245 -6.17 -5.24 -11.67
CA LYS D 245 -5.07 -5.31 -12.63
C LYS D 245 -4.19 -4.07 -12.56
N LYS D 246 -4.77 -2.92 -12.20
CA LYS D 246 -3.93 -1.74 -11.99
C LYS D 246 -3.12 -1.85 -10.70
N ASP D 247 -3.76 -2.27 -9.60
CA ASP D 247 -3.15 -2.26 -8.28
C ASP D 247 -2.68 -3.64 -7.82
N LYS D 248 -2.36 -4.54 -8.76
CA LYS D 248 -1.96 -5.89 -8.36
C LYS D 248 -0.81 -5.87 -7.36
N GLY D 249 0.14 -4.97 -7.55
CA GLY D 249 1.33 -4.95 -6.72
C GLY D 249 2.37 -5.94 -7.21
N ALA D 250 3.31 -6.25 -6.32
CA ALA D 250 4.39 -7.16 -6.67
C ALA D 250 3.90 -8.60 -6.66
N PRO D 251 4.16 -9.38 -7.72
CA PRO D 251 3.76 -10.78 -7.72
C PRO D 251 4.69 -11.63 -6.87
N LEU D 252 4.21 -12.83 -6.54
CA LEU D 252 5.03 -13.76 -5.79
C LEU D 252 6.32 -14.10 -6.53
N ASN D 253 6.28 -14.06 -7.86
CA ASN D 253 7.49 -14.32 -8.66
C ASN D 253 8.62 -13.37 -8.30
N ASP D 254 8.31 -12.17 -7.80
CA ASP D 254 9.32 -11.16 -7.51
C ASP D 254 9.59 -10.96 -6.02
N VAL D 255 8.87 -11.66 -5.14
CA VAL D 255 9.05 -11.50 -3.69
C VAL D 255 9.27 -12.82 -2.98
N ALA D 256 9.18 -13.95 -3.68
CA ALA D 256 9.39 -15.23 -3.02
C ALA D 256 10.82 -15.28 -2.46
N PRO D 257 10.99 -15.62 -1.19
CA PRO D 257 12.35 -15.73 -0.63
C PRO D 257 13.10 -16.91 -1.22
N PHE D 258 14.38 -16.99 -0.86
CA PHE D 258 15.27 -18.08 -1.23
C PHE D 258 15.44 -18.23 -2.74
N GLY D 259 15.05 -17.21 -3.52
CA GLY D 259 15.24 -17.28 -4.95
C GLY D 259 14.31 -18.23 -5.67
N CYS D 260 13.16 -18.54 -5.08
CA CYS D 260 12.22 -19.44 -5.75
C CYS D 260 11.75 -18.88 -7.08
N SER D 261 11.60 -19.75 -8.05
CA SER D 261 11.07 -19.40 -9.37
C SER D 261 9.70 -20.05 -9.51
N ILE D 262 8.68 -19.25 -9.76
CA ILE D 262 7.30 -19.72 -9.79
C ILE D 262 6.90 -20.09 -11.21
N ALA D 263 6.32 -21.27 -11.36
CA ALA D 263 5.80 -21.78 -12.63
C ALA D 263 4.35 -22.18 -12.40
N LEU D 264 3.57 -22.25 -13.50
CA LEU D 264 2.15 -22.46 -13.38
C LEU D 264 1.63 -23.80 -13.88
N GLU D 265 2.39 -24.54 -14.68
CA GLU D 265 1.91 -25.79 -15.28
C GLU D 265 2.82 -26.95 -14.89
N PRO D 266 2.60 -27.55 -13.71
CA PRO D 266 1.61 -27.21 -12.67
C PRO D 266 2.10 -26.07 -11.79
N LEU D 267 1.23 -25.43 -11.00
CA LEU D 267 1.70 -24.39 -10.10
C LEU D 267 2.78 -24.95 -9.18
N ARG D 268 3.93 -24.28 -9.15
CA ARG D 268 5.03 -24.78 -8.34
C ARG D 268 6.05 -23.68 -8.10
N ALA D 269 6.87 -23.89 -7.08
CA ALA D 269 7.99 -23.02 -6.74
C ALA D 269 9.28 -23.80 -6.98
N GLU D 270 10.09 -23.33 -7.91
CA GLU D 270 11.31 -24.04 -8.32
C GLU D 270 12.56 -23.47 -7.65
N ASN D 271 13.53 -24.37 -7.42
CA ASN D 271 14.87 -24.01 -6.97
C ASN D 271 14.88 -23.21 -5.67
N CYS D 272 14.02 -23.59 -4.72
CA CYS D 272 14.05 -22.94 -3.41
C CYS D 272 15.19 -23.54 -2.59
N ALA D 273 16.18 -22.71 -2.26
CA ALA D 273 17.37 -23.15 -1.52
C ALA D 273 17.09 -23.15 -0.02
N VAL D 274 16.25 -24.08 0.42
CA VAL D 274 15.85 -24.20 1.81
C VAL D 274 16.33 -25.55 2.37
N GLY D 275 17.01 -25.49 3.51
CA GLY D 275 17.43 -26.67 4.25
C GLY D 275 18.42 -27.54 3.51
N SER D 276 18.36 -28.84 3.81
CA SER D 276 19.22 -29.84 3.23
C SER D 276 18.38 -31.05 2.84
N ILE D 277 18.99 -31.94 2.05
CA ILE D 277 18.27 -33.10 1.52
C ILE D 277 19.02 -34.39 1.84
N PRO D 278 18.51 -35.25 2.71
CA PRO D 278 19.14 -36.56 2.91
C PRO D 278 19.05 -37.39 1.63
N ILE D 279 20.08 -38.19 1.38
CA ILE D 279 20.14 -39.00 0.18
C ILE D 279 20.67 -40.39 0.52
N SER D 280 20.27 -41.36 -0.31
CA SER D 280 20.75 -42.73 -0.20
C SER D 280 20.80 -43.30 -1.60
N ILE D 281 21.98 -43.72 -2.04
CA ILE D 281 22.17 -44.26 -3.38
C ILE D 281 22.85 -45.61 -3.27
N ASP D 282 22.29 -46.61 -3.96
CA ASP D 282 22.85 -47.97 -4.00
C ASP D 282 23.66 -48.09 -5.30
N ILE D 283 24.98 -48.06 -5.18
CA ILE D 283 25.86 -48.15 -6.34
C ILE D 283 25.97 -49.61 -6.77
N PRO D 284 25.94 -49.89 -8.08
CA PRO D 284 26.07 -51.29 -8.52
C PRO D 284 27.37 -51.90 -8.03
N ASP D 285 27.32 -53.18 -7.68
CA ASP D 285 28.51 -53.88 -7.23
C ASP D 285 29.57 -53.99 -8.33
N ALA D 286 29.18 -53.87 -9.59
CA ALA D 286 30.14 -53.95 -10.69
C ALA D 286 31.00 -52.70 -10.81
N ALA D 287 30.64 -51.60 -10.15
CA ALA D 287 31.41 -50.37 -10.22
C ALA D 287 32.63 -50.36 -9.31
N PHE D 288 32.79 -51.38 -8.45
CA PHE D 288 33.87 -51.40 -7.47
C PHE D 288 34.97 -52.37 -7.92
N THR D 289 36.21 -51.95 -7.72
CA THR D 289 37.40 -52.74 -8.02
C THR D 289 38.15 -53.02 -6.72
N ARG D 290 38.68 -54.23 -6.60
CA ARG D 290 39.35 -54.63 -5.36
C ARG D 290 40.59 -53.76 -5.13
N ILE D 291 40.93 -53.60 -3.85
CA ILE D 291 42.06 -52.75 -3.46
C ILE D 291 43.34 -53.20 -4.15
N SER D 292 43.61 -54.51 -4.13
CA SER D 292 44.86 -55.01 -4.70
C SER D 292 44.94 -54.78 -6.21
N GLU D 293 43.81 -54.48 -6.86
CA GLU D 293 43.79 -54.27 -8.31
C GLU D 293 43.93 -52.80 -8.69
N THR D 294 44.05 -51.88 -7.74
CA THR D 294 44.18 -50.46 -8.04
C THR D 294 45.55 -49.93 -7.65
N PRO D 295 45.95 -48.79 -8.21
CA PRO D 295 47.28 -48.25 -7.92
C PRO D 295 47.45 -47.88 -6.46
N THR D 296 48.66 -48.09 -5.94
CA THR D 296 49.02 -47.69 -4.58
C THR D 296 49.81 -46.39 -4.65
N VAL D 297 49.35 -45.38 -3.90
CA VAL D 297 49.94 -44.05 -3.91
C VAL D 297 50.57 -43.79 -2.55
N SER D 298 51.81 -43.31 -2.55
CA SER D 298 52.53 -43.05 -1.30
C SER D 298 53.44 -41.84 -1.49
N ASP D 299 54.05 -41.41 -0.39
CA ASP D 299 54.96 -40.27 -0.38
C ASP D 299 54.30 -39.00 -0.93
N LEU D 300 53.04 -38.78 -0.54
CA LEU D 300 52.31 -37.60 -1.00
C LEU D 300 52.82 -36.34 -0.29
N GLU D 301 53.01 -35.28 -1.07
CA GLU D 301 53.37 -33.97 -0.54
C GLU D 301 52.58 -32.93 -1.30
N CYS D 302 51.77 -32.15 -0.59
CA CYS D 302 50.88 -31.16 -1.19
C CYS D 302 51.41 -29.76 -0.93
N LYS D 303 51.59 -29.00 -2.01
CA LYS D 303 52.06 -27.62 -1.94
C LYS D 303 51.02 -26.71 -2.60
N ILE D 304 50.54 -25.72 -1.85
CA ILE D 304 49.63 -24.72 -2.40
C ILE D 304 50.48 -23.67 -3.11
N THR D 305 50.32 -23.57 -4.43
CA THR D 305 51.11 -22.64 -5.23
C THR D 305 50.43 -21.28 -5.36
N GLU D 306 49.11 -21.23 -5.30
CA GLU D 306 48.37 -19.99 -5.39
C GLU D 306 47.00 -20.21 -4.74
N CYS D 307 46.48 -19.19 -4.08
CA CYS D 307 45.16 -19.32 -3.48
C CYS D 307 44.55 -17.96 -3.23
N THR D 308 43.25 -17.86 -3.53
CA THR D 308 42.43 -16.72 -3.20
C THR D 308 41.07 -17.26 -2.81
N TYR D 309 40.49 -16.72 -1.74
CA TYR D 309 39.22 -17.26 -1.27
C TYR D 309 38.06 -16.65 -2.05
N ALA D 310 38.15 -16.72 -3.38
CA ALA D 310 37.09 -16.26 -4.26
C ALA D 310 35.99 -17.31 -4.33
N PHE D 311 34.84 -16.89 -4.89
CA PHE D 311 33.73 -17.83 -5.05
C PHE D 311 34.01 -18.87 -6.11
N ASP D 312 34.88 -18.57 -7.07
CA ASP D 312 35.25 -19.53 -8.09
C ASP D 312 36.35 -20.44 -7.55
N PHE D 313 36.89 -21.31 -8.40
CA PHE D 313 37.99 -22.19 -8.02
C PHE D 313 39.29 -21.40 -8.06
N GLY D 314 39.43 -20.50 -7.08
CA GLY D 314 40.59 -19.62 -7.02
C GLY D 314 41.86 -20.28 -6.55
N GLY D 315 41.77 -21.45 -5.92
CA GLY D 315 42.95 -22.13 -5.42
C GLY D 315 43.57 -23.07 -6.44
N ILE D 316 44.90 -23.16 -6.38
CA ILE D 316 45.67 -24.06 -7.23
C ILE D 316 46.72 -24.73 -6.36
N ALA D 317 46.82 -26.06 -6.46
CA ALA D 317 47.77 -26.80 -5.65
C ALA D 317 48.46 -27.85 -6.50
N THR D 318 49.69 -28.18 -6.13
CA THR D 318 50.50 -29.19 -6.79
C THR D 318 50.86 -30.28 -5.78
N VAL D 319 50.59 -31.53 -6.13
CA VAL D 319 50.84 -32.67 -5.26
C VAL D 319 51.90 -33.55 -5.90
N ALA D 320 53.01 -33.75 -5.20
CA ALA D 320 54.02 -34.70 -5.63
C ALA D 320 53.68 -36.08 -5.06
N TYR D 321 54.00 -37.12 -5.82
CA TYR D 321 53.61 -38.47 -5.41
C TYR D 321 54.56 -39.50 -5.99
N LYS D 322 54.52 -40.68 -5.39
CA LYS D 322 55.16 -41.89 -5.89
C LYS D 322 54.11 -42.99 -5.89
N SER D 323 54.11 -43.82 -6.92
CA SER D 323 53.06 -44.83 -7.03
C SER D 323 53.57 -46.01 -7.86
N SER D 324 52.64 -46.87 -8.25
CA SER D 324 52.90 -48.04 -9.05
C SER D 324 51.63 -48.34 -9.84
N LYS D 325 51.76 -49.18 -10.87
CA LYS D 325 50.63 -49.51 -11.74
C LYS D 325 49.92 -48.24 -12.19
N ALA D 326 50.66 -47.41 -12.92
CA ALA D 326 50.16 -46.12 -13.38
C ALA D 326 48.72 -46.23 -13.89
N GLY D 327 47.87 -45.34 -13.41
CA GLY D 327 46.47 -45.38 -13.78
C GLY D 327 45.68 -44.31 -13.06
N ASN D 328 44.39 -44.25 -13.40
CA ASN D 328 43.49 -43.27 -12.81
C ASN D 328 43.25 -43.54 -11.33
N CYS D 329 43.17 -42.47 -10.55
CA CYS D 329 42.93 -42.53 -9.11
C CYS D 329 42.05 -41.35 -8.71
N PRO D 330 40.92 -41.59 -8.03
CA PRO D 330 40.05 -40.48 -7.63
C PRO D 330 40.67 -39.55 -6.62
N ILE D 331 40.24 -38.29 -6.66
CA ILE D 331 40.68 -37.24 -5.75
C ILE D 331 39.46 -36.68 -5.04
N HIS D 332 39.55 -36.54 -3.71
CA HIS D 332 38.45 -35.97 -2.95
C HIS D 332 38.97 -35.36 -1.65
N SER D 333 38.30 -34.28 -1.22
CA SER D 333 38.58 -33.65 0.05
C SER D 333 37.39 -33.86 0.98
N PRO D 334 37.48 -34.73 1.99
CA PRO D 334 36.30 -35.03 2.80
C PRO D 334 35.79 -33.86 3.62
N SER D 335 36.66 -32.95 4.04
CA SER D 335 36.21 -31.83 4.85
C SER D 335 35.65 -30.71 3.95
N GLY D 336 34.88 -29.82 4.57
CA GLY D 336 34.30 -28.70 3.88
C GLY D 336 35.23 -27.52 3.70
N VAL D 337 36.48 -27.66 4.14
CA VAL D 337 37.43 -26.56 4.07
C VAL D 337 37.69 -26.18 2.62
N ALA D 338 37.78 -27.16 1.73
CA ALA D 338 38.04 -26.90 0.32
C ALA D 338 37.24 -27.84 -0.56
N VAL D 339 36.76 -27.31 -1.67
CA VAL D 339 36.01 -28.07 -2.67
C VAL D 339 36.93 -28.26 -3.87
N ILE D 340 37.16 -29.52 -4.25
CA ILE D 340 38.11 -29.84 -5.32
C ILE D 340 37.38 -29.82 -6.65
N LYS D 341 37.99 -29.15 -7.64
CA LYS D 341 37.38 -29.07 -8.96
C LYS D 341 37.49 -30.38 -9.71
N GLU D 342 38.69 -30.96 -9.76
CA GLU D 342 38.88 -32.23 -10.44
C GLU D 342 38.33 -33.38 -9.62
N ASN D 343 37.80 -34.39 -10.32
CA ASN D 343 37.26 -35.57 -9.68
C ASN D 343 38.25 -36.72 -9.64
N ASP D 344 39.19 -36.76 -10.58
CA ASP D 344 40.19 -37.82 -10.63
C ASP D 344 41.40 -37.33 -11.41
N VAL D 345 42.51 -38.04 -11.24
CA VAL D 345 43.76 -37.70 -11.90
C VAL D 345 44.43 -38.97 -12.39
N THR D 346 45.33 -38.81 -13.35
CA THR D 346 46.12 -39.92 -13.89
C THR D 346 47.49 -39.89 -13.22
N LEU D 347 47.85 -40.99 -12.57
CA LEU D 347 49.10 -41.10 -11.83
C LEU D 347 50.07 -42.01 -12.56
N ALA D 348 51.32 -41.56 -12.68
CA ALA D 348 52.39 -42.37 -13.24
C ALA D 348 53.12 -43.08 -12.10
N GLU D 349 54.21 -43.78 -12.41
CA GLU D 349 55.00 -44.40 -11.36
C GLU D 349 55.57 -43.34 -10.42
N SER D 350 55.85 -42.15 -10.93
CA SER D 350 56.32 -41.05 -10.11
C SER D 350 56.12 -39.75 -10.88
N GLY D 351 56.02 -38.67 -10.13
CA GLY D 351 55.85 -37.35 -10.71
C GLY D 351 55.04 -36.47 -9.77
N SER D 352 54.23 -35.60 -10.37
CA SER D 352 53.34 -34.75 -9.61
C SER D 352 52.12 -34.41 -10.45
N PHE D 353 51.05 -34.05 -9.76
CA PHE D 353 49.81 -33.64 -10.40
C PHE D 353 49.30 -32.38 -9.70
N THR D 354 48.45 -31.64 -10.42
CA THR D 354 47.87 -30.41 -9.89
C THR D 354 46.36 -30.52 -9.90
N PHE D 355 45.73 -29.81 -8.95
CA PHE D 355 44.29 -29.74 -8.86
C PHE D 355 43.89 -28.35 -8.41
N HIS D 356 42.66 -27.97 -8.71
CA HIS D 356 42.13 -26.67 -8.34
C HIS D 356 41.05 -26.84 -7.29
N PHE D 357 40.95 -25.85 -6.40
CA PHE D 357 39.98 -25.93 -5.33
C PHE D 357 39.47 -24.54 -4.99
N SER D 358 38.30 -24.50 -4.36
CA SER D 358 37.68 -23.27 -3.88
C SER D 358 37.56 -23.35 -2.37
N THR D 359 38.00 -22.30 -1.69
CA THR D 359 37.97 -22.28 -0.23
C THR D 359 37.62 -20.89 0.28
N ALA D 360 36.89 -20.84 1.39
CA ALA D 360 36.55 -19.60 2.06
C ALA D 360 37.52 -19.26 3.19
N ASN D 361 38.39 -20.19 3.56
CA ASN D 361 39.29 -19.98 4.69
C ASN D 361 40.49 -19.15 4.28
N ILE D 362 40.89 -18.22 5.14
CA ILE D 362 42.05 -17.40 4.86
C ILE D 362 43.33 -18.22 5.00
N HIS D 363 43.32 -19.23 5.88
CA HIS D 363 44.42 -20.17 6.04
C HIS D 363 43.85 -21.58 5.92
N PRO D 364 43.52 -22.01 4.70
CA PRO D 364 42.91 -23.34 4.55
C PRO D 364 43.85 -24.45 4.98
N ALA D 365 43.28 -25.44 5.65
CA ALA D 365 43.99 -26.65 6.06
C ALA D 365 43.02 -27.79 5.87
N PHE D 366 43.22 -28.59 4.81
CA PHE D 366 42.27 -29.62 4.46
C PHE D 366 42.99 -30.89 4.04
N LYS D 367 42.31 -32.01 4.24
CA LYS D 367 42.81 -33.32 3.86
C LYS D 367 42.39 -33.61 2.42
N LEU D 368 43.33 -34.13 1.64
CA LEU D 368 43.06 -34.55 0.27
C LEU D 368 43.25 -36.06 0.19
N GLN D 369 42.20 -36.76 -0.25
CA GLN D 369 42.24 -38.21 -0.40
C GLN D 369 42.59 -38.55 -1.84
N VAL D 370 43.66 -39.33 -2.02
CA VAL D 370 44.07 -39.79 -3.33
C VAL D 370 43.83 -41.30 -3.36
N CYS D 371 42.61 -41.70 -3.72
CA CYS D 371 42.18 -43.10 -3.66
C CYS D 371 42.56 -43.72 -2.33
N THR D 372 43.49 -44.67 -2.32
CA THR D 372 43.81 -45.38 -1.08
C THR D 372 44.69 -44.60 -0.12
N SER D 373 45.05 -43.35 -0.44
CA SER D 373 45.93 -42.56 0.40
C SER D 373 45.36 -41.16 0.58
N ALA D 374 46.01 -40.38 1.45
CA ALA D 374 45.55 -39.02 1.73
C ALA D 374 46.74 -38.16 2.15
N VAL D 375 46.60 -36.85 1.90
CA VAL D 375 47.64 -35.87 2.21
C VAL D 375 46.97 -34.61 2.75
N THR D 376 47.71 -33.86 3.57
CA THR D 376 47.23 -32.63 4.17
C THR D 376 47.81 -31.43 3.42
N CYS D 377 46.92 -30.56 2.93
CA CYS D 377 47.30 -29.36 2.20
C CYS D 377 47.12 -28.14 3.09
N LYS D 378 48.13 -27.28 3.16
CA LYS D 378 48.08 -26.06 3.95
C LYS D 378 48.69 -24.91 3.17
N GLY D 379 48.18 -23.71 3.42
CA GLY D 379 48.69 -22.53 2.75
C GLY D 379 47.93 -21.28 3.16
N ASP D 380 48.29 -20.17 2.53
CA ASP D 380 47.65 -18.88 2.75
C ASP D 380 46.91 -18.45 1.49
N CYS D 381 45.76 -17.80 1.66
CA CYS D 381 44.92 -17.36 0.56
C CYS D 381 44.72 -15.85 0.61
N LYS D 382 44.84 -15.20 -0.55
CA LYS D 382 44.70 -13.76 -0.69
C LYS D 382 43.24 -13.37 -0.90
N PRO D 383 42.87 -12.14 -0.56
CA PRO D 383 41.49 -11.70 -0.78
C PRO D 383 41.15 -11.65 -2.26
N PRO D 384 39.89 -11.89 -2.62
CA PRO D 384 39.50 -11.77 -4.04
C PRO D 384 39.44 -10.33 -4.48
N LYS D 385 39.73 -10.11 -5.76
CA LYS D 385 39.75 -8.76 -6.31
C LYS D 385 38.37 -8.28 -6.74
N ASP D 386 37.50 -9.19 -7.20
CA ASP D 386 36.19 -8.80 -7.71
C ASP D 386 35.20 -8.58 -6.57
N HIS D 387 34.58 -7.41 -6.55
CA HIS D 387 33.61 -7.09 -5.49
C HIS D 387 32.31 -7.85 -5.69
N ILE D 388 31.86 -7.99 -6.94
CA ILE D 388 30.61 -8.65 -7.27
C ILE D 388 30.86 -9.68 -8.36
N VAL D 389 30.24 -10.85 -8.23
CA VAL D 389 30.35 -11.91 -9.21
C VAL D 389 28.97 -12.40 -9.59
N ASP D 390 28.87 -13.00 -10.77
CA ASP D 390 27.61 -13.48 -11.32
C ASP D 390 27.39 -14.98 -11.12
N TYR D 391 28.11 -15.59 -10.18
CA TYR D 391 27.96 -17.01 -9.90
C TYR D 391 27.97 -17.23 -8.41
N ALA D 392 27.28 -18.30 -7.98
CA ALA D 392 27.19 -18.61 -6.56
C ALA D 392 28.49 -19.19 -6.04
N ALA D 393 28.70 -19.06 -4.74
CA ALA D 393 29.91 -19.56 -4.10
C ALA D 393 29.93 -21.08 -4.09
N GLN D 394 31.07 -21.66 -4.50
CA GLN D 394 31.22 -23.10 -4.47
C GLN D 394 31.52 -23.61 -3.06
N HIS D 395 32.28 -22.85 -2.28
CA HIS D 395 32.66 -23.25 -0.94
C HIS D 395 31.58 -22.88 0.07
N THR D 396 31.85 -23.19 1.34
CA THR D 396 30.99 -22.83 2.46
C THR D 396 31.83 -22.12 3.51
N GLU D 397 31.34 -21.00 4.01
CA GLU D 397 32.06 -20.20 4.99
C GLU D 397 31.67 -20.62 6.41
N SER D 398 32.68 -20.88 7.24
CA SER D 398 32.47 -21.25 8.63
C SER D 398 32.74 -20.07 9.55
N PHE D 399 32.34 -20.23 10.82
CA PHE D 399 32.50 -19.17 11.79
C PHE D 399 33.95 -18.72 11.90
N THR D 400 34.88 -19.67 11.92
CA THR D 400 36.31 -19.37 12.07
C THR D 400 37.04 -19.25 10.75
N SER D 401 36.33 -19.27 9.62
CA SER D 401 37.00 -19.23 8.32
C SER D 401 37.76 -17.92 8.12
N ALA D 402 37.22 -16.81 8.60
CA ALA D 402 37.84 -15.51 8.38
C ALA D 402 38.93 -15.16 9.38
N ILE D 403 39.06 -15.91 10.47
CA ILE D 403 40.02 -15.57 11.51
C ILE D 403 41.42 -15.93 11.03
N SER D 404 42.29 -14.92 10.91
CA SER D 404 43.65 -15.13 10.45
C SER D 404 44.53 -15.59 11.61
N ALA D 405 45.73 -16.06 11.25
CA ALA D 405 46.69 -16.47 12.28
C ALA D 405 47.04 -15.30 13.19
N THR D 406 47.12 -14.09 12.64
CA THR D 406 47.38 -12.91 13.47
C THR D 406 46.24 -12.67 14.44
N ALA D 407 45.00 -12.80 13.98
CA ALA D 407 43.86 -12.62 14.87
C ALA D 407 43.87 -13.67 15.97
N TRP D 408 44.21 -14.92 15.64
CA TRP D 408 44.33 -15.94 16.67
C TRP D 408 45.43 -15.60 17.66
N SER D 409 46.55 -15.08 17.17
CA SER D 409 47.63 -14.69 18.07
C SER D 409 47.18 -13.61 19.05
N TRP D 410 46.47 -12.60 18.54
CA TRP D 410 45.99 -11.55 19.42
C TRP D 410 44.96 -12.08 20.42
N ILE D 411 44.09 -12.99 19.99
CA ILE D 411 43.13 -13.58 20.91
C ILE D 411 43.85 -14.38 21.99
N LYS D 412 44.87 -15.15 21.59
CA LYS D 412 45.64 -15.91 22.58
C LYS D 412 46.33 -14.99 23.57
N VAL D 413 46.94 -13.90 23.09
CA VAL D 413 47.60 -12.98 23.99
C VAL D 413 46.59 -12.34 24.94
N LEU D 414 45.44 -11.92 24.41
CA LEU D 414 44.41 -11.33 25.24
C LEU D 414 43.98 -12.28 26.36
N VAL D 415 43.58 -13.50 25.98
CA VAL D 415 43.05 -14.43 26.98
C VAL D 415 44.14 -14.86 27.95
N GLY D 416 45.34 -15.14 27.44
CA GLY D 416 46.42 -15.57 28.32
C GLY D 416 46.80 -14.50 29.33
N GLY D 417 46.97 -13.26 28.86
CA GLY D 417 47.33 -12.19 29.78
C GLY D 417 46.25 -11.91 30.80
N THR D 418 44.99 -11.82 30.35
CA THR D 418 43.89 -11.56 31.28
C THR D 418 43.80 -12.65 32.34
N SER D 419 43.87 -13.91 31.90
CA SER D 419 43.81 -15.03 32.83
C SER D 419 44.99 -15.00 33.77
N ALA D 420 46.20 -14.74 33.26
CA ALA D 420 47.37 -14.67 34.10
C ALA D 420 47.22 -13.59 35.17
N PHE D 421 46.61 -12.46 34.81
CA PHE D 421 46.44 -11.40 35.80
C PHE D 421 45.56 -11.87 36.95
N ILE D 422 44.43 -12.50 36.62
CA ILE D 422 43.55 -12.98 37.69
C ILE D 422 44.21 -14.11 38.47
N VAL D 423 44.86 -15.03 37.76
CA VAL D 423 45.51 -16.18 38.41
C VAL D 423 46.58 -15.70 39.38
N LEU D 424 47.41 -14.75 38.94
CA LEU D 424 48.47 -14.24 39.81
C LEU D 424 47.88 -13.56 41.04
N GLY D 425 46.80 -12.80 40.88
CA GLY D 425 46.19 -12.17 42.04
C GLY D 425 45.67 -13.20 43.03
N LEU D 426 45.06 -14.27 42.51
CA LEU D 426 44.53 -15.30 43.40
C LEU D 426 45.64 -16.07 44.10
N ILE D 427 46.72 -16.36 43.39
CA ILE D 427 47.86 -17.06 43.99
C ILE D 427 48.46 -16.20 45.10
N ALA D 428 48.66 -14.91 44.84
CA ALA D 428 49.20 -14.03 45.88
C ALA D 428 48.28 -14.01 47.10
N THR D 429 46.97 -13.98 46.88
CA THR D 429 46.05 -13.99 48.00
C THR D 429 46.17 -15.28 48.80
N ALA D 430 46.27 -16.42 48.13
CA ALA D 430 46.41 -17.68 48.84
C ALA D 430 47.71 -17.74 49.63
N VAL D 431 48.80 -17.24 49.04
CA VAL D 431 50.10 -17.27 49.71
C VAL D 431 50.05 -16.43 50.99
N VAL D 432 49.50 -15.22 50.89
CA VAL D 432 49.43 -14.37 52.08
C VAL D 432 48.52 -15.00 53.13
N ALA D 433 47.42 -15.63 52.70
CA ALA D 433 46.55 -16.29 53.67
C ALA D 433 47.29 -17.40 54.43
N LEU D 434 48.10 -18.17 53.71
CA LEU D 434 48.87 -19.22 54.38
C LEU D 434 49.90 -18.63 55.32
N VAL D 435 50.56 -17.54 54.91
CA VAL D 435 51.54 -16.90 55.79
C VAL D 435 50.87 -16.43 57.08
N LEU D 436 49.70 -15.82 56.97
CA LEU D 436 48.99 -15.37 58.17
C LEU D 436 48.62 -16.55 59.07
N PHE D 437 48.22 -17.66 58.46
CA PHE D 437 47.90 -18.85 59.25
C PHE D 437 49.13 -19.33 60.01
N PHE D 438 50.27 -19.39 59.33
CA PHE D 438 51.49 -19.80 60.02
C PHE D 438 51.90 -18.81 61.08
N HIS D 439 51.59 -17.53 60.88
CA HIS D 439 51.86 -16.53 61.92
C HIS D 439 51.09 -16.86 63.20
N ARG D 440 49.80 -17.16 63.07
CA ARG D 440 49.04 -17.50 64.27
C ARG D 440 49.52 -18.81 64.87
N HIS D 441 49.88 -19.78 64.04
CA HIS D 441 50.37 -21.07 64.52
C HIS D 441 51.88 -21.20 64.26
N ASP E 1 -14.81 -20.86 -47.89
CA ASP E 1 -15.75 -19.96 -48.54
C ASP E 1 -16.04 -18.75 -47.66
N LEU E 2 -16.53 -17.68 -48.28
CA LEU E 2 -16.90 -16.46 -47.55
C LEU E 2 -18.35 -16.46 -47.11
N ASP E 3 -19.25 -17.00 -47.95
CA ASP E 3 -20.66 -16.97 -47.62
C ASP E 3 -20.97 -17.76 -46.35
N THR E 4 -20.18 -18.79 -46.05
CA THR E 4 -20.44 -19.59 -44.86
C THR E 4 -20.36 -18.78 -43.58
N HIS E 5 -19.66 -17.64 -43.59
CA HIS E 5 -19.58 -16.79 -42.42
C HIS E 5 -20.73 -15.80 -42.33
N PHE E 6 -21.54 -15.66 -43.37
CA PHE E 6 -22.66 -14.73 -43.40
C PHE E 6 -24.00 -15.45 -43.46
N THR E 7 -24.04 -16.77 -43.26
CA THR E 7 -25.30 -17.49 -43.36
C THR E 7 -26.34 -16.93 -42.40
N GLN E 8 -25.91 -16.55 -41.19
CA GLN E 8 -26.83 -15.94 -40.24
C GLN E 8 -26.96 -14.44 -40.42
N TYR E 9 -25.87 -13.75 -40.80
CA TYR E 9 -25.95 -12.30 -40.98
C TYR E 9 -26.86 -11.93 -42.15
N LYS E 10 -27.02 -12.81 -43.13
CA LYS E 10 -27.94 -12.52 -44.22
C LYS E 10 -29.37 -12.38 -43.75
N LEU E 11 -29.71 -12.97 -42.59
CA LEU E 11 -31.07 -12.87 -42.06
C LEU E 11 -31.30 -11.61 -41.26
N ALA E 12 -30.26 -10.83 -40.98
CA ALA E 12 -30.38 -9.59 -40.22
C ALA E 12 -30.24 -8.40 -41.14
N ARG E 13 -30.76 -7.26 -40.69
CA ARG E 13 -30.71 -6.02 -41.42
C ARG E 13 -30.13 -4.92 -40.54
N PRO E 14 -29.59 -3.87 -41.13
CA PRO E 14 -29.18 -2.70 -40.33
C PRO E 14 -30.39 -2.00 -39.74
N TYR E 15 -30.12 -1.11 -38.80
CA TYR E 15 -31.19 -0.36 -38.16
C TYR E 15 -30.68 1.02 -37.77
N ILE E 16 -31.64 1.93 -37.55
CA ILE E 16 -31.35 3.30 -37.12
C ILE E 16 -31.62 3.39 -35.62
N ALA E 17 -30.62 3.83 -34.87
CA ALA E 17 -30.72 3.92 -33.42
C ALA E 17 -30.16 5.25 -32.94
N ASP E 18 -30.57 5.63 -31.73
CA ASP E 18 -30.12 6.87 -31.11
C ASP E 18 -28.60 6.93 -31.03
N CYS E 19 -28.04 8.05 -31.50
CA CYS E 19 -26.61 8.33 -31.42
C CYS E 19 -26.39 9.61 -30.63
N PRO E 20 -25.58 9.60 -29.56
CA PRO E 20 -25.44 10.81 -28.74
C PRO E 20 -24.93 12.03 -29.49
N ASN E 21 -24.09 11.88 -30.50
CA ASN E 21 -23.53 13.02 -31.23
C ASN E 21 -23.45 12.69 -32.71
N CYS E 22 -24.42 13.18 -33.48
CA CYS E 22 -24.38 13.06 -34.94
C CYS E 22 -23.75 14.34 -35.48
N GLY E 23 -22.44 14.42 -35.35
CA GLY E 23 -21.77 15.68 -35.60
C GLY E 23 -21.91 16.64 -34.44
N HIS E 24 -22.81 17.61 -34.57
CA HIS E 24 -23.02 18.63 -33.54
C HIS E 24 -24.18 18.36 -32.60
N SER E 25 -25.09 17.44 -32.91
CA SER E 25 -26.23 17.23 -32.03
C SER E 25 -26.70 15.77 -32.07
N ARG E 26 -27.46 15.40 -31.04
CA ARG E 26 -28.02 14.06 -30.96
C ARG E 26 -29.02 13.83 -32.09
N CYS E 27 -28.99 12.62 -32.66
CA CYS E 27 -29.90 12.26 -33.72
C CYS E 27 -30.00 10.74 -33.80
N ASP E 28 -30.93 10.27 -34.63
CA ASP E 28 -31.07 8.85 -34.92
C ASP E 28 -30.11 8.53 -36.07
N SER E 29 -29.01 7.86 -35.75
CA SER E 29 -27.93 7.66 -36.71
C SER E 29 -27.97 6.25 -37.28
N PRO E 30 -27.86 6.07 -38.61
CA PRO E 30 -27.76 4.71 -39.16
C PRO E 30 -26.48 4.00 -38.81
N ILE E 31 -25.49 4.71 -38.27
CA ILE E 31 -24.20 4.15 -37.91
C ILE E 31 -24.00 4.16 -36.39
N ALA E 32 -25.10 4.24 -35.64
CA ALA E 32 -25.04 4.32 -34.18
C ALA E 32 -24.15 3.22 -33.60
N ILE E 33 -23.27 3.63 -32.69
CA ILE E 33 -22.33 2.73 -32.04
C ILE E 33 -23.03 2.08 -30.84
N GLU E 34 -23.08 0.74 -30.84
CA GLU E 34 -23.71 0.00 -29.76
C GLU E 34 -22.76 -0.34 -28.62
N GLU E 35 -21.51 -0.70 -28.95
CA GLU E 35 -20.55 -1.11 -27.95
C GLU E 35 -19.15 -0.83 -28.47
N VAL E 36 -18.25 -0.53 -27.55
CA VAL E 36 -16.83 -0.40 -27.86
C VAL E 36 -16.05 -1.36 -26.96
N ARG E 37 -15.44 -2.37 -27.56
CA ARG E 37 -14.58 -3.32 -26.86
C ARG E 37 -13.14 -2.84 -27.03
N GLY E 38 -12.53 -2.40 -25.93
CA GLY E 38 -11.18 -1.90 -26.00
C GLY E 38 -10.22 -2.47 -24.97
N ASP E 39 -10.36 -3.76 -24.65
CA ASP E 39 -9.52 -4.39 -23.63
C ASP E 39 -8.31 -5.10 -24.22
N ALA E 40 -8.12 -5.05 -25.54
CA ALA E 40 -6.91 -5.62 -26.12
C ALA E 40 -5.70 -4.74 -25.82
N HIS E 41 -4.52 -5.36 -25.85
CA HIS E 41 -3.28 -4.67 -25.52
C HIS E 41 -2.86 -3.62 -26.54
N ALA E 42 -2.50 -4.04 -27.76
CA ALA E 42 -1.90 -3.10 -28.71
C ALA E 42 -2.91 -2.15 -29.33
N GLY E 43 -3.79 -1.58 -28.52
CA GLY E 43 -4.77 -0.61 -29.00
C GLY E 43 -5.83 -1.13 -29.93
N VAL E 44 -5.99 -2.45 -30.08
CA VAL E 44 -7.04 -2.98 -30.95
C VAL E 44 -8.38 -2.85 -30.24
N ILE E 45 -9.34 -2.24 -30.92
CA ILE E 45 -10.69 -2.08 -30.40
C ILE E 45 -11.68 -2.61 -31.42
N ARG E 46 -12.76 -3.23 -30.91
CA ARG E 46 -13.85 -3.72 -31.74
C ARG E 46 -15.10 -2.90 -31.44
N ILE E 47 -15.63 -2.25 -32.46
CA ILE E 47 -16.77 -1.35 -32.34
C ILE E 47 -17.96 -2.01 -32.99
N GLN E 48 -19.05 -2.16 -32.23
CA GLN E 48 -20.29 -2.70 -32.76
C GLN E 48 -21.21 -1.55 -33.15
N THR E 49 -21.71 -1.59 -34.39
CA THR E 49 -22.57 -0.54 -34.90
C THR E 49 -23.89 -1.13 -35.39
N SER E 50 -24.82 -0.24 -35.70
CA SER E 50 -26.10 -0.63 -36.26
C SER E 50 -26.04 -0.84 -37.77
N ALA E 51 -24.96 -0.46 -38.42
CA ALA E 51 -24.82 -0.64 -39.86
C ALA E 51 -24.25 -2.03 -40.14
N MET E 52 -24.56 -2.55 -41.33
CA MET E 52 -24.04 -3.84 -41.76
C MET E 52 -22.93 -3.62 -42.77
N PHE E 53 -21.77 -4.22 -42.50
CA PHE E 53 -20.62 -4.16 -43.38
C PHE E 53 -20.33 -5.54 -43.96
N GLY E 54 -20.03 -5.57 -45.26
CA GLY E 54 -19.79 -6.80 -45.95
C GLY E 54 -21.03 -7.48 -46.52
N LEU E 55 -22.21 -6.91 -46.32
CA LEU E 55 -23.43 -7.45 -46.91
C LEU E 55 -24.11 -6.41 -47.78
N LYS E 56 -24.71 -6.89 -48.86
CA LYS E 56 -25.55 -6.10 -49.74
C LYS E 56 -26.90 -6.79 -49.83
N THR E 57 -27.91 -6.03 -50.26
CA THR E 57 -29.25 -6.62 -50.38
C THR E 57 -29.22 -7.85 -51.27
N ASP E 58 -28.26 -7.94 -52.19
CA ASP E 58 -28.17 -9.03 -53.14
C ASP E 58 -27.30 -10.19 -52.66
N GLY E 59 -26.57 -10.05 -51.57
CA GLY E 59 -25.70 -11.11 -51.11
C GLY E 59 -24.52 -10.56 -50.33
N VAL E 60 -23.42 -11.32 -50.36
CA VAL E 60 -22.22 -11.00 -49.59
C VAL E 60 -21.19 -10.34 -50.51
N ASP E 61 -20.60 -9.24 -50.03
CA ASP E 61 -19.52 -8.57 -50.77
C ASP E 61 -18.80 -7.67 -49.79
N LEU E 62 -17.55 -8.01 -49.46
CA LEU E 62 -16.80 -7.22 -48.48
C LEU E 62 -16.54 -5.80 -48.93
N ALA E 63 -16.70 -5.49 -50.21
CA ALA E 63 -16.56 -4.12 -50.67
C ALA E 63 -17.81 -3.28 -50.44
N TYR E 64 -18.93 -3.90 -50.10
CA TYR E 64 -20.21 -3.21 -49.94
C TYR E 64 -20.63 -3.20 -48.47
N MET E 65 -21.46 -2.20 -48.16
CA MET E 65 -22.06 -2.08 -46.84
C MET E 65 -23.54 -1.76 -47.03
N SER E 66 -24.33 -2.06 -46.02
CA SER E 66 -25.77 -1.79 -46.06
C SER E 66 -26.19 -1.05 -44.80
N PHE E 67 -27.02 -0.03 -45.00
CA PHE E 67 -27.53 0.80 -43.91
C PHE E 67 -28.96 1.19 -44.22
N MET E 68 -29.72 1.53 -43.19
CA MET E 68 -31.10 1.94 -43.36
C MET E 68 -31.20 3.41 -43.74
N ASN E 69 -32.01 3.69 -44.77
CA ASN E 69 -32.31 5.04 -45.23
C ASN E 69 -33.80 5.23 -44.97
N GLY E 70 -34.15 5.52 -43.73
CA GLY E 70 -35.55 5.51 -43.32
C GLY E 70 -36.08 4.09 -43.24
N LYS E 71 -37.26 3.87 -43.79
CA LYS E 71 -37.84 2.53 -43.86
C LYS E 71 -37.14 1.63 -44.87
N THR E 72 -36.46 2.22 -45.86
CA THR E 72 -35.86 1.45 -46.95
C THR E 72 -34.40 1.16 -46.64
N GLN E 73 -34.00 -0.10 -46.83
CA GLN E 73 -32.60 -0.49 -46.64
C GLN E 73 -31.81 -0.13 -47.90
N LYS E 74 -30.72 0.60 -47.70
CA LYS E 74 -29.84 1.02 -48.78
C LYS E 74 -28.53 0.24 -48.71
N SER E 75 -28.02 -0.15 -49.88
CA SER E 75 -26.77 -0.88 -50.00
C SER E 75 -25.83 -0.10 -50.90
N ILE E 76 -24.66 0.27 -50.36
CA ILE E 76 -23.69 1.09 -51.08
C ILE E 76 -22.30 0.51 -50.88
N LYS E 77 -21.39 0.86 -51.80
CA LYS E 77 -19.98 0.54 -51.62
C LYS E 77 -19.40 1.32 -50.45
N ILE E 78 -18.57 0.64 -49.67
CA ILE E 78 -17.87 1.30 -48.56
C ILE E 78 -17.03 2.44 -49.13
N ASP E 79 -17.33 3.66 -48.70
CA ASP E 79 -16.62 4.85 -49.17
C ASP E 79 -16.16 5.67 -47.96
N ASN E 80 -14.84 5.75 -47.78
CA ASN E 80 -14.23 6.49 -46.68
C ASN E 80 -14.80 6.08 -45.33
N LEU E 81 -15.10 4.80 -45.18
CA LEU E 81 -15.43 4.27 -43.85
C LEU E 81 -14.22 4.47 -42.95
N HIS E 82 -14.40 5.23 -41.86
CA HIS E 82 -13.29 5.58 -41.01
C HIS E 82 -13.69 5.47 -39.54
N VAL E 83 -12.69 5.26 -38.70
CA VAL E 83 -12.83 5.20 -37.25
C VAL E 83 -11.81 6.15 -36.66
N ARG E 84 -12.23 6.99 -35.72
CA ARG E 84 -11.34 7.97 -35.12
C ARG E 84 -11.60 8.09 -33.63
N THR E 85 -10.52 8.11 -32.84
CA THR E 85 -10.59 8.39 -31.42
C THR E 85 -9.95 9.73 -31.12
N SER E 86 -8.64 9.83 -31.28
CA SER E 86 -7.92 11.09 -31.24
C SER E 86 -7.18 11.36 -32.54
N ALA E 87 -7.01 10.35 -33.38
CA ALA E 87 -6.39 10.44 -34.68
C ALA E 87 -6.95 9.30 -35.52
N PRO E 88 -6.81 9.36 -36.84
CA PRO E 88 -7.39 8.31 -37.68
C PRO E 88 -6.88 6.93 -37.28
N CYS E 89 -7.80 5.97 -37.24
CA CYS E 89 -7.49 4.58 -36.93
C CYS E 89 -7.37 3.79 -38.22
N SER E 90 -6.42 2.85 -38.23
CA SER E 90 -6.32 1.90 -39.33
C SER E 90 -7.38 0.82 -39.16
N LEU E 91 -8.20 0.60 -40.20
CA LEU E 91 -9.19 -0.46 -40.16
C LEU E 91 -8.56 -1.80 -40.50
N VAL E 92 -8.77 -2.78 -39.62
CA VAL E 92 -8.21 -4.11 -39.80
C VAL E 92 -9.13 -4.98 -40.64
N SER E 93 -10.42 -5.01 -40.28
CA SER E 93 -11.42 -5.76 -41.01
C SER E 93 -12.78 -5.30 -40.51
N HIS E 94 -13.83 -5.70 -41.23
CA HIS E 94 -15.18 -5.36 -40.84
C HIS E 94 -16.11 -6.52 -41.12
N HIS E 95 -17.17 -6.59 -40.32
CA HIS E 95 -18.16 -7.66 -40.42
C HIS E 95 -19.49 -7.08 -39.99
N GLY E 96 -20.57 -7.80 -40.29
CA GLY E 96 -21.90 -7.34 -39.91
C GLY E 96 -21.96 -6.77 -38.51
N TYR E 97 -22.37 -5.52 -38.40
CA TYR E 97 -22.44 -4.79 -37.14
C TYR E 97 -21.09 -4.50 -36.48
N TYR E 98 -20.01 -5.11 -36.94
CA TYR E 98 -18.72 -5.01 -36.24
C TYR E 98 -17.63 -4.42 -37.12
N ILE E 99 -16.85 -3.52 -36.52
CA ILE E 99 -15.68 -2.92 -37.15
C ILE E 99 -14.49 -3.15 -36.23
N LEU E 100 -13.38 -3.64 -36.79
CA LEU E 100 -12.13 -3.82 -36.06
C LEU E 100 -11.17 -2.72 -36.49
N ALA E 101 -10.71 -1.93 -35.52
CA ALA E 101 -9.85 -0.79 -35.81
C ALA E 101 -8.64 -0.77 -34.91
N GLN E 102 -7.55 -0.18 -35.43
CA GLN E 102 -6.31 0.01 -34.70
C GLN E 102 -6.24 1.48 -34.30
N CYS E 103 -6.66 1.78 -33.04
CA CYS E 103 -6.83 3.17 -32.63
C CYS E 103 -5.82 3.57 -31.55
N PRO E 104 -5.36 4.82 -31.57
CA PRO E 104 -4.53 5.33 -30.47
C PRO E 104 -5.41 5.75 -29.31
N PRO E 105 -4.80 6.05 -28.15
CA PRO E 105 -5.61 6.46 -27.00
C PRO E 105 -6.44 7.69 -27.30
N GLY E 106 -7.55 7.82 -26.59
CA GLY E 106 -8.43 8.96 -26.78
C GLY E 106 -9.60 8.89 -25.82
N ASP E 107 -10.32 10.01 -25.74
CA ASP E 107 -11.50 10.11 -24.90
C ASP E 107 -12.79 9.74 -25.61
N THR E 108 -12.78 9.64 -26.93
CA THR E 108 -13.97 9.39 -27.71
C THR E 108 -13.68 8.36 -28.79
N VAL E 109 -14.75 7.78 -29.34
CA VAL E 109 -14.66 6.88 -30.48
C VAL E 109 -15.65 7.37 -31.52
N THR E 110 -15.15 7.74 -32.70
CA THR E 110 -15.99 8.23 -33.78
C THR E 110 -15.98 7.23 -34.94
N VAL E 111 -17.16 6.88 -35.41
CA VAL E 111 -17.34 5.99 -36.55
C VAL E 111 -18.21 6.71 -37.56
N GLY E 112 -17.84 6.63 -38.84
CA GLY E 112 -18.66 7.24 -39.86
C GLY E 112 -18.29 6.75 -41.24
N PHE E 113 -19.18 7.03 -42.19
CA PHE E 113 -19.03 6.61 -43.57
C PHE E 113 -19.66 7.66 -44.46
N HIS E 114 -19.27 7.66 -45.73
CA HIS E 114 -19.79 8.61 -46.70
C HIS E 114 -20.69 7.91 -47.71
N ASP E 115 -21.73 8.63 -48.13
CA ASP E 115 -22.67 8.19 -49.15
C ASP E 115 -22.91 9.37 -50.07
N GLY E 116 -22.08 9.50 -51.10
CA GLY E 116 -22.14 10.63 -52.00
C GLY E 116 -21.91 11.93 -51.26
N PRO E 117 -22.86 12.87 -51.36
CA PRO E 117 -22.70 14.14 -50.63
C PRO E 117 -23.04 14.05 -49.15
N ASN E 118 -23.66 12.97 -48.70
CA ASN E 118 -24.07 12.82 -47.31
C ASN E 118 -22.93 12.29 -46.45
N ARG E 119 -22.95 12.67 -45.17
CA ARG E 119 -21.97 12.21 -44.19
C ARG E 119 -22.70 11.71 -42.97
N HIS E 120 -22.43 10.47 -42.58
CA HIS E 120 -23.05 9.84 -41.41
C HIS E 120 -21.95 9.51 -40.41
N THR E 121 -21.98 10.16 -39.25
CA THR E 121 -20.99 9.93 -38.21
C THR E 121 -21.71 9.75 -36.88
N CYS E 122 -21.04 9.05 -35.96
CA CYS E 122 -21.54 8.87 -34.60
C CYS E 122 -20.36 8.88 -33.65
N THR E 123 -20.35 9.84 -32.73
CA THR E 123 -19.28 10.00 -31.74
C THR E 123 -19.83 9.67 -30.36
N VAL E 124 -19.19 8.71 -29.68
CA VAL E 124 -19.59 8.30 -28.34
C VAL E 124 -18.44 8.56 -27.39
N ALA E 125 -18.78 8.89 -26.15
CA ALA E 125 -17.78 9.09 -25.11
C ALA E 125 -17.32 7.74 -24.58
N HIS E 126 -16.06 7.39 -24.80
CA HIS E 126 -15.52 6.11 -24.39
C HIS E 126 -14.01 6.23 -24.29
N LYS E 127 -13.47 6.05 -23.10
CA LYS E 127 -12.02 6.14 -22.90
C LYS E 127 -11.33 4.94 -23.53
N VAL E 128 -10.60 5.17 -24.61
CA VAL E 128 -9.80 4.15 -25.27
C VAL E 128 -8.37 4.33 -24.78
N GLU E 129 -7.80 3.28 -24.20
CA GLU E 129 -6.46 3.33 -23.64
C GLU E 129 -5.55 2.34 -24.36
N PHE E 130 -4.28 2.72 -24.51
CA PHE E 130 -3.27 1.84 -25.05
C PHE E 130 -2.67 1.04 -23.90
N ARG E 131 -2.72 -0.29 -24.01
CA ARG E 131 -2.25 -1.17 -22.94
C ARG E 131 -0.96 -1.86 -23.34
N PRO E 132 0.20 -1.35 -22.94
CA PRO E 132 1.46 -2.01 -23.29
C PRO E 132 1.62 -3.34 -22.57
N VAL E 133 2.40 -4.23 -23.18
CA VAL E 133 2.66 -5.57 -22.64
C VAL E 133 4.01 -5.56 -21.94
N GLY E 134 4.03 -6.11 -20.73
CA GLY E 134 5.28 -6.27 -20.00
C GLY E 134 5.60 -5.20 -19.00
N ARG E 135 6.89 -5.00 -18.74
CA ARG E 135 7.38 -4.08 -17.71
C ARG E 135 7.74 -2.71 -18.23
N GLU E 136 7.38 -2.38 -19.47
CA GLU E 136 7.68 -1.06 -20.02
C GLU E 136 6.41 -0.48 -20.62
N LYS E 137 6.14 0.78 -20.28
CA LYS E 137 4.94 1.46 -20.75
C LYS E 137 5.23 2.16 -22.07
N TYR E 138 5.46 1.35 -23.10
CA TYR E 138 5.64 1.90 -24.44
C TYR E 138 4.30 2.42 -24.95
N ARG E 139 4.38 3.42 -25.84
CA ARG E 139 3.20 4.10 -26.34
C ARG E 139 2.83 3.69 -27.76
N HIS E 140 3.63 2.81 -28.39
CA HIS E 140 3.32 2.34 -29.73
C HIS E 140 4.05 1.02 -29.92
N PRO E 141 3.44 0.03 -30.55
CA PRO E 141 4.14 -1.25 -30.77
C PRO E 141 5.51 -1.01 -31.39
N PRO E 142 6.58 -1.44 -30.73
CA PRO E 142 7.93 -1.21 -31.26
C PRO E 142 8.22 -2.09 -32.46
N GLU E 143 9.21 -1.64 -33.24
CA GLU E 143 9.67 -2.42 -34.38
C GLU E 143 10.27 -3.74 -33.94
N HIS E 144 11.02 -3.73 -32.83
CA HIS E 144 11.74 -4.90 -32.37
C HIS E 144 11.75 -4.92 -30.85
N GLY E 145 11.98 -6.10 -30.28
CA GLY E 145 12.07 -6.23 -28.85
C GLY E 145 11.87 -7.66 -28.36
N VAL E 146 11.22 -7.81 -27.20
CA VAL E 146 10.92 -9.11 -26.63
C VAL E 146 9.47 -9.47 -26.98
N GLU E 147 9.29 -10.65 -27.58
CA GLU E 147 7.98 -11.15 -27.96
C GLU E 147 7.29 -11.78 -26.75
N LEU E 148 6.18 -11.17 -26.31
CA LEU E 148 5.47 -11.62 -25.12
C LEU E 148 4.02 -11.97 -25.45
N PRO E 149 3.41 -12.90 -24.71
CA PRO E 149 1.99 -13.21 -24.92
C PRO E 149 1.11 -12.02 -24.60
N CYS E 150 0.08 -11.83 -25.43
CA CYS E 150 -0.84 -10.70 -25.28
C CYS E 150 -2.24 -11.09 -25.74
N ASN E 151 -3.21 -10.29 -25.33
CA ASN E 151 -4.61 -10.45 -25.72
C ASN E 151 -4.92 -9.55 -26.90
N ARG E 152 -5.39 -10.14 -27.99
CA ARG E 152 -5.73 -9.38 -29.19
C ARG E 152 -7.07 -9.87 -29.73
N TYR E 153 -7.82 -8.95 -30.32
CA TYR E 153 -9.00 -9.32 -31.08
C TYR E 153 -8.56 -9.81 -32.46
N THR E 154 -8.80 -11.08 -32.74
CA THR E 154 -8.35 -11.65 -33.99
C THR E 154 -9.06 -10.99 -35.17
N HIS E 155 -8.34 -10.89 -36.28
CA HIS E 155 -8.91 -10.32 -37.50
C HIS E 155 -9.82 -11.30 -38.25
N LYS E 156 -9.92 -12.53 -37.79
CA LYS E 156 -10.72 -13.54 -38.48
C LYS E 156 -12.21 -13.41 -38.18
N ARG E 157 -13.01 -13.50 -39.24
CA ARG E 157 -14.46 -13.42 -39.16
C ARG E 157 -15.10 -14.70 -38.63
N ALA E 158 -14.38 -15.82 -38.64
CA ALA E 158 -14.98 -17.11 -38.38
C ALA E 158 -15.58 -17.20 -36.98
N ASP E 159 -16.62 -18.03 -36.86
CA ASP E 159 -17.31 -18.26 -35.60
C ASP E 159 -16.41 -19.03 -34.64
N GLN E 160 -16.17 -18.44 -33.46
CA GLN E 160 -15.32 -19.06 -32.44
C GLN E 160 -16.07 -19.23 -31.11
N GLY E 161 -17.38 -19.44 -31.18
CA GLY E 161 -18.18 -19.76 -30.01
C GLY E 161 -18.81 -18.59 -29.26
N HIS E 162 -18.70 -17.38 -29.76
CA HIS E 162 -19.33 -16.21 -29.13
C HIS E 162 -20.47 -15.72 -30.03
N TYR E 163 -21.65 -15.57 -29.44
CA TYR E 163 -22.85 -15.22 -30.20
C TYR E 163 -23.61 -14.10 -29.52
N VAL E 164 -24.41 -13.40 -30.32
CA VAL E 164 -25.36 -12.41 -29.86
C VAL E 164 -26.72 -12.78 -30.44
N GLU E 165 -27.78 -12.43 -29.71
CA GLU E 165 -29.14 -12.77 -30.14
C GLU E 165 -29.70 -11.69 -31.06
N MET E 166 -30.36 -12.14 -32.13
CA MET E 166 -31.09 -11.26 -33.02
C MET E 166 -32.58 -11.52 -32.84
N HIS E 167 -33.35 -10.44 -32.67
CA HIS E 167 -34.76 -10.53 -32.35
C HIS E 167 -35.60 -9.91 -33.46
N GLN E 168 -36.86 -10.33 -33.52
CA GLN E 168 -37.81 -9.72 -34.45
C GLN E 168 -37.90 -8.21 -34.17
N PRO E 169 -37.80 -7.36 -35.19
CA PRO E 169 -37.84 -5.91 -34.93
C PRO E 169 -39.15 -5.50 -34.27
N GLY E 170 -39.05 -4.51 -33.38
CA GLY E 170 -40.24 -3.93 -32.80
C GLY E 170 -40.95 -3.02 -33.78
N LEU E 171 -42.06 -2.46 -33.32
CA LEU E 171 -42.82 -1.52 -34.14
C LEU E 171 -41.93 -0.34 -34.55
N VAL E 172 -41.85 -0.09 -35.85
CA VAL E 172 -41.04 0.99 -36.40
C VAL E 172 -41.97 2.16 -36.70
N ALA E 173 -42.11 3.05 -35.72
CA ALA E 173 -42.95 4.24 -35.87
C ALA E 173 -42.48 5.11 -37.03
N ASP E 174 -43.38 5.40 -37.97
CA ASP E 174 -43.02 6.19 -39.15
C ASP E 174 -44.27 6.94 -39.61
N HIS E 175 -44.32 8.24 -39.31
CA HIS E 175 -45.47 9.08 -39.65
C HIS E 175 -45.58 9.39 -41.14
N SER E 176 -44.59 9.03 -41.95
CA SER E 176 -44.67 9.29 -43.38
C SER E 176 -45.71 8.41 -44.06
N LEU E 177 -46.22 7.39 -43.38
CA LEU E 177 -47.26 6.53 -43.95
C LEU E 177 -48.61 7.22 -44.01
N LEU E 178 -48.84 8.25 -43.20
CA LEU E 178 -50.13 8.92 -43.12
C LEU E 178 -50.18 10.12 -44.04
N SER E 179 -51.28 10.24 -44.79
CA SER E 179 -51.50 11.34 -45.72
C SER E 179 -52.93 11.85 -45.59
N ILE E 180 -53.08 13.17 -45.61
CA ILE E 180 -54.41 13.77 -45.48
C ILE E 180 -55.30 13.40 -46.64
N HIS E 181 -54.74 13.19 -47.83
CA HIS E 181 -55.48 12.78 -49.02
C HIS E 181 -56.67 13.73 -49.20
N SER E 182 -57.89 13.23 -49.35
CA SER E 182 -59.09 14.07 -49.49
C SER E 182 -59.60 14.54 -48.13
N ALA E 183 -58.72 15.20 -47.36
CA ALA E 183 -59.06 15.64 -46.01
C ALA E 183 -59.51 14.47 -45.14
N LYS E 184 -58.87 13.32 -45.34
CA LYS E 184 -59.25 12.09 -44.67
C LYS E 184 -58.01 11.21 -44.58
N VAL E 185 -57.44 11.12 -43.38
CA VAL E 185 -56.19 10.41 -43.12
C VAL E 185 -56.20 9.05 -43.81
N LYS E 186 -55.24 8.83 -44.70
CA LYS E 186 -55.04 7.55 -45.38
C LYS E 186 -53.76 6.89 -44.89
N ILE E 187 -53.83 5.60 -44.65
CA ILE E 187 -52.67 4.80 -44.24
C ILE E 187 -52.15 4.07 -45.48
N THR E 188 -50.96 4.46 -45.93
CA THR E 188 -50.29 3.81 -47.05
C THR E 188 -49.46 2.66 -46.53
N VAL E 189 -49.69 1.46 -47.06
CA VAL E 189 -49.04 0.24 -46.61
C VAL E 189 -47.99 -0.14 -47.66
N PRO E 190 -46.69 -0.11 -47.33
CA PRO E 190 -45.69 -0.60 -48.29
C PRO E 190 -45.96 -2.05 -48.65
N SER E 191 -45.66 -2.38 -49.90
CA SER E 191 -45.91 -3.72 -50.40
C SER E 191 -45.22 -4.77 -49.54
N GLY E 192 -45.96 -5.80 -49.15
CA GLY E 192 -45.46 -6.88 -48.34
C GLY E 192 -45.40 -6.62 -46.85
N ALA E 193 -45.64 -5.39 -46.40
CA ALA E 193 -45.61 -5.06 -44.98
C ALA E 193 -47.01 -4.83 -44.44
N GLN E 194 -47.10 -4.79 -43.11
CA GLN E 194 -48.32 -4.46 -42.39
C GLN E 194 -48.10 -3.18 -41.62
N VAL E 195 -49.11 -2.31 -41.61
CA VAL E 195 -49.05 -1.03 -40.91
C VAL E 195 -50.06 -1.06 -39.78
N LYS E 196 -49.57 -1.05 -38.54
CA LYS E 196 -50.42 -0.81 -37.38
C LYS E 196 -50.70 0.67 -37.27
N TYR E 197 -51.98 1.02 -37.10
CA TYR E 197 -52.41 2.40 -36.98
C TYR E 197 -53.13 2.59 -35.67
N TYR E 198 -52.98 3.79 -35.09
CA TYR E 198 -53.64 4.12 -33.84
C TYR E 198 -54.10 5.57 -33.92
N CYS E 199 -55.40 5.78 -34.03
CA CYS E 199 -56.00 7.10 -34.09
C CYS E 199 -56.95 7.28 -32.91
N LYS E 200 -56.80 8.40 -32.21
CA LYS E 200 -57.60 8.72 -31.03
C LYS E 200 -58.38 10.01 -31.27
N CYS E 201 -58.89 10.16 -32.49
CA CYS E 201 -59.77 11.26 -32.84
C CYS E 201 -61.14 10.95 -32.24
N PRO E 202 -62.13 11.83 -32.42
CA PRO E 202 -63.48 11.52 -31.92
C PRO E 202 -63.92 10.10 -32.25
N ASP E 203 -63.58 9.62 -33.43
CA ASP E 203 -63.81 8.22 -33.81
C ASP E 203 -62.53 7.45 -33.52
N VAL E 204 -62.42 6.93 -32.30
CA VAL E 204 -61.23 6.18 -31.89
C VAL E 204 -61.19 4.87 -32.67
N ARG E 205 -60.11 4.68 -33.43
CA ARG E 205 -59.94 3.48 -34.25
C ARG E 205 -58.51 3.01 -34.16
N LYS E 206 -58.32 1.69 -34.09
CA LYS E 206 -56.98 1.11 -34.15
C LYS E 206 -57.08 -0.29 -34.72
N GLY E 207 -55.95 -0.79 -35.19
CA GLY E 207 -55.89 -2.12 -35.75
C GLY E 207 -54.70 -2.27 -36.67
N ILE E 208 -54.61 -3.44 -37.28
CA ILE E 208 -53.53 -3.79 -38.19
C ILE E 208 -54.12 -3.95 -39.58
N THR E 209 -53.70 -3.08 -40.50
CA THR E 209 -54.14 -3.11 -41.88
C THR E 209 -53.00 -3.59 -42.77
N SER E 210 -53.30 -4.51 -43.68
CA SER E 210 -52.34 -5.00 -44.66
C SER E 210 -52.38 -4.22 -45.96
N SER E 211 -53.33 -3.30 -46.13
CA SER E 211 -53.54 -2.62 -47.40
C SER E 211 -54.00 -1.20 -47.11
N ASP E 212 -53.94 -0.35 -48.13
CA ASP E 212 -54.37 1.04 -47.99
C ASP E 212 -55.73 1.11 -47.31
N HIS E 213 -55.76 1.84 -46.19
CA HIS E 213 -56.95 1.96 -45.36
C HIS E 213 -57.25 3.43 -45.15
N THR E 214 -58.51 3.82 -45.33
CA THR E 214 -58.95 5.19 -45.08
C THR E 214 -59.64 5.22 -43.72
N THR E 215 -59.04 5.93 -42.77
CA THR E 215 -59.62 6.04 -41.44
C THR E 215 -60.62 7.19 -41.38
N THR E 216 -61.39 7.22 -40.29
CA THR E 216 -62.36 8.27 -40.06
C THR E 216 -61.75 9.59 -39.60
N CYS E 217 -60.49 9.60 -39.16
CA CYS E 217 -59.88 10.82 -38.66
C CYS E 217 -59.32 11.67 -39.79
N THR E 218 -59.45 12.99 -39.63
CA THR E 218 -59.09 13.96 -40.66
C THR E 218 -57.72 14.63 -40.47
N ASP E 219 -56.97 14.30 -39.43
CA ASP E 219 -55.71 14.99 -39.16
C ASP E 219 -54.63 13.99 -38.82
N VAL E 220 -53.52 14.06 -39.56
CA VAL E 220 -52.37 13.18 -39.35
C VAL E 220 -51.92 13.19 -37.89
N LYS E 221 -51.95 14.35 -37.24
CA LYS E 221 -51.53 14.41 -35.84
C LYS E 221 -52.38 13.50 -34.96
N GLN E 222 -53.61 13.20 -35.37
CA GLN E 222 -54.48 12.32 -34.61
C GLN E 222 -54.11 10.85 -34.72
N CYS E 223 -53.24 10.46 -35.64
CA CYS E 223 -52.91 9.06 -35.86
C CYS E 223 -51.41 8.81 -35.75
N ARG E 224 -51.08 7.56 -35.40
CA ARG E 224 -49.72 7.03 -35.43
C ARG E 224 -49.71 5.79 -36.32
N ALA E 225 -48.66 5.64 -37.13
CA ALA E 225 -48.50 4.48 -37.98
C ALA E 225 -47.15 3.82 -37.72
N TYR E 226 -47.18 2.51 -37.48
CA TYR E 226 -45.98 1.73 -37.20
C TYR E 226 -45.84 0.64 -38.25
N LEU E 227 -44.69 0.59 -38.90
CA LEU E 227 -44.43 -0.40 -39.94
C LEU E 227 -44.01 -1.73 -39.30
N ILE E 228 -44.74 -2.78 -39.59
CA ILE E 228 -44.44 -4.13 -39.14
C ILE E 228 -43.85 -4.89 -40.32
N ASP E 229 -42.54 -5.15 -40.29
CA ASP E 229 -41.86 -5.86 -41.38
C ASP E 229 -40.83 -6.78 -40.74
N ASN E 230 -41.14 -8.07 -40.68
CA ASN E 230 -40.31 -9.08 -40.04
C ASN E 230 -39.48 -9.89 -41.03
N LYS E 231 -39.36 -9.43 -42.28
CA LYS E 231 -38.56 -10.18 -43.25
C LYS E 231 -37.14 -10.36 -42.73
N LYS E 232 -36.56 -9.31 -42.17
CA LYS E 232 -35.20 -9.34 -41.64
C LYS E 232 -35.25 -8.99 -40.16
N TRP E 233 -34.40 -9.64 -39.38
CA TRP E 233 -34.36 -9.42 -37.94
C TRP E 233 -33.27 -8.41 -37.58
N VAL E 234 -33.30 -7.95 -36.34
CA VAL E 234 -32.33 -6.97 -35.85
C VAL E 234 -31.79 -7.43 -34.50
N TYR E 235 -30.56 -7.03 -34.23
CA TYR E 235 -29.98 -7.25 -32.91
C TYR E 235 -30.85 -6.60 -31.86
N ASN E 236 -30.94 -7.23 -30.68
CA ASN E 236 -31.77 -6.72 -29.60
C ASN E 236 -31.08 -5.52 -28.94
N SER E 237 -30.94 -4.47 -29.73
CA SER E 237 -30.29 -3.26 -29.28
C SER E 237 -31.04 -2.65 -28.10
N GLY E 238 -30.28 -2.15 -27.13
CA GLY E 238 -30.89 -1.45 -26.02
C GLY E 238 -31.50 -0.12 -26.41
N ARG E 239 -31.34 0.31 -27.66
CA ARG E 239 -31.86 1.57 -28.14
C ARG E 239 -33.05 1.39 -29.07
N LEU E 240 -33.56 0.17 -29.22
CA LEU E 240 -34.74 -0.12 -30.02
C LEU E 240 -35.87 -0.62 -29.14
N PRO E 241 -37.12 -0.24 -29.40
CA PRO E 241 -38.24 -0.79 -28.62
C PRO E 241 -38.42 -2.28 -28.88
N ARG E 242 -38.58 -3.03 -27.79
CA ARG E 242 -38.83 -4.47 -27.87
C ARG E 242 -40.19 -4.76 -28.51
N GLY E 243 -40.24 -5.83 -29.30
CA GLY E 243 -41.50 -6.30 -29.84
C GLY E 243 -42.31 -7.09 -28.83
N GLU E 244 -43.52 -7.43 -29.23
CA GLU E 244 -44.44 -8.18 -28.38
C GLU E 244 -44.22 -9.69 -28.47
N GLY E 245 -44.37 -10.36 -27.33
CA GLY E 245 -44.15 -11.79 -27.22
C GLY E 245 -42.68 -12.18 -27.18
N ASP E 246 -42.43 -13.43 -27.55
CA ASP E 246 -41.07 -13.94 -27.65
C ASP E 246 -40.50 -13.49 -29.00
N THR E 247 -39.71 -12.42 -28.96
CA THR E 247 -39.15 -11.86 -30.19
C THR E 247 -37.85 -12.54 -30.61
N PHE E 248 -37.29 -13.41 -29.77
CA PHE E 248 -36.05 -14.10 -30.10
C PHE E 248 -36.22 -14.94 -31.36
N LYS E 249 -35.36 -14.71 -32.36
CA LYS E 249 -35.42 -15.44 -33.62
C LYS E 249 -34.16 -16.22 -33.97
N GLY E 250 -32.99 -15.84 -33.46
CA GLY E 250 -31.78 -16.58 -33.77
C GLY E 250 -30.56 -15.96 -33.12
N LYS E 251 -29.42 -16.57 -33.38
CA LYS E 251 -28.12 -16.12 -32.88
C LYS E 251 -27.21 -15.70 -34.02
N LEU E 252 -26.48 -14.61 -33.79
CA LEU E 252 -25.44 -14.13 -34.69
C LEU E 252 -24.09 -14.28 -33.99
N HIS E 253 -23.15 -14.97 -34.64
CA HIS E 253 -21.83 -15.14 -34.06
C HIS E 253 -21.11 -13.79 -33.95
N VAL E 254 -20.33 -13.63 -32.89
CA VAL E 254 -19.50 -12.45 -32.67
C VAL E 254 -18.20 -12.59 -33.44
N PRO E 255 -17.95 -11.81 -34.49
CA PRO E 255 -16.66 -11.87 -35.16
C PRO E 255 -15.56 -11.24 -34.32
N PHE E 256 -14.33 -11.44 -34.75
CA PHE E 256 -13.15 -10.87 -34.10
C PHE E 256 -13.20 -11.07 -32.58
N VAL E 257 -13.29 -12.33 -32.18
CA VAL E 257 -13.29 -12.69 -30.76
C VAL E 257 -11.91 -12.44 -30.16
N PRO E 258 -11.82 -12.09 -28.88
CA PRO E 258 -10.50 -11.95 -28.26
C PRO E 258 -9.76 -13.28 -28.20
N VAL E 259 -8.47 -13.25 -28.56
CA VAL E 259 -7.61 -14.42 -28.57
C VAL E 259 -6.26 -14.07 -27.97
N LYS E 260 -5.54 -15.10 -27.53
CA LYS E 260 -4.16 -14.94 -27.09
C LYS E 260 -3.24 -14.82 -28.30
N ALA E 261 -2.35 -13.83 -28.26
CA ALA E 261 -1.42 -13.57 -29.35
C ALA E 261 -0.07 -13.17 -28.77
N LYS E 262 0.94 -13.12 -29.65
CA LYS E 262 2.29 -12.72 -29.28
C LYS E 262 2.52 -11.28 -29.71
N CYS E 263 2.81 -10.41 -28.75
CA CYS E 263 3.08 -8.99 -29.00
C CYS E 263 4.55 -8.69 -28.74
N ILE E 264 5.12 -7.79 -29.53
CA ILE E 264 6.50 -7.35 -29.37
C ILE E 264 6.53 -6.22 -28.35
N ALA E 265 7.16 -6.45 -27.21
CA ALA E 265 7.33 -5.44 -26.18
C ALA E 265 8.72 -4.81 -26.29
N THR E 266 8.80 -3.53 -25.94
CA THR E 266 10.06 -2.82 -25.95
C THR E 266 11.08 -3.48 -25.04
N LEU E 267 12.36 -3.23 -25.34
CA LEU E 267 13.48 -3.74 -24.56
C LEU E 267 14.35 -2.57 -24.14
N ALA E 268 14.33 -2.24 -22.84
CA ALA E 268 15.03 -1.07 -22.35
C ALA E 268 16.53 -1.20 -22.58
N PRO E 269 17.24 -0.06 -22.64
CA PRO E 269 18.69 -0.12 -22.84
C PRO E 269 19.40 -0.84 -21.71
N GLU E 270 20.51 -1.48 -22.06
CA GLU E 270 21.27 -2.26 -21.08
C GLU E 270 21.86 -1.32 -20.02
N PRO E 271 21.63 -1.59 -18.74
CA PRO E 271 22.18 -0.70 -17.70
C PRO E 271 23.69 -0.77 -17.61
N LEU E 272 24.28 0.33 -17.15
CA LEU E 272 25.69 0.36 -16.76
C LEU E 272 25.80 -0.14 -15.32
N VAL E 273 26.68 -1.10 -15.09
CA VAL E 273 26.81 -1.74 -13.79
C VAL E 273 28.19 -1.44 -13.23
N GLU E 274 28.22 -0.87 -12.04
CA GLU E 274 29.45 -0.59 -11.30
C GLU E 274 29.42 -1.38 -10.01
N HIS E 275 30.58 -1.89 -9.59
CA HIS E 275 30.66 -2.79 -8.44
C HIS E 275 31.47 -2.15 -7.33
N LYS E 276 30.93 -2.22 -6.11
CA LYS E 276 31.59 -1.78 -4.90
C LYS E 276 31.43 -2.86 -3.86
N HIS E 277 32.19 -2.75 -2.77
CA HIS E 277 32.13 -3.74 -1.71
C HIS E 277 30.70 -3.96 -1.25
N ARG E 278 30.19 -5.17 -1.48
CA ARG E 278 28.83 -5.53 -1.08
C ARG E 278 27.79 -4.54 -1.59
N THR E 279 28.06 -3.88 -2.71
CA THR E 279 27.12 -2.93 -3.28
C THR E 279 27.10 -3.02 -4.79
N LEU E 280 25.90 -3.03 -5.35
CA LEU E 280 25.67 -3.01 -6.80
C LEU E 280 25.10 -1.65 -7.17
N ILE E 281 25.78 -0.94 -8.06
CA ILE E 281 25.35 0.38 -8.51
C ILE E 281 24.92 0.27 -9.96
N LEU E 282 23.65 0.58 -10.22
CA LEU E 282 23.07 0.52 -11.56
C LEU E 282 22.76 1.93 -12.04
N HIS E 283 23.19 2.25 -13.25
CA HIS E 283 22.84 3.50 -13.92
C HIS E 283 21.81 3.17 -14.99
N LEU E 284 20.57 3.59 -14.76
CA LEU E 284 19.45 3.24 -15.61
C LEU E 284 19.11 4.42 -16.50
N HIS E 285 19.03 4.17 -17.81
CA HIS E 285 18.70 5.20 -18.79
C HIS E 285 17.55 4.67 -19.64
N PRO E 286 16.34 4.66 -19.10
CA PRO E 286 15.20 4.11 -19.83
C PRO E 286 14.69 5.05 -20.92
N ASP E 287 14.02 4.45 -21.89
CA ASP E 287 13.34 5.21 -22.94
C ASP E 287 11.90 5.51 -22.57
N HIS E 288 11.27 4.61 -21.84
CA HIS E 288 9.89 4.73 -21.40
C HIS E 288 9.84 4.28 -19.95
N PRO E 289 8.79 4.63 -19.21
CA PRO E 289 8.71 4.17 -17.82
C PRO E 289 8.96 2.68 -17.73
N THR E 290 10.06 2.30 -17.08
CA THR E 290 10.51 0.93 -17.02
C THR E 290 10.53 0.46 -15.57
N LEU E 291 9.94 -0.69 -15.31
CA LEU E 291 9.86 -1.22 -13.96
C LEU E 291 11.16 -1.91 -13.58
N LEU E 292 11.72 -1.54 -12.43
CA LEU E 292 12.89 -2.18 -11.86
C LEU E 292 12.47 -2.88 -10.57
N THR E 293 12.75 -4.18 -10.48
CA THR E 293 12.47 -4.94 -9.27
C THR E 293 13.70 -5.73 -8.85
N THR E 294 13.89 -5.85 -7.55
CA THR E 294 15.00 -6.61 -6.99
C THR E 294 14.53 -7.35 -5.75
N ARG E 295 15.27 -8.40 -5.41
CA ARG E 295 14.98 -9.18 -4.21
C ARG E 295 16.25 -9.88 -3.77
N SER E 296 16.41 -10.03 -2.47
CA SER E 296 17.51 -10.81 -1.94
C SER E 296 17.20 -12.30 -2.06
N LEU E 297 18.26 -13.10 -2.25
CA LEU E 297 18.12 -14.54 -2.38
C LEU E 297 18.26 -15.25 -1.04
N GLY E 298 18.17 -14.53 0.07
CA GLY E 298 18.25 -15.11 1.39
C GLY E 298 16.88 -15.40 1.98
N SER E 299 16.86 -15.61 3.30
CA SER E 299 15.62 -15.92 3.98
C SER E 299 14.67 -14.74 4.02
N ASP E 300 15.16 -13.53 3.75
CA ASP E 300 14.34 -12.32 3.72
C ASP E 300 14.48 -11.71 2.33
N ALA E 301 13.42 -11.82 1.53
CA ALA E 301 13.49 -11.35 0.15
C ALA E 301 13.76 -9.85 0.07
N ASN E 302 13.26 -9.07 1.03
CA ASN E 302 13.40 -7.62 1.07
C ASN E 302 13.14 -7.04 -0.32
N PRO E 303 11.99 -7.30 -0.92
CA PRO E 303 11.76 -6.89 -2.31
C PRO E 303 11.71 -5.38 -2.48
N THR E 304 12.11 -4.94 -3.68
CA THR E 304 12.06 -3.54 -4.08
C THR E 304 11.35 -3.46 -5.43
N ARG E 305 10.47 -2.48 -5.57
CA ARG E 305 9.71 -2.30 -6.80
C ARG E 305 9.50 -0.81 -7.04
N GLN E 306 10.04 -0.30 -8.15
CA GLN E 306 9.91 1.11 -8.48
C GLN E 306 9.95 1.29 -9.99
N TRP E 307 9.18 2.25 -10.48
CA TRP E 307 9.14 2.59 -11.90
C TRP E 307 10.17 3.69 -12.16
N ILE E 308 11.07 3.45 -13.10
CA ILE E 308 12.11 4.40 -13.47
C ILE E 308 11.65 5.11 -14.74
N GLU E 309 11.37 6.41 -14.63
CA GLU E 309 10.89 7.19 -15.76
C GLU E 309 11.97 8.05 -16.41
N ARG E 310 13.01 8.40 -15.68
CA ARG E 310 14.10 9.22 -16.18
C ARG E 310 15.42 8.64 -15.70
N PRO E 311 16.53 9.04 -16.31
CA PRO E 311 17.83 8.51 -15.88
C PRO E 311 18.05 8.68 -14.40
N THR E 312 18.52 7.63 -13.75
CA THR E 312 18.73 7.65 -12.30
C THR E 312 19.76 6.61 -11.92
N THR E 313 20.29 6.76 -10.71
CA THR E 313 21.25 5.83 -10.14
C THR E 313 20.65 5.19 -8.89
N VAL E 314 20.65 3.86 -8.85
CA VAL E 314 20.11 3.11 -7.72
C VAL E 314 21.20 2.19 -7.17
N ASN E 315 21.31 2.14 -5.85
CA ASN E 315 22.33 1.36 -5.17
C ASN E 315 21.64 0.24 -4.38
N PHE E 316 22.04 -1.00 -4.64
CA PHE E 316 21.51 -2.15 -3.93
C PHE E 316 22.62 -2.84 -3.15
N THR E 317 22.31 -3.23 -1.92
CA THR E 317 23.26 -3.94 -1.08
C THR E 317 23.23 -5.43 -1.44
N VAL E 318 24.40 -5.97 -1.78
CA VAL E 318 24.54 -7.37 -2.16
C VAL E 318 25.43 -8.06 -1.14
N THR E 319 24.96 -9.16 -0.59
CA THR E 319 25.70 -9.96 0.39
C THR E 319 26.12 -11.27 -0.25
N GLY E 320 26.75 -12.13 0.56
CA GLY E 320 27.15 -13.43 0.07
C GLY E 320 25.99 -14.33 -0.27
N GLU E 321 24.79 -13.98 0.18
CA GLU E 321 23.61 -14.76 -0.18
C GLU E 321 23.17 -14.47 -1.62
N GLY E 322 23.47 -13.29 -2.12
CA GLY E 322 23.15 -12.90 -3.48
C GLY E 322 21.95 -11.99 -3.57
N LEU E 323 21.81 -11.35 -4.72
CA LEU E 323 20.69 -10.46 -5.01
C LEU E 323 20.31 -10.61 -6.47
N GLU E 324 19.01 -10.59 -6.73
CA GLU E 324 18.47 -10.67 -8.07
C GLU E 324 17.77 -9.37 -8.41
N TYR E 325 18.02 -8.84 -9.60
CA TYR E 325 17.37 -7.63 -10.07
C TYR E 325 16.86 -7.88 -11.48
N THR E 326 15.71 -7.32 -11.79
CA THR E 326 15.07 -7.47 -13.10
C THR E 326 14.82 -6.08 -13.67
N TRP E 327 15.51 -5.76 -14.76
CA TRP E 327 15.30 -4.52 -15.48
C TRP E 327 14.23 -4.79 -16.53
N GLY E 328 13.25 -3.89 -16.63
CA GLY E 328 12.06 -4.13 -17.42
C GLY E 328 12.27 -4.92 -18.71
N ASN E 329 11.51 -6.00 -18.85
CA ASN E 329 11.53 -6.88 -20.02
C ASN E 329 12.87 -7.58 -20.24
N HIS E 330 13.80 -7.49 -19.28
CA HIS E 330 15.03 -8.25 -19.41
C HIS E 330 15.01 -9.47 -18.50
N PRO E 331 15.72 -10.54 -18.85
CA PRO E 331 15.76 -11.71 -17.97
C PRO E 331 16.37 -11.34 -16.62
N PRO E 332 15.85 -11.90 -15.53
CA PRO E 332 16.44 -11.57 -14.22
C PRO E 332 17.91 -11.97 -14.15
N LYS E 333 18.71 -11.10 -13.54
CA LYS E 333 20.13 -11.33 -13.36
C LYS E 333 20.43 -11.51 -11.88
N ARG E 334 21.31 -12.45 -11.57
CA ARG E 334 21.70 -12.74 -10.19
C ARG E 334 23.17 -12.40 -9.99
N VAL E 335 23.47 -11.73 -8.88
CA VAL E 335 24.83 -11.34 -8.54
C VAL E 335 25.09 -11.63 -7.07
N TRP E 336 26.34 -11.99 -6.77
CA TRP E 336 26.77 -12.33 -5.42
C TRP E 336 28.01 -11.52 -5.07
N ALA E 337 28.10 -11.09 -3.82
CA ALA E 337 29.22 -10.28 -3.36
C ALA E 337 30.27 -11.17 -2.71
N GLN E 338 31.53 -10.96 -3.08
CA GLN E 338 32.65 -11.70 -2.51
C GLN E 338 33.17 -10.99 -1.27
N GLU E 339 33.96 -11.73 -0.48
CA GLU E 339 34.53 -11.21 0.76
C GLU E 339 35.83 -10.47 0.44
N SER E 340 35.67 -9.36 -0.29
CA SER E 340 36.79 -8.55 -0.74
C SER E 340 36.95 -7.27 0.07
N GLY E 341 36.49 -7.28 1.32
CA GLY E 341 36.54 -6.09 2.13
C GLY E 341 37.95 -5.54 2.27
N GLU E 342 38.03 -4.23 2.49
CA GLU E 342 39.30 -3.54 2.61
C GLU E 342 39.92 -3.79 3.97
N GLY E 343 41.22 -4.01 3.99
CA GLY E 343 41.94 -4.23 5.23
C GLY E 343 43.10 -5.19 5.03
N ASN E 344 43.84 -5.41 6.11
CA ASN E 344 44.96 -6.34 6.13
C ASN E 344 44.86 -7.21 7.37
N PRO E 345 44.33 -8.43 7.27
CA PRO E 345 44.20 -9.27 8.47
C PRO E 345 45.53 -9.75 9.02
N HIS E 346 46.63 -9.56 8.29
CA HIS E 346 47.96 -9.97 8.75
C HIS E 346 48.82 -8.80 9.19
N GLY E 347 48.25 -7.60 9.29
CA GLY E 347 49.00 -6.41 9.64
C GLY E 347 48.91 -6.08 11.12
N TRP E 348 49.07 -4.80 11.43
CA TRP E 348 49.02 -4.32 12.79
C TRP E 348 47.59 -4.33 13.32
N PRO E 349 47.42 -4.27 14.64
CA PRO E 349 46.06 -4.34 15.21
C PRO E 349 45.06 -3.39 14.58
N HIS E 350 45.46 -2.17 14.19
CA HIS E 350 44.49 -1.29 13.57
C HIS E 350 44.10 -1.77 12.18
N GLU E 351 45.00 -2.45 11.48
CA GLU E 351 44.66 -2.97 10.16
C GLU E 351 43.83 -4.25 10.27
N VAL E 352 44.10 -5.05 11.30
CA VAL E 352 43.30 -6.25 11.53
C VAL E 352 41.87 -5.84 11.90
N VAL E 353 41.74 -4.88 12.82
CA VAL E 353 40.42 -4.42 13.21
C VAL E 353 39.69 -3.81 12.03
N VAL E 354 40.39 -3.06 11.17
CA VAL E 354 39.74 -2.50 9.99
C VAL E 354 39.22 -3.60 9.08
N TYR E 355 40.05 -4.62 8.83
CA TYR E 355 39.62 -5.71 7.95
C TYR E 355 38.38 -6.40 8.49
N TYR E 356 38.42 -6.82 9.76
CA TYR E 356 37.27 -7.54 10.30
C TYR E 356 36.06 -6.64 10.49
N TYR E 357 36.26 -5.35 10.74
CA TYR E 357 35.13 -4.44 10.82
C TYR E 357 34.43 -4.32 9.48
N ASN E 358 35.21 -4.20 8.39
CA ASN E 358 34.60 -4.14 7.08
C ASN E 358 33.91 -5.45 6.72
N ARG E 359 34.47 -6.58 7.16
CA ARG E 359 33.85 -7.86 6.85
C ARG E 359 32.70 -8.18 7.81
N TYR E 360 32.86 -7.88 9.11
CA TYR E 360 31.84 -8.14 10.12
C TYR E 360 31.69 -6.90 11.00
N PRO E 361 30.99 -5.87 10.52
CA PRO E 361 30.88 -4.62 11.31
C PRO E 361 30.37 -4.83 12.74
N LEU E 362 29.16 -5.39 12.85
CA LEU E 362 28.54 -5.54 14.17
C LEU E 362 29.30 -6.53 15.02
N THR E 363 29.72 -7.65 14.44
CA THR E 363 30.46 -8.64 15.22
C THR E 363 31.77 -8.06 15.73
N THR E 364 32.45 -7.27 14.90
CA THR E 364 33.70 -6.65 15.35
C THR E 364 33.44 -5.65 16.47
N ILE E 365 32.38 -4.85 16.37
CA ILE E 365 32.07 -3.90 17.43
C ILE E 365 31.80 -4.64 18.73
N ILE E 366 30.97 -5.69 18.68
CA ILE E 366 30.66 -6.44 19.88
C ILE E 366 31.91 -7.10 20.44
N GLY E 367 32.75 -7.67 19.57
CA GLY E 367 33.96 -8.32 20.04
C GLY E 367 34.88 -7.35 20.76
N LEU E 368 35.14 -6.20 20.15
CA LEU E 368 36.03 -5.22 20.79
C LEU E 368 35.46 -4.73 22.10
N CYS E 369 34.15 -4.43 22.16
CA CYS E 369 33.57 -3.98 23.41
C CYS E 369 33.67 -5.05 24.48
N THR E 370 33.42 -6.32 24.11
CA THR E 370 33.55 -7.41 25.07
C THR E 370 34.98 -7.55 25.56
N CYS E 371 35.96 -7.45 24.66
CA CYS E 371 37.35 -7.56 25.06
C CYS E 371 37.73 -6.44 26.03
N VAL E 372 37.31 -5.21 25.72
CA VAL E 372 37.65 -4.09 26.62
C VAL E 372 36.98 -4.27 27.98
N ALA E 373 35.71 -4.70 28.00
CA ALA E 373 35.04 -4.94 29.27
C ALA E 373 35.75 -6.03 30.06
N ILE E 374 36.15 -7.11 29.39
CA ILE E 374 36.86 -8.20 30.06
C ILE E 374 38.18 -7.70 30.61
N ILE E 375 38.92 -6.91 29.82
CA ILE E 375 40.20 -6.39 30.27
C ILE E 375 40.01 -5.52 31.50
N MET E 376 39.03 -4.61 31.47
CA MET E 376 38.80 -3.73 32.61
C MET E 376 38.44 -4.53 33.86
N VAL E 377 37.48 -5.46 33.73
CA VAL E 377 37.07 -6.24 34.90
C VAL E 377 38.23 -7.06 35.44
N SER E 378 39.02 -7.67 34.55
CA SER E 378 40.14 -8.49 35.00
C SER E 378 41.24 -7.66 35.63
N CYS E 379 41.57 -6.51 35.04
CA CYS E 379 42.61 -5.66 35.62
C CYS E 379 42.17 -5.12 36.96
N VAL E 380 40.90 -4.70 37.09
CA VAL E 380 40.42 -4.22 38.38
C VAL E 380 40.48 -5.34 39.41
N THR E 381 40.05 -6.55 39.03
CA THR E 381 40.10 -7.67 39.98
C THR E 381 41.54 -8.00 40.36
N SER E 382 42.45 -8.02 39.39
CA SER E 382 43.84 -8.34 39.67
C SER E 382 44.47 -7.30 40.60
N VAL E 383 44.26 -6.02 40.31
CA VAL E 383 44.82 -4.98 41.13
C VAL E 383 44.19 -5.00 42.52
N TRP E 384 42.89 -5.23 42.59
CA TRP E 384 42.21 -5.32 43.88
C TRP E 384 42.78 -6.45 44.73
N LEU E 385 42.96 -7.63 44.11
CA LEU E 385 43.53 -8.76 44.85
C LEU E 385 44.96 -8.48 45.29
N LEU E 386 45.76 -7.85 44.42
CA LEU E 386 47.15 -7.57 44.79
C LEU E 386 47.24 -6.52 45.89
N CYS E 387 46.42 -5.47 45.81
CA CYS E 387 46.42 -4.45 46.86
C CYS E 387 45.90 -5.01 48.17
N ARG E 388 44.85 -5.83 48.12
CA ARG E 388 44.36 -6.46 49.34
C ARG E 388 45.43 -7.38 49.92
N THR E 389 46.16 -8.08 49.06
CA THR E 389 47.27 -8.91 49.53
C THR E 389 48.31 -8.06 50.25
N ARG E 390 48.67 -6.91 49.67
CA ARG E 390 49.63 -6.04 50.32
C ARG E 390 49.12 -5.56 51.67
N ASN E 391 47.85 -5.16 51.74
CA ASN E 391 47.29 -4.70 53.01
C ASN E 391 47.32 -5.81 54.05
N LEU E 392 46.91 -7.02 53.67
CA LEU E 392 46.87 -8.13 54.63
C LEU E 392 48.28 -8.55 55.05
N CYS E 393 49.24 -8.46 54.14
CA CYS E 393 50.61 -8.87 54.44
C CYS E 393 51.33 -7.85 55.31
N ILE E 394 51.10 -6.56 55.06
CA ILE E 394 51.83 -5.51 55.77
C ILE E 394 51.17 -5.11 57.09
N THR E 395 49.83 -5.16 57.18
CA THR E 395 49.16 -4.78 58.41
C THR E 395 49.75 -5.46 59.64
N PRO E 396 50.08 -6.75 59.63
CA PRO E 396 50.67 -7.35 60.83
C PRO E 396 51.92 -6.63 61.32
N TYR E 397 52.64 -5.96 60.44
CA TYR E 397 53.86 -5.27 60.84
C TYR E 397 53.65 -3.80 61.15
N LYS E 398 52.61 -3.17 60.61
CA LYS E 398 52.34 -1.78 60.97
C LYS E 398 51.96 -1.66 62.43
N LEU E 399 51.21 -2.62 62.95
CA LEU E 399 50.82 -2.61 64.36
C LEU E 399 51.95 -3.06 65.28
N ALA E 400 53.15 -3.28 64.73
CA ALA E 400 54.31 -3.72 65.51
C ALA E 400 55.51 -2.94 65.01
N PRO E 401 55.65 -1.69 65.41
CA PRO E 401 56.79 -0.87 64.93
C PRO E 401 58.14 -1.50 65.19
N ASN E 402 58.32 -2.16 66.34
CA ASN E 402 59.59 -2.80 66.68
C ASN E 402 59.55 -4.25 66.19
N ALA E 403 59.71 -4.41 64.88
CA ALA E 403 59.71 -5.71 64.24
C ALA E 403 60.88 -5.81 63.27
N GLN E 404 61.25 -7.05 62.94
CA GLN E 404 62.38 -7.25 62.05
C GLN E 404 62.10 -6.68 60.66
N VAL E 405 60.88 -6.88 60.17
CA VAL E 405 60.49 -6.41 58.83
C VAL E 405 61.57 -6.83 57.83
N PRO E 406 61.69 -8.11 57.52
CA PRO E 406 62.73 -8.55 56.58
C PRO E 406 62.61 -7.85 55.23
N ILE E 407 63.77 -7.60 54.62
CA ILE E 407 63.79 -6.91 53.32
C ILE E 407 62.98 -7.69 52.30
N LEU E 408 63.01 -9.01 52.37
CA LEU E 408 62.25 -9.82 51.43
C LEU E 408 60.76 -9.51 51.51
N LEU E 409 60.27 -9.13 52.69
CA LEU E 409 58.87 -8.78 52.84
C LEU E 409 58.52 -7.57 51.97
N ALA E 410 59.40 -6.57 51.93
CA ALA E 410 59.19 -5.40 51.10
C ALA E 410 59.30 -5.71 49.60
N LEU E 411 59.83 -6.87 49.22
CA LEU E 411 59.97 -7.23 47.82
C LEU E 411 58.85 -8.11 47.30
N LEU E 412 58.30 -8.99 48.13
CA LEU E 412 57.24 -9.89 47.69
C LEU E 412 55.84 -9.31 47.88
N CYS E 413 55.58 -8.65 49.00
CA CYS E 413 54.26 -8.12 49.30
C CYS E 413 54.07 -6.68 48.85
N CYS E 414 55.08 -6.05 48.27
CA CYS E 414 54.96 -4.67 47.80
C CYS E 414 55.21 -4.59 46.29
N ASP F 1 46.38 9.89 81.25
CA ASP F 1 45.51 8.74 81.07
C ASP F 1 45.99 7.87 79.92
N LYS F 2 45.97 6.55 80.13
CA LYS F 2 46.37 5.59 79.11
C LYS F 2 45.18 4.90 78.45
N THR F 3 44.03 4.89 79.11
CA THR F 3 42.82 4.27 78.59
C THR F 3 41.74 5.32 78.47
N PHE F 4 41.04 5.34 77.33
CA PHE F 4 40.02 6.34 77.05
C PHE F 4 38.70 5.65 76.72
N PRO F 5 37.63 5.88 77.48
CA PRO F 5 36.35 5.22 77.17
C PRO F 5 35.76 5.71 75.86
N ILE F 6 35.00 4.82 75.22
CA ILE F 6 34.27 5.11 74.00
C ILE F 6 32.79 5.12 74.33
N MET F 7 32.12 6.24 74.06
CA MET F 7 30.72 6.41 74.39
C MET F 7 29.87 6.40 73.13
N LEU F 8 28.80 5.61 73.14
CA LEU F 8 27.87 5.50 72.01
C LEU F 8 26.66 6.42 72.19
N ASN F 9 25.90 6.21 73.26
CA ASN F 9 24.72 7.01 73.58
C ASN F 9 24.84 7.64 74.97
N GLY F 10 26.07 7.87 75.41
CA GLY F 10 26.35 8.32 76.75
C GLY F 10 26.89 7.25 77.66
N GLN F 11 26.70 5.98 77.31
CA GLN F 11 27.25 4.86 78.05
C GLN F 11 28.56 4.41 77.42
N VAL F 12 29.43 3.81 78.23
CA VAL F 12 30.72 3.36 77.75
C VAL F 12 30.53 2.04 77.01
N ASN F 13 30.98 2.00 75.75
CA ASN F 13 30.87 0.82 74.90
C ASN F 13 32.21 0.17 74.61
N GLY F 14 33.26 0.57 75.31
CA GLY F 14 34.58 0.05 75.06
C GLY F 14 35.63 1.08 75.45
N TYR F 15 36.89 0.71 75.23
CA TYR F 15 38.01 1.57 75.59
C TYR F 15 39.05 1.58 74.47
N ALA F 16 39.61 2.76 74.21
CA ALA F 16 40.67 2.96 73.24
C ALA F 16 41.99 3.17 73.95
N CYS F 17 43.06 2.59 73.40
CA CYS F 17 44.39 2.69 73.99
C CYS F 17 45.39 3.23 72.97
N VAL F 18 46.43 3.88 73.49
CA VAL F 18 47.50 4.47 72.68
C VAL F 18 48.80 3.77 73.05
N VAL F 19 49.41 3.10 72.08
CA VAL F 19 50.63 2.32 72.31
C VAL F 19 51.66 2.69 71.25
N GLY F 20 52.85 3.09 71.70
CA GLY F 20 53.95 3.36 70.79
C GLY F 20 53.62 4.36 69.70
N GLY F 21 52.83 5.38 70.03
CA GLY F 21 52.45 6.38 69.05
C GLY F 21 51.24 6.03 68.21
N ARG F 22 50.63 4.87 68.44
CA ARG F 22 49.47 4.43 67.68
C ARG F 22 48.30 4.17 68.64
N VAL F 23 47.10 4.46 68.17
CA VAL F 23 45.88 4.26 68.94
C VAL F 23 45.12 3.06 68.37
N PHE F 24 44.58 2.22 69.25
CA PHE F 24 43.78 1.08 68.85
C PHE F 24 42.45 1.10 69.60
N LYS F 25 41.39 0.72 68.90
CA LYS F 25 40.07 0.55 69.52
C LYS F 25 39.36 -0.61 68.83
N PRO F 26 38.46 -1.29 69.52
CA PRO F 26 37.77 -2.43 68.90
C PRO F 26 37.01 -2.02 67.66
N LEU F 27 37.15 -2.83 66.60
CA LEU F 27 36.45 -2.54 65.35
C LEU F 27 34.94 -2.71 65.48
N HIS F 28 34.49 -3.62 66.35
CA HIS F 28 33.07 -3.89 66.53
C HIS F 28 32.39 -2.94 67.51
N VAL F 29 33.10 -1.97 68.07
CA VAL F 29 32.54 -1.04 69.04
C VAL F 29 32.20 0.26 68.32
N GLU F 30 30.93 0.66 68.40
CA GLU F 30 30.44 1.88 67.78
C GLU F 30 30.37 3.00 68.81
N GLY F 31 30.62 4.22 68.35
CA GLY F 31 30.60 5.40 69.19
C GLY F 31 31.85 6.24 69.03
N ARG F 32 31.80 7.41 69.65
CA ARG F 32 32.92 8.34 69.64
C ARG F 32 33.86 8.07 70.80
N ILE F 33 35.14 8.38 70.59
CA ILE F 33 36.13 8.32 71.65
C ILE F 33 35.96 9.53 72.54
N ASP F 34 35.93 9.32 73.86
CA ASP F 34 35.72 10.40 74.82
C ASP F 34 37.02 11.18 75.03
N ASN F 35 37.51 11.73 73.92
CA ASN F 35 38.74 12.54 73.94
C ASN F 35 38.77 13.35 72.66
N GLU F 36 38.81 14.68 72.80
CA GLU F 36 38.80 15.54 71.63
C GLU F 36 40.01 15.28 70.74
N GLN F 37 41.18 15.05 71.35
CA GLN F 37 42.39 14.83 70.56
C GLN F 37 42.32 13.51 69.80
N LEU F 38 41.82 12.45 70.43
CA LEU F 38 41.76 11.16 69.77
C LEU F 38 40.55 11.05 68.85
N ALA F 39 39.44 11.72 69.18
CA ALA F 39 38.26 11.66 68.34
C ALA F 39 38.49 12.28 66.97
N ALA F 40 39.50 13.11 66.82
CA ALA F 40 39.81 13.77 65.55
C ALA F 40 40.73 12.94 64.67
N ILE F 41 41.18 11.77 65.12
CA ILE F 41 42.08 10.94 64.32
C ILE F 41 41.24 10.03 63.44
N LYS F 42 41.57 10.00 62.15
CA LYS F 42 40.95 9.08 61.20
C LYS F 42 41.76 7.80 61.18
N LEU F 43 41.14 6.69 61.61
CA LEU F 43 41.83 5.42 61.78
C LEU F 43 41.60 4.49 60.59
N LYS F 44 42.60 3.65 60.34
CA LYS F 44 42.52 2.64 59.29
C LYS F 44 41.99 1.34 59.87
N LYS F 45 41.29 0.57 59.04
CA LYS F 45 40.72 -0.71 59.49
C LYS F 45 41.71 -1.85 59.30
N ALA F 46 41.72 -2.77 60.26
CA ALA F 46 42.54 -3.99 60.22
C ALA F 46 41.62 -5.14 60.61
N SER F 47 40.86 -5.65 59.64
CA SER F 47 39.90 -6.71 59.94
C SER F 47 40.56 -7.98 60.45
N ILE F 48 41.84 -8.18 60.17
CA ILE F 48 42.54 -9.36 60.70
C ILE F 48 42.50 -9.34 62.22
N TYR F 49 42.67 -8.17 62.81
CA TYR F 49 42.75 -8.03 64.26
C TYR F 49 41.51 -7.39 64.87
N ASP F 50 40.45 -7.21 64.08
CA ASP F 50 39.19 -6.66 64.58
C ASP F 50 39.41 -5.32 65.29
N LEU F 51 40.33 -4.51 64.77
CA LEU F 51 40.64 -3.23 65.38
C LEU F 51 40.96 -2.19 64.32
N GLU F 52 40.86 -0.93 64.72
CA GLU F 52 41.24 0.21 63.90
C GLU F 52 42.46 0.88 64.53
N TYR F 53 43.33 1.44 63.68
CA TYR F 53 44.56 2.03 64.17
C TYR F 53 44.88 3.33 63.42
N GLY F 54 45.76 4.11 64.03
CA GLY F 54 46.19 5.37 63.45
C GLY F 54 47.19 6.04 64.37
N ASP F 55 47.80 7.11 63.85
CA ASP F 55 48.79 7.86 64.61
C ASP F 55 48.11 8.87 65.54
N VAL F 56 48.83 9.25 66.59
CA VAL F 56 48.32 10.19 67.59
C VAL F 56 49.00 11.55 67.47
N PRO F 57 48.41 12.61 68.06
CA PRO F 57 49.03 13.93 68.00
C PRO F 57 50.40 13.96 68.64
N GLN F 58 51.23 14.91 68.17
CA GLN F 58 52.59 15.04 68.66
C GLN F 58 52.66 15.21 70.18
N CYS F 59 51.62 15.78 70.79
CA CYS F 59 51.63 15.97 72.23
C CYS F 59 51.48 14.66 72.99
N MET F 60 50.88 13.63 72.39
CA MET F 60 50.66 12.37 73.08
C MET F 60 51.78 11.35 72.81
N LYS F 61 52.48 11.48 71.69
CA LYS F 61 53.50 10.51 71.32
C LYS F 61 54.51 10.30 72.43
N SER F 62 54.81 11.35 73.21
CA SER F 62 55.83 11.25 74.24
C SER F 62 55.43 10.37 75.42
N ASP F 63 54.15 10.03 75.57
CA ASP F 63 53.70 9.27 76.73
C ASP F 63 52.86 8.06 76.33
N THR F 64 53.21 7.42 75.20
CA THR F 64 52.48 6.23 74.76
C THR F 64 53.05 4.97 75.42
N LEU F 65 52.21 3.94 75.45
CA LEU F 65 52.61 2.65 76.03
C LEU F 65 53.72 2.00 75.20
N GLN F 66 54.60 1.27 75.90
CA GLN F 66 55.71 0.58 75.27
C GLN F 66 55.32 -0.83 74.87
N TYR F 67 55.60 -1.17 73.61
CA TYR F 67 55.33 -2.51 73.10
C TYR F 67 56.38 -3.50 73.62
N THR F 68 55.94 -4.72 73.93
CA THR F 68 56.85 -5.79 74.28
C THR F 68 56.23 -7.12 73.87
N SER F 69 57.09 -8.06 73.47
CA SER F 69 56.66 -9.40 73.06
C SER F 69 57.14 -10.49 74.02
N ASP F 70 57.92 -10.14 75.03
CA ASP F 70 58.41 -11.11 76.01
C ASP F 70 57.27 -11.49 76.94
N LYS F 71 56.67 -12.66 76.72
CA LYS F 71 55.50 -13.13 77.47
C LYS F 71 55.80 -14.47 78.11
N PRO F 72 56.62 -14.50 79.16
CA PRO F 72 56.86 -15.75 79.88
C PRO F 72 55.65 -16.16 80.69
N PRO F 73 55.50 -17.43 81.01
CA PRO F 73 54.36 -17.86 81.85
C PRO F 73 54.39 -17.17 83.21
N GLY F 74 53.21 -16.85 83.72
CA GLY F 74 53.10 -16.18 85.00
C GLY F 74 51.85 -15.32 85.04
N PHE F 75 51.86 -14.39 86.00
CA PHE F 75 50.73 -13.49 86.23
C PHE F 75 51.04 -12.10 85.68
N TYR F 76 50.04 -11.50 85.04
CA TYR F 76 50.15 -10.18 84.44
C TYR F 76 49.06 -9.27 85.03
N ASN F 77 49.27 -7.97 84.90
CA ASN F 77 48.36 -6.97 85.45
C ASN F 77 47.49 -6.38 84.36
N TRP F 78 46.26 -6.03 84.74
CA TRP F 78 45.34 -5.33 83.84
C TRP F 78 44.37 -4.52 84.69
N HIS F 79 43.51 -3.77 84.01
CA HIS F 79 42.66 -2.80 84.71
C HIS F 79 41.86 -3.43 85.86
N HIS F 80 41.28 -4.60 85.64
CA HIS F 80 40.44 -5.22 86.67
C HIS F 80 41.22 -6.08 87.65
N GLY F 81 42.55 -6.12 87.54
CA GLY F 81 43.34 -6.90 88.47
C GLY F 81 44.50 -7.65 87.84
N ALA F 82 44.74 -8.88 88.27
CA ALA F 82 45.78 -9.71 87.73
C ALA F 82 45.22 -10.63 86.64
N VAL F 83 46.10 -11.04 85.73
CA VAL F 83 45.75 -11.93 84.63
C VAL F 83 46.74 -13.08 84.61
N GLN F 84 46.24 -14.30 84.49
CA GLN F 84 47.07 -15.49 84.47
C GLN F 84 47.39 -15.86 83.02
N TYR F 85 48.65 -16.13 82.74
CA TYR F 85 49.12 -16.51 81.41
C TYR F 85 49.69 -17.93 81.47
N GLU F 86 48.95 -18.88 80.90
CA GLU F 86 49.33 -20.28 80.89
C GLU F 86 48.90 -20.90 79.58
N ASN F 87 49.66 -21.90 79.11
CA ASN F 87 49.37 -22.58 77.86
C ASN F 87 49.21 -21.58 76.71
N ASN F 88 49.95 -20.48 76.78
CA ASN F 88 49.86 -19.41 75.80
C ASN F 88 48.45 -18.85 75.70
N ARG F 89 47.77 -18.79 76.86
CA ARG F 89 46.41 -18.28 76.95
C ARG F 89 46.28 -17.38 78.15
N PHE F 90 45.53 -16.28 77.99
CA PHE F 90 45.27 -15.34 79.08
C PHE F 90 43.92 -15.66 79.68
N THR F 91 43.89 -15.89 80.99
CA THR F 91 42.66 -16.22 81.69
C THR F 91 42.55 -15.42 82.97
N VAL F 92 41.32 -15.20 83.42
CA VAL F 92 41.05 -14.44 84.64
C VAL F 92 39.94 -15.14 85.41
N PRO F 93 39.79 -14.83 86.70
CA PRO F 93 38.71 -15.42 87.48
C PRO F 93 37.35 -15.03 86.93
N ARG F 94 36.38 -15.94 87.10
CA ARG F 94 35.03 -15.68 86.64
C ARG F 94 34.47 -14.42 87.28
N GLY F 95 33.79 -13.60 86.47
CA GLY F 95 33.26 -12.34 86.92
C GLY F 95 34.18 -11.16 86.70
N VAL F 96 35.42 -11.39 86.28
CA VAL F 96 36.39 -10.33 86.01
C VAL F 96 36.40 -10.11 84.51
N GLY F 97 35.77 -9.02 84.07
CA GLY F 97 35.70 -8.70 82.65
C GLY F 97 34.38 -9.07 82.03
N GLY F 98 33.88 -8.23 81.14
CA GLY F 98 32.62 -8.49 80.48
C GLY F 98 32.35 -7.48 79.39
N LYS F 99 31.08 -7.43 78.99
CA LYS F 99 30.67 -6.50 77.94
C LYS F 99 31.08 -5.07 78.29
N GLY F 100 31.71 -4.39 77.34
CA GLY F 100 32.20 -3.04 77.52
C GLY F 100 33.66 -2.95 77.93
N ASP F 101 34.28 -4.06 78.31
CA ASP F 101 35.68 -4.07 78.70
C ASP F 101 36.62 -4.37 77.54
N SER F 102 36.09 -4.51 76.33
CA SER F 102 36.93 -4.80 75.18
C SER F 102 37.87 -3.63 74.90
N GLY F 103 39.08 -3.96 74.44
CA GLY F 103 40.11 -2.98 74.15
C GLY F 103 41.03 -2.64 75.30
N ARG F 104 40.73 -3.11 76.51
CA ARG F 104 41.60 -2.83 77.64
C ARG F 104 42.97 -3.50 77.42
N PRO F 105 44.04 -2.88 77.92
CA PRO F 105 45.37 -3.46 77.75
C PRO F 105 45.79 -4.35 78.92
N ILE F 106 46.65 -5.30 78.61
CA ILE F 106 47.29 -6.17 79.60
C ILE F 106 48.78 -5.85 79.60
N LEU F 107 49.32 -5.61 80.80
CA LEU F 107 50.71 -5.19 80.93
C LEU F 107 51.45 -6.11 81.90
N ASP F 108 52.76 -6.18 81.70
CA ASP F 108 53.65 -6.95 82.56
C ASP F 108 53.98 -6.13 83.81
N ASN F 109 54.97 -6.59 84.58
CA ASN F 109 55.41 -5.88 85.77
C ASN F 109 56.36 -4.73 85.45
N LYS F 110 56.67 -4.50 84.18
CA LYS F 110 57.54 -3.41 83.76
C LYS F 110 56.77 -2.27 83.10
N GLY F 111 55.44 -2.34 83.07
CA GLY F 111 54.63 -1.31 82.46
C GLY F 111 54.51 -1.41 80.96
N ARG F 112 54.93 -2.51 80.36
CA ARG F 112 54.84 -2.71 78.92
C ARG F 112 53.59 -3.51 78.59
N VAL F 113 52.93 -3.16 77.50
CA VAL F 113 51.70 -3.83 77.10
C VAL F 113 52.04 -5.11 76.36
N VAL F 114 51.35 -6.19 76.69
CA VAL F 114 51.57 -7.48 76.05
C VAL F 114 50.38 -7.94 75.21
N ALA F 115 49.17 -7.48 75.50
CA ALA F 115 48.01 -7.91 74.72
C ALA F 115 46.86 -6.94 74.94
N ILE F 116 45.97 -6.90 73.95
CA ILE F 116 44.77 -6.08 73.99
C ILE F 116 43.57 -7.01 74.09
N VAL F 117 42.75 -6.82 75.12
CA VAL F 117 41.62 -7.71 75.38
C VAL F 117 40.44 -7.26 74.53
N LEU F 118 40.02 -8.11 73.59
CA LEU F 118 38.86 -7.84 72.76
C LEU F 118 37.63 -8.64 73.17
N GLY F 119 37.81 -9.77 73.83
CA GLY F 119 36.69 -10.58 74.25
C GLY F 119 37.14 -11.69 75.16
N GLY F 120 36.31 -12.72 75.28
CA GLY F 120 36.67 -13.82 76.14
C GLY F 120 35.63 -14.92 76.13
N VAL F 121 35.92 -15.97 76.89
CA VAL F 121 35.06 -17.15 77.01
C VAL F 121 34.59 -17.25 78.45
N ASN F 122 33.28 -17.38 78.63
CA ASN F 122 32.67 -17.50 79.95
C ASN F 122 32.59 -18.98 80.33
N GLU F 123 33.49 -19.44 81.20
CA GLU F 123 33.51 -20.82 81.64
C GLU F 123 32.84 -20.93 83.02
N GLY F 124 32.84 -22.15 83.56
CA GLY F 124 32.18 -22.38 84.84
C GLY F 124 32.82 -21.62 85.98
N SER F 125 34.15 -21.67 86.07
CA SER F 125 34.88 -21.05 87.17
C SER F 125 35.92 -20.03 86.72
N ARG F 126 36.32 -20.03 85.44
CA ARG F 126 37.31 -19.11 84.94
C ARG F 126 36.83 -18.56 83.60
N THR F 127 37.61 -17.65 83.03
CA THR F 127 37.32 -17.15 81.69
C THR F 127 38.62 -17.05 80.91
N ALA F 128 38.53 -17.30 79.61
CA ALA F 128 39.65 -17.18 78.69
C ALA F 128 39.46 -15.93 77.86
N LEU F 129 40.52 -15.15 77.68
CA LEU F 129 40.44 -13.87 77.01
C LEU F 129 40.87 -14.00 75.55
N SER F 130 40.08 -13.40 74.66
CA SER F 130 40.41 -13.31 73.24
C SER F 130 41.18 -12.00 73.06
N VAL F 131 42.48 -12.10 72.79
CA VAL F 131 43.34 -10.93 72.79
C VAL F 131 44.20 -10.91 71.53
N VAL F 132 44.70 -9.72 71.22
CA VAL F 132 45.65 -9.50 70.13
C VAL F 132 47.01 -9.26 70.75
N THR F 133 48.00 -10.04 70.33
CA THR F 133 49.34 -9.95 70.90
C THR F 133 50.36 -10.14 69.77
N TRP F 134 51.61 -10.35 70.16
CA TRP F 134 52.71 -10.53 69.23
C TRP F 134 53.42 -11.84 69.53
N ASN F 135 53.91 -12.50 68.48
CA ASN F 135 54.61 -13.76 68.62
C ASN F 135 56.06 -13.51 68.99
N GLN F 136 56.87 -14.57 69.01
CA GLN F 136 58.26 -14.44 69.38
C GLN F 136 59.06 -13.63 68.37
N LYS F 137 58.52 -13.40 67.17
CA LYS F 137 59.15 -12.55 66.18
C LYS F 137 58.61 -11.12 66.19
N GLY F 138 57.71 -10.80 67.11
CA GLY F 138 57.16 -9.46 67.19
C GLY F 138 56.13 -9.12 66.14
N VAL F 139 55.46 -10.13 65.56
CA VAL F 139 54.46 -9.91 64.53
C VAL F 139 53.08 -10.02 65.17
N THR F 140 52.19 -9.11 64.82
CA THR F 140 50.87 -9.06 65.43
C THR F 140 50.09 -10.32 65.09
N VAL F 141 49.48 -10.93 66.10
CA VAL F 141 48.67 -12.12 65.94
C VAL F 141 47.44 -11.99 66.82
N LYS F 142 46.33 -12.56 66.36
CA LYS F 142 45.08 -12.57 67.10
C LYS F 142 44.83 -13.96 67.66
N ASP F 143 44.63 -14.05 68.96
CA ASP F 143 44.35 -15.32 69.64
C ASP F 143 42.88 -15.32 70.05
N THR F 144 42.10 -16.23 69.46
CA THR F 144 40.66 -16.32 69.69
C THR F 144 40.33 -17.76 70.10
N PRO F 145 40.38 -18.07 71.39
CA PRO F 145 40.03 -19.43 71.83
C PRO F 145 38.61 -19.80 71.40
N GLU F 146 38.41 -21.08 71.13
CA GLU F 146 37.13 -21.58 70.66
C GLU F 146 36.01 -21.14 71.60
N GLY F 147 34.96 -20.54 71.02
CA GLY F 147 33.84 -20.03 71.78
C GLY F 147 34.01 -18.60 72.25
N SER F 148 35.09 -17.93 71.88
CA SER F 148 35.29 -16.54 72.28
C SER F 148 34.20 -15.66 71.70
N GLU F 149 33.76 -14.68 72.49
CA GLU F 149 32.74 -13.74 72.07
C GLU F 149 33.24 -12.32 72.31
N PRO F 150 33.06 -11.41 71.36
CA PRO F 150 33.51 -10.03 71.59
C PRO F 150 32.80 -9.39 72.77
N TRP F 151 33.55 -8.61 73.53
CA TRP F 151 32.99 -7.89 74.68
C TRP F 151 32.66 -6.46 74.30
N TYR G 1 -58.69 33.84 22.75
CA TYR G 1 -57.75 33.66 23.83
C TYR G 1 -56.31 33.65 23.31
N GLU G 2 -55.48 34.53 23.85
CA GLU G 2 -54.09 34.65 23.42
C GLU G 2 -53.23 33.64 24.17
N HIS G 3 -52.47 32.84 23.41
CA HIS G 3 -51.52 31.89 23.96
C HIS G 3 -50.11 32.30 23.55
N THR G 4 -49.25 32.52 24.54
CA THR G 4 -47.87 32.94 24.29
C THR G 4 -46.91 31.84 24.71
N ALA G 5 -45.88 31.63 23.91
CA ALA G 5 -44.93 30.55 24.13
C ALA G 5 -43.69 30.81 23.30
N VAL G 6 -42.71 29.91 23.44
CA VAL G 6 -41.48 29.94 22.65
C VAL G 6 -41.29 28.57 22.03
N MET G 7 -41.15 28.53 20.70
CA MET G 7 -40.91 27.27 20.01
C MET G 7 -39.52 27.28 19.36
N PRO G 8 -38.86 26.14 19.28
CA PRO G 8 -37.54 26.10 18.64
C PRO G 8 -37.62 26.37 17.15
N ASN G 9 -36.55 26.97 16.62
CA ASN G 9 -36.45 27.30 15.20
C ASN G 9 -35.97 26.07 14.44
N LYS G 10 -36.86 25.08 14.35
CA LYS G 10 -36.58 23.83 13.66
C LYS G 10 -37.64 23.59 12.62
N VAL G 11 -37.24 23.51 11.36
CA VAL G 11 -38.18 23.30 10.26
C VAL G 11 -38.53 21.82 10.17
N GLY G 12 -39.83 21.54 10.04
CA GLY G 12 -40.32 20.18 9.92
C GLY G 12 -40.66 19.49 11.23
N ILE G 13 -40.28 20.06 12.37
CA ILE G 13 -40.61 19.51 13.68
C ILE G 13 -41.74 20.34 14.27
N PRO G 14 -42.92 19.77 14.49
CA PRO G 14 -44.04 20.58 14.97
C PRO G 14 -43.93 20.92 16.45
N TYR G 15 -44.47 22.08 16.80
CA TYR G 15 -44.61 22.52 18.18
C TYR G 15 -46.02 22.23 18.64
N LYS G 16 -46.14 21.49 19.74
CA LYS G 16 -47.44 21.09 20.27
C LYS G 16 -47.63 21.66 21.67
N ALA G 17 -48.85 22.12 21.94
CA ALA G 17 -49.19 22.66 23.24
C ALA G 17 -50.70 22.63 23.40
N LEU G 18 -51.14 22.71 24.65
CA LEU G 18 -52.56 22.80 24.97
C LEU G 18 -52.89 24.24 25.37
N VAL G 19 -53.95 24.79 24.79
CA VAL G 19 -54.41 26.14 25.09
C VAL G 19 -55.41 26.00 26.24
N GLU G 20 -54.97 26.36 27.45
CA GLU G 20 -55.79 26.20 28.65
C GLU G 20 -56.50 27.52 28.93
N ARG G 21 -57.81 27.54 28.69
CA ARG G 21 -58.62 28.73 28.91
C ARG G 21 -59.49 28.52 30.13
N PRO G 22 -59.33 29.30 31.20
CA PRO G 22 -60.13 29.07 32.42
C PRO G 22 -61.62 28.99 32.10
N GLY G 23 -62.25 27.93 32.59
CA GLY G 23 -63.66 27.69 32.33
C GLY G 23 -63.95 26.86 31.10
N TYR G 24 -62.95 26.60 30.27
CA TYR G 24 -63.12 25.84 29.04
C TYR G 24 -62.12 24.70 29.01
N ALA G 25 -62.48 23.62 28.31
CA ALA G 25 -61.57 22.50 28.17
C ALA G 25 -60.38 22.91 27.30
N PRO G 26 -59.18 22.37 27.59
CA PRO G 26 -58.01 22.76 26.80
C PRO G 26 -58.19 22.43 25.32
N VAL G 27 -57.68 23.32 24.48
CA VAL G 27 -57.74 23.18 23.03
C VAL G 27 -56.34 22.87 22.54
N HIS G 28 -56.19 21.77 21.83
CA HIS G 28 -54.88 21.36 21.34
C HIS G 28 -54.42 22.30 20.24
N LEU G 29 -53.19 22.80 20.36
CA LEU G 29 -52.60 23.72 19.40
C LEU G 29 -51.33 23.09 18.83
N GLN G 30 -51.19 23.13 17.51
CA GLN G 30 -50.02 22.59 16.83
C GLN G 30 -49.53 23.61 15.82
N ILE G 31 -48.26 23.99 15.92
CA ILE G 31 -47.65 24.96 15.01
C ILE G 31 -46.38 24.32 14.43
N GLN G 32 -46.30 24.29 13.11
CA GLN G 32 -45.16 23.71 12.41
C GLN G 32 -44.64 24.72 11.39
N LEU G 33 -43.33 24.94 11.39
CA LEU G 33 -42.71 25.80 10.40
C LEU G 33 -42.56 25.05 9.08
N VAL G 34 -43.04 25.66 7.99
CA VAL G 34 -42.87 25.06 6.68
C VAL G 34 -41.51 25.43 6.12
N ASN G 35 -41.09 26.67 6.29
CA ASN G 35 -39.75 27.09 5.90
C ASN G 35 -39.41 28.38 6.64
N THR G 36 -38.12 28.65 6.76
CA THR G 36 -37.61 29.87 7.37
C THR G 36 -36.63 30.50 6.41
N ARG G 37 -36.76 31.80 6.17
CA ARG G 37 -35.95 32.50 5.19
C ARG G 37 -35.39 33.77 5.79
N ILE G 38 -34.07 33.90 5.78
CA ILE G 38 -33.37 35.12 6.18
C ILE G 38 -33.08 35.89 4.90
N ILE G 39 -33.74 37.02 4.71
CA ILE G 39 -33.62 37.78 3.47
C ILE G 39 -32.85 39.07 3.74
N PRO G 40 -31.53 39.06 3.61
CA PRO G 40 -30.77 40.30 3.87
C PRO G 40 -31.02 41.34 2.79
N SER G 41 -30.73 42.59 3.13
CA SER G 41 -30.83 43.69 2.19
C SER G 41 -29.53 43.78 1.40
N THR G 42 -29.64 43.71 0.08
CA THR G 42 -28.48 43.68 -0.80
C THR G 42 -28.43 44.92 -1.69
N ASN G 43 -27.21 45.37 -1.97
CA ASN G 43 -26.97 46.49 -2.86
C ASN G 43 -25.89 46.07 -3.85
N LEU G 44 -26.25 46.04 -5.14
CA LEU G 44 -25.30 45.64 -6.17
C LEU G 44 -24.18 46.66 -6.28
N GLU G 45 -22.94 46.20 -6.06
CA GLU G 45 -21.78 47.07 -6.14
C GLU G 45 -21.26 47.20 -7.56
N TYR G 46 -20.99 46.07 -8.22
CA TYR G 46 -20.54 46.07 -9.60
C TYR G 46 -20.67 44.66 -10.16
N ILE G 47 -20.46 44.55 -11.47
CA ILE G 47 -20.52 43.27 -12.18
C ILE G 47 -19.15 42.98 -12.78
N THR G 48 -18.66 41.77 -12.55
CA THR G 48 -17.36 41.33 -13.04
C THR G 48 -17.53 40.23 -14.07
N CYS G 49 -16.72 40.27 -15.12
CA CYS G 49 -16.77 39.23 -16.15
C CYS G 49 -15.46 39.24 -16.91
N LYS G 50 -15.32 38.27 -17.81
CA LYS G 50 -14.12 38.17 -18.62
C LYS G 50 -14.06 39.32 -19.62
N TYR G 51 -12.91 39.97 -19.69
CA TYR G 51 -12.71 41.09 -20.60
C TYR G 51 -12.47 40.62 -22.03
N LYS G 52 -12.75 41.52 -22.97
CA LYS G 52 -12.45 41.34 -24.38
C LYS G 52 -11.61 42.52 -24.86
N THR G 53 -10.51 42.22 -25.55
CA THR G 53 -9.61 43.26 -26.05
C THR G 53 -9.99 43.64 -27.48
N LYS G 54 -10.47 44.86 -27.65
CA LYS G 54 -10.80 45.42 -28.97
C LYS G 54 -9.57 46.12 -29.53
N VAL G 55 -9.19 45.79 -30.76
CA VAL G 55 -7.99 46.35 -31.37
C VAL G 55 -8.33 46.94 -32.74
N PRO G 56 -8.56 48.24 -32.84
CA PRO G 56 -8.86 48.86 -34.14
C PRO G 56 -7.71 48.72 -35.12
N SER G 57 -8.04 48.91 -36.39
CA SER G 57 -7.06 48.86 -37.47
C SER G 57 -5.92 49.84 -37.20
N PRO G 58 -4.67 49.40 -37.21
CA PRO G 58 -3.55 50.34 -37.04
C PRO G 58 -3.45 51.33 -38.19
N VAL G 59 -3.03 52.55 -37.87
CA VAL G 59 -2.78 53.60 -38.86
C VAL G 59 -1.35 53.48 -39.36
N VAL G 60 -1.19 53.04 -40.60
CA VAL G 60 0.12 52.89 -41.24
C VAL G 60 0.38 54.13 -42.08
N LYS G 61 1.17 55.05 -41.56
CA LYS G 61 1.46 56.33 -42.22
C LYS G 61 2.80 56.20 -42.94
N CYS G 62 2.75 56.08 -44.27
CA CYS G 62 3.96 55.96 -45.07
C CYS G 62 4.62 57.32 -45.29
N CYS G 63 5.95 57.33 -45.25
CA CYS G 63 6.74 58.54 -45.48
C CYS G 63 6.31 59.69 -44.57
N GLY G 64 6.22 59.40 -43.28
CA GLY G 64 5.82 60.42 -42.33
C GLY G 64 5.66 59.83 -40.95
N ALA G 65 5.03 60.60 -40.07
CA ALA G 65 4.83 60.19 -38.69
C ALA G 65 3.48 60.67 -38.20
N THR G 66 2.94 59.95 -37.21
CA THR G 66 1.68 60.28 -36.57
C THR G 66 1.87 60.24 -35.05
N GLN G 67 0.94 60.87 -34.33
CA GLN G 67 1.01 60.98 -32.88
C GLN G 67 -0.25 60.44 -32.22
N CYS G 68 -0.06 59.67 -31.16
CA CYS G 68 -1.16 59.15 -30.36
C CYS G 68 -1.82 60.23 -29.53
N THR G 69 -3.14 60.08 -29.35
CA THR G 69 -3.93 60.95 -28.50
C THR G 69 -4.73 60.09 -27.52
N SER G 70 -4.98 60.64 -26.34
CA SER G 70 -5.79 59.94 -25.35
C SER G 70 -7.25 59.87 -25.80
N LYS G 71 -7.95 58.84 -25.34
CA LYS G 71 -9.36 58.63 -25.63
C LYS G 71 -10.04 58.07 -24.40
N PRO G 72 -11.33 58.36 -24.20
CA PRO G 72 -12.06 57.84 -23.03
C PRO G 72 -12.50 56.38 -23.16
N HIS G 73 -11.52 55.49 -23.32
CA HIS G 73 -11.81 54.07 -23.41
C HIS G 73 -11.15 53.33 -22.25
N PRO G 74 -11.78 52.29 -21.72
CA PRO G 74 -11.17 51.55 -20.60
C PRO G 74 -9.81 50.98 -20.97
N ASP G 75 -8.81 51.26 -20.13
CA ASP G 75 -7.47 50.72 -20.30
C ASP G 75 -6.90 51.04 -21.68
N TYR G 76 -7.26 52.20 -22.22
CA TYR G 76 -6.84 52.58 -23.57
C TYR G 76 -5.32 52.63 -23.67
N GLN G 77 -4.79 52.05 -24.74
CA GLN G 77 -3.36 52.08 -25.03
C GLN G 77 -3.13 52.55 -26.46
N CYS G 78 -2.12 53.41 -26.64
CA CYS G 78 -1.76 53.89 -27.97
C CYS G 78 -0.26 54.13 -27.99
N GLN G 79 0.42 53.54 -28.98
CA GLN G 79 1.86 53.69 -29.12
C GLN G 79 2.22 53.81 -30.59
N VAL G 80 3.13 54.75 -30.88
CA VAL G 80 3.60 55.01 -32.23
C VAL G 80 4.92 54.28 -32.44
N PHE G 81 4.91 53.29 -33.34
CA PHE G 81 6.11 52.53 -33.71
C PHE G 81 6.68 53.05 -35.02
N SER G 82 7.76 53.82 -34.92
CA SER G 82 8.45 54.38 -36.07
C SER G 82 9.43 53.38 -36.69
N GLY G 83 9.71 53.59 -37.98
CA GLY G 83 10.62 52.74 -38.74
C GLY G 83 10.10 51.38 -39.14
N VAL G 84 8.80 51.25 -39.36
CA VAL G 84 8.19 50.01 -39.85
C VAL G 84 8.24 50.01 -41.37
N TYR G 85 8.38 48.81 -41.96
CA TYR G 85 8.34 48.61 -43.41
C TYR G 85 7.43 47.43 -43.73
N PRO G 86 6.13 47.59 -43.49
CA PRO G 86 5.20 46.47 -43.68
C PRO G 86 5.08 46.00 -45.13
N PHE G 87 4.78 44.71 -45.27
CA PHE G 87 4.52 44.08 -46.56
C PHE G 87 3.15 43.41 -46.53
N MET G 88 2.52 43.34 -47.70
CA MET G 88 1.22 42.69 -47.85
C MET G 88 1.23 41.86 -49.13
N TYR G 89 0.07 41.29 -49.47
CA TYR G 89 -0.02 40.46 -50.66
C TYR G 89 0.40 41.24 -51.90
N GLY G 90 0.18 42.54 -51.91
CA GLY G 90 0.55 43.37 -53.04
C GLY G 90 1.94 43.94 -52.99
N GLY G 91 2.79 43.44 -52.09
CA GLY G 91 4.16 43.89 -51.99
C GLY G 91 4.38 44.90 -50.87
N ALA G 92 5.49 45.62 -50.99
CA ALA G 92 5.82 46.66 -50.04
C ALA G 92 4.70 47.67 -49.93
N TYR G 93 4.19 47.86 -48.70
CA TYR G 93 3.11 48.82 -48.49
C TYR G 93 3.60 50.26 -48.66
N CYS G 94 4.74 50.59 -48.07
CA CYS G 94 5.27 51.94 -48.11
C CYS G 94 6.53 52.03 -48.96
N PHE G 95 6.79 53.24 -49.44
CA PHE G 95 8.02 53.55 -50.16
C PHE G 95 9.20 53.81 -49.22
N CYS G 96 9.05 54.78 -48.33
CA CYS G 96 10.14 55.14 -47.42
C CYS G 96 10.50 53.98 -46.50
N ASP G 97 11.82 53.74 -46.36
CA ASP G 97 12.33 52.65 -45.54
C ASP G 97 12.35 52.97 -44.05
N THR G 98 12.59 54.23 -43.67
CA THR G 98 12.72 54.60 -42.26
C THR G 98 11.72 55.64 -41.79
N GLU G 99 11.45 56.67 -42.59
CA GLU G 99 10.45 57.66 -42.21
C GLU G 99 9.04 57.08 -42.37
N ASN G 100 8.78 55.98 -41.65
CA ASN G 100 7.56 55.18 -41.81
C ASN G 100 7.05 54.79 -40.43
N THR G 101 5.78 55.06 -40.17
CA THR G 101 5.22 54.95 -38.83
C THR G 101 3.92 54.16 -38.80
N GLN G 102 3.80 53.26 -37.83
CA GLN G 102 2.57 52.53 -37.52
C GLN G 102 2.06 52.95 -36.14
N MET G 103 0.83 53.48 -36.09
CA MET G 103 0.15 53.77 -34.83
C MET G 103 -0.81 52.64 -34.46
N SER G 104 -0.54 51.97 -33.35
CA SER G 104 -1.36 50.88 -32.84
C SER G 104 -2.25 51.36 -31.70
N GLU G 105 -3.50 50.90 -31.70
CA GLU G 105 -4.46 51.23 -30.66
C GLU G 105 -5.11 49.97 -30.11
N ALA G 106 -5.40 49.98 -28.81
CA ALA G 106 -6.06 48.85 -28.17
C ALA G 106 -6.79 49.32 -26.92
N TYR G 107 -7.92 48.69 -26.63
CA TYR G 107 -8.67 49.00 -25.42
C TYR G 107 -9.50 47.79 -25.01
N VAL G 108 -9.90 47.78 -23.73
CA VAL G 108 -10.65 46.69 -23.12
C VAL G 108 -12.14 47.00 -23.10
N GLU G 109 -12.96 45.98 -23.41
CA GLU G 109 -14.40 46.09 -23.36
C GLU G 109 -14.98 44.79 -22.82
N ARG G 110 -16.23 44.85 -22.35
CA ARG G 110 -16.92 43.64 -21.89
C ARG G 110 -17.11 42.64 -23.02
N SER G 111 -16.77 41.39 -22.74
CA SER G 111 -17.00 40.30 -23.68
C SER G 111 -18.49 40.03 -23.84
N GLU G 112 -18.83 39.37 -24.96
CA GLU G 112 -20.22 38.98 -25.20
C GLU G 112 -20.74 38.07 -24.10
N GLU G 113 -19.89 37.17 -23.59
CA GLU G 113 -20.31 36.28 -22.52
C GLU G 113 -20.76 37.03 -21.28
N CYS G 114 -20.32 38.29 -21.10
CA CYS G 114 -20.67 39.02 -19.90
C CYS G 114 -22.17 39.17 -19.70
N SER G 115 -22.96 39.04 -20.76
CA SER G 115 -24.41 39.11 -20.61
C SER G 115 -24.95 37.92 -19.82
N ILE G 116 -24.27 36.77 -19.88
CA ILE G 116 -24.73 35.55 -19.23
C ILE G 116 -23.74 35.05 -18.19
N ASP G 117 -22.45 35.05 -18.50
CA ASP G 117 -21.42 34.49 -17.63
C ASP G 117 -20.70 35.62 -16.91
N HIS G 118 -21.26 36.04 -15.78
CA HIS G 118 -20.67 37.12 -14.99
C HIS G 118 -21.00 36.91 -13.53
N ALA G 119 -20.21 37.56 -12.68
CA ALA G 119 -20.40 37.51 -11.23
C ALA G 119 -20.87 38.86 -10.73
N LYS G 120 -21.84 38.83 -9.81
CA LYS G 120 -22.41 40.04 -9.23
C LYS G 120 -21.87 40.22 -7.81
N ALA G 121 -21.27 41.37 -7.55
CA ALA G 121 -20.75 41.68 -6.22
C ALA G 121 -21.78 42.51 -5.47
N TYR G 122 -22.24 41.97 -4.34
CA TYR G 122 -23.28 42.60 -3.54
C TYR G 122 -22.76 43.00 -2.17
N LYS G 123 -23.20 44.17 -1.70
CA LYS G 123 -23.03 44.57 -0.32
C LYS G 123 -24.24 44.05 0.45
N VAL G 124 -24.00 43.37 1.57
CA VAL G 124 -25.06 42.70 2.31
C VAL G 124 -25.20 43.34 3.69
N HIS G 125 -26.43 43.66 4.06
CA HIS G 125 -26.78 44.22 5.35
C HIS G 125 -27.91 43.38 5.93
N THR G 126 -28.23 43.63 7.20
CA THR G 126 -29.32 42.91 7.84
C THR G 126 -30.64 43.28 7.15
N GLY G 127 -31.63 42.41 7.30
CA GLY G 127 -32.89 42.64 6.65
C GLY G 127 -34.02 41.81 7.23
N THR G 128 -35.11 41.73 6.44
CA THR G 128 -36.31 41.04 6.87
C THR G 128 -36.07 39.55 7.04
N VAL G 129 -36.69 38.98 8.06
CA VAL G 129 -36.73 37.53 8.27
C VAL G 129 -38.16 37.08 8.11
N GLN G 130 -38.39 36.10 7.24
CA GLN G 130 -39.74 35.61 6.96
C GLN G 130 -39.80 34.11 7.18
N ALA G 131 -41.02 33.61 7.42
CA ALA G 131 -41.25 32.20 7.60
C ALA G 131 -42.66 31.87 7.16
N MET G 132 -42.88 30.60 6.84
CA MET G 132 -44.21 30.08 6.51
C MET G 132 -44.60 29.07 7.58
N VAL G 133 -45.79 29.21 8.13
CA VAL G 133 -46.23 28.40 9.25
C VAL G 133 -47.45 27.58 8.87
N ASN G 134 -47.53 26.39 9.47
CA ASN G 134 -48.62 25.45 9.30
C ASN G 134 -49.27 25.28 10.68
N ILE G 135 -50.55 25.62 10.80
CA ILE G 135 -51.20 25.69 12.11
C ILE G 135 -52.53 24.94 12.09
N THR G 136 -52.81 24.25 13.19
CA THR G 136 -54.11 23.63 13.46
C THR G 136 -54.53 23.99 14.87
N TYR G 137 -55.83 23.92 15.13
CA TYR G 137 -56.35 24.17 16.46
C TYR G 137 -57.73 23.55 16.56
N GLY G 138 -57.94 22.75 17.61
CA GLY G 138 -59.23 22.10 17.78
C GLY G 138 -59.60 21.24 16.59
N SER G 139 -60.81 21.45 16.08
CA SER G 139 -61.32 20.72 14.92
C SER G 139 -60.94 21.36 13.59
N VAL G 140 -60.27 22.50 13.59
CA VAL G 140 -59.91 23.18 12.35
C VAL G 140 -58.68 22.52 11.76
N SER G 141 -58.78 22.15 10.48
CA SER G 141 -57.70 21.48 9.78
C SER G 141 -56.55 22.45 9.49
N TRP G 142 -55.49 21.91 8.90
CA TRP G 142 -54.28 22.68 8.63
C TRP G 142 -54.56 23.94 7.82
N ARG G 143 -53.98 25.05 8.26
CA ARG G 143 -54.00 26.32 7.57
C ARG G 143 -52.58 26.87 7.57
N SER G 144 -52.22 27.59 6.50
CA SER G 144 -50.86 28.12 6.40
C SER G 144 -50.88 29.49 5.77
N ALA G 145 -49.86 30.29 6.12
CA ALA G 145 -49.72 31.64 5.60
C ALA G 145 -48.27 32.06 5.74
N ASP G 146 -47.86 33.02 4.92
CA ASP G 146 -46.53 33.58 5.00
C ASP G 146 -46.52 34.76 5.96
N VAL G 147 -45.64 34.71 6.95
CA VAL G 147 -45.62 35.69 8.03
C VAL G 147 -44.23 36.30 8.15
N TYR G 148 -44.18 37.47 8.78
CA TYR G 148 -42.93 38.19 9.02
C TYR G 148 -42.44 37.89 10.42
N VAL G 149 -41.20 37.43 10.54
CA VAL G 149 -40.62 37.08 11.84
C VAL G 149 -40.02 38.37 12.38
N ASN G 150 -40.89 39.22 12.93
CA ASN G 150 -40.47 40.50 13.51
C ASN G 150 -41.12 40.82 14.83
N GLY G 151 -42.15 40.08 15.25
CA GLY G 151 -42.82 40.35 16.51
C GLY G 151 -43.77 41.53 16.50
N GLU G 152 -44.06 42.10 15.34
CA GLU G 152 -44.93 43.27 15.27
C GLU G 152 -46.07 43.08 14.28
N THR G 153 -45.81 42.34 13.19
CA THR G 153 -46.80 42.18 12.13
C THR G 153 -47.65 40.95 12.39
N PRO G 154 -48.93 41.07 12.72
CA PRO G 154 -49.76 39.90 12.92
C PRO G 154 -50.23 39.31 11.59
N ALA G 155 -50.56 38.02 11.64
CA ALA G 155 -51.07 37.30 10.48
C ALA G 155 -52.33 36.56 10.85
N LYS G 156 -53.30 36.57 9.94
CA LYS G 156 -54.60 35.92 10.15
C LYS G 156 -54.55 34.55 9.48
N ILE G 157 -54.50 33.50 10.30
CA ILE G 157 -54.43 32.12 9.81
C ILE G 157 -55.65 31.39 10.34
N GLY G 158 -56.58 31.06 9.44
CA GLY G 158 -57.77 30.34 9.86
C GLY G 158 -58.58 31.07 10.91
N ASP G 159 -58.69 32.39 10.78
CA ASP G 159 -59.36 33.27 11.74
C ASP G 159 -58.58 33.44 13.02
N ALA G 160 -57.43 32.80 13.17
CA ALA G 160 -56.55 32.99 14.32
C ALA G 160 -55.49 34.03 13.98
N LYS G 161 -55.24 34.93 14.92
CA LYS G 161 -54.29 36.02 14.72
C LYS G 161 -52.95 35.61 15.33
N LEU G 162 -51.96 35.34 14.48
CA LEU G 162 -50.67 34.85 14.91
C LEU G 162 -49.63 35.96 14.85
N ILE G 163 -48.85 36.08 15.91
CA ILE G 163 -47.73 37.01 15.99
C ILE G 163 -46.48 36.18 16.24
N ILE G 164 -45.51 36.27 15.33
CA ILE G 164 -44.25 35.54 15.47
C ILE G 164 -43.18 36.53 15.87
N GLY G 165 -42.53 36.27 17.00
CA GLY G 165 -41.49 37.14 17.51
C GLY G 165 -40.19 37.03 16.74
N PRO G 166 -39.29 37.97 16.97
CA PRO G 166 -37.99 37.92 16.28
C PRO G 166 -37.16 36.73 16.74
N LEU G 167 -36.30 36.26 15.84
CA LEU G 167 -35.44 35.13 16.18
C LEU G 167 -34.56 35.49 17.37
N SER G 168 -34.32 34.50 18.23
CA SER G 168 -33.48 34.73 19.41
C SER G 168 -32.04 35.02 19.05
N SER G 169 -31.63 34.73 17.81
CA SER G 169 -30.28 35.00 17.34
C SER G 169 -30.33 35.82 16.07
N ALA G 170 -29.44 36.82 15.99
CA ALA G 170 -29.31 37.64 14.80
C ALA G 170 -28.32 37.06 13.80
N TRP G 171 -27.84 35.84 14.05
CA TRP G 171 -26.86 35.22 13.18
C TRP G 171 -27.39 35.09 11.76
N SER G 172 -26.50 35.31 10.78
CA SER G 172 -26.83 35.18 9.38
C SER G 172 -25.58 34.64 8.68
N PRO G 173 -25.74 33.78 7.68
CA PRO G 173 -24.55 33.18 7.04
C PRO G 173 -23.81 34.10 6.09
N PHE G 174 -24.38 35.25 5.71
CA PHE G 174 -23.74 36.14 4.76
C PHE G 174 -22.86 37.16 5.46
N ASP G 175 -21.65 37.36 4.95
CA ASP G 175 -20.77 38.40 5.43
C ASP G 175 -21.22 39.74 4.85
N ASN G 176 -20.48 40.80 5.17
CA ASN G 176 -20.82 42.12 4.62
C ASN G 176 -20.57 42.20 3.12
N LYS G 177 -19.89 41.24 2.53
CA LYS G 177 -19.63 41.21 1.10
C LYS G 177 -19.85 39.80 0.58
N VAL G 178 -20.62 39.67 -0.50
CA VAL G 178 -20.87 38.39 -1.13
C VAL G 178 -20.75 38.53 -2.64
N VAL G 179 -20.37 37.45 -3.29
CA VAL G 179 -20.26 37.38 -4.75
C VAL G 179 -21.23 36.30 -5.22
N VAL G 180 -22.17 36.68 -6.08
CA VAL G 180 -23.17 35.77 -6.61
C VAL G 180 -22.77 35.38 -8.03
N TYR G 181 -22.46 34.11 -8.23
CA TYR G 181 -22.08 33.57 -9.53
C TYR G 181 -22.97 32.38 -9.84
N GLY G 182 -23.79 32.51 -10.88
CA GLY G 182 -24.70 31.42 -11.20
C GLY G 182 -25.69 31.22 -10.08
N HIS G 183 -25.79 30.00 -9.58
CA HIS G 183 -26.65 29.68 -8.44
C HIS G 183 -25.91 29.70 -7.11
N GLU G 184 -24.60 29.93 -7.11
CA GLU G 184 -23.79 29.86 -5.91
C GLU G 184 -23.50 31.26 -5.35
N VAL G 185 -23.35 31.33 -4.03
CA VAL G 185 -23.01 32.56 -3.32
C VAL G 185 -21.68 32.33 -2.60
N TYR G 186 -20.77 33.30 -2.73
CA TYR G 186 -19.45 33.21 -2.14
C TYR G 186 -19.22 34.37 -1.17
N ASN G 187 -18.70 34.06 0.01
CA ASN G 187 -18.30 35.10 0.98
C ASN G 187 -16.89 35.57 0.63
N TYR G 188 -16.81 36.33 -0.46
CA TYR G 188 -15.55 36.83 -1.00
C TYR G 188 -15.44 38.32 -0.75
N ASP G 189 -14.33 38.75 -0.16
CA ASP G 189 -14.07 40.17 0.10
C ASP G 189 -13.55 40.80 -1.19
N PHE G 190 -14.48 41.05 -2.12
CA PHE G 190 -14.11 41.58 -3.42
C PHE G 190 -13.57 43.01 -3.29
N PRO G 191 -12.67 43.41 -4.18
CA PRO G 191 -12.16 44.79 -4.13
C PRO G 191 -13.23 45.80 -4.51
N GLU G 192 -13.12 46.99 -3.94
CA GLU G 192 -14.08 48.04 -4.21
C GLU G 192 -13.99 48.48 -5.66
N TYR G 193 -15.07 49.09 -6.13
CA TYR G 193 -15.12 49.58 -7.51
C TYR G 193 -14.00 50.60 -7.75
N GLY G 194 -13.25 50.40 -8.82
CA GLY G 194 -12.16 51.27 -9.16
C GLY G 194 -10.81 50.93 -8.54
N THR G 195 -10.75 49.87 -7.74
CA THR G 195 -9.50 49.45 -7.10
C THR G 195 -9.09 48.04 -7.48
N GLY G 196 -9.71 47.45 -8.50
CA GLY G 196 -9.34 46.11 -8.90
C GLY G 196 -7.97 46.07 -9.53
N LYS G 197 -7.28 44.95 -9.35
CA LYS G 197 -5.92 44.76 -9.83
C LYS G 197 -5.90 43.72 -10.94
N ALA G 198 -4.96 43.91 -11.87
CA ALA G 198 -4.84 43.00 -13.01
C ALA G 198 -4.61 41.57 -12.53
N GLY G 199 -5.30 40.63 -13.17
CA GLY G 199 -5.17 39.23 -12.83
C GLY G 199 -5.97 38.78 -11.64
N SER G 200 -6.63 39.70 -10.94
CA SER G 200 -7.47 39.38 -9.79
C SER G 200 -8.94 39.51 -10.16
N PHE G 201 -9.79 39.02 -9.26
CA PHE G 201 -11.23 38.99 -9.54
C PHE G 201 -11.73 40.31 -10.10
N GLY G 202 -11.38 41.42 -9.48
CA GLY G 202 -11.89 42.71 -9.88
C GLY G 202 -11.17 43.41 -11.01
N ASP G 203 -10.43 42.67 -11.84
CA ASP G 203 -9.70 43.31 -12.92
C ASP G 203 -10.63 44.07 -13.85
N LEU G 204 -11.84 43.56 -14.07
CA LEU G 204 -12.86 44.24 -14.86
C LEU G 204 -14.08 44.47 -13.98
N GLN G 205 -14.51 45.73 -13.88
CA GLN G 205 -15.63 46.09 -13.03
C GLN G 205 -16.59 47.01 -13.77
N SER G 206 -17.88 46.70 -13.68
CA SER G 206 -18.94 47.48 -14.30
C SER G 206 -20.07 47.65 -13.31
N ARG G 207 -20.62 48.86 -13.22
CA ARG G 207 -21.72 49.09 -12.29
C ARG G 207 -22.93 48.24 -12.62
N THR G 208 -23.23 48.08 -13.90
CA THR G 208 -24.32 47.23 -14.35
C THR G 208 -23.89 46.50 -15.62
N SER G 209 -24.64 45.45 -15.97
CA SER G 209 -24.30 44.68 -17.15
C SER G 209 -24.52 45.47 -18.43
N THR G 210 -25.20 46.61 -18.36
CA THR G 210 -25.45 47.47 -19.51
C THR G 210 -24.78 48.84 -19.34
N SER G 211 -23.97 49.01 -18.30
CA SER G 211 -23.35 50.31 -18.04
C SER G 211 -22.43 50.71 -19.17
N ASN G 212 -22.46 52.00 -19.50
CA ASN G 212 -21.59 52.58 -20.52
C ASN G 212 -20.25 53.01 -19.96
N ASP G 213 -20.03 52.88 -18.65
CA ASP G 213 -18.79 53.25 -18.00
C ASP G 213 -18.16 51.98 -17.44
N LEU G 214 -17.08 51.54 -18.08
CA LEU G 214 -16.40 50.30 -17.72
C LEU G 214 -15.02 50.61 -17.16
N TYR G 215 -14.72 50.03 -16.00
CA TYR G 215 -13.39 50.12 -15.41
C TYR G 215 -12.63 48.85 -15.74
N ALA G 216 -11.45 49.00 -16.32
CA ALA G 216 -10.60 47.87 -16.69
C ALA G 216 -9.18 48.17 -16.26
N ASN G 217 -8.55 47.22 -15.55
CA ASN G 217 -7.19 47.39 -15.06
C ASN G 217 -6.40 46.13 -15.38
N THR G 218 -5.86 46.08 -16.60
CA THR G 218 -5.02 45.00 -17.07
C THR G 218 -3.73 45.62 -17.61
N ASN G 219 -2.63 44.87 -17.54
CA ASN G 219 -1.36 45.35 -18.06
C ASN G 219 -1.33 45.22 -19.59
N LEU G 220 -2.28 45.91 -20.21
CA LEU G 220 -2.35 45.97 -21.67
C LEU G 220 -1.17 46.79 -22.18
N LYS G 221 -0.19 46.11 -22.79
CA LYS G 221 1.00 46.76 -23.34
C LYS G 221 1.08 46.44 -24.83
N LEU G 222 1.09 47.48 -25.66
CA LEU G 222 1.28 47.31 -27.09
C LEU G 222 2.73 46.93 -27.38
N GLN G 223 2.92 45.86 -28.15
CA GLN G 223 4.23 45.41 -28.59
C GLN G 223 4.52 45.89 -30.01
N ARG G 224 5.79 46.05 -30.32
CA ARG G 224 6.17 46.43 -31.67
C ARG G 224 5.75 45.37 -32.66
N PRO G 225 5.09 45.73 -33.77
CA PRO G 225 4.76 44.74 -34.79
C PRO G 225 6.02 44.09 -35.36
N GLN G 226 5.90 42.81 -35.70
CA GLN G 226 7.03 42.09 -36.28
C GLN G 226 7.43 42.73 -37.60
N ALA G 227 8.71 42.58 -37.94
CA ALA G 227 9.25 43.21 -39.13
C ALA G 227 8.47 42.83 -40.38
N GLY G 228 7.95 43.84 -41.07
CA GLY G 228 7.25 43.64 -42.33
C GLY G 228 5.82 43.16 -42.23
N ILE G 229 5.26 43.05 -41.03
CA ILE G 229 3.92 42.51 -40.84
C ILE G 229 3.02 43.60 -40.27
N VAL G 230 1.84 43.77 -40.86
CA VAL G 230 0.86 44.72 -40.36
C VAL G 230 -0.06 43.97 -39.40
N HIS G 231 0.14 44.20 -38.11
CA HIS G 231 -0.70 43.64 -37.08
C HIS G 231 -0.45 44.45 -35.81
N THR G 232 -1.30 44.26 -34.81
CA THR G 232 -1.22 44.98 -33.55
C THR G 232 -1.03 43.98 -32.42
N PRO G 233 0.20 43.49 -32.22
CA PRO G 233 0.45 42.57 -31.12
C PRO G 233 0.39 43.29 -29.78
N PHE G 234 0.00 42.55 -28.75
CA PHE G 234 -0.08 43.12 -27.41
C PHE G 234 0.09 42.00 -26.39
N THR G 235 0.50 42.40 -25.19
CA THR G 235 0.59 41.50 -24.05
C THR G 235 -0.40 41.96 -22.99
N GLN G 236 -1.03 41.01 -22.33
CA GLN G 236 -2.05 41.35 -21.34
C GLN G 236 -2.11 40.24 -20.29
N VAL G 237 -2.36 40.64 -19.06
CA VAL G 237 -2.45 39.66 -17.97
C VAL G 237 -3.73 38.84 -18.15
N PRO G 238 -3.67 37.51 -18.05
CA PRO G 238 -4.89 36.71 -18.23
C PRO G 238 -6.02 37.22 -17.35
N SER G 239 -7.24 37.10 -17.88
CA SER G 239 -8.42 37.62 -17.20
C SER G 239 -8.50 37.08 -15.78
N GLY G 240 -8.72 37.99 -14.83
CA GLY G 240 -8.84 37.59 -13.45
C GLY G 240 -10.14 36.90 -13.13
N PHE G 241 -11.15 37.06 -13.98
CA PHE G 241 -12.41 36.37 -13.77
C PHE G 241 -12.27 34.87 -14.03
N GLU G 242 -11.61 34.49 -15.13
CA GLU G 242 -11.37 33.07 -15.39
C GLU G 242 -10.49 32.46 -14.31
N ARG G 243 -9.48 33.21 -13.86
CA ARG G 243 -8.63 32.74 -12.77
C ARG G 243 -9.44 32.51 -11.51
N TRP G 244 -10.33 33.45 -11.18
CA TRP G 244 -11.17 33.28 -9.99
C TRP G 244 -12.09 32.07 -10.15
N LYS G 245 -12.72 31.93 -11.32
CA LYS G 245 -13.58 30.78 -11.54
C LYS G 245 -12.84 29.47 -11.31
N LYS G 246 -11.55 29.43 -11.65
CA LYS G 246 -10.77 28.23 -11.34
C LYS G 246 -10.50 28.12 -9.85
N ASP G 247 -10.24 29.24 -9.18
CA ASP G 247 -9.86 29.24 -7.77
C ASP G 247 -10.98 29.69 -6.83
N LYS G 248 -12.21 29.81 -7.32
CA LYS G 248 -13.28 30.35 -6.48
C LYS G 248 -13.49 29.55 -5.21
N GLY G 249 -13.15 28.26 -5.22
CA GLY G 249 -13.25 27.46 -4.01
C GLY G 249 -14.66 27.00 -3.70
N ALA G 250 -14.88 26.72 -2.40
CA ALA G 250 -16.16 26.20 -1.93
C ALA G 250 -17.17 27.33 -1.80
N PRO G 251 -18.35 27.21 -2.40
CA PRO G 251 -19.38 28.24 -2.23
C PRO G 251 -20.06 28.16 -0.88
N LEU G 252 -20.71 29.27 -0.52
CA LEU G 252 -21.44 29.32 0.75
C LEU G 252 -22.51 28.25 0.82
N ASN G 253 -23.07 27.85 -0.32
CA ASN G 253 -24.08 26.80 -0.33
C ASN G 253 -23.56 25.51 0.29
N ASP G 254 -22.26 25.26 0.20
CA ASP G 254 -21.66 24.02 0.70
C ASP G 254 -21.07 24.15 2.11
N VAL G 255 -20.80 25.36 2.60
CA VAL G 255 -20.14 25.54 3.88
C VAL G 255 -21.00 26.31 4.88
N ALA G 256 -22.19 26.77 4.49
CA ALA G 256 -23.01 27.53 5.42
C ALA G 256 -23.34 26.66 6.63
N PRO G 257 -23.16 27.15 7.86
CA PRO G 257 -23.52 26.35 9.04
C PRO G 257 -25.02 26.18 9.18
N PHE G 258 -25.39 25.35 10.14
CA PHE G 258 -26.77 25.08 10.52
C PHE G 258 -27.61 24.55 9.37
N GLY G 259 -26.97 24.02 8.33
CA GLY G 259 -27.72 23.45 7.23
C GLY G 259 -28.50 24.44 6.40
N CYS G 260 -28.10 25.72 6.41
CA CYS G 260 -28.81 26.71 5.63
C CYS G 260 -28.76 26.36 4.15
N SER G 261 -29.87 26.61 3.46
CA SER G 261 -29.97 26.49 2.02
C SER G 261 -30.01 27.89 1.42
N ILE G 262 -29.17 28.13 0.42
CA ILE G 262 -29.02 29.45 -0.17
C ILE G 262 -29.81 29.54 -1.46
N ALA G 263 -30.64 30.59 -1.58
CA ALA G 263 -31.43 30.87 -2.75
C ALA G 263 -31.08 32.29 -3.22
N LEU G 264 -31.31 32.55 -4.51
CA LEU G 264 -30.87 33.81 -5.11
C LEU G 264 -31.98 34.79 -5.46
N GLU G 265 -33.23 34.35 -5.56
CA GLU G 265 -34.33 35.21 -5.99
C GLU G 265 -35.43 35.25 -4.93
N PRO G 266 -35.32 36.14 -3.93
CA PRO G 266 -34.22 37.08 -3.64
C PRO G 266 -33.07 36.35 -2.94
N LEU G 267 -31.88 36.95 -2.84
CA LEU G 267 -30.82 36.30 -2.10
C LEU G 267 -31.26 36.06 -0.66
N ARG G 268 -31.16 34.81 -0.22
CA ARG G 268 -31.63 34.47 1.13
C ARG G 268 -31.04 33.15 1.56
N ALA G 269 -31.04 32.95 2.88
CA ALA G 269 -30.64 31.69 3.51
C ALA G 269 -31.88 31.04 4.08
N GLU G 270 -32.14 29.80 3.69
CA GLU G 270 -33.38 29.12 4.06
C GLU G 270 -33.15 28.01 5.08
N ASN G 271 -34.15 27.82 5.94
CA ASN G 271 -34.20 26.71 6.90
C ASN G 271 -32.97 26.66 7.81
N CYS G 272 -32.50 27.82 8.26
CA CYS G 272 -31.41 27.85 9.22
C CYS G 272 -31.95 27.50 10.61
N ALA G 273 -31.45 26.41 11.18
CA ALA G 273 -31.90 25.94 12.50
C ALA G 273 -31.12 26.67 13.60
N VAL G 274 -31.47 27.94 13.79
CA VAL G 274 -30.77 28.81 14.73
C VAL G 274 -31.75 29.33 15.77
N GLY G 275 -31.43 29.13 17.04
CA GLY G 275 -32.15 29.69 18.17
C GLY G 275 -33.58 29.21 18.28
N SER G 276 -34.45 30.10 18.77
CA SER G 276 -35.85 29.81 19.00
C SER G 276 -36.68 30.99 18.52
N ILE G 277 -37.99 30.79 18.44
CA ILE G 277 -38.89 31.81 17.92
C ILE G 277 -40.03 32.06 18.91
N PRO G 278 -40.06 33.20 19.60
CA PRO G 278 -41.24 33.53 20.41
C PRO G 278 -42.47 33.67 19.54
N ILE G 279 -43.62 33.23 20.05
CA ILE G 279 -44.87 33.26 19.31
C ILE G 279 -46.01 33.69 20.20
N SER G 280 -47.09 34.15 19.56
CA SER G 280 -48.33 34.50 20.24
C SER G 280 -49.47 34.29 19.27
N ILE G 281 -50.41 33.41 19.61
CA ILE G 281 -51.55 33.10 18.75
C ILE G 281 -52.84 33.28 19.53
N ASP G 282 -53.80 33.98 18.94
CA ASP G 282 -55.12 34.20 19.52
C ASP G 282 -56.08 33.17 18.95
N ILE G 283 -56.49 32.22 19.78
CA ILE G 283 -57.38 31.15 19.32
C ILE G 283 -58.82 31.67 19.31
N PRO G 284 -59.60 31.42 18.25
CA PRO G 284 -60.99 31.89 18.24
C PRO G 284 -61.77 31.36 19.42
N ASP G 285 -62.64 32.21 19.96
CA ASP G 285 -63.44 31.81 21.12
C ASP G 285 -64.38 30.65 20.79
N ALA G 286 -64.84 30.56 19.54
CA ALA G 286 -65.74 29.48 19.16
C ALA G 286 -65.09 28.10 19.25
N ALA G 287 -63.75 28.04 19.30
CA ALA G 287 -63.05 26.77 19.38
C ALA G 287 -63.05 26.16 20.77
N PHE G 288 -63.42 26.91 21.81
CA PHE G 288 -63.37 26.44 23.18
C PHE G 288 -64.72 25.92 23.63
N THR G 289 -64.69 24.80 24.36
CA THR G 289 -65.87 24.16 24.92
C THR G 289 -65.78 24.18 26.44
N ARG G 290 -66.91 24.41 27.09
CA ARG G 290 -66.94 24.45 28.56
C ARG G 290 -66.60 23.09 29.15
N ILE G 291 -66.07 23.12 30.37
CA ILE G 291 -65.68 21.87 31.05
C ILE G 291 -66.86 20.94 31.14
N SER G 292 -68.01 21.45 31.60
CA SER G 292 -69.20 20.60 31.75
C SER G 292 -69.72 20.09 30.42
N GLU G 293 -69.32 20.70 29.31
CA GLU G 293 -69.75 20.25 27.99
C GLU G 293 -68.84 19.20 27.38
N THR G 294 -67.69 18.91 27.99
CA THR G 294 -66.76 17.92 27.50
C THR G 294 -66.75 16.68 28.37
N PRO G 295 -66.35 15.52 27.82
CA PRO G 295 -66.28 14.30 28.64
C PRO G 295 -65.23 14.42 29.73
N THR G 296 -65.56 13.88 30.90
CA THR G 296 -64.66 13.84 32.04
C THR G 296 -63.96 12.49 32.09
N VAL G 297 -62.64 12.52 32.20
CA VAL G 297 -61.80 11.33 32.15
C VAL G 297 -61.21 11.10 33.53
N SER G 298 -61.32 9.85 34.02
CA SER G 298 -60.85 9.48 35.35
C SER G 298 -60.31 8.07 35.31
N ASP G 299 -59.81 7.60 36.46
CA ASP G 299 -59.26 6.26 36.60
C ASP G 299 -58.20 5.97 35.54
N LEU G 300 -57.33 6.95 35.30
CA LEU G 300 -56.30 6.81 34.29
C LEU G 300 -55.14 5.97 34.80
N GLU G 301 -54.64 5.07 33.94
CA GLU G 301 -53.48 4.24 34.25
C GLU G 301 -52.70 4.06 32.95
N CYS G 302 -51.43 4.44 32.97
CA CYS G 302 -50.57 4.41 31.79
C CYS G 302 -49.52 3.30 31.92
N LYS G 303 -49.47 2.43 30.91
CA LYS G 303 -48.49 1.35 30.85
C LYS G 303 -47.70 1.48 29.55
N ILE G 304 -46.39 1.65 29.66
CA ILE G 304 -45.52 1.68 28.49
C ILE G 304 -45.19 0.24 28.10
N THR G 305 -45.62 -0.17 26.91
CA THR G 305 -45.45 -1.54 26.45
C THR G 305 -44.18 -1.75 25.63
N GLU G 306 -43.68 -0.69 25.00
CA GLU G 306 -42.45 -0.78 24.21
C GLU G 306 -41.80 0.60 24.20
N CYS G 307 -40.47 0.62 24.16
CA CYS G 307 -39.78 1.90 24.10
C CYS G 307 -38.34 1.74 23.63
N THR G 308 -37.95 2.57 22.68
CA THR G 308 -36.58 2.69 22.20
C THR G 308 -36.32 4.18 22.04
N TYR G 309 -35.18 4.66 22.53
CA TYR G 309 -34.93 6.10 22.40
C TYR G 309 -34.36 6.41 21.02
N ALA G 310 -35.07 5.98 19.98
CA ALA G 310 -34.70 6.24 18.61
C ALA G 310 -35.22 7.61 18.18
N PHE G 311 -34.62 8.13 17.09
CA PHE G 311 -35.07 9.40 16.55
C PHE G 311 -36.53 9.36 16.13
N ASP G 312 -37.01 8.22 15.63
CA ASP G 312 -38.41 8.10 15.26
C ASP G 312 -39.27 7.91 16.50
N PHE G 313 -40.58 7.73 16.29
CA PHE G 313 -41.50 7.44 17.38
C PHE G 313 -41.38 5.96 17.77
N GLY G 314 -40.28 5.66 18.44
CA GLY G 314 -39.97 4.29 18.82
C GLY G 314 -40.72 3.78 20.04
N GLY G 315 -41.46 4.64 20.73
CA GLY G 315 -42.18 4.23 21.92
C GLY G 315 -43.67 4.01 21.67
N ILE G 316 -44.23 3.08 22.42
CA ILE G 316 -45.65 2.75 22.36
C ILE G 316 -46.15 2.59 23.80
N ALA G 317 -47.30 3.18 24.11
CA ALA G 317 -47.86 3.11 25.44
C ALA G 317 -49.36 2.86 25.37
N THR G 318 -49.87 2.20 26.42
CA THR G 318 -51.30 1.91 26.55
C THR G 318 -51.82 2.62 27.79
N VAL G 319 -52.90 3.38 27.62
CA VAL G 319 -53.53 4.10 28.72
C VAL G 319 -54.93 3.55 28.93
N ALA G 320 -55.17 3.01 30.12
CA ALA G 320 -56.50 2.57 30.52
C ALA G 320 -57.25 3.74 31.12
N TYR G 321 -58.56 3.79 30.91
CA TYR G 321 -59.31 4.96 31.36
C TYR G 321 -60.79 4.61 31.55
N LYS G 322 -61.47 5.51 32.25
CA LYS G 322 -62.92 5.53 32.38
C LYS G 322 -63.37 6.97 32.15
N SER G 323 -64.44 7.16 31.40
CA SER G 323 -64.89 8.52 31.12
C SER G 323 -66.39 8.54 30.87
N SER G 324 -66.99 9.70 31.13
CA SER G 324 -68.40 9.94 30.84
C SER G 324 -68.56 10.57 29.47
N LYS G 325 -69.77 10.39 28.91
CA LYS G 325 -70.16 10.97 27.63
C LYS G 325 -69.42 10.38 26.43
N ALA G 326 -68.36 9.60 26.67
CA ALA G 326 -67.66 8.86 25.62
C ALA G 326 -67.42 9.72 24.38
N GLY G 327 -66.72 10.84 24.57
CA GLY G 327 -66.41 11.75 23.50
C GLY G 327 -64.94 11.76 23.11
N ASN G 328 -64.60 12.72 22.25
CA ASN G 328 -63.22 12.92 21.82
C ASN G 328 -62.44 13.68 22.89
N CYS G 329 -61.15 13.37 23.01
CA CYS G 329 -60.35 13.94 24.09
C CYS G 329 -58.94 14.28 23.61
N PRO G 330 -58.53 15.54 23.70
CA PRO G 330 -57.14 15.90 23.38
C PRO G 330 -56.14 15.17 24.26
N ILE G 331 -54.99 14.85 23.67
CA ILE G 331 -53.90 14.18 24.35
C ILE G 331 -52.62 14.99 24.15
N HIS G 332 -51.90 15.25 25.24
CA HIS G 332 -50.69 16.04 25.16
C HIS G 332 -49.79 15.76 26.36
N SER G 333 -48.48 15.82 26.13
CA SER G 333 -47.49 15.69 27.19
C SER G 333 -46.78 17.02 27.37
N PRO G 334 -47.14 17.83 28.37
CA PRO G 334 -46.47 19.14 28.53
C PRO G 334 -45.00 19.04 28.84
N SER G 335 -44.56 17.96 29.50
CA SER G 335 -43.14 17.80 29.82
C SER G 335 -42.34 17.51 28.55
N GLY G 336 -41.12 18.04 28.51
CA GLY G 336 -40.23 17.83 27.38
C GLY G 336 -39.61 16.46 27.32
N VAL G 337 -39.95 15.58 28.27
CA VAL G 337 -39.37 14.24 28.31
C VAL G 337 -39.72 13.46 27.06
N ALA G 338 -40.96 13.56 26.58
CA ALA G 338 -41.41 12.81 25.42
C ALA G 338 -42.38 13.61 24.58
N VAL G 339 -42.28 13.42 23.26
CA VAL G 339 -43.15 14.06 22.29
C VAL G 339 -44.18 13.04 21.82
N ILE G 340 -45.46 13.38 21.93
CA ILE G 340 -46.54 12.45 21.61
C ILE G 340 -46.91 12.59 20.14
N LYS G 341 -47.03 11.45 19.45
CA LYS G 341 -47.41 11.47 18.04
C LYS G 341 -48.88 11.84 17.87
N GLU G 342 -49.76 11.20 18.62
CA GLU G 342 -51.19 11.46 18.49
C GLU G 342 -51.55 12.80 19.13
N ASN G 343 -52.49 13.51 18.50
CA ASN G 343 -53.01 14.77 19.04
C ASN G 343 -54.29 14.59 19.83
N ASP G 344 -55.13 13.62 19.47
CA ASP G 344 -56.37 13.38 20.19
C ASP G 344 -56.79 11.94 19.98
N VAL G 345 -57.68 11.47 20.86
CA VAL G 345 -58.19 10.11 20.81
C VAL G 345 -59.69 10.12 21.06
N THR G 346 -60.35 9.03 20.67
CA THR G 346 -61.77 8.85 20.88
C THR G 346 -61.95 7.98 22.11
N LEU G 347 -62.69 8.49 23.09
CA LEU G 347 -62.89 7.79 24.36
C LEU G 347 -64.28 7.17 24.42
N ALA G 348 -64.36 6.00 25.05
CA ALA G 348 -65.60 5.30 25.30
C ALA G 348 -65.97 5.45 26.77
N GLU G 349 -67.06 4.80 27.18
CA GLU G 349 -67.42 4.82 28.59
C GLU G 349 -66.30 4.26 29.44
N SER G 350 -65.66 3.19 28.96
CA SER G 350 -64.51 2.59 29.63
C SER G 350 -63.72 1.82 28.60
N GLY G 351 -62.44 1.66 28.87
CA GLY G 351 -61.57 0.93 27.97
C GLY G 351 -60.14 1.44 28.09
N SER G 352 -59.43 1.37 26.97
CA SER G 352 -58.06 1.85 26.91
C SER G 352 -57.76 2.32 25.49
N PHE G 353 -56.74 3.17 25.38
CA PHE G 353 -56.26 3.66 24.10
C PHE G 353 -54.74 3.63 24.12
N THR G 354 -54.14 3.65 22.92
CA THR G 354 -52.69 3.64 22.77
C THR G 354 -52.23 4.88 22.05
N PHE G 355 -50.99 5.28 22.33
CA PHE G 355 -50.36 6.41 21.69
C PHE G 355 -48.88 6.12 21.52
N HIS G 356 -48.25 6.82 20.58
CA HIS G 356 -46.84 6.66 20.29
C HIS G 356 -46.08 7.92 20.69
N PHE G 357 -44.84 7.75 21.13
CA PHE G 357 -44.03 8.87 21.57
C PHE G 357 -42.57 8.60 21.26
N SER G 358 -41.79 9.68 21.20
CA SER G 358 -40.36 9.63 20.99
C SER G 358 -39.67 10.31 22.16
N THR G 359 -38.61 9.68 22.67
CA THR G 359 -37.90 10.23 23.82
C THR G 359 -36.45 9.77 23.79
N ALA G 360 -35.57 10.63 24.28
CA ALA G 360 -34.16 10.31 24.42
C ALA G 360 -33.83 9.70 25.78
N ASN G 361 -34.75 9.77 26.73
CA ASN G 361 -34.47 9.32 28.09
C ASN G 361 -34.48 7.80 28.17
N ILE G 362 -33.48 7.26 28.87
CA ILE G 362 -33.39 5.81 29.04
C ILE G 362 -34.46 5.31 30.01
N HIS G 363 -34.94 6.17 30.90
CA HIS G 363 -36.04 5.84 31.81
C HIS G 363 -37.04 6.98 31.75
N PRO G 364 -37.91 6.99 30.74
CA PRO G 364 -38.89 8.08 30.62
C PRO G 364 -39.80 8.16 31.82
N ALA G 365 -40.11 9.40 32.20
CA ALA G 365 -41.06 9.68 33.29
C ALA G 365 -41.68 11.02 32.96
N PHE G 366 -42.89 10.99 32.39
CA PHE G 366 -43.53 12.20 31.92
C PHE G 366 -45.01 12.20 32.27
N LYS G 367 -45.55 13.39 32.43
CA LYS G 367 -46.97 13.59 32.70
C LYS G 367 -47.71 13.68 31.38
N LEU G 368 -48.75 12.86 31.22
CA LEU G 368 -49.58 12.89 30.03
C LEU G 368 -50.89 13.56 30.39
N GLN G 369 -51.22 14.65 29.70
CA GLN G 369 -52.45 15.37 29.94
C GLN G 369 -53.55 14.80 29.06
N VAL G 370 -54.63 14.37 29.69
CA VAL G 370 -55.84 13.89 29.02
C VAL G 370 -56.95 14.85 29.40
N CYS G 371 -57.66 15.35 28.38
CA CYS G 371 -58.60 16.46 28.56
C CYS G 371 -59.23 16.48 29.95
N THR G 372 -58.99 17.55 30.69
CA THR G 372 -59.44 17.78 32.05
C THR G 372 -58.76 16.87 33.08
N SER G 373 -57.88 15.97 32.66
CA SER G 373 -57.23 15.03 33.57
C SER G 373 -55.76 14.89 33.20
N ALA G 374 -55.04 14.04 33.93
CA ALA G 374 -53.63 13.82 33.66
C ALA G 374 -53.21 12.49 34.29
N VAL G 375 -52.17 11.88 33.70
CA VAL G 375 -51.64 10.61 34.15
C VAL G 375 -50.12 10.61 33.95
N THR G 376 -49.43 9.86 34.79
CA THR G 376 -47.98 9.73 34.73
C THR G 376 -47.58 8.40 34.10
N CYS G 377 -46.72 8.46 33.08
CA CYS G 377 -46.21 7.27 32.40
C CYS G 377 -44.75 7.06 32.78
N LYS G 378 -44.40 5.82 33.12
CA LYS G 378 -43.02 5.47 33.44
C LYS G 378 -42.66 4.16 32.76
N GLY G 379 -41.40 4.03 32.38
CA GLY G 379 -40.93 2.83 31.73
C GLY G 379 -39.45 2.89 31.45
N ASP G 380 -38.96 1.85 30.75
CA ASP G 380 -37.57 1.73 30.37
C ASP G 380 -37.48 1.60 28.85
N CYS G 381 -36.39 2.09 28.28
CA CYS G 381 -36.21 2.11 26.84
C CYS G 381 -34.89 1.47 26.44
N LYS G 382 -34.91 0.73 25.34
CA LYS G 382 -33.75 0.05 24.77
C LYS G 382 -33.01 0.96 23.81
N PRO G 383 -31.72 0.70 23.56
CA PRO G 383 -30.99 1.51 22.58
C PRO G 383 -31.44 1.19 21.17
N PRO G 384 -31.33 2.13 20.24
CA PRO G 384 -31.73 1.86 18.85
C PRO G 384 -30.75 0.93 18.14
N LYS G 385 -31.27 0.27 17.11
CA LYS G 385 -30.45 -0.63 16.29
C LYS G 385 -29.65 0.13 15.24
N ASP G 386 -30.27 1.09 14.55
CA ASP G 386 -29.61 1.79 13.46
C ASP G 386 -28.64 2.84 13.99
N HIS G 387 -27.38 2.74 13.58
CA HIS G 387 -26.39 3.75 13.94
C HIS G 387 -26.68 5.08 13.27
N ILE G 388 -27.00 5.06 11.97
CA ILE G 388 -27.20 6.26 11.18
C ILE G 388 -28.61 6.22 10.57
N VAL G 389 -29.32 7.34 10.66
CA VAL G 389 -30.65 7.47 10.09
C VAL G 389 -30.68 8.68 9.16
N ASP G 390 -31.61 8.66 8.22
CA ASP G 390 -31.77 9.70 7.22
C ASP G 390 -32.79 10.77 7.63
N TYR G 391 -33.19 10.83 8.89
CA TYR G 391 -34.19 11.79 9.34
C TYR G 391 -33.78 12.41 10.67
N ALA G 392 -34.16 13.66 10.87
CA ALA G 392 -33.88 14.37 12.10
C ALA G 392 -34.68 13.79 13.28
N ALA G 393 -34.10 13.90 14.47
CA ALA G 393 -34.74 13.41 15.68
C ALA G 393 -35.99 14.24 16.01
N GLN G 394 -37.05 13.54 16.44
CA GLN G 394 -38.29 14.18 16.81
C GLN G 394 -38.29 14.69 18.26
N HIS G 395 -37.26 14.40 19.03
CA HIS G 395 -37.19 14.76 20.44
C HIS G 395 -35.94 15.57 20.72
N THR G 396 -35.89 16.15 21.92
CA THR G 396 -34.74 16.91 22.40
C THR G 396 -34.07 16.15 23.54
N GLU G 397 -32.79 15.87 23.38
CA GLU G 397 -32.03 15.20 24.43
C GLU G 397 -31.62 16.19 25.52
N SER G 398 -31.73 15.76 26.77
CA SER G 398 -31.35 16.56 27.92
C SER G 398 -30.06 16.02 28.53
N PHE G 399 -29.54 16.78 29.51
CA PHE G 399 -28.31 16.39 30.18
C PHE G 399 -28.47 15.06 30.91
N THR G 400 -29.59 14.86 31.60
CA THR G 400 -29.81 13.67 32.41
C THR G 400 -30.52 12.56 31.63
N SER G 401 -30.76 12.74 30.34
CA SER G 401 -31.50 11.74 29.58
C SER G 401 -30.75 10.41 29.51
N ALA G 402 -29.42 10.45 29.43
CA ALA G 402 -28.64 9.23 29.31
C ALA G 402 -28.36 8.53 30.64
N ILE G 403 -28.64 9.18 31.77
CA ILE G 403 -28.29 8.62 33.08
C ILE G 403 -29.28 7.51 33.39
N SER G 404 -28.78 6.27 33.47
CA SER G 404 -29.59 5.11 33.80
C SER G 404 -29.80 5.01 35.31
N ALA G 405 -30.73 4.16 35.70
CA ALA G 405 -30.97 3.93 37.12
C ALA G 405 -29.73 3.39 37.81
N THR G 406 -28.97 2.54 37.12
CA THR G 406 -27.72 2.05 37.69
C THR G 406 -26.73 3.19 37.90
N ALA G 407 -26.62 4.08 36.92
CA ALA G 407 -25.73 5.23 37.06
C ALA G 407 -26.20 6.15 38.17
N TRP G 408 -27.51 6.37 38.26
CA TRP G 408 -28.03 7.18 39.37
C TRP G 408 -27.73 6.54 40.71
N SER G 409 -27.84 5.21 40.79
CA SER G 409 -27.52 4.51 42.02
C SER G 409 -26.05 4.73 42.39
N TRP G 410 -25.15 4.59 41.42
CA TRP G 410 -23.74 4.83 41.70
C TRP G 410 -23.48 6.28 42.12
N ILE G 411 -24.13 7.23 41.44
CA ILE G 411 -23.95 8.64 41.80
C ILE G 411 -24.43 8.87 43.23
N LYS G 412 -25.59 8.32 43.58
CA LYS G 412 -26.10 8.47 44.94
C LYS G 412 -25.19 7.81 45.95
N VAL G 413 -24.64 6.64 45.60
CA VAL G 413 -23.75 5.96 46.53
C VAL G 413 -22.47 6.76 46.74
N LEU G 414 -21.86 7.25 45.67
CA LEU G 414 -20.62 8.01 45.81
C LEU G 414 -20.85 9.32 46.56
N VAL G 415 -21.89 10.07 46.18
CA VAL G 415 -22.14 11.36 46.83
C VAL G 415 -22.56 11.14 48.29
N GLY G 416 -23.45 10.20 48.54
CA GLY G 416 -23.87 9.93 49.90
C GLY G 416 -22.75 9.39 50.75
N GLY G 417 -21.90 8.53 50.20
CA GLY G 417 -20.79 8.00 50.95
C GLY G 417 -19.82 9.09 51.37
N THR G 418 -19.42 9.95 50.42
CA THR G 418 -18.50 11.01 50.79
C THR G 418 -19.14 12.01 51.74
N SER G 419 -20.40 12.37 51.49
CA SER G 419 -21.09 13.33 52.35
C SER G 419 -21.23 12.78 53.77
N ALA G 420 -21.69 11.52 53.89
CA ALA G 420 -21.87 10.91 55.20
C ALA G 420 -20.54 10.74 55.92
N PHE G 421 -19.48 10.39 55.20
CA PHE G 421 -18.19 10.20 55.84
C PHE G 421 -17.64 11.52 56.36
N ILE G 422 -17.78 12.59 55.58
CA ILE G 422 -17.34 13.90 56.04
C ILE G 422 -18.19 14.36 57.23
N VAL G 423 -19.51 14.17 57.14
CA VAL G 423 -20.39 14.55 58.23
C VAL G 423 -20.04 13.78 59.49
N LEU G 424 -19.70 12.50 59.34
CA LEU G 424 -19.26 11.72 60.49
C LEU G 424 -18.04 12.35 61.14
N GLY G 425 -17.06 12.76 60.32
CA GLY G 425 -15.89 13.41 60.89
C GLY G 425 -16.24 14.69 61.63
N LEU G 426 -17.12 15.51 61.05
CA LEU G 426 -17.50 16.76 61.69
C LEU G 426 -18.26 16.52 63.00
N ILE G 427 -19.18 15.56 63.00
CA ILE G 427 -19.94 15.25 64.21
C ILE G 427 -19.01 14.72 65.29
N ALA G 428 -18.10 13.81 64.92
CA ALA G 428 -17.15 13.29 65.89
C ALA G 428 -16.32 14.42 66.50
N THR G 429 -15.91 15.38 65.67
CA THR G 429 -15.13 16.50 66.19
C THR G 429 -15.95 17.33 67.18
N ALA G 430 -17.21 17.61 66.85
CA ALA G 430 -18.04 18.40 67.75
C ALA G 430 -18.31 17.66 69.05
N VAL G 431 -18.53 16.35 68.97
CA VAL G 431 -18.84 15.56 70.16
C VAL G 431 -17.64 15.51 71.08
N VAL G 432 -16.45 15.25 70.53
CA VAL G 432 -15.26 15.18 71.38
C VAL G 432 -14.95 16.55 71.97
N ALA G 433 -15.18 17.63 71.21
CA ALA G 433 -14.96 18.96 71.78
C ALA G 433 -15.90 19.21 72.95
N LEU G 434 -17.16 18.79 72.83
CA LEU G 434 -18.10 18.98 73.93
C LEU G 434 -17.72 18.12 75.13
N VAL G 435 -17.23 16.91 74.87
CA VAL G 435 -16.78 16.05 75.96
C VAL G 435 -15.64 16.71 76.72
N LEU G 436 -14.67 17.28 76.00
CA LEU G 436 -13.59 17.97 76.67
C LEU G 436 -14.10 19.16 77.49
N PHE G 437 -15.08 19.88 76.94
CA PHE G 437 -15.65 20.99 77.69
C PHE G 437 -16.26 20.51 79.00
N PHE G 438 -16.99 19.39 78.96
CA PHE G 438 -17.55 18.87 80.20
C PHE G 438 -16.49 18.25 81.10
N HIS G 439 -15.34 17.84 80.54
CA HIS G 439 -14.24 17.43 81.38
C HIS G 439 -13.76 18.59 82.24
N ARG G 440 -13.67 19.78 81.64
CA ARG G 440 -13.28 20.94 82.44
C ARG G 440 -14.41 21.34 83.40
N HIS G 441 -15.66 21.21 82.96
CA HIS G 441 -16.81 21.58 83.79
C HIS G 441 -17.57 20.33 84.23
N ASP H 1 -36.44 33.02 -43.46
CA ASP H 1 -35.84 33.67 -44.61
C ASP H 1 -34.40 34.07 -44.31
N LEU H 2 -33.47 33.59 -45.14
CA LEU H 2 -32.06 33.94 -44.96
C LEU H 2 -31.74 35.35 -45.44
N ASP H 3 -32.55 35.90 -46.35
CA ASP H 3 -32.26 37.24 -46.87
C ASP H 3 -32.21 38.29 -45.76
N THR H 4 -33.01 38.11 -44.71
CA THR H 4 -33.04 39.08 -43.62
C THR H 4 -31.83 38.98 -42.71
N HIS H 5 -31.08 37.88 -42.75
CA HIS H 5 -29.89 37.73 -41.93
C HIS H 5 -28.63 38.20 -42.62
N PHE H 6 -28.67 38.41 -43.94
CA PHE H 6 -27.51 38.84 -44.71
C PHE H 6 -27.65 40.24 -45.28
N THR H 7 -28.70 40.97 -44.92
CA THR H 7 -28.88 42.31 -45.47
C THR H 7 -27.68 43.19 -45.19
N GLN H 8 -27.07 43.05 -44.02
CA GLN H 8 -25.88 43.82 -43.69
C GLN H 8 -24.61 43.17 -44.21
N TYR H 9 -24.52 41.84 -44.14
CA TYR H 9 -23.31 41.17 -44.61
C TYR H 9 -23.13 41.28 -46.12
N LYS H 10 -24.22 41.49 -46.87
CA LYS H 10 -24.08 41.67 -48.30
C LYS H 10 -23.23 42.90 -48.63
N LEU H 11 -23.18 43.87 -47.72
CA LEU H 11 -22.43 45.09 -47.94
C LEU H 11 -20.95 44.94 -47.63
N ALA H 12 -20.54 43.86 -46.98
CA ALA H 12 -19.15 43.62 -46.66
C ALA H 12 -18.54 42.59 -47.62
N ARG H 13 -17.22 42.57 -47.66
CA ARG H 13 -16.46 41.65 -48.50
C ARG H 13 -15.42 40.94 -47.66
N PRO H 14 -14.90 39.82 -48.15
CA PRO H 14 -13.75 39.18 -47.49
C PRO H 14 -12.49 40.03 -47.70
N TYR H 15 -11.45 39.68 -46.94
CA TYR H 15 -10.18 40.38 -47.07
C TYR H 15 -9.04 39.42 -46.78
N ILE H 16 -7.84 39.81 -47.20
CA ILE H 16 -6.62 39.04 -46.98
C ILE H 16 -5.83 39.71 -45.87
N ALA H 17 -5.48 38.93 -44.84
CA ALA H 17 -4.76 39.47 -43.70
C ALA H 17 -3.68 38.48 -43.26
N ASP H 18 -2.73 39.01 -42.49
CA ASP H 18 -1.61 38.21 -42.02
C ASP H 18 -2.08 37.02 -41.18
N CYS H 19 -1.55 35.84 -41.48
CA CYS H 19 -1.82 34.62 -40.75
C CYS H 19 -0.52 34.04 -40.22
N PRO H 20 -0.42 33.74 -38.92
CA PRO H 20 0.87 33.24 -38.40
C PRO H 20 1.40 32.01 -39.11
N ASN H 21 0.54 31.08 -39.53
CA ASN H 21 1.00 29.85 -40.17
C ASN H 21 0.09 29.51 -41.35
N CYS H 22 0.59 29.72 -42.56
CA CYS H 22 -0.10 29.27 -43.77
C CYS H 22 0.55 27.94 -44.17
N GLY H 23 0.18 26.89 -43.45
CA GLY H 23 0.91 25.65 -43.58
C GLY H 23 2.23 25.67 -42.83
N HIS H 24 3.34 25.87 -43.57
CA HIS H 24 4.67 25.87 -42.97
C HIS H 24 5.23 27.25 -42.66
N SER H 25 4.64 28.34 -43.15
CA SER H 25 5.22 29.65 -42.91
C SER H 25 4.15 30.74 -42.90
N ARG H 26 4.53 31.87 -42.32
CA ARG H 26 3.64 33.03 -42.24
C ARG H 26 3.39 33.58 -43.64
N CYS H 27 2.14 33.97 -43.89
CA CYS H 27 1.76 34.53 -45.18
C CYS H 27 0.48 35.33 -45.01
N ASP H 28 0.09 36.02 -46.09
CA ASP H 28 -1.18 36.73 -46.13
C ASP H 28 -2.24 35.72 -46.54
N SER H 29 -2.97 35.18 -45.57
CA SER H 29 -3.96 34.14 -45.79
C SER H 29 -5.33 34.75 -46.10
N PRO H 30 -6.06 34.24 -47.08
CA PRO H 30 -7.43 34.71 -47.31
C PRO H 30 -8.42 34.26 -46.26
N ILE H 31 -8.03 33.34 -45.36
CA ILE H 31 -8.93 32.83 -44.33
C ILE H 31 -8.31 33.10 -42.95
N ALA H 32 -7.58 34.20 -42.83
CA ALA H 32 -6.91 34.53 -41.58
C ALA H 32 -7.89 34.54 -40.42
N ILE H 33 -7.48 33.92 -39.31
CA ILE H 33 -8.31 33.83 -38.12
C ILE H 33 -8.14 35.10 -37.28
N GLU H 34 -9.23 35.86 -37.14
CA GLU H 34 -9.18 37.10 -36.36
C GLU H 34 -9.37 36.86 -34.88
N GLU H 35 -10.29 35.97 -34.50
CA GLU H 35 -10.62 35.74 -33.10
C GLU H 35 -11.10 34.32 -32.94
N VAL H 36 -10.81 33.73 -31.79
CA VAL H 36 -11.34 32.44 -31.39
C VAL H 36 -12.05 32.63 -30.05
N ARG H 37 -13.36 32.48 -30.06
CA ARG H 37 -14.17 32.52 -28.83
C ARG H 37 -14.33 31.09 -28.35
N GLY H 38 -13.69 30.75 -27.24
CA GLY H 38 -13.74 29.41 -26.73
C GLY H 38 -14.13 29.29 -25.27
N ASP H 39 -15.08 30.13 -24.83
CA ASP H 39 -15.50 30.16 -23.44
C ASP H 39 -16.75 29.32 -23.18
N ALA H 40 -17.30 28.66 -24.19
CA ALA H 40 -18.42 27.76 -23.96
C ALA H 40 -17.96 26.56 -23.15
N HIS H 41 -18.94 25.89 -22.54
CA HIS H 41 -18.62 24.76 -21.67
C HIS H 41 -18.12 23.56 -22.46
N ALA H 42 -18.93 23.03 -23.36
CA ALA H 42 -18.63 21.73 -23.96
C ALA H 42 -18.10 21.89 -25.39
N GLY H 43 -16.86 22.38 -25.47
CA GLY H 43 -16.12 22.42 -26.72
C GLY H 43 -16.59 23.38 -27.79
N VAL H 44 -17.72 24.05 -27.61
CA VAL H 44 -18.19 24.95 -28.66
C VAL H 44 -17.27 26.16 -28.75
N ILE H 45 -16.70 26.38 -29.93
CA ILE H 45 -15.84 27.52 -30.19
C ILE H 45 -16.35 28.25 -31.43
N ARG H 46 -16.26 29.58 -31.41
CA ARG H 46 -16.66 30.41 -32.54
C ARG H 46 -15.41 31.10 -33.10
N ILE H 47 -15.13 30.84 -34.37
CA ILE H 47 -13.92 31.34 -35.03
C ILE H 47 -14.33 32.39 -36.05
N GLN H 48 -13.79 33.60 -35.93
CA GLN H 48 -13.99 34.67 -36.89
C GLN H 48 -12.85 34.68 -37.88
N THR H 49 -13.17 34.61 -39.17
CA THR H 49 -12.18 34.63 -40.23
C THR H 49 -12.42 35.80 -41.17
N SER H 50 -11.48 35.99 -42.09
CA SER H 50 -11.61 37.00 -43.12
C SER H 50 -12.43 36.53 -44.32
N ALA H 51 -12.72 35.24 -44.41
CA ALA H 51 -13.51 34.71 -45.51
C ALA H 51 -14.98 34.85 -45.21
N MET H 52 -15.80 34.90 -46.26
CA MET H 52 -17.24 34.97 -46.12
C MET H 52 -17.84 33.60 -46.42
N PHE H 53 -18.66 33.10 -45.50
CA PHE H 53 -19.33 31.83 -45.63
C PHE H 53 -20.82 32.05 -45.79
N GLY H 54 -21.41 31.37 -46.78
CA GLY H 54 -22.81 31.55 -47.09
C GLY H 54 -23.14 32.71 -48.00
N LEU H 55 -22.15 33.49 -48.42
CA LEU H 55 -22.37 34.60 -49.33
C LEU H 55 -21.55 34.44 -50.60
N LYS H 56 -22.11 34.92 -51.70
CA LYS H 56 -21.43 34.97 -52.98
C LYS H 56 -21.70 36.33 -53.60
N THR H 57 -20.85 36.72 -54.54
CA THR H 57 -21.04 38.00 -55.21
C THR H 57 -22.40 38.07 -55.89
N ASP H 58 -22.95 36.92 -56.27
CA ASP H 58 -24.25 36.85 -56.94
C ASP H 58 -25.44 36.82 -55.99
N GLY H 59 -25.22 36.62 -54.68
CA GLY H 59 -26.35 36.56 -53.77
C GLY H 59 -26.01 35.76 -52.53
N VAL H 60 -27.07 35.25 -51.88
CA VAL H 60 -26.97 34.48 -50.65
C VAL H 60 -27.18 33.00 -50.96
N ASP H 61 -26.30 32.16 -50.42
CA ASP H 61 -26.44 30.71 -50.54
C ASP H 61 -25.53 30.03 -49.52
N LEU H 62 -26.10 29.30 -48.57
CA LEU H 62 -25.30 28.68 -47.53
C LEU H 62 -24.33 27.64 -48.08
N ALA H 63 -24.52 27.19 -49.31
CA ALA H 63 -23.58 26.26 -49.93
C ALA H 63 -22.36 26.94 -50.51
N TYR H 64 -22.41 28.26 -50.68
CA TYR H 64 -21.33 29.01 -51.32
C TYR H 64 -20.46 29.74 -50.31
N MET H 65 -19.23 30.01 -50.72
CA MET H 65 -18.23 30.70 -49.92
C MET H 65 -17.57 31.76 -50.79
N SER H 66 -17.16 32.86 -50.16
CA SER H 66 -16.48 33.94 -50.87
C SER H 66 -15.20 34.32 -50.15
N PHE H 67 -14.13 34.50 -50.92
CA PHE H 67 -12.83 34.88 -50.39
C PHE H 67 -12.13 35.76 -51.42
N MET H 68 -11.14 36.53 -50.95
CA MET H 68 -10.39 37.39 -51.85
C MET H 68 -9.27 36.63 -52.54
N ASN H 69 -9.20 36.77 -53.86
CA ASN H 69 -8.14 36.22 -54.69
C ASN H 69 -7.33 37.41 -55.19
N GLY H 70 -6.42 37.89 -54.34
CA GLY H 70 -5.73 39.14 -54.58
C GLY H 70 -6.67 40.33 -54.52
N LYS H 71 -6.72 41.13 -55.59
CA LYS H 71 -7.68 42.23 -55.67
C LYS H 71 -9.07 41.80 -56.11
N THR H 72 -9.23 40.56 -56.59
CA THR H 72 -10.51 40.09 -57.13
C THR H 72 -11.19 39.18 -56.13
N GLN H 73 -12.46 39.47 -55.85
CA GLN H 73 -13.26 38.62 -54.96
C GLN H 73 -13.72 37.39 -55.71
N LYS H 74 -13.40 36.22 -55.17
CA LYS H 74 -13.79 34.93 -55.74
C LYS H 74 -14.86 34.29 -54.87
N SER H 75 -15.83 33.64 -55.50
CA SER H 75 -16.88 32.92 -54.80
C SER H 75 -16.94 31.49 -55.30
N ILE H 76 -16.89 30.54 -54.37
CA ILE H 76 -16.85 29.12 -54.70
C ILE H 76 -17.78 28.37 -53.76
N LYS H 77 -18.16 27.16 -54.17
CA LYS H 77 -18.88 26.27 -53.27
C LYS H 77 -17.96 25.78 -52.16
N ILE H 78 -18.51 25.73 -50.94
CA ILE H 78 -17.77 25.22 -49.80
C ILE H 78 -17.30 23.81 -50.11
N ASP H 79 -15.98 23.60 -50.13
CA ASP H 79 -15.38 22.31 -50.45
C ASP H 79 -14.40 21.94 -49.35
N ASN H 80 -14.76 20.93 -48.55
CA ASN H 80 -13.94 20.46 -47.44
C ASN H 80 -13.53 21.59 -46.50
N LEU H 81 -14.45 22.51 -46.23
CA LEU H 81 -14.23 23.46 -45.15
C LEU H 81 -14.09 22.70 -43.84
N HIS H 82 -12.98 22.91 -43.14
CA HIS H 82 -12.71 22.12 -41.94
C HIS H 82 -12.08 22.98 -40.85
N VAL H 83 -12.29 22.54 -39.61
CA VAL H 83 -11.73 23.16 -38.42
C VAL H 83 -11.05 22.06 -37.62
N ARG H 84 -9.82 22.32 -37.17
CA ARG H 84 -9.04 21.30 -36.48
C ARG H 84 -8.29 21.88 -35.30
N THR H 85 -8.43 21.24 -34.13
CA THR H 85 -7.73 21.63 -32.90
C THR H 85 -7.17 20.36 -32.29
N SER H 86 -6.04 19.88 -32.80
CA SER H 86 -5.46 18.61 -32.39
C SER H 86 -6.28 17.42 -32.87
N ALA H 87 -7.47 17.67 -33.41
CA ALA H 87 -8.32 16.65 -34.00
C ALA H 87 -9.40 17.34 -34.82
N PRO H 88 -10.00 16.66 -35.77
CA PRO H 88 -11.04 17.30 -36.58
C PRO H 88 -12.21 17.74 -35.73
N CYS H 89 -12.75 18.92 -36.05
CA CYS H 89 -13.91 19.48 -35.37
C CYS H 89 -15.15 19.30 -36.24
N SER H 90 -16.27 18.99 -35.59
CA SER H 90 -17.56 18.97 -36.27
C SER H 90 -18.05 20.39 -36.49
N LEU H 91 -18.36 20.74 -37.74
CA LEU H 91 -18.91 22.05 -38.03
C LEU H 91 -20.39 22.11 -37.67
N VAL H 92 -20.77 23.14 -36.92
CA VAL H 92 -22.16 23.35 -36.54
C VAL H 92 -22.84 24.20 -37.60
N SER H 93 -22.30 25.38 -37.85
CA SER H 93 -22.87 26.28 -38.85
C SER H 93 -21.84 27.37 -39.14
N HIS H 94 -22.09 28.12 -40.20
CA HIS H 94 -21.22 29.21 -40.61
C HIS H 94 -22.06 30.37 -41.10
N HIS H 95 -21.56 31.59 -40.87
CA HIS H 95 -22.29 32.80 -41.26
C HIS H 95 -21.32 33.95 -41.37
N GLY H 96 -21.25 34.56 -42.54
CA GLY H 96 -20.35 35.68 -42.76
C GLY H 96 -18.92 35.31 -42.41
N TYR H 97 -18.32 36.10 -41.51
CA TYR H 97 -16.97 35.84 -41.05
C TYR H 97 -16.87 34.70 -40.04
N TYR H 98 -17.97 34.25 -39.47
CA TYR H 98 -17.94 33.37 -38.31
C TYR H 98 -18.18 31.92 -38.67
N ILE H 99 -17.41 31.04 -38.03
CA ILE H 99 -17.55 29.59 -38.15
C ILE H 99 -17.79 29.04 -36.75
N LEU H 100 -18.83 28.23 -36.60
CA LEU H 100 -19.13 27.58 -35.34
C LEU H 100 -18.78 26.09 -35.46
N ALA H 101 -17.93 25.61 -34.56
CA ALA H 101 -17.47 24.23 -34.60
C ALA H 101 -17.35 23.69 -33.19
N GLN H 102 -17.52 22.38 -33.06
CA GLN H 102 -17.31 21.67 -31.80
C GLN H 102 -15.94 21.01 -31.83
N CYS H 103 -14.98 21.60 -31.10
CA CYS H 103 -13.60 21.16 -31.14
C CYS H 103 -13.19 20.51 -29.83
N PRO H 104 -12.44 19.40 -29.88
CA PRO H 104 -11.88 18.85 -28.65
C PRO H 104 -10.70 19.69 -28.18
N PRO H 105 -10.22 19.47 -26.96
CA PRO H 105 -9.12 20.29 -26.45
C PRO H 105 -7.90 20.22 -27.37
N GLY H 106 -7.18 21.32 -27.43
CA GLY H 106 -5.98 21.39 -28.26
C GLY H 106 -5.24 22.68 -28.03
N ASP H 107 -4.01 22.72 -28.53
CA ASP H 107 -3.16 23.89 -28.40
C ASP H 107 -3.28 24.86 -29.57
N THR H 108 -3.83 24.42 -30.70
CA THR H 108 -3.91 25.24 -31.90
C THR H 108 -5.31 25.15 -32.48
N VAL H 109 -5.65 26.14 -33.29
CA VAL H 109 -6.91 26.17 -34.02
C VAL H 109 -6.57 26.35 -35.50
N THR H 110 -6.83 25.32 -36.29
CA THR H 110 -6.55 25.33 -37.72
C THR H 110 -7.86 25.43 -38.49
N VAL H 111 -7.92 26.38 -39.41
CA VAL H 111 -9.07 26.59 -40.27
C VAL H 111 -8.56 26.62 -41.70
N GLY H 112 -9.28 25.94 -42.60
CA GLY H 112 -8.89 25.97 -43.99
C GLY H 112 -9.99 25.41 -44.87
N PHE H 113 -9.80 25.62 -46.17
CA PHE H 113 -10.77 25.22 -47.17
C PHE H 113 -10.04 24.97 -48.48
N HIS H 114 -10.70 24.25 -49.39
CA HIS H 114 -10.12 23.95 -50.69
C HIS H 114 -10.81 24.74 -51.78
N ASP H 115 -10.02 25.09 -52.80
CA ASP H 115 -10.50 25.76 -54.01
C ASP H 115 -9.83 25.03 -55.17
N GLY H 116 -10.49 23.96 -55.64
CA GLY H 116 -9.92 23.12 -56.66
C GLY H 116 -8.64 22.46 -56.17
N PRO H 117 -7.53 22.65 -56.89
CA PRO H 117 -6.25 22.08 -56.44
C PRO H 117 -5.57 22.87 -55.32
N ASN H 118 -6.04 24.07 -55.02
CA ASN H 118 -5.41 24.91 -54.00
C ASN H 118 -5.96 24.59 -52.61
N ARG H 119 -5.11 24.78 -51.61
CA ARG H 119 -5.50 24.61 -50.21
C ARG H 119 -5.08 25.83 -49.42
N HIS H 120 -6.04 26.49 -48.78
CA HIS H 120 -5.80 27.68 -47.96
C HIS H 120 -6.08 27.33 -46.50
N THR H 121 -5.05 27.40 -45.67
CA THR H 121 -5.19 27.10 -44.25
C THR H 121 -4.59 28.22 -43.40
N CYS H 122 -5.04 28.30 -42.16
CA CYS H 122 -4.50 29.25 -41.18
C CYS H 122 -4.54 28.63 -39.80
N THR H 123 -3.37 28.50 -39.19
CA THR H 123 -3.23 27.92 -37.84
C THR H 123 -2.74 29.00 -36.89
N VAL H 124 -3.49 29.21 -35.80
CA VAL H 124 -3.12 30.18 -34.78
C VAL H 124 -3.00 29.49 -33.43
N ALA H 125 -2.04 29.93 -32.62
CA ALA H 125 -1.88 29.43 -31.26
C ALA H 125 -3.03 29.90 -30.39
N HIS H 126 -3.82 28.95 -29.88
CA HIS H 126 -4.97 29.28 -29.03
C HIS H 126 -5.33 28.04 -28.23
N LYS H 127 -5.22 28.11 -26.91
CA LYS H 127 -5.56 26.98 -26.06
C LYS H 127 -7.07 26.79 -26.02
N VAL H 128 -7.55 25.71 -26.62
CA VAL H 128 -8.97 25.34 -26.58
C VAL H 128 -9.11 24.27 -25.50
N GLU H 129 -9.95 24.55 -24.50
CA GLU H 129 -10.15 23.63 -23.40
C GLU H 129 -11.60 23.18 -23.33
N PHE H 130 -11.79 21.93 -22.91
CA PHE H 130 -13.12 21.42 -22.60
C PHE H 130 -13.48 21.80 -21.18
N ARG H 131 -14.61 22.49 -21.00
CA ARG H 131 -15.04 22.96 -19.69
C ARG H 131 -16.29 22.23 -19.24
N PRO H 132 -16.15 21.05 -18.64
CA PRO H 132 -17.34 20.33 -18.16
C PRO H 132 -18.15 21.16 -17.18
N VAL H 133 -19.47 21.07 -17.31
CA VAL H 133 -20.38 21.79 -16.43
C VAL H 133 -20.78 20.89 -15.27
N GLY H 134 -20.64 21.41 -14.05
CA GLY H 134 -20.98 20.64 -12.87
C GLY H 134 -19.81 20.30 -11.97
N ARG H 135 -19.96 19.22 -11.21
CA ARG H 135 -18.99 18.79 -10.23
C ARG H 135 -18.16 17.60 -10.68
N GLU H 136 -18.19 17.26 -11.97
CA GLU H 136 -17.40 16.15 -12.51
C GLU H 136 -16.67 16.61 -13.75
N LYS H 137 -15.38 16.31 -13.83
CA LYS H 137 -14.53 16.73 -14.94
C LYS H 137 -14.58 15.70 -16.07
N TYR H 138 -15.76 15.57 -16.67
CA TYR H 138 -15.91 14.68 -17.82
C TYR H 138 -15.23 15.30 -19.03
N ARG H 139 -14.76 14.43 -19.93
CA ARG H 139 -14.02 14.88 -21.10
C ARG H 139 -14.86 14.96 -22.37
N HIS H 140 -16.10 14.46 -22.36
CA HIS H 140 -16.92 14.50 -23.56
C HIS H 140 -18.39 14.47 -23.15
N PRO H 141 -19.26 15.20 -23.84
CA PRO H 141 -20.68 15.17 -23.47
C PRO H 141 -21.18 13.75 -23.29
N PRO H 142 -21.73 13.43 -22.12
CA PRO H 142 -22.21 12.07 -21.88
C PRO H 142 -23.48 11.76 -22.67
N GLU H 143 -23.73 10.46 -22.84
CA GLU H 143 -24.97 10.03 -23.46
C GLU H 143 -26.17 10.34 -22.59
N HIS H 144 -26.00 10.29 -21.27
CA HIS H 144 -27.09 10.45 -20.32
C HIS H 144 -26.54 10.98 -19.01
N GLY H 145 -27.42 11.54 -18.20
CA GLY H 145 -27.01 12.04 -16.89
C GLY H 145 -27.99 13.08 -16.37
N VAL H 146 -27.44 14.02 -15.61
CA VAL H 146 -28.20 15.13 -15.04
C VAL H 146 -28.09 16.33 -15.96
N GLU H 147 -29.23 16.91 -16.30
CA GLU H 147 -29.30 18.08 -17.17
C GLU H 147 -29.06 19.34 -16.34
N LEU H 148 -27.94 20.02 -16.58
CA LEU H 148 -27.54 21.21 -15.83
C LEU H 148 -27.49 22.42 -16.74
N PRO H 149 -27.81 23.61 -16.23
CA PRO H 149 -27.67 24.83 -17.04
C PRO H 149 -26.21 25.09 -17.41
N CYS H 150 -26.02 25.53 -18.65
CA CYS H 150 -24.67 25.76 -19.19
C CYS H 150 -24.71 26.91 -20.18
N ASN H 151 -23.52 27.43 -20.50
CA ASN H 151 -23.34 28.48 -21.49
C ASN H 151 -22.93 27.87 -22.82
N ARG H 152 -23.69 28.16 -23.87
CA ARG H 152 -23.44 27.64 -25.20
C ARG H 152 -23.54 28.77 -26.21
N TYR H 153 -22.79 28.64 -27.31
CA TYR H 153 -22.99 29.51 -28.45
C TYR H 153 -24.10 28.94 -29.31
N THR H 154 -25.21 29.68 -29.42
CA THR H 154 -26.34 29.18 -30.18
C THR H 154 -25.96 29.02 -31.64
N HIS H 155 -26.49 27.97 -32.26
CA HIS H 155 -26.21 27.69 -33.66
C HIS H 155 -27.02 28.58 -34.61
N LYS H 156 -27.97 29.33 -34.10
CA LYS H 156 -28.84 30.13 -34.94
C LYS H 156 -28.16 31.43 -35.38
N ARG H 157 -28.37 31.78 -36.65
CA ARG H 157 -27.74 32.94 -37.28
C ARG H 157 -28.37 34.27 -36.87
N ALA H 158 -29.54 34.26 -36.25
CA ALA H 158 -30.30 35.49 -36.06
C ALA H 158 -29.58 36.50 -35.16
N ASP H 159 -29.89 37.77 -35.39
CA ASP H 159 -29.34 38.89 -34.62
C ASP H 159 -29.88 38.87 -33.20
N GLN H 160 -28.99 38.82 -32.22
CA GLN H 160 -29.38 38.81 -30.81
C GLN H 160 -28.73 39.95 -30.03
N GLY H 161 -28.54 41.10 -30.68
CA GLY H 161 -28.09 42.30 -29.99
C GLY H 161 -26.59 42.50 -29.91
N HIS H 162 -25.78 41.67 -30.55
CA HIS H 162 -24.32 41.85 -30.57
C HIS H 162 -23.88 42.21 -31.99
N TYR H 163 -23.09 43.27 -32.10
CA TYR H 163 -22.66 43.78 -33.39
C TYR H 163 -21.16 44.06 -33.40
N VAL H 164 -20.59 44.02 -34.60
CA VAL H 164 -19.22 44.43 -34.86
C VAL H 164 -19.28 45.48 -35.96
N GLU H 165 -18.26 46.33 -36.00
CA GLU H 165 -18.24 47.44 -36.94
C GLU H 165 -17.51 47.06 -38.21
N MET H 166 -18.07 47.48 -39.34
CA MET H 166 -17.43 47.35 -40.65
C MET H 166 -17.07 48.74 -41.15
N HIS H 167 -15.82 48.91 -41.56
CA HIS H 167 -15.28 50.20 -41.96
C HIS H 167 -14.86 50.17 -43.43
N GLN H 168 -14.82 51.36 -44.02
CA GLN H 168 -14.31 51.49 -45.38
C GLN H 168 -12.87 50.98 -45.44
N PRO H 169 -12.54 50.09 -46.39
CA PRO H 169 -11.18 49.54 -46.42
C PRO H 169 -10.12 50.61 -46.61
N GLY H 170 -8.98 50.38 -45.98
CA GLY H 170 -7.83 51.23 -46.19
C GLY H 170 -7.21 50.97 -47.55
N LEU H 171 -6.18 51.76 -47.86
CA LEU H 171 -5.46 51.58 -49.11
C LEU H 171 -4.98 50.14 -49.27
N VAL H 172 -5.36 49.52 -50.38
CA VAL H 172 -4.98 48.15 -50.69
C VAL H 172 -3.78 48.22 -51.64
N ALA H 173 -2.58 48.13 -51.06
CA ALA H 173 -1.36 48.17 -51.86
C ALA H 173 -1.32 47.01 -52.85
N ASP H 174 -1.03 47.31 -54.11
CA ASP H 174 -1.00 46.30 -55.18
C ASP H 174 -0.02 46.77 -56.25
N HIS H 175 1.22 46.28 -56.15
CA HIS H 175 2.27 46.64 -57.09
C HIS H 175 2.01 46.15 -58.51
N SER H 176 1.17 45.14 -58.70
CA SER H 176 0.97 44.59 -60.03
C SER H 176 0.21 45.55 -60.95
N LEU H 177 -0.36 46.62 -60.41
CA LEU H 177 -0.91 47.68 -61.24
C LEU H 177 0.15 48.36 -62.09
N LEU H 178 1.42 48.27 -61.70
CA LEU H 178 2.50 48.99 -62.38
C LEU H 178 3.16 48.12 -63.43
N SER H 179 3.39 48.70 -64.60
CA SER H 179 4.06 48.00 -65.70
C SER H 179 5.01 48.98 -66.40
N ILE H 180 5.95 48.42 -67.16
CA ILE H 180 6.99 49.25 -67.77
C ILE H 180 6.48 49.98 -69.00
N HIS H 181 5.57 49.37 -69.76
CA HIS H 181 5.00 49.97 -70.97
C HIS H 181 6.13 50.49 -71.85
N SER H 182 6.09 51.73 -72.31
CA SER H 182 7.17 52.33 -73.11
C SER H 182 8.34 52.79 -72.23
N ALA H 183 8.89 51.86 -71.47
CA ALA H 183 9.98 52.16 -70.54
C ALA H 183 9.57 53.22 -69.52
N LYS H 184 8.28 53.34 -69.26
CA LYS H 184 7.74 54.32 -68.34
C LYS H 184 6.65 53.65 -67.52
N VAL H 185 6.85 53.63 -66.19
CA VAL H 185 5.90 53.01 -65.27
C VAL H 185 4.48 53.46 -65.61
N LYS H 186 3.65 52.50 -65.98
CA LYS H 186 2.24 52.76 -66.29
C LYS H 186 1.37 52.21 -65.15
N ILE H 187 0.42 53.02 -64.70
CA ILE H 187 -0.52 52.64 -63.65
C ILE H 187 -1.79 52.16 -64.32
N THR H 188 -2.03 50.84 -64.28
CA THR H 188 -3.24 50.27 -64.85
C THR H 188 -4.36 50.35 -63.82
N VAL H 189 -5.43 51.05 -64.17
CA VAL H 189 -6.58 51.26 -63.28
C VAL H 189 -7.68 50.27 -63.67
N PRO H 190 -7.98 49.27 -62.86
CA PRO H 190 -9.15 48.43 -63.15
C PRO H 190 -10.42 49.25 -63.16
N SER H 191 -11.33 48.88 -64.05
CA SER H 191 -12.57 49.63 -64.23
C SER H 191 -13.36 49.72 -62.93
N GLY H 192 -13.91 50.89 -62.66
CA GLY H 192 -14.74 51.13 -61.49
C GLY H 192 -14.00 51.34 -60.19
N ALA H 193 -12.68 51.53 -60.22
CA ALA H 193 -11.90 51.75 -59.02
C ALA H 193 -10.85 52.81 -59.30
N GLN H 194 -10.32 53.41 -58.24
CA GLN H 194 -9.27 54.41 -58.35
C GLN H 194 -7.97 53.83 -57.82
N VAL H 195 -6.86 54.20 -58.48
CA VAL H 195 -5.52 53.78 -58.09
C VAL H 195 -4.74 55.01 -57.65
N LYS H 196 -4.31 55.02 -56.39
CA LYS H 196 -3.40 56.03 -55.90
C LYS H 196 -1.97 55.56 -56.13
N TYR H 197 -1.15 56.45 -56.67
CA TYR H 197 0.24 56.14 -57.00
C TYR H 197 1.15 57.16 -56.31
N TYR H 198 2.29 56.68 -55.81
CA TYR H 198 3.26 57.54 -55.15
C TYR H 198 4.64 57.12 -55.64
N CYS H 199 5.22 57.95 -56.51
CA CYS H 199 6.55 57.72 -57.08
C CYS H 199 7.51 58.79 -56.59
N LYS H 200 8.63 58.37 -56.02
CA LYS H 200 9.63 59.29 -55.50
C LYS H 200 10.92 59.20 -56.31
N CYS H 201 10.80 58.93 -57.61
CA CYS H 201 11.93 58.98 -58.51
C CYS H 201 12.40 60.44 -58.61
N PRO H 202 13.51 60.71 -59.31
CA PRO H 202 13.91 62.12 -59.52
C PRO H 202 12.73 63.03 -59.83
N ASP H 203 11.83 62.58 -60.70
CA ASP H 203 10.60 63.30 -60.99
C ASP H 203 9.51 62.77 -60.06
N VAL H 204 9.45 63.34 -58.86
CA VAL H 204 8.47 62.89 -57.88
C VAL H 204 7.06 63.19 -58.38
N ARG H 205 6.22 62.16 -58.41
CA ARG H 205 4.84 62.29 -58.87
C ARG H 205 3.93 61.56 -57.90
N LYS H 206 2.84 62.23 -57.50
CA LYS H 206 1.89 61.71 -56.54
C LYS H 206 0.49 62.16 -56.93
N GLY H 207 -0.50 61.30 -56.70
CA GLY H 207 -1.87 61.67 -57.00
C GLY H 207 -2.77 60.46 -57.08
N ILE H 208 -4.02 60.73 -57.44
CA ILE H 208 -5.07 59.72 -57.56
C ILE H 208 -5.57 59.77 -59.00
N THR H 209 -5.41 58.67 -59.72
CA THR H 209 -5.80 58.58 -61.12
C THR H 209 -6.98 57.62 -61.27
N SER H 210 -8.04 58.10 -61.91
CA SER H 210 -9.21 57.29 -62.21
C SER H 210 -9.01 56.40 -63.44
N SER H 211 -7.99 56.66 -64.25
CA SER H 211 -7.79 55.94 -65.50
C SER H 211 -6.29 55.70 -65.70
N ASP H 212 -5.97 54.94 -66.74
CA ASP H 212 -4.58 54.63 -67.05
C ASP H 212 -3.74 55.90 -67.08
N HIS H 213 -2.66 55.91 -66.30
CA HIS H 213 -1.79 57.06 -66.19
C HIS H 213 -0.34 56.60 -66.33
N THR H 214 0.40 57.24 -67.22
CA THR H 214 1.81 56.95 -67.43
C THR H 214 2.64 57.99 -66.70
N THR H 215 3.39 57.55 -65.71
CA THR H 215 4.24 58.47 -64.94
C THR H 215 5.61 58.62 -65.62
N THR H 216 6.34 59.65 -65.18
CA THR H 216 7.69 59.88 -65.67
C THR H 216 8.68 58.82 -65.18
N CYS H 217 8.48 58.24 -64.01
CA CYS H 217 9.42 57.27 -63.49
C CYS H 217 9.48 56.03 -64.38
N THR H 218 10.67 55.44 -64.45
CA THR H 218 10.97 54.36 -65.38
C THR H 218 11.00 52.96 -64.77
N ASP H 219 10.90 52.82 -63.44
CA ASP H 219 11.00 51.50 -62.84
C ASP H 219 9.91 51.27 -61.81
N VAL H 220 9.34 50.06 -61.85
CA VAL H 220 8.25 49.68 -60.96
C VAL H 220 8.62 49.93 -59.51
N LYS H 221 9.83 49.53 -59.11
CA LYS H 221 10.24 49.70 -57.72
C LYS H 221 10.19 51.15 -57.26
N GLN H 222 10.25 52.11 -58.19
CA GLN H 222 10.19 53.52 -57.82
C GLN H 222 8.80 53.97 -57.40
N CYS H 223 7.75 53.19 -57.68
CA CYS H 223 6.38 53.61 -57.41
C CYS H 223 5.65 52.60 -56.54
N ARG H 224 4.65 53.10 -55.82
CA ARG H 224 3.71 52.27 -55.06
C ARG H 224 2.30 52.63 -55.52
N ALA H 225 1.55 51.63 -56.00
CA ALA H 225 0.16 51.80 -56.41
C ALA H 225 -0.77 51.19 -55.37
N TYR H 226 -1.74 51.97 -54.92
CA TYR H 226 -2.74 51.51 -53.96
C TYR H 226 -4.14 51.59 -54.57
N LEU H 227 -4.87 50.49 -54.48
CA LEU H 227 -6.24 50.39 -54.97
C LEU H 227 -7.23 50.98 -53.96
N ILE H 228 -7.94 52.03 -54.37
CA ILE H 228 -9.00 52.63 -53.57
C ILE H 228 -10.33 52.13 -54.13
N ASP H 229 -10.95 51.18 -53.44
CA ASP H 229 -12.21 50.57 -53.89
C ASP H 229 -13.14 50.48 -52.69
N ASN H 230 -14.12 51.40 -52.63
CA ASN H 230 -15.02 51.51 -51.50
C ASN H 230 -16.38 50.86 -51.74
N LYS H 231 -16.53 50.06 -52.80
CA LYS H 231 -17.82 49.43 -53.05
C LYS H 231 -18.21 48.52 -51.90
N LYS H 232 -17.26 47.77 -51.36
CA LYS H 232 -17.51 46.84 -50.27
C LYS H 232 -16.71 47.30 -49.05
N TRP H 233 -17.29 47.08 -47.88
CA TRP H 233 -16.64 47.45 -46.63
C TRP H 233 -16.02 46.21 -46.00
N VAL H 234 -15.13 46.43 -45.03
CA VAL H 234 -14.46 45.34 -44.34
C VAL H 234 -14.50 45.56 -42.84
N TYR H 235 -14.47 44.46 -42.10
CA TYR H 235 -14.35 44.53 -40.65
C TYR H 235 -13.08 45.30 -40.30
N ASN H 236 -13.14 46.11 -39.23
CA ASN H 236 -11.99 46.91 -38.83
C ASN H 236 -10.98 45.99 -38.13
N SER H 237 -10.43 45.10 -38.93
CA SER H 237 -9.46 44.12 -38.44
C SER H 237 -8.20 44.82 -37.98
N GLY H 238 -7.63 44.32 -36.88
CA GLY H 238 -6.35 44.83 -36.44
C GLY H 238 -5.20 44.52 -37.37
N ARG H 239 -5.45 43.72 -38.41
CA ARG H 239 -4.43 43.32 -39.37
C ARG H 239 -4.54 44.08 -40.69
N LEU H 240 -5.39 45.10 -40.76
CA LEU H 240 -5.53 45.92 -41.96
C LEU H 240 -5.22 47.38 -41.66
N PRO H 241 -4.62 48.11 -42.60
CA PRO H 241 -4.40 49.54 -42.38
C PRO H 241 -5.71 50.33 -42.34
N ARG H 242 -5.85 51.19 -41.35
CA ARG H 242 -7.01 52.06 -41.23
C ARG H 242 -7.04 53.09 -42.36
N GLY H 243 -8.24 53.36 -42.87
CA GLY H 243 -8.43 54.41 -43.85
C GLY H 243 -8.41 55.79 -43.22
N GLU H 244 -8.50 56.79 -44.09
CA GLU H 244 -8.45 58.19 -43.67
C GLU H 244 -9.83 58.73 -43.30
N GLY H 245 -9.87 59.51 -42.21
CA GLY H 245 -11.08 60.09 -41.67
C GLY H 245 -11.96 59.09 -40.95
N ASP H 246 -13.27 59.37 -40.98
CA ASP H 246 -14.27 58.49 -40.39
C ASP H 246 -14.55 57.35 -41.36
N THR H 247 -13.90 56.21 -41.13
CA THR H 247 -14.09 55.05 -41.99
C THR H 247 -15.29 54.20 -41.58
N PHE H 248 -15.91 54.50 -40.44
CA PHE H 248 -17.07 53.75 -39.96
C PHE H 248 -18.22 53.83 -40.96
N LYS H 249 -18.70 52.68 -41.42
CA LYS H 249 -19.78 52.62 -42.39
C LYS H 249 -21.03 51.89 -41.93
N GLY H 250 -20.92 50.95 -40.99
CA GLY H 250 -22.10 50.26 -40.51
C GLY H 250 -21.76 49.22 -39.47
N LYS H 251 -22.80 48.52 -39.01
CA LYS H 251 -22.67 47.44 -38.04
C LYS H 251 -23.04 46.10 -38.65
N LEU H 252 -22.31 45.06 -38.24
CA LEU H 252 -22.60 43.68 -38.61
C LEU H 252 -22.92 42.92 -37.33
N HIS H 253 -24.09 42.30 -37.28
CA HIS H 253 -24.47 41.51 -36.12
C HIS H 253 -23.57 40.29 -35.97
N VAL H 254 -23.35 39.89 -34.72
CA VAL H 254 -22.63 38.67 -34.39
C VAL H 254 -23.62 37.51 -34.46
N PRO H 255 -23.40 36.52 -35.33
CA PRO H 255 -24.43 35.49 -35.52
C PRO H 255 -24.62 34.54 -34.35
N PHE H 256 -23.52 33.98 -33.82
CA PHE H 256 -23.61 32.94 -32.81
C PHE H 256 -23.35 33.52 -31.42
N VAL H 257 -24.35 34.24 -30.93
CA VAL H 257 -24.27 34.89 -29.62
C VAL H 257 -24.27 33.84 -28.52
N PRO H 258 -23.47 34.01 -27.45
CA PRO H 258 -23.58 33.10 -26.31
C PRO H 258 -24.96 33.14 -25.67
N VAL H 259 -25.48 31.95 -25.34
CA VAL H 259 -26.80 31.82 -24.72
C VAL H 259 -26.73 30.80 -23.59
N LYS H 260 -27.66 30.94 -22.65
CA LYS H 260 -27.86 29.93 -21.62
C LYS H 260 -28.57 28.72 -22.21
N ALA H 261 -28.01 27.53 -21.97
CA ALA H 261 -28.56 26.30 -22.50
C ALA H 261 -28.42 25.20 -21.46
N LYS H 262 -29.00 24.03 -21.76
CA LYS H 262 -28.91 22.86 -20.91
C LYS H 262 -27.91 21.86 -21.46
N CYS H 263 -26.94 21.46 -20.63
CA CYS H 263 -25.93 20.47 -20.98
C CYS H 263 -26.07 19.26 -20.07
N ILE H 264 -25.88 18.08 -20.63
CA ILE H 264 -25.91 16.84 -19.87
C ILE H 264 -24.58 16.62 -19.17
N ALA H 265 -24.63 16.43 -17.85
CA ALA H 265 -23.45 16.11 -17.05
C ALA H 265 -23.55 14.69 -16.53
N THR H 266 -22.39 14.02 -16.44
CA THR H 266 -22.36 12.65 -15.93
C THR H 266 -22.90 12.57 -14.50
N LEU H 267 -23.34 11.36 -14.14
CA LEU H 267 -23.71 11.03 -12.77
C LEU H 267 -22.77 9.92 -12.30
N ALA H 268 -21.95 10.22 -11.30
CA ALA H 268 -21.02 9.23 -10.80
C ALA H 268 -21.78 8.06 -10.17
N PRO H 269 -21.20 6.86 -10.16
CA PRO H 269 -21.88 5.72 -9.54
C PRO H 269 -22.17 5.99 -8.07
N GLU H 270 -23.35 5.56 -7.63
CA GLU H 270 -23.71 5.78 -6.24
C GLU H 270 -22.76 5.01 -5.34
N PRO H 271 -22.24 5.63 -4.27
CA PRO H 271 -21.29 4.92 -3.40
C PRO H 271 -21.97 3.88 -2.53
N LEU H 272 -21.20 2.89 -2.13
CA LEU H 272 -21.65 1.96 -1.10
C LEU H 272 -21.58 2.68 0.25
N VAL H 273 -22.65 2.63 1.01
CA VAL H 273 -22.74 3.34 2.28
C VAL H 273 -22.78 2.32 3.41
N GLU H 274 -21.82 2.42 4.31
CA GLU H 274 -21.74 1.58 5.50
C GLU H 274 -21.86 2.48 6.72
N HIS H 275 -22.56 2.01 7.74
CA HIS H 275 -22.82 2.80 8.94
C HIS H 275 -22.16 2.17 10.15
N LYS H 276 -21.46 3.00 10.92
CA LYS H 276 -20.84 2.61 12.18
C LYS H 276 -21.24 3.64 13.22
N HIS H 277 -20.92 3.35 14.49
CA HIS H 277 -21.24 4.29 15.57
C HIS H 277 -20.76 5.69 15.24
N ARG H 278 -21.71 6.61 15.04
CA ARG H 278 -21.40 8.01 14.76
C ARG H 278 -20.42 8.17 13.60
N THR H 279 -20.41 7.22 12.66
CA THR H 279 -19.47 7.28 11.55
C THR H 279 -20.15 6.83 10.27
N LEU H 280 -19.93 7.58 9.19
CA LEU H 280 -20.43 7.28 7.86
C LEU H 280 -19.25 6.89 7.00
N ILE H 281 -19.29 5.70 6.42
CA ILE H 281 -18.22 5.20 5.56
C ILE H 281 -18.76 5.09 4.14
N LEU H 282 -18.12 5.83 3.23
CA LEU H 282 -18.50 5.84 1.82
C LEU H 282 -17.41 5.17 1.00
N HIS H 283 -17.80 4.22 0.16
CA HIS H 283 -16.90 3.60 -0.81
C HIS H 283 -17.21 4.23 -2.15
N LEU H 284 -16.31 5.07 -2.63
CA LEU H 284 -16.52 5.87 -3.83
C LEU H 284 -15.71 5.30 -4.97
N HIS H 285 -16.38 4.97 -6.08
CA HIS H 285 -15.75 4.41 -7.26
C HIS H 285 -16.12 5.28 -8.44
N PRO H 286 -15.49 6.44 -8.59
CA PRO H 286 -15.85 7.35 -9.67
C PRO H 286 -15.25 6.94 -11.02
N ASP H 287 -15.89 7.43 -12.07
CA ASP H 287 -15.39 7.25 -13.43
C ASP H 287 -14.43 8.36 -13.82
N HIS H 288 -14.69 9.57 -13.32
CA HIS H 288 -13.94 10.78 -13.63
C HIS H 288 -13.66 11.48 -12.33
N PRO H 289 -12.65 12.37 -12.29
CA PRO H 289 -12.45 13.17 -11.08
C PRO H 289 -13.76 13.79 -10.60
N THR H 290 -14.22 13.36 -9.43
CA THR H 290 -15.53 13.75 -8.90
C THR H 290 -15.35 14.50 -7.60
N LEU H 291 -16.05 15.62 -7.47
CA LEU H 291 -15.98 16.47 -6.28
C LEU H 291 -16.89 15.94 -5.19
N LEU H 292 -16.33 15.61 -4.03
CA LEU H 292 -17.09 15.20 -2.86
C LEU H 292 -16.97 16.29 -1.80
N THR H 293 -18.11 16.79 -1.32
CA THR H 293 -18.15 17.81 -0.29
C THR H 293 -19.11 17.41 0.82
N THR H 294 -18.73 17.70 2.06
CA THR H 294 -19.56 17.42 3.22
C THR H 294 -19.52 18.61 4.18
N ARG H 295 -20.57 18.72 4.98
CA ARG H 295 -20.64 19.77 6.00
C ARG H 295 -21.51 19.30 7.15
N SER H 296 -21.12 19.66 8.36
CA SER H 296 -21.96 19.42 9.53
C SER H 296 -23.13 20.38 9.55
N LEU H 297 -24.26 19.93 10.11
CA LEU H 297 -25.44 20.75 10.27
C LEU H 297 -25.47 21.50 11.59
N GLY H 298 -24.35 21.53 12.31
CA GLY H 298 -24.27 22.17 13.61
C GLY H 298 -23.70 23.58 13.52
N SER H 299 -23.27 24.10 14.67
CA SER H 299 -22.76 25.47 14.73
C SER H 299 -21.42 25.61 14.02
N ASP H 300 -20.70 24.51 13.82
CA ASP H 300 -19.43 24.52 13.08
C ASP H 300 -19.57 23.58 11.90
N ALA H 301 -19.65 24.16 10.69
CA ALA H 301 -19.87 23.35 9.50
C ALA H 301 -18.74 22.37 9.25
N ASN H 302 -17.51 22.74 9.61
CA ASN H 302 -16.32 21.92 9.40
C ASN H 302 -16.37 21.29 8.00
N PRO H 303 -16.51 22.10 6.95
CA PRO H 303 -16.68 21.56 5.61
C PRO H 303 -15.46 20.79 5.13
N THR H 304 -15.72 19.81 4.26
CA THR H 304 -14.69 19.01 3.61
C THR H 304 -14.87 19.12 2.10
N ARG H 305 -13.76 19.25 1.38
CA ARG H 305 -13.79 19.40 -0.07
C ARG H 305 -12.58 18.71 -0.67
N GLN H 306 -12.81 17.69 -1.49
CA GLN H 306 -11.72 16.96 -2.13
C GLN H 306 -12.20 16.37 -3.45
N TRP H 307 -11.32 16.40 -4.45
CA TRP H 307 -11.58 15.75 -5.73
C TRP H 307 -11.10 14.32 -5.67
N ILE H 308 -12.01 13.37 -5.88
CA ILE H 308 -11.73 11.95 -5.78
C ILE H 308 -11.63 11.38 -7.18
N GLU H 309 -10.43 10.96 -7.55
CA GLU H 309 -10.15 10.46 -8.90
C GLU H 309 -10.07 8.94 -8.97
N ARG H 310 -9.64 8.29 -7.89
CA ARG H 310 -9.47 6.86 -7.82
C ARG H 310 -10.33 6.30 -6.70
N PRO H 311 -10.72 5.03 -6.79
CA PRO H 311 -11.48 4.41 -5.69
C PRO H 311 -10.85 4.68 -4.34
N THR H 312 -11.65 5.13 -3.39
CA THR H 312 -11.16 5.50 -2.07
C THR H 312 -12.26 5.31 -1.05
N THR H 313 -11.85 5.17 0.21
CA THR H 313 -12.77 5.08 1.35
C THR H 313 -12.60 6.32 2.21
N VAL H 314 -13.69 7.04 2.43
CA VAL H 314 -13.70 8.25 3.25
C VAL H 314 -14.66 8.05 4.41
N ASN H 315 -14.19 8.37 5.62
CA ASN H 315 -14.95 8.18 6.85
C ASN H 315 -15.27 9.54 7.45
N PHE H 316 -16.57 9.87 7.53
CA PHE H 316 -17.03 11.12 8.11
C PHE H 316 -17.71 10.85 9.44
N THR H 317 -17.35 11.64 10.45
CA THR H 317 -17.98 11.55 11.76
C THR H 317 -19.35 12.23 11.72
N VAL H 318 -20.40 11.47 12.04
CA VAL H 318 -21.77 11.97 12.05
C VAL H 318 -22.26 11.98 13.49
N THR H 319 -22.72 13.14 13.94
CA THR H 319 -23.24 13.33 15.29
C THR H 319 -24.75 13.48 15.25
N GLY H 320 -25.35 13.64 16.44
CA GLY H 320 -26.78 13.88 16.52
C GLY H 320 -27.22 15.14 15.81
N GLU H 321 -26.28 16.07 15.54
CA GLU H 321 -26.62 17.22 14.72
C GLU H 321 -26.86 16.82 13.27
N GLY H 322 -26.15 15.81 12.79
CA GLY H 322 -26.24 15.35 11.43
C GLY H 322 -25.12 15.87 10.55
N LEU H 323 -25.01 15.24 9.38
CA LEU H 323 -23.98 15.57 8.41
C LEU H 323 -24.58 15.51 7.02
N GLU H 324 -24.24 16.50 6.20
CA GLU H 324 -24.65 16.58 4.81
C GLU H 324 -23.44 16.30 3.93
N TYR H 325 -23.61 15.39 2.97
CA TYR H 325 -22.56 15.10 2.01
C TYR H 325 -23.15 15.16 0.61
N THR H 326 -22.36 15.66 -0.34
CA THR H 326 -22.78 15.82 -1.72
C THR H 326 -21.79 15.10 -2.62
N TRP H 327 -22.22 13.97 -3.20
CA TRP H 327 -21.41 13.28 -4.18
C TRP H 327 -21.67 13.91 -5.54
N GLY H 328 -20.63 14.03 -6.35
CA GLY H 328 -20.71 14.77 -7.59
C GLY H 328 -22.01 14.64 -8.36
N ASN H 329 -22.64 15.78 -8.66
CA ASN H 329 -23.88 15.85 -9.42
C ASN H 329 -25.05 15.12 -8.77
N HIS H 330 -24.87 14.58 -7.55
CA HIS H 330 -26.00 13.99 -6.87
C HIS H 330 -26.62 14.97 -5.89
N PRO H 331 -27.92 14.86 -5.60
CA PRO H 331 -28.52 15.73 -4.58
C PRO H 331 -27.86 15.54 -3.23
N PRO H 332 -27.71 16.60 -2.44
CA PRO H 332 -27.16 16.42 -1.09
C PRO H 332 -27.99 15.47 -0.25
N LYS H 333 -27.29 14.57 0.45
CA LYS H 333 -27.91 13.62 1.36
C LYS H 333 -27.59 14.01 2.80
N ARG H 334 -28.63 14.10 3.63
CA ARG H 334 -28.48 14.44 5.04
C ARG H 334 -28.73 13.20 5.89
N VAL H 335 -27.79 12.91 6.79
CA VAL H 335 -27.91 11.76 7.69
C VAL H 335 -27.58 12.20 9.11
N TRP H 336 -28.27 11.59 10.07
CA TRP H 336 -28.09 11.86 11.50
C TRP H 336 -27.76 10.58 12.23
N ALA H 337 -26.83 10.67 13.18
CA ALA H 337 -26.38 9.53 13.95
C ALA H 337 -27.21 9.36 15.22
N GLN H 338 -27.77 8.16 15.41
CA GLN H 338 -28.48 7.82 16.63
C GLN H 338 -27.50 7.38 17.71
N GLU H 339 -27.98 7.40 18.95
CA GLU H 339 -27.14 7.00 20.09
C GLU H 339 -27.11 5.49 20.24
N SER H 340 -26.80 4.78 19.16
CA SER H 340 -26.72 3.32 19.16
C SER H 340 -25.33 2.83 19.52
N GLY H 341 -24.82 3.27 20.67
CA GLY H 341 -23.49 2.90 21.09
C GLY H 341 -23.40 1.53 21.72
N GLU H 342 -22.17 1.13 22.02
CA GLU H 342 -21.86 -0.15 22.64
C GLU H 342 -21.77 -0.01 24.15
N GLY H 343 -22.14 -1.07 24.85
CA GLY H 343 -22.08 -1.13 26.30
C GLY H 343 -23.46 -1.37 26.89
N ASN H 344 -23.47 -1.44 28.22
CA ASN H 344 -24.69 -1.73 28.98
C ASN H 344 -24.77 -0.78 30.17
N PRO H 345 -25.62 0.26 30.10
CA PRO H 345 -25.75 1.17 31.24
C PRO H 345 -26.39 0.54 32.46
N HIS H 346 -26.91 -0.68 32.35
CA HIS H 346 -27.55 -1.38 33.47
C HIS H 346 -26.72 -2.55 33.97
N GLY H 347 -25.51 -2.73 33.46
CA GLY H 347 -24.66 -3.85 33.82
C GLY H 347 -23.69 -3.56 34.94
N TRP H 348 -22.57 -4.27 34.93
CA TRP H 348 -21.54 -4.09 35.94
C TRP H 348 -20.84 -2.75 35.75
N PRO H 349 -20.15 -2.26 36.79
CA PRO H 349 -19.50 -0.94 36.69
C PRO H 349 -18.63 -0.75 35.45
N HIS H 350 -17.91 -1.79 35.02
CA HIS H 350 -17.08 -1.62 33.83
C HIS H 350 -17.92 -1.51 32.58
N GLU H 351 -19.08 -2.15 32.56
CA GLU H 351 -19.96 -2.04 31.39
C GLU H 351 -20.65 -0.68 31.36
N VAL H 352 -20.98 -0.14 32.53
CA VAL H 352 -21.61 1.18 32.59
C VAL H 352 -20.61 2.25 32.16
N VAL H 353 -19.38 2.15 32.68
CA VAL H 353 -18.36 3.12 32.29
C VAL H 353 -18.06 3.01 30.80
N VAL H 354 -18.02 1.79 30.26
CA VAL H 354 -17.79 1.64 28.82
C VAL H 354 -18.91 2.30 28.03
N TYR H 355 -20.17 2.09 28.44
CA TYR H 355 -21.28 2.68 27.72
C TYR H 355 -21.18 4.21 27.70
N TYR H 356 -21.00 4.80 28.88
CA TYR H 356 -20.93 6.27 28.94
C TYR H 356 -19.68 6.81 28.28
N TYR H 357 -18.58 6.06 28.30
CA TYR H 357 -17.38 6.48 27.58
C TYR H 357 -17.64 6.52 26.08
N ASN H 358 -18.33 5.51 25.55
CA ASN H 358 -18.64 5.52 24.13
C ASN H 358 -19.63 6.63 23.78
N ARG H 359 -20.57 6.91 24.68
CA ARG H 359 -21.54 7.97 24.39
C ARG H 359 -20.99 9.36 24.69
N TYR H 360 -20.23 9.49 25.79
CA TYR H 360 -19.63 10.78 26.18
C TYR H 360 -18.18 10.55 26.59
N PRO H 361 -17.27 10.36 25.63
CA PRO H 361 -15.88 10.05 25.98
C PRO H 361 -15.23 11.05 26.93
N LEU H 362 -15.21 12.31 26.52
CA LEU H 362 -14.53 13.33 27.31
C LEU H 362 -15.26 13.61 28.61
N THR H 363 -16.60 13.68 28.56
CA THR H 363 -17.36 13.92 29.78
C THR H 363 -17.16 12.78 30.77
N THR H 364 -17.06 11.55 30.27
CA THR H 364 -16.79 10.42 31.15
C THR H 364 -15.43 10.53 31.79
N ILE H 365 -14.40 10.88 31.01
CA ILE H 365 -13.06 11.01 31.59
C ILE H 365 -13.05 12.10 32.66
N ILE H 366 -13.63 13.26 32.35
CA ILE H 366 -13.66 14.35 33.32
C ILE H 366 -14.44 13.95 34.56
N GLY H 367 -15.57 13.26 34.37
CA GLY H 367 -16.35 12.83 35.52
C GLY H 367 -15.59 11.88 36.41
N LEU H 368 -14.89 10.91 35.81
CA LEU H 368 -14.11 9.97 36.62
C LEU H 368 -13.01 10.70 37.39
N CYS H 369 -12.29 11.60 36.71
CA CYS H 369 -11.23 12.33 37.41
C CYS H 369 -11.78 13.19 38.54
N THR H 370 -12.91 13.87 38.30
CA THR H 370 -13.50 14.70 39.34
C THR H 370 -13.99 13.87 40.51
N CYS H 371 -14.64 12.74 40.23
CA CYS H 371 -15.11 11.87 41.30
C CYS H 371 -13.95 11.32 42.12
N VAL H 372 -12.88 10.88 41.46
CA VAL H 372 -11.72 10.38 42.20
C VAL H 372 -11.11 11.48 43.06
N ALA H 373 -11.01 12.70 42.52
CA ALA H 373 -10.49 13.81 43.30
C ALA H 373 -11.35 14.08 44.52
N ILE H 374 -12.68 14.08 44.34
CA ILE H 374 -13.59 14.31 45.45
C ILE H 374 -13.46 13.17 46.47
N ILE H 375 -13.32 11.93 45.99
CA ILE H 375 -13.15 10.80 46.90
C ILE H 375 -11.90 10.99 47.74
N MET H 376 -10.79 11.37 47.11
CA MET H 376 -9.56 11.56 47.85
C MET H 376 -9.70 12.67 48.88
N VAL H 377 -10.23 13.82 48.45
CA VAL H 377 -10.38 14.94 49.38
C VAL H 377 -11.33 14.59 50.52
N SER H 378 -12.44 13.94 50.21
CA SER H 378 -13.41 13.57 51.24
C SER H 378 -12.83 12.58 52.23
N CYS H 379 -12.12 11.57 51.73
CA CYS H 379 -11.55 10.57 52.62
C CYS H 379 -10.43 11.16 53.45
N VAL H 380 -9.56 11.97 52.86
CA VAL H 380 -8.47 12.57 53.63
C VAL H 380 -9.03 13.49 54.70
N THR H 381 -10.00 14.33 54.34
CA THR H 381 -10.59 15.25 55.33
C THR H 381 -11.29 14.48 56.44
N SER H 382 -12.09 13.48 56.08
CA SER H 382 -12.82 12.70 57.09
C SER H 382 -11.86 11.92 57.99
N VAL H 383 -10.87 11.26 57.39
CA VAL H 383 -9.90 10.51 58.17
C VAL H 383 -9.12 11.44 59.09
N TRP H 384 -8.76 12.62 58.61
CA TRP H 384 -8.07 13.59 59.46
C TRP H 384 -8.95 14.00 60.63
N LEU H 385 -10.23 14.29 60.35
CA LEU H 385 -11.14 14.66 61.43
C LEU H 385 -11.29 13.52 62.44
N LEU H 386 -11.31 12.27 61.95
CA LEU H 386 -11.46 11.12 62.84
C LEU H 386 -10.20 10.90 63.66
N CYS H 387 -9.02 11.04 63.05
CA CYS H 387 -7.78 10.91 63.80
C CYS H 387 -7.63 12.01 64.83
N ARG H 388 -8.00 13.25 64.47
CA ARG H 388 -7.99 14.33 65.44
C ARG H 388 -8.94 14.02 66.60
N THR H 389 -10.12 13.48 66.28
CA THR H 389 -11.05 13.09 67.33
C THR H 389 -10.46 12.01 68.22
N ARG H 390 -9.79 11.03 67.63
CA ARG H 390 -9.17 9.97 68.41
C ARG H 390 -8.11 10.53 69.34
N ASN H 391 -7.26 11.41 68.81
CA ASN H 391 -6.22 12.02 69.65
C ASN H 391 -6.83 12.78 70.81
N LEU H 392 -7.85 13.60 70.53
CA LEU H 392 -8.52 14.31 71.62
C LEU H 392 -9.21 13.36 72.59
N CYS H 393 -9.70 12.22 72.10
CA CYS H 393 -10.38 11.26 72.95
C CYS H 393 -9.41 10.57 73.90
N ILE H 394 -8.26 10.14 73.39
CA ILE H 394 -7.34 9.35 74.20
C ILE H 394 -6.38 10.21 75.02
N THR H 395 -5.98 11.38 74.52
CA THR H 395 -5.01 12.20 75.25
C THR H 395 -5.42 12.47 76.69
N PRO H 396 -6.68 12.78 77.00
CA PRO H 396 -7.04 13.01 78.41
C PRO H 396 -6.78 11.81 79.29
N TYR H 397 -6.72 10.60 78.72
CA TYR H 397 -6.46 9.40 79.49
C TYR H 397 -5.01 8.92 79.40
N LYS H 398 -4.35 9.15 78.26
CA LYS H 398 -2.94 8.81 78.18
C LYS H 398 -2.12 9.59 79.19
N LEU H 399 -2.56 10.81 79.52
CA LEU H 399 -1.92 11.64 80.54
C LEU H 399 -2.43 11.33 81.94
N ALA H 400 -3.24 10.29 82.10
CA ALA H 400 -3.77 9.90 83.40
C ALA H 400 -3.78 8.38 83.49
N PRO H 401 -2.61 7.77 83.69
CA PRO H 401 -2.55 6.30 83.76
C PRO H 401 -3.48 5.69 84.79
N ASN H 402 -3.84 6.45 85.82
CA ASN H 402 -4.75 5.97 86.86
C ASN H 402 -6.20 6.37 86.60
N ALA H 403 -6.51 6.86 85.41
CA ALA H 403 -7.87 7.29 85.11
C ALA H 403 -8.81 6.10 85.02
N GLN H 404 -10.11 6.39 85.10
CA GLN H 404 -11.13 5.34 85.03
C GLN H 404 -11.13 4.67 83.66
N VAL H 405 -10.92 5.43 82.60
CA VAL H 405 -10.93 4.90 81.23
C VAL H 405 -12.22 4.14 80.99
N PRO H 406 -13.34 4.82 80.76
CA PRO H 406 -14.60 4.10 80.54
C PRO H 406 -14.47 3.05 79.45
N ILE H 407 -15.10 1.90 79.68
CA ILE H 407 -15.02 0.78 78.75
C ILE H 407 -15.57 1.18 77.38
N LEU H 408 -16.58 2.04 77.35
CA LEU H 408 -17.11 2.49 76.07
C LEU H 408 -16.05 3.20 75.25
N LEU H 409 -15.28 4.09 75.89
CA LEU H 409 -14.22 4.78 75.18
C LEU H 409 -13.04 3.85 74.89
N ALA H 410 -12.81 2.86 75.78
CA ALA H 410 -11.74 1.90 75.53
C ALA H 410 -12.01 1.08 74.28
N LEU H 411 -13.29 0.77 74.01
CA LEU H 411 -13.63 0.01 72.82
C LEU H 411 -13.84 0.90 71.60
N LEU H 412 -14.35 2.12 71.80
CA LEU H 412 -14.60 3.03 70.68
C LEU H 412 -13.33 3.75 70.26
N CYS H 413 -12.59 4.34 71.20
CA CYS H 413 -11.40 5.12 70.88
C CYS H 413 -10.12 4.30 70.99
N CYS H 414 -9.87 3.67 72.13
CA CYS H 414 -8.62 2.94 72.33
C CYS H 414 -8.56 1.71 71.44
N ASP I 1 34.12 34.04 83.84
CA ASP I 1 35.28 34.70 83.24
C ASP I 1 34.85 35.57 82.08
N LYS I 2 35.78 36.35 81.55
CA LYS I 2 35.54 37.22 80.40
C LYS I 2 36.36 36.85 79.17
N THR I 3 37.46 36.12 79.33
CA THR I 3 38.28 35.66 78.21
C THR I 3 37.97 34.20 77.97
N PHE I 4 37.74 33.84 76.71
CA PHE I 4 37.30 32.49 76.33
C PHE I 4 38.30 31.87 75.36
N PRO I 5 39.17 30.96 75.82
CA PRO I 5 40.15 30.36 74.92
C PRO I 5 39.50 29.74 73.68
N ILE I 6 40.24 29.79 72.58
CA ILE I 6 39.81 29.22 71.30
C ILE I 6 40.54 27.91 71.12
N MET I 7 39.78 26.83 70.91
CA MET I 7 40.33 25.48 70.81
C MET I 7 40.01 24.89 69.44
N LEU I 8 41.03 24.26 68.83
CA LEU I 8 40.89 23.68 67.50
C LEU I 8 40.70 22.16 67.55
N ASN I 9 41.64 21.44 68.16
CA ASN I 9 41.61 20.00 68.28
C ASN I 9 41.67 19.58 69.75
N GLY I 10 41.01 20.34 70.62
CA GLY I 10 41.10 20.11 72.04
C GLY I 10 42.27 20.79 72.70
N GLN I 11 42.95 21.68 71.98
CA GLN I 11 44.10 22.41 72.50
C GLN I 11 43.89 23.90 72.28
N VAL I 12 44.37 24.70 73.21
CA VAL I 12 44.21 26.15 73.12
C VAL I 12 45.28 26.70 72.19
N ASN I 13 44.84 27.40 71.14
CA ASN I 13 45.73 28.05 70.19
C ASN I 13 45.45 29.55 70.10
N GLY I 14 44.75 30.10 71.07
CA GLY I 14 44.41 31.50 71.08
C GLY I 14 43.32 31.76 72.09
N TYR I 15 42.99 33.04 72.24
CA TYR I 15 41.97 33.46 73.20
C TYR I 15 41.05 34.49 72.58
N ALA I 16 39.75 34.30 72.79
CA ALA I 16 38.74 35.27 72.42
C ALA I 16 38.42 36.14 73.64
N CYS I 17 38.06 37.39 73.38
CA CYS I 17 37.70 38.31 74.45
C CYS I 17 36.47 39.12 74.05
N VAL I 18 35.78 39.62 75.05
CA VAL I 18 34.55 40.39 74.87
C VAL I 18 34.81 41.81 75.38
N VAL I 19 34.74 42.77 74.48
CA VAL I 19 35.06 44.16 74.78
C VAL I 19 33.89 45.04 74.39
N GLY I 20 33.38 45.81 75.35
CA GLY I 20 32.31 46.76 75.06
C GLY I 20 31.08 46.14 74.44
N GLY I 21 30.82 44.86 74.67
CA GLY I 21 29.68 44.20 74.09
C GLY I 21 29.94 43.49 72.78
N ARG I 22 31.19 43.40 72.34
CA ARG I 22 31.54 42.70 71.12
C ARG I 22 32.56 41.60 71.43
N VAL I 23 32.42 40.48 70.75
CA VAL I 23 33.34 39.35 70.90
C VAL I 23 34.43 39.49 69.85
N PHE I 24 35.68 39.62 70.29
CA PHE I 24 36.82 39.77 69.41
C PHE I 24 37.69 38.53 69.45
N LYS I 25 37.95 37.95 68.27
CA LYS I 25 38.88 36.84 68.14
C LYS I 25 39.85 37.13 67.00
N PRO I 26 41.11 36.72 67.12
CA PRO I 26 42.04 36.92 66.00
C PRO I 26 41.55 36.20 64.75
N LEU I 27 41.82 36.80 63.60
CA LEU I 27 41.42 36.20 62.33
C LEU I 27 42.31 35.04 61.94
N HIS I 28 43.60 35.09 62.26
CA HIS I 28 44.52 34.01 61.90
C HIS I 28 44.42 32.80 62.82
N VAL I 29 43.67 32.89 63.93
CA VAL I 29 43.48 31.77 64.84
C VAL I 29 42.23 31.02 64.39
N GLU I 30 42.44 29.80 63.88
CA GLU I 30 41.35 28.97 63.38
C GLU I 30 40.94 27.97 64.45
N GLY I 31 39.64 27.83 64.63
CA GLY I 31 39.11 26.93 65.65
C GLY I 31 37.80 27.46 66.18
N ARG I 32 37.26 26.72 67.15
CA ARG I 32 36.01 27.06 67.80
C ARG I 32 36.27 27.58 69.20
N ILE I 33 35.50 28.60 69.60
CA ILE I 33 35.61 29.13 70.95
C ILE I 33 35.10 28.09 71.93
N ASP I 34 35.80 27.94 73.05
CA ASP I 34 35.42 26.96 74.07
C ASP I 34 34.18 27.44 74.82
N ASN I 35 33.06 27.52 74.12
CA ASN I 35 31.80 27.96 74.71
C ASN I 35 30.67 27.49 73.82
N GLU I 36 29.45 27.60 74.35
CA GLU I 36 28.23 27.26 73.62
C GLU I 36 27.39 28.48 73.29
N GLN I 37 27.40 29.49 74.16
CA GLN I 37 26.59 30.69 73.95
C GLN I 37 27.28 31.65 72.99
N LEU I 38 28.57 31.91 73.20
CA LEU I 38 29.32 32.78 72.32
C LEU I 38 29.74 32.11 71.02
N ALA I 39 29.76 30.78 70.97
CA ALA I 39 30.15 30.07 69.76
C ALA I 39 29.05 29.97 68.72
N ALA I 40 27.81 30.30 69.08
CA ALA I 40 26.68 30.17 68.16
C ALA I 40 26.42 31.43 67.35
N ILE I 41 27.16 32.51 67.59
CA ILE I 41 26.95 33.76 66.86
C ILE I 41 27.86 33.79 65.63
N LYS I 42 27.30 34.25 64.51
CA LYS I 42 28.09 34.42 63.30
C LYS I 42 29.01 35.63 63.45
N LEU I 43 30.27 35.46 63.08
CA LEU I 43 31.29 36.50 63.23
C LEU I 43 31.62 37.13 61.89
N LYS I 44 31.78 38.45 61.91
CA LYS I 44 32.17 39.22 60.73
C LYS I 44 33.69 39.36 60.67
N LYS I 45 34.21 39.45 59.46
CA LYS I 45 35.65 39.58 59.25
C LYS I 45 36.09 41.03 59.29
N ALA I 46 37.30 41.25 59.80
CA ALA I 46 37.95 42.55 59.86
C ALA I 46 39.40 42.39 59.40
N SER I 47 39.58 41.78 58.24
CA SER I 47 40.91 41.40 57.77
C SER I 47 41.92 42.53 57.83
N ILE I 48 41.47 43.79 57.73
CA ILE I 48 42.41 44.89 57.83
C ILE I 48 43.06 44.92 59.21
N TYR I 49 42.39 44.39 60.23
CA TYR I 49 42.93 44.31 61.58
C TYR I 49 43.27 42.89 62.01
N ASP I 50 43.14 41.91 61.13
CA ASP I 50 43.33 40.50 61.51
C ASP I 50 42.44 40.14 62.68
N LEU I 51 41.21 40.66 62.68
CA LEU I 51 40.25 40.40 63.73
C LEU I 51 38.92 39.98 63.14
N GLU I 52 38.13 39.30 63.98
CA GLU I 52 36.75 38.96 63.68
C GLU I 52 35.90 39.47 64.83
N TYR I 53 34.65 39.82 64.54
CA TYR I 53 33.78 40.36 65.57
C TYR I 53 32.35 39.89 65.35
N GLY I 54 31.58 39.97 66.42
CA GLY I 54 30.17 39.61 66.39
C GLY I 54 29.47 40.24 67.58
N ASP I 55 28.14 40.15 67.57
CA ASP I 55 27.34 40.74 68.63
C ASP I 55 27.25 39.78 69.81
N VAL I 56 27.45 40.32 71.01
CA VAL I 56 27.35 39.50 72.23
C VAL I 56 25.88 39.16 72.48
N PRO I 57 25.55 37.94 72.90
CA PRO I 57 24.15 37.62 73.19
C PRO I 57 23.57 38.53 74.25
N GLN I 58 22.26 38.79 74.13
CA GLN I 58 21.61 39.76 75.00
C GLN I 58 21.85 39.45 76.47
N CYS I 59 21.88 38.17 76.84
CA CYS I 59 22.12 37.80 78.23
C CYS I 59 23.58 37.97 78.65
N MET I 60 24.47 38.24 77.69
CA MET I 60 25.90 38.36 77.97
C MET I 60 26.42 39.78 77.78
N LYS I 61 25.62 40.68 77.20
CA LYS I 61 26.10 42.02 76.90
C LYS I 61 26.58 42.76 78.15
N SER I 62 26.02 42.44 79.31
CA SER I 62 26.41 43.16 80.53
C SER I 62 27.72 42.66 81.11
N ASP I 63 28.09 41.40 80.86
CA ASP I 63 29.30 40.82 81.41
C ASP I 63 30.43 40.91 80.39
N THR I 64 30.85 42.14 80.11
CA THR I 64 31.87 42.39 79.11
C THR I 64 32.92 43.37 79.65
N LEU I 65 34.09 43.33 79.01
CA LEU I 65 35.21 44.17 79.40
C LEU I 65 35.03 45.60 78.91
N GLN I 66 35.48 46.55 79.74
CA GLN I 66 35.53 47.95 79.35
C GLN I 66 36.91 48.27 78.78
N TYR I 67 36.95 49.24 77.88
CA TYR I 67 38.20 49.66 77.27
C TYR I 67 38.31 51.18 77.30
N THR I 68 39.54 51.66 77.11
CA THR I 68 39.84 53.08 77.13
C THR I 68 40.88 53.39 76.06
N SER I 69 40.82 54.60 75.52
CA SER I 69 41.81 55.06 74.57
C SER I 69 42.97 55.80 75.21
N ASP I 70 42.84 56.18 76.49
CA ASP I 70 43.91 56.87 77.20
C ASP I 70 44.93 55.85 77.67
N LYS I 71 46.14 55.92 77.12
CA LYS I 71 47.22 54.98 77.43
C LYS I 71 48.45 55.79 77.81
N PRO I 72 48.49 56.36 79.02
CA PRO I 72 49.66 57.11 79.43
C PRO I 72 50.87 56.20 79.55
N PRO I 73 52.08 56.72 79.33
CA PRO I 73 53.27 55.88 79.45
C PRO I 73 53.40 55.29 80.84
N GLY I 74 53.81 54.04 80.91
CA GLY I 74 53.96 53.35 82.17
C GLY I 74 53.83 51.84 81.97
N PHE I 75 53.46 51.17 83.05
CA PHE I 75 53.35 49.71 83.08
C PHE I 75 51.91 49.26 83.05
N TYR I 76 51.63 48.25 82.24
CA TYR I 76 50.32 47.64 82.08
C TYR I 76 50.46 46.16 82.40
N ASN I 77 49.33 45.47 82.58
CA ASN I 77 49.34 44.06 82.92
C ASN I 77 48.49 43.27 81.94
N TRP I 78 48.76 41.97 81.89
CA TRP I 78 47.95 41.03 81.12
C TRP I 78 48.07 39.66 81.80
N HIS I 79 47.61 38.62 81.12
CA HIS I 79 47.58 37.29 81.71
C HIS I 79 48.94 36.86 82.27
N HIS I 80 50.02 37.19 81.58
CA HIS I 80 51.36 36.75 81.96
C HIS I 80 52.09 37.74 82.86
N GLY I 81 51.44 38.79 83.34
CA GLY I 81 52.04 39.72 84.26
C GLY I 81 52.14 41.13 83.70
N ALA I 82 53.18 41.84 84.11
CA ALA I 82 53.37 43.23 83.72
C ALA I 82 53.75 43.36 82.25
N VAL I 83 53.32 44.46 81.65
CA VAL I 83 53.63 44.83 80.28
C VAL I 83 54.05 46.28 80.29
N GLN I 84 55.16 46.58 79.60
CA GLN I 84 55.66 47.95 79.53
C GLN I 84 55.13 48.62 78.26
N TYR I 85 54.60 49.82 78.42
CA TYR I 85 54.10 50.63 77.31
C TYR I 85 54.91 51.94 77.28
N GLU I 86 55.90 51.98 76.39
CA GLU I 86 56.73 53.16 76.23
C GLU I 86 57.14 53.27 74.78
N ASN I 87 57.44 54.50 74.37
CA ASN I 87 57.85 54.79 72.99
C ASN I 87 56.82 54.27 71.99
N ASN I 88 55.54 54.33 72.37
CA ASN I 88 54.43 53.91 71.51
C ASN I 88 54.52 52.42 71.15
N ARG I 89 55.14 51.62 72.02
CA ARG I 89 55.25 50.19 71.79
C ARG I 89 54.92 49.42 73.06
N PHE I 90 54.15 48.34 72.89
CA PHE I 90 53.89 47.39 73.97
C PHE I 90 55.01 46.35 73.94
N THR I 91 55.61 46.09 75.09
CA THR I 91 56.74 45.17 75.13
C THR I 91 56.72 44.39 76.44
N VAL I 92 57.25 43.17 76.38
CA VAL I 92 57.33 42.26 77.52
C VAL I 92 58.74 41.70 77.58
N PRO I 93 59.22 41.28 78.75
CA PRO I 93 60.58 40.70 78.82
C PRO I 93 60.73 39.52 77.86
N ARG I 94 61.95 39.36 77.35
CA ARG I 94 62.24 38.30 76.40
C ARG I 94 61.77 36.94 76.91
N GLY I 95 61.02 36.23 76.08
CA GLY I 95 60.52 34.91 76.41
C GLY I 95 59.21 34.88 77.17
N VAL I 96 58.72 36.03 77.63
CA VAL I 96 57.45 36.03 78.36
C VAL I 96 56.29 35.68 77.43
N GLY I 97 56.31 36.22 76.22
CA GLY I 97 55.29 35.92 75.24
C GLY I 97 55.73 34.83 74.26
N GLY I 98 54.76 34.36 73.49
CA GLY I 98 55.05 33.32 72.52
C GLY I 98 53.78 32.89 71.81
N LYS I 99 53.95 31.92 70.92
CA LYS I 99 52.83 31.43 70.12
C LYS I 99 51.73 30.89 71.03
N GLY I 100 50.48 31.20 70.66
CA GLY I 100 49.32 30.84 71.42
C GLY I 100 48.69 32.01 72.16
N ASP I 101 49.48 33.03 72.47
CA ASP I 101 48.98 34.22 73.15
C ASP I 101 48.43 35.24 72.16
N SER I 102 47.42 34.80 71.40
CA SER I 102 46.79 35.62 70.37
C SER I 102 45.36 35.89 70.77
N GLY I 103 45.01 37.16 70.89
CA GLY I 103 43.70 37.57 71.33
C GLY I 103 43.61 37.88 72.81
N ARG I 104 44.69 37.69 73.55
CA ARG I 104 44.70 38.01 74.97
C ARG I 104 44.71 39.53 75.15
N PRO I 105 43.75 40.12 75.85
CA PRO I 105 43.77 41.57 76.04
C PRO I 105 44.80 41.99 77.07
N ILE I 106 45.23 43.24 76.95
CA ILE I 106 46.12 43.88 77.90
C ILE I 106 45.29 44.85 78.73
N LEU I 107 45.49 44.82 80.04
CA LEU I 107 44.70 45.61 80.97
C LEU I 107 45.57 46.67 81.63
N ASP I 108 44.94 47.80 81.96
CA ASP I 108 45.61 48.90 82.65
C ASP I 108 45.50 48.70 84.16
N ASN I 109 45.87 49.73 84.92
CA ASN I 109 45.76 49.66 86.37
C ASN I 109 44.32 49.76 86.85
N LYS I 110 43.37 50.04 85.95
CA LYS I 110 41.96 50.17 86.30
C LYS I 110 41.13 49.01 85.80
N GLY I 111 41.76 47.99 85.21
CA GLY I 111 41.04 46.84 84.70
C GLY I 111 40.40 47.05 83.35
N ARG I 112 40.74 48.13 82.65
CA ARG I 112 40.20 48.40 81.34
C ARG I 112 41.09 47.82 80.26
N VAL I 113 40.46 47.30 79.19
CA VAL I 113 41.21 46.78 78.06
C VAL I 113 41.86 47.94 77.31
N VAL I 114 43.15 47.81 77.03
CA VAL I 114 43.86 48.81 76.26
C VAL I 114 44.32 48.30 74.90
N ALA I 115 44.54 47.00 74.75
CA ALA I 115 44.97 46.46 73.47
C ALA I 115 44.69 44.96 73.43
N ILE I 116 44.64 44.43 72.21
CA ILE I 116 44.50 43.00 71.95
C ILE I 116 45.77 42.54 71.26
N VAL I 117 46.48 41.60 71.89
CA VAL I 117 47.78 41.16 71.37
C VAL I 117 47.57 40.15 70.26
N LEU I 118 48.23 40.38 69.12
CA LEU I 118 48.18 39.48 67.97
C LEU I 118 49.52 38.84 67.63
N GLY I 119 50.62 39.42 68.08
CA GLY I 119 51.93 38.85 67.77
C GLY I 119 53.01 39.63 68.47
N GLY I 120 54.25 39.47 68.01
CA GLY I 120 55.35 40.21 68.62
C GLY I 120 56.66 40.04 67.90
N VAL I 121 57.63 40.83 68.36
CA VAL I 121 59.01 40.80 67.86
C VAL I 121 59.94 40.77 69.06
N ASN I 122 60.92 39.87 69.04
CA ASN I 122 61.88 39.72 70.12
C ASN I 122 63.04 40.69 69.89
N GLU I 123 63.13 41.72 70.72
CA GLU I 123 64.22 42.69 70.62
C GLU I 123 65.39 42.28 71.51
N GLY I 124 66.41 43.13 71.56
CA GLY I 124 67.61 42.81 72.30
C GLY I 124 67.36 42.53 73.78
N SER I 125 66.43 43.25 74.39
CA SER I 125 66.14 43.11 75.81
C SER I 125 64.70 42.76 76.12
N ARG I 126 63.75 43.15 75.28
CA ARG I 126 62.34 42.85 75.50
C ARG I 126 61.71 42.45 74.18
N THR I 127 60.58 41.76 74.27
CA THR I 127 59.82 41.35 73.09
C THR I 127 58.71 42.37 72.86
N ALA I 128 58.71 43.00 71.69
CA ALA I 128 57.65 43.91 71.32
C ALA I 128 56.45 43.12 70.84
N LEU I 129 55.25 43.64 71.14
CA LEU I 129 54.01 42.94 70.82
C LEU I 129 53.25 43.67 69.71
N SER I 130 52.70 42.88 68.80
CA SER I 130 51.82 43.38 67.74
C SER I 130 50.39 43.36 68.27
N VAL I 131 49.79 44.53 68.41
CA VAL I 131 48.49 44.65 69.08
C VAL I 131 47.55 45.51 68.25
N VAL I 132 46.26 45.33 68.50
CA VAL I 132 45.20 46.18 67.98
C VAL I 132 44.79 47.13 69.10
N THR I 133 44.97 48.43 68.89
CA THR I 133 44.66 49.42 69.91
C THR I 133 43.91 50.59 69.27
N TRP I 134 43.59 51.57 70.11
CA TRP I 134 42.86 52.77 69.71
C TRP I 134 43.75 53.98 69.92
N ASN I 135 43.85 54.83 68.89
CA ASN I 135 44.70 56.00 68.96
C ASN I 135 44.11 57.04 69.91
N GLN I 136 44.76 58.20 69.96
CA GLN I 136 44.30 59.27 70.85
C GLN I 136 42.91 59.76 70.47
N LYS I 137 42.45 59.48 69.26
CA LYS I 137 41.12 59.87 68.81
C LYS I 137 40.12 58.73 68.95
N GLY I 138 40.52 57.61 69.57
CA GLY I 138 39.64 56.50 69.78
C GLY I 138 39.35 55.64 68.56
N VAL I 139 40.09 55.81 67.48
CA VAL I 139 39.86 55.04 66.27
C VAL I 139 40.70 53.77 66.32
N THR I 140 40.11 52.66 65.90
CA THR I 140 40.82 51.38 65.91
C THR I 140 41.98 51.42 64.93
N VAL I 141 43.17 51.07 65.41
CA VAL I 141 44.38 51.04 64.60
C VAL I 141 45.17 49.79 64.94
N LYS I 142 45.87 49.27 63.93
CA LYS I 142 46.71 48.09 64.10
C LYS I 142 48.16 48.57 64.28
N ASP I 143 48.68 48.45 65.49
CA ASP I 143 50.05 48.89 65.80
C ASP I 143 50.93 47.65 65.82
N THR I 144 51.80 47.52 64.83
CA THR I 144 52.65 46.35 64.72
C THR I 144 54.11 46.77 64.55
N PRO I 145 55.03 46.11 65.23
CA PRO I 145 56.45 46.41 65.03
C PRO I 145 56.98 45.74 63.77
N GLU I 146 58.20 46.12 63.40
CA GLU I 146 58.80 45.62 62.17
C GLU I 146 59.11 44.14 62.31
N GLY I 147 58.58 43.34 61.37
CA GLY I 147 58.85 41.91 61.36
C GLY I 147 58.05 41.10 62.35
N SER I 148 56.88 41.57 62.77
CA SER I 148 56.09 40.85 63.75
C SER I 148 55.60 39.53 63.18
N GLU I 149 55.50 38.52 64.05
CA GLU I 149 55.06 37.20 63.67
C GLU I 149 53.72 36.90 64.31
N PRO I 150 52.74 36.39 63.57
CA PRO I 150 51.46 36.04 64.20
C PRO I 150 51.63 34.93 65.22
N TRP I 151 50.94 35.07 66.35
CA TRP I 151 50.99 34.08 67.41
C TRP I 151 49.71 33.25 67.42
N TYR J 1 53.31 65.01 -14.54
CA TYR J 1 53.01 64.93 -13.12
C TYR J 1 52.17 63.70 -12.81
N GLU J 2 52.76 62.74 -12.11
CA GLU J 2 52.09 61.49 -11.81
C GLU J 2 51.10 61.65 -10.66
N HIS J 3 49.91 61.09 -10.83
CA HIS J 3 48.90 61.00 -9.78
C HIS J 3 48.58 59.54 -9.53
N THR J 4 48.75 59.08 -8.30
CA THR J 4 48.49 57.71 -7.91
C THR J 4 47.35 57.66 -6.91
N ALA J 5 46.50 56.64 -7.04
CA ALA J 5 45.35 56.48 -6.16
C ALA J 5 44.83 55.06 -6.30
N VAL J 6 43.74 54.78 -5.57
CA VAL J 6 43.05 53.49 -5.65
C VAL J 6 41.58 53.78 -5.88
N MET J 7 41.02 53.18 -6.94
CA MET J 7 39.61 53.36 -7.27
C MET J 7 38.85 52.05 -7.13
N PRO J 8 37.59 52.09 -6.70
CA PRO J 8 36.81 50.85 -6.63
C PRO J 8 36.59 50.26 -8.02
N ASN J 9 36.51 48.93 -8.07
CA ASN J 9 36.23 48.21 -9.31
C ASN J 9 34.73 48.24 -9.59
N LYS J 10 34.25 49.41 -9.97
CA LYS J 10 32.84 49.62 -10.29
C LYS J 10 32.73 50.15 -11.71
N VAL J 11 31.72 49.67 -12.42
CA VAL J 11 31.49 50.03 -13.82
C VAL J 11 30.33 51.02 -13.89
N GLY J 12 30.53 52.11 -14.61
CA GLY J 12 29.53 53.15 -14.74
C GLY J 12 29.57 54.21 -13.68
N ILE J 13 30.35 54.02 -12.62
CA ILE J 13 30.48 54.99 -11.53
C ILE J 13 31.86 55.62 -11.65
N PRO J 14 31.97 56.90 -12.00
CA PRO J 14 33.30 57.49 -12.22
C PRO J 14 34.05 57.73 -10.91
N TYR J 15 35.37 57.63 -11.01
CA TYR J 15 36.28 58.00 -9.92
C TYR J 15 36.75 59.43 -10.19
N LYS J 16 36.54 60.31 -9.21
CA LYS J 16 36.85 61.73 -9.36
C LYS J 16 37.90 62.13 -8.33
N ALA J 17 38.88 62.91 -8.76
CA ALA J 17 39.92 63.39 -7.87
C ALA J 17 40.60 64.60 -8.50
N LEU J 18 41.28 65.37 -7.66
CA LEU J 18 42.05 66.52 -8.10
C LEU J 18 43.53 66.17 -8.09
N VAL J 19 44.22 66.53 -9.17
CA VAL J 19 45.67 66.38 -9.26
C VAL J 19 46.26 67.72 -8.85
N GLU J 20 46.72 67.82 -7.61
CA GLU J 20 47.18 69.08 -7.05
C GLU J 20 48.69 69.21 -7.28
N ARG J 21 49.08 70.26 -7.97
CA ARG J 21 50.49 70.55 -8.27
C ARG J 21 50.83 71.90 -7.67
N PRO J 22 51.57 71.98 -6.56
CA PRO J 22 51.87 73.27 -5.95
C PRO J 22 52.41 74.25 -6.97
N GLY J 23 51.80 75.44 -7.00
CA GLY J 23 52.16 76.46 -7.97
C GLY J 23 51.28 76.48 -9.20
N TYR J 24 50.47 75.45 -9.41
CA TYR J 24 49.58 75.36 -10.55
C TYR J 24 48.17 75.09 -10.07
N ALA J 25 47.18 75.55 -10.85
CA ALA J 25 45.80 75.33 -10.48
C ALA J 25 45.51 73.83 -10.51
N PRO J 26 44.71 73.31 -9.57
CA PRO J 26 44.42 71.87 -9.58
C PRO J 26 43.75 71.46 -10.88
N VAL J 27 44.14 70.30 -11.38
CA VAL J 27 43.56 69.73 -12.59
C VAL J 27 42.57 68.67 -12.14
N HIS J 28 41.28 68.89 -12.42
CA HIS J 28 40.27 67.90 -12.09
C HIS J 28 40.42 66.67 -12.98
N LEU J 29 40.50 65.51 -12.36
CA LEU J 29 40.67 64.25 -13.07
C LEU J 29 39.46 63.37 -12.80
N GLN J 30 38.96 62.72 -13.85
CA GLN J 30 37.81 61.84 -13.75
C GLN J 30 38.08 60.59 -14.56
N ILE J 31 38.09 59.44 -13.90
CA ILE J 31 38.37 58.15 -14.52
C ILE J 31 37.15 57.27 -14.32
N GLN J 32 36.56 56.80 -15.41
CA GLN J 32 35.40 55.93 -15.36
C GLN J 32 35.68 54.68 -16.18
N LEU J 33 35.35 53.52 -15.61
CA LEU J 33 35.48 52.26 -16.33
C LEU J 33 34.24 52.02 -17.17
N VAL J 34 34.45 51.78 -18.47
CA VAL J 34 33.32 51.47 -19.35
C VAL J 34 32.95 50.01 -19.20
N ASN J 35 33.94 49.12 -19.11
CA ASN J 35 33.69 47.71 -18.85
C ASN J 35 34.98 47.09 -18.32
N THR J 36 34.81 46.00 -17.57
CA THR J 36 35.91 45.22 -17.03
C THR J 36 35.75 43.78 -17.50
N ARG J 37 36.79 43.20 -18.05
CA ARG J 37 36.73 41.87 -18.65
C ARG J 37 37.81 40.98 -18.06
N ILE J 38 37.39 39.90 -17.43
CA ILE J 38 38.30 38.87 -16.93
C ILE J 38 38.36 37.80 -18.00
N ILE J 39 39.49 37.72 -18.70
CA ILE J 39 39.61 36.83 -19.86
C ILE J 39 40.54 35.68 -19.52
N PRO J 40 40.04 34.55 -19.04
CA PRO J 40 40.91 33.42 -18.71
C PRO J 40 41.48 32.78 -19.97
N SER J 41 42.60 32.10 -19.79
CA SER J 41 43.21 31.32 -20.88
C SER J 41 42.54 29.95 -20.93
N THR J 42 41.96 29.62 -22.08
CA THR J 42 41.21 28.38 -22.24
C THR J 42 41.83 27.51 -23.33
N ASN J 43 41.71 26.20 -23.12
CA ASN J 43 42.19 25.18 -24.05
C ASN J 43 41.06 24.23 -24.36
N LEU J 44 40.67 24.15 -25.63
CA LEU J 44 39.56 23.28 -26.02
C LEU J 44 39.96 21.82 -25.84
N GLU J 45 39.23 21.12 -24.98
CA GLU J 45 39.53 19.71 -24.72
C GLU J 45 38.88 18.81 -25.75
N TYR J 46 37.57 18.96 -25.97
CA TYR J 46 36.87 18.18 -26.97
C TYR J 46 35.50 18.79 -27.22
N ILE J 47 34.83 18.28 -28.25
CA ILE J 47 33.48 18.68 -28.62
C ILE J 47 32.58 17.47 -28.51
N THR J 48 31.45 17.63 -27.83
CA THR J 48 30.46 16.57 -27.69
C THR J 48 29.13 17.02 -28.26
N CYS J 49 28.36 16.06 -28.76
CA CYS J 49 27.07 16.36 -29.38
C CYS J 49 26.26 15.08 -29.45
N LYS J 50 25.05 15.20 -29.99
CA LYS J 50 24.18 14.03 -30.11
C LYS J 50 24.73 13.09 -31.17
N TYR J 51 24.78 11.80 -30.85
CA TYR J 51 25.31 10.80 -31.76
C TYR J 51 24.24 10.34 -32.75
N LYS J 52 24.71 9.84 -33.90
CA LYS J 52 23.88 9.19 -34.91
C LYS J 52 24.40 7.78 -35.11
N THR J 53 23.50 6.80 -35.05
CA THR J 53 23.87 5.40 -35.23
C THR J 53 23.71 5.01 -36.70
N LYS J 54 24.83 4.76 -37.37
CA LYS J 54 24.84 4.31 -38.75
C LYS J 54 24.75 2.79 -38.79
N VAL J 55 23.81 2.27 -39.58
CA VAL J 55 23.60 0.83 -39.66
C VAL J 55 23.66 0.36 -41.11
N PRO J 56 24.81 -0.10 -41.60
CA PRO J 56 24.88 -0.57 -42.98
C PRO J 56 24.01 -1.79 -43.23
N SER J 57 23.76 -2.04 -44.50
CA SER J 57 22.95 -3.18 -44.93
C SER J 57 23.50 -4.49 -44.38
N PRO J 58 22.71 -5.28 -43.66
CA PRO J 58 23.19 -6.58 -43.16
C PRO J 58 23.51 -7.54 -44.30
N VAL J 59 24.55 -8.35 -44.09
CA VAL J 59 24.92 -9.42 -45.01
C VAL J 59 24.13 -10.68 -44.67
N VAL J 60 23.18 -11.02 -45.53
CA VAL J 60 22.33 -12.22 -45.35
C VAL J 60 22.93 -13.34 -46.20
N LYS J 61 23.74 -14.19 -45.58
CA LYS J 61 24.37 -15.34 -46.25
C LYS J 61 23.43 -16.55 -46.15
N CYS J 62 22.74 -16.84 -47.25
CA CYS J 62 21.89 -18.03 -47.33
C CYS J 62 22.70 -19.32 -47.48
N CYS J 63 22.38 -20.31 -46.66
CA CYS J 63 23.02 -21.64 -46.71
C CYS J 63 24.53 -21.53 -46.55
N GLY J 64 24.93 -20.91 -45.44
CA GLY J 64 26.33 -20.70 -45.17
C GLY J 64 26.49 -19.80 -43.96
N ALA J 65 27.72 -19.33 -43.75
CA ALA J 65 28.02 -18.50 -42.60
C ALA J 65 29.05 -17.44 -42.97
N THR J 66 29.00 -16.33 -42.24
CA THR J 66 29.97 -15.25 -42.34
C THR J 66 30.53 -14.95 -40.96
N GLN J 67 31.72 -14.34 -40.93
CA GLN J 67 32.38 -13.98 -39.69
C GLN J 67 32.63 -12.47 -39.64
N CYS J 68 32.27 -11.87 -38.51
CA CYS J 68 32.50 -10.46 -38.27
C CYS J 68 33.98 -10.14 -38.15
N THR J 69 34.40 -9.04 -38.77
CA THR J 69 35.77 -8.56 -38.73
C THR J 69 35.78 -7.16 -38.14
N SER J 70 36.61 -6.96 -37.12
CA SER J 70 36.71 -5.64 -36.48
C SER J 70 37.13 -4.57 -37.48
N LYS J 71 36.50 -3.42 -37.39
CA LYS J 71 36.76 -2.28 -38.25
C LYS J 71 37.05 -1.05 -37.40
N PRO J 72 37.82 -0.08 -37.93
CA PRO J 72 38.14 1.15 -37.19
C PRO J 72 37.00 2.17 -37.18
N HIS J 73 35.86 1.78 -36.59
CA HIS J 73 34.73 2.68 -36.47
C HIS J 73 34.37 2.90 -35.00
N PRO J 74 33.96 4.11 -34.62
CA PRO J 74 33.62 4.35 -33.21
C PRO J 74 32.49 3.45 -32.73
N ASP J 75 32.72 2.80 -31.60
CA ASP J 75 31.72 1.92 -30.98
C ASP J 75 31.22 0.86 -31.96
N TYR J 76 32.12 0.38 -32.82
CA TYR J 76 31.72 -0.59 -33.83
C TYR J 76 31.21 -1.86 -33.19
N GLN J 77 30.05 -2.34 -33.66
CA GLN J 77 29.46 -3.59 -33.22
C GLN J 77 29.18 -4.47 -34.42
N CYS J 78 29.47 -5.76 -34.28
CA CYS J 78 29.20 -6.72 -35.33
C CYS J 78 28.87 -8.07 -34.70
N GLN J 79 27.72 -8.64 -35.06
CA GLN J 79 27.27 -9.90 -34.50
C GLN J 79 26.62 -10.74 -35.60
N VAL J 80 26.91 -12.03 -35.57
CA VAL J 80 26.41 -12.98 -36.56
C VAL J 80 25.23 -13.76 -35.98
N PHE J 81 24.03 -13.55 -36.52
CA PHE J 81 22.82 -14.26 -36.09
C PHE J 81 22.53 -15.42 -37.05
N SER J 82 22.86 -16.63 -36.60
CA SER J 82 22.62 -17.85 -37.36
C SER J 82 21.18 -18.34 -37.24
N GLY J 83 20.75 -19.10 -38.24
CA GLY J 83 19.40 -19.65 -38.30
C GLY J 83 18.30 -18.67 -38.65
N VAL J 84 18.58 -17.67 -39.45
CA VAL J 84 17.58 -16.72 -39.92
C VAL J 84 16.91 -17.24 -41.17
N TYR J 85 15.62 -16.92 -41.34
CA TYR J 85 14.86 -17.26 -42.55
C TYR J 85 14.08 -16.03 -43.01
N PRO J 86 14.79 -14.98 -43.42
CA PRO J 86 14.11 -13.74 -43.79
C PRO J 86 13.23 -13.85 -45.02
N PHE J 87 12.22 -12.98 -45.08
CA PHE J 87 11.33 -12.85 -46.24
C PHE J 87 11.42 -11.43 -46.78
N MET J 88 11.37 -11.31 -48.10
CA MET J 88 11.35 -10.03 -48.80
C MET J 88 10.02 -9.89 -49.52
N TYR J 89 9.88 -8.81 -50.28
CA TYR J 89 8.63 -8.61 -51.02
C TYR J 89 8.37 -9.76 -51.99
N GLY J 90 9.43 -10.36 -52.51
CA GLY J 90 9.34 -11.46 -53.45
C GLY J 90 9.30 -12.84 -52.84
N GLY J 91 9.07 -12.96 -51.54
CA GLY J 91 8.98 -14.24 -50.89
C GLY J 91 10.20 -14.54 -50.04
N ALA J 92 10.36 -15.82 -49.72
CA ALA J 92 11.49 -16.25 -48.90
C ALA J 92 12.79 -15.90 -49.59
N TYR J 93 13.69 -15.26 -48.84
CA TYR J 93 14.99 -14.86 -49.40
C TYR J 93 15.93 -16.05 -49.53
N CYS J 94 16.07 -16.85 -48.48
CA CYS J 94 16.98 -17.99 -48.47
C CYS J 94 16.24 -19.30 -48.65
N PHE J 95 16.96 -20.30 -49.14
CA PHE J 95 16.43 -21.65 -49.31
C PHE J 95 16.48 -22.46 -48.01
N CYS J 96 17.67 -22.59 -47.43
CA CYS J 96 17.83 -23.42 -46.23
C CYS J 96 17.00 -22.87 -45.07
N ASP J 97 16.50 -23.81 -44.25
CA ASP J 97 15.68 -23.43 -43.10
C ASP J 97 16.50 -22.76 -42.00
N THR J 98 17.66 -23.33 -41.67
CA THR J 98 18.45 -22.81 -40.56
C THR J 98 19.92 -22.57 -40.89
N GLU J 99 20.39 -22.96 -42.07
CA GLU J 99 21.79 -22.80 -42.43
C GLU J 99 22.12 -21.40 -42.94
N ASN J 100 21.15 -20.47 -42.93
CA ASN J 100 21.38 -19.10 -43.37
C ASN J 100 21.92 -18.25 -42.21
N THR J 101 22.64 -17.19 -42.59
CA THR J 101 23.33 -16.33 -41.62
C THR J 101 23.15 -14.86 -41.98
N GLN J 102 22.77 -14.05 -40.98
CA GLN J 102 22.68 -12.61 -41.10
C GLN J 102 23.75 -11.93 -40.24
N MET J 103 24.64 -11.18 -40.90
CA MET J 103 25.67 -10.40 -40.22
C MET J 103 25.20 -8.96 -40.07
N SER J 104 24.94 -8.53 -38.83
CA SER J 104 24.49 -7.19 -38.52
C SER J 104 25.67 -6.31 -38.12
N GLU J 105 25.73 -5.11 -38.68
CA GLU J 105 26.77 -4.13 -38.37
C GLU J 105 26.15 -2.80 -37.97
N ALA J 106 26.78 -2.12 -37.02
CA ALA J 106 26.32 -0.80 -36.58
C ALA J 106 27.48 -0.06 -35.95
N TYR J 107 27.52 1.26 -36.16
CA TYR J 107 28.55 2.08 -35.54
C TYR J 107 28.01 3.50 -35.35
N VAL J 108 28.67 4.24 -34.47
CA VAL J 108 28.27 5.58 -34.07
C VAL J 108 29.08 6.63 -34.83
N GLU J 109 28.38 7.66 -35.33
CA GLU J 109 29.01 8.81 -35.98
C GLU J 109 28.27 10.07 -35.57
N ARG J 110 28.95 11.21 -35.73
CA ARG J 110 28.34 12.50 -35.42
C ARG J 110 27.14 12.79 -36.32
N SER J 111 26.05 13.23 -35.69
CA SER J 111 24.85 13.64 -36.41
C SER J 111 25.06 14.95 -37.15
N GLU J 112 24.16 15.23 -38.10
CA GLU J 112 24.22 16.50 -38.82
C GLU J 112 24.13 17.69 -37.87
N GLU J 113 23.30 17.60 -36.83
CA GLU J 113 23.16 18.72 -35.90
C GLU J 113 24.49 19.08 -35.24
N CYS J 114 25.42 18.13 -35.15
CA CYS J 114 26.66 18.39 -34.43
C CYS J 114 27.42 19.59 -35.00
N SER J 115 27.18 19.95 -36.26
CA SER J 115 27.84 21.13 -36.81
C SER J 115 27.33 22.43 -36.19
N ILE J 116 26.09 22.44 -35.69
CA ILE J 116 25.48 23.66 -35.17
C ILE J 116 25.06 23.52 -33.71
N ASP J 117 24.74 22.30 -33.29
CA ASP J 117 24.19 22.05 -31.96
C ASP J 117 25.14 21.12 -31.20
N HIS J 118 26.18 21.72 -30.61
CA HIS J 118 27.18 20.95 -29.88
C HIS J 118 27.69 21.78 -28.73
N ALA J 119 28.28 21.10 -27.74
CA ALA J 119 28.85 21.75 -26.56
C ALA J 119 30.36 21.64 -26.60
N LYS J 120 31.03 22.73 -26.28
CA LYS J 120 32.49 22.80 -26.28
C LYS J 120 33.00 22.69 -24.85
N ALA J 121 33.84 21.69 -24.60
CA ALA J 121 34.42 21.47 -23.27
C ALA J 121 35.78 22.15 -23.22
N TYR J 122 35.93 23.13 -22.34
CA TYR J 122 37.16 23.90 -22.22
C TYR J 122 37.79 23.70 -20.85
N LYS J 123 39.12 23.67 -20.82
CA LYS J 123 39.88 23.73 -19.57
C LYS J 123 40.31 25.18 -19.37
N VAL J 124 40.05 25.71 -18.18
CA VAL J 124 40.26 27.13 -17.90
C VAL J 124 41.44 27.30 -16.96
N HIS J 125 42.33 28.23 -17.31
CA HIS J 125 43.49 28.57 -16.52
C HIS J 125 43.48 30.07 -16.26
N THR J 126 44.17 30.50 -15.21
CA THR J 126 44.27 31.92 -14.92
C THR J 126 44.83 32.64 -16.13
N GLY J 127 44.13 33.69 -16.56
CA GLY J 127 44.52 34.41 -17.75
C GLY J 127 44.90 35.85 -17.49
N THR J 128 44.28 36.77 -18.21
CA THR J 128 44.54 38.19 -18.09
C THR J 128 43.25 38.92 -17.77
N VAL J 129 43.38 40.17 -17.32
CA VAL J 129 42.24 41.03 -17.03
C VAL J 129 42.41 42.32 -17.83
N GLN J 130 41.38 42.69 -18.58
CA GLN J 130 41.40 43.89 -19.40
C GLN J 130 40.18 44.74 -19.08
N ALA J 131 40.28 46.02 -19.41
CA ALA J 131 39.18 46.95 -19.20
C ALA J 131 39.30 48.09 -20.18
N MET J 132 38.17 48.74 -20.43
CA MET J 132 38.12 49.96 -21.23
C MET J 132 37.87 51.12 -20.28
N VAL J 133 38.77 52.10 -20.28
CA VAL J 133 38.75 53.19 -19.32
C VAL J 133 38.44 54.49 -20.04
N ASN J 134 37.49 55.24 -19.49
CA ASN J 134 37.09 56.55 -20.01
C ASN J 134 37.69 57.61 -19.09
N ILE J 135 38.53 58.48 -19.64
CA ILE J 135 39.24 59.48 -18.84
C ILE J 135 39.04 60.86 -19.44
N THR J 136 38.78 61.83 -18.57
CA THR J 136 38.74 63.24 -18.91
C THR J 136 39.45 64.01 -17.81
N TYR J 137 40.19 65.05 -18.19
CA TYR J 137 40.88 65.86 -17.20
C TYR J 137 41.01 67.28 -17.74
N GLY J 138 40.95 68.25 -16.82
CA GLY J 138 41.05 69.65 -17.19
C GLY J 138 40.03 70.04 -18.24
N SER J 139 40.50 70.59 -19.35
CA SER J 139 39.65 70.97 -20.46
C SER J 139 39.68 69.94 -21.59
N VAL J 140 40.32 68.80 -21.37
CA VAL J 140 40.40 67.76 -22.38
C VAL J 140 39.12 66.93 -22.35
N SER J 141 38.52 66.73 -23.52
CA SER J 141 37.28 65.97 -23.62
C SER J 141 37.52 64.51 -23.25
N TRP J 142 36.42 63.76 -23.15
CA TRP J 142 36.49 62.35 -22.80
C TRP J 142 37.24 61.56 -23.87
N ARG J 143 38.20 60.76 -23.44
CA ARG J 143 38.95 59.86 -24.29
C ARG J 143 38.96 58.48 -23.66
N SER J 144 39.01 57.44 -24.50
CA SER J 144 38.99 56.08 -23.99
C SER J 144 39.89 55.19 -24.82
N ALA J 145 40.34 54.11 -24.20
CA ALA J 145 41.18 53.10 -24.86
C ALA J 145 41.11 51.82 -24.03
N ASP J 146 41.45 50.71 -24.68
CA ASP J 146 41.57 49.44 -23.98
C ASP J 146 42.89 49.38 -23.24
N VAL J 147 42.85 48.98 -21.97
CA VAL J 147 44.04 48.90 -21.15
C VAL J 147 44.08 47.52 -20.49
N TYR J 148 45.27 47.13 -20.07
CA TYR J 148 45.50 45.86 -19.39
C TYR J 148 45.55 46.11 -17.89
N VAL J 149 44.69 45.44 -17.14
CA VAL J 149 44.66 45.63 -15.70
C VAL J 149 45.72 44.73 -15.09
N ASN J 150 46.97 45.19 -15.15
CA ASN J 150 48.10 44.44 -14.62
C ASN J 150 49.10 45.30 -13.87
N GLY J 151 48.98 46.62 -13.91
CA GLY J 151 49.90 47.51 -13.22
C GLY J 151 51.25 47.65 -13.88
N GLU J 152 51.43 47.08 -15.06
CA GLU J 152 52.71 47.12 -15.75
C GLU J 152 52.64 47.73 -17.15
N THR J 153 51.53 47.54 -17.87
CA THR J 153 51.44 48.02 -19.25
C THR J 153 50.83 49.41 -19.27
N PRO J 154 51.56 50.45 -19.67
CA PRO J 154 50.96 51.78 -19.76
C PRO J 154 50.14 51.92 -21.04
N ALA J 155 49.04 52.66 -20.93
CA ALA J 155 48.18 52.97 -22.06
C ALA J 155 48.14 54.49 -22.24
N LYS J 156 48.29 54.94 -23.48
CA LYS J 156 48.28 56.36 -23.79
C LYS J 156 46.87 56.78 -24.18
N ILE J 157 46.23 57.55 -23.32
CA ILE J 157 44.86 58.02 -23.53
C ILE J 157 44.88 59.53 -23.49
N GLY J 158 44.70 60.16 -24.66
CA GLY J 158 44.65 61.61 -24.72
C GLY J 158 45.91 62.28 -24.24
N ASP J 159 47.07 61.79 -24.68
CA ASP J 159 48.39 62.29 -24.31
C ASP J 159 48.78 61.94 -22.88
N ALA J 160 47.92 61.26 -22.12
CA ALA J 160 48.22 60.83 -20.76
C ALA J 160 48.49 59.34 -20.76
N LYS J 161 49.56 58.94 -20.06
CA LYS J 161 49.93 57.53 -19.94
C LYS J 161 49.30 56.97 -18.67
N LEU J 162 48.32 56.09 -18.85
CA LEU J 162 47.56 55.49 -17.76
C LEU J 162 48.07 54.09 -17.46
N ILE J 163 48.37 53.84 -16.20
CA ILE J 163 48.76 52.51 -15.72
C ILE J 163 47.69 52.07 -14.73
N ILE J 164 46.96 51.00 -15.08
CA ILE J 164 45.91 50.48 -14.21
C ILE J 164 46.47 49.29 -13.46
N GLY J 165 46.48 49.38 -12.13
CA GLY J 165 47.04 48.35 -11.29
C GLY J 165 46.24 47.06 -11.31
N PRO J 166 46.85 45.98 -10.81
CA PRO J 166 46.15 44.70 -10.77
C PRO J 166 45.01 44.73 -9.77
N LEU J 167 43.98 43.92 -10.05
CA LEU J 167 42.84 43.85 -9.14
C LEU J 167 43.29 43.37 -7.76
N SER J 168 42.73 43.98 -6.72
CA SER J 168 43.08 43.60 -5.36
C SER J 168 42.66 42.17 -5.04
N SER J 169 41.73 41.60 -5.80
CA SER J 169 41.26 40.24 -5.58
C SER J 169 41.37 39.47 -6.89
N ALA J 170 42.18 38.42 -6.90
CA ALA J 170 42.34 37.57 -8.07
C ALA J 170 41.22 36.52 -8.12
N TRP J 171 40.00 37.03 -8.21
CA TRP J 171 38.80 36.21 -8.22
C TRP J 171 38.29 36.03 -9.65
N SER J 172 37.81 34.83 -9.95
CA SER J 172 37.26 34.52 -11.26
C SER J 172 36.09 33.57 -11.10
N PRO J 173 34.99 33.77 -11.84
CA PRO J 173 33.82 32.90 -11.68
C PRO J 173 33.96 31.54 -12.34
N PHE J 174 34.98 31.32 -13.16
CA PHE J 174 35.14 30.06 -13.88
C PHE J 174 35.96 29.07 -13.06
N ASP J 175 35.48 27.82 -13.00
CA ASP J 175 36.23 26.76 -12.37
C ASP J 175 37.31 26.26 -13.33
N ASN J 176 38.04 25.23 -12.91
CA ASN J 176 39.10 24.71 -13.75
C ASN J 176 38.58 24.18 -15.08
N LYS J 177 37.34 23.68 -15.10
CA LYS J 177 36.73 23.13 -16.30
C LYS J 177 35.35 23.74 -16.50
N VAL J 178 35.08 24.21 -17.71
CA VAL J 178 33.78 24.80 -18.05
C VAL J 178 33.30 24.22 -19.38
N VAL J 179 31.98 24.24 -19.55
CA VAL J 179 31.34 23.76 -20.77
C VAL J 179 30.58 24.94 -21.37
N VAL J 180 30.86 25.24 -22.63
CA VAL J 180 30.23 26.35 -23.34
C VAL J 180 29.23 25.75 -24.33
N TYR J 181 27.96 26.09 -24.16
CA TYR J 181 26.88 25.62 -25.02
C TYR J 181 26.07 26.83 -25.49
N GLY J 182 26.08 27.09 -26.78
CA GLY J 182 25.36 28.25 -27.27
C GLY J 182 25.95 29.51 -26.68
N HIS J 183 25.09 30.32 -26.05
CA HIS J 183 25.51 31.53 -25.36
C HIS J 183 25.77 31.31 -23.88
N GLU J 184 25.52 30.11 -23.36
CA GLU J 184 25.64 29.82 -21.94
C GLU J 184 27.00 29.18 -21.62
N VAL J 185 27.45 29.39 -20.39
CA VAL J 185 28.67 28.78 -19.87
C VAL J 185 28.32 28.07 -18.57
N TYR J 186 28.86 26.86 -18.38
CA TYR J 186 28.57 26.04 -17.22
C TYR J 186 29.86 25.61 -16.54
N ASN J 187 29.86 25.64 -15.21
CA ASN J 187 30.97 25.10 -14.42
C ASN J 187 30.73 23.60 -14.20
N TYR J 188 30.91 22.84 -15.27
CA TYR J 188 30.65 21.41 -15.29
C TYR J 188 31.95 20.63 -15.36
N ASP J 189 32.14 19.71 -14.42
CA ASP J 189 33.33 18.85 -14.38
C ASP J 189 33.13 17.70 -15.36
N PHE J 190 33.42 17.96 -16.62
CA PHE J 190 33.21 16.96 -17.66
C PHE J 190 34.30 15.88 -17.60
N PRO J 191 33.99 14.67 -18.04
CA PRO J 191 35.00 13.61 -18.05
C PRO J 191 36.10 13.88 -19.07
N GLU J 192 37.32 13.46 -18.73
CA GLU J 192 38.47 13.67 -19.59
C GLU J 192 38.29 12.90 -20.90
N TYR J 193 39.01 13.37 -21.93
CA TYR J 193 38.90 12.77 -23.24
C TYR J 193 39.22 11.27 -23.20
N GLY J 194 38.36 10.48 -23.82
CA GLY J 194 38.53 9.04 -23.86
C GLY J 194 37.98 8.29 -22.66
N THR J 195 37.40 9.00 -21.68
CA THR J 195 36.87 8.36 -20.48
C THR J 195 35.37 8.59 -20.29
N GLY J 196 34.67 9.08 -21.31
CA GLY J 196 33.25 9.32 -21.18
C GLY J 196 32.47 8.01 -21.09
N LYS J 197 31.35 8.07 -20.37
CA LYS J 197 30.50 6.92 -20.14
C LYS J 197 29.16 7.10 -20.85
N ALA J 198 28.55 5.98 -21.23
CA ALA J 198 27.29 6.03 -21.93
C ALA J 198 26.23 6.72 -21.09
N GLY J 199 25.42 7.55 -21.74
CA GLY J 199 24.36 8.27 -21.06
C GLY J 199 24.81 9.49 -20.30
N SER J 200 26.10 9.76 -20.24
CA SER J 200 26.63 10.94 -19.57
C SER J 200 27.06 11.98 -20.60
N PHE J 201 27.31 13.19 -20.11
CA PHE J 201 27.64 14.31 -20.98
C PHE J 201 28.67 13.93 -22.04
N GLY J 202 29.74 13.27 -21.63
CA GLY J 202 30.83 12.97 -22.53
C GLY J 202 30.76 11.64 -23.25
N ASP J 203 29.55 11.09 -23.46
CA ASP J 203 29.44 9.80 -24.12
C ASP J 203 30.04 9.86 -25.51
N LEU J 204 29.84 10.95 -26.23
CA LEU J 204 30.42 11.19 -27.54
C LEU J 204 31.43 12.31 -27.43
N GLN J 205 32.65 12.09 -27.91
CA GLN J 205 33.69 13.10 -27.82
C GLN J 205 34.51 13.16 -29.10
N SER J 206 34.79 14.39 -29.53
CA SER J 206 35.60 14.65 -30.71
C SER J 206 36.48 15.86 -30.42
N ARG J 207 37.74 15.78 -30.85
CA ARG J 207 38.67 16.88 -30.59
C ARG J 207 38.20 18.17 -31.26
N THR J 208 37.65 18.06 -32.47
CA THR J 208 37.12 19.21 -33.18
C THR J 208 35.84 18.81 -33.89
N SER J 209 35.08 19.81 -34.32
CA SER J 209 33.83 19.54 -35.03
C SER J 209 34.09 18.91 -36.39
N THR J 210 35.31 18.97 -36.90
CA THR J 210 35.68 18.36 -38.17
C THR J 210 36.68 17.24 -38.00
N SER J 211 36.98 16.84 -36.76
CA SER J 211 37.97 15.81 -36.53
C SER J 211 37.52 14.47 -37.11
N ASN J 212 38.48 13.72 -37.63
CA ASN J 212 38.23 12.38 -38.15
C ASN J 212 38.33 11.29 -37.10
N ASP J 213 38.79 11.62 -35.89
CA ASP J 213 38.88 10.67 -34.79
C ASP J 213 37.74 10.94 -33.82
N LEU J 214 36.76 10.05 -33.80
CA LEU J 214 35.57 10.19 -32.95
C LEU J 214 35.60 9.10 -31.88
N TYR J 215 35.39 9.51 -30.63
CA TYR J 215 35.24 8.58 -29.52
C TYR J 215 33.77 8.46 -29.17
N ALA J 216 33.28 7.23 -29.08
CA ALA J 216 31.88 6.97 -28.78
C ALA J 216 31.81 5.84 -27.76
N ASN J 217 31.04 6.05 -26.69
CA ASN J 217 30.89 5.04 -25.66
C ASN J 217 29.40 4.93 -25.31
N THR J 218 28.69 4.11 -26.07
CA THR J 218 27.28 3.83 -25.86
C THR J 218 27.13 2.32 -25.81
N ASN J 219 26.14 1.85 -25.04
CA ASN J 219 25.90 0.41 -24.93
C ASN J 219 25.16 -0.09 -26.17
N LEU J 220 25.81 0.08 -27.31
CA LEU J 220 25.26 -0.38 -28.58
C LEU J 220 25.31 -1.90 -28.62
N LYS J 221 24.15 -2.55 -28.50
CA LYS J 221 24.05 -4.00 -28.54
C LYS J 221 23.13 -4.39 -29.69
N LEU J 222 23.68 -5.16 -30.64
CA LEU J 222 22.87 -5.67 -31.74
C LEU J 222 21.91 -6.75 -31.24
N GLN J 223 20.64 -6.62 -31.59
CA GLN J 223 19.61 -7.58 -31.23
C GLN J 223 19.35 -8.52 -32.40
N ARG J 224 18.89 -9.72 -32.08
CA ARG J 224 18.53 -10.67 -33.12
C ARG J 224 17.38 -10.13 -33.96
N PRO J 225 17.47 -10.17 -35.29
CA PRO J 225 16.34 -9.75 -36.12
C PRO J 225 15.08 -10.55 -35.80
N GLN J 226 13.94 -9.89 -35.92
CA GLN J 226 12.67 -10.58 -35.82
C GLN J 226 12.55 -11.66 -36.88
N ALA J 227 11.91 -12.77 -36.52
CA ALA J 227 11.80 -13.91 -37.41
C ALA J 227 11.20 -13.51 -38.75
N GLY J 228 11.93 -13.78 -39.83
CA GLY J 228 11.45 -13.53 -41.18
C GLY J 228 11.55 -12.11 -41.67
N ILE J 229 12.16 -11.19 -40.93
CA ILE J 229 12.24 -9.78 -41.31
C ILE J 229 13.70 -9.41 -41.50
N VAL J 230 14.01 -8.76 -42.62
CA VAL J 230 15.36 -8.28 -42.88
C VAL J 230 15.48 -6.88 -42.29
N HIS J 231 16.08 -6.80 -41.11
CA HIS J 231 16.33 -5.51 -40.48
C HIS J 231 17.44 -5.72 -39.46
N THR J 232 18.01 -4.60 -38.99
CA THR J 232 19.12 -4.61 -38.04
C THR J 232 18.70 -3.91 -36.76
N PRO J 233 17.98 -4.60 -35.88
CA PRO J 233 17.59 -3.98 -34.62
C PRO J 233 18.78 -3.85 -33.67
N PHE J 234 18.70 -2.86 -32.81
CA PHE J 234 19.76 -2.62 -31.84
C PHE J 234 19.19 -1.86 -30.65
N THR J 235 19.88 -1.98 -29.51
CA THR J 235 19.57 -1.22 -28.31
C THR J 235 20.75 -0.30 -27.99
N GLN J 236 20.45 0.90 -27.51
CA GLN J 236 21.47 1.89 -27.24
C GLN J 236 20.99 2.82 -26.15
N VAL J 237 21.92 3.25 -25.31
CA VAL J 237 21.57 4.18 -24.23
C VAL J 237 21.29 5.55 -24.83
N PRO J 238 20.19 6.21 -24.48
CA PRO J 238 19.90 7.53 -25.06
C PRO J 238 21.10 8.47 -24.93
N SER J 239 21.27 9.32 -25.93
CA SER J 239 22.42 10.21 -25.98
C SER J 239 22.55 10.99 -24.68
N GLY J 240 23.76 11.01 -24.12
CA GLY J 240 23.98 11.74 -22.89
C GLY J 240 24.01 13.24 -23.07
N PHE J 241 24.21 13.71 -24.30
CA PHE J 241 24.18 15.14 -24.57
C PHE J 241 22.76 15.69 -24.46
N GLU J 242 21.78 15.00 -25.04
CA GLU J 242 20.39 15.44 -24.89
C GLU J 242 19.93 15.34 -23.43
N ARG J 243 20.42 14.31 -22.73
CA ARG J 243 20.12 14.20 -21.31
C ARG J 243 20.71 15.38 -20.55
N TRP J 244 21.94 15.76 -20.87
CA TRP J 244 22.55 16.92 -20.23
C TRP J 244 21.73 18.17 -20.52
N LYS J 245 21.27 18.32 -21.77
CA LYS J 245 20.42 19.47 -22.09
C LYS J 245 19.27 19.57 -21.12
N LYS J 246 18.72 18.42 -20.71
CA LYS J 246 17.64 18.48 -19.74
C LYS J 246 18.16 18.77 -18.32
N ASP J 247 19.32 18.25 -17.97
CA ASP J 247 19.87 18.39 -16.62
C ASP J 247 20.88 19.53 -16.50
N LYS J 248 20.92 20.45 -17.46
CA LYS J 248 21.93 21.51 -17.43
C LYS J 248 21.89 22.28 -16.10
N GLY J 249 20.71 22.58 -15.61
CA GLY J 249 20.60 23.41 -14.42
C GLY J 249 20.80 24.87 -14.75
N ALA J 250 21.18 25.63 -13.74
CA ALA J 250 21.38 27.06 -13.93
C ALA J 250 22.73 27.32 -14.60
N PRO J 251 22.79 28.14 -15.64
CA PRO J 251 24.07 28.46 -16.26
C PRO J 251 24.86 29.47 -15.43
N LEU J 252 26.16 29.52 -15.72
CA LEU J 252 27.02 30.50 -15.04
C LEU J 252 26.56 31.92 -15.30
N ASN J 253 25.92 32.17 -16.46
CA ASN J 253 25.42 33.50 -16.75
C ASN J 253 24.42 33.98 -15.70
N ASP J 254 23.71 33.06 -15.06
CA ASP J 254 22.65 33.42 -14.11
C ASP J 254 23.02 33.20 -12.65
N VAL J 255 24.20 32.68 -12.35
CA VAL J 255 24.61 32.41 -10.98
C VAL J 255 25.98 32.99 -10.64
N ALA J 256 26.70 33.56 -11.60
CA ALA J 256 27.99 34.12 -11.32
C ALA J 256 27.86 35.22 -10.27
N PRO J 257 28.66 35.22 -9.22
CA PRO J 257 28.57 36.28 -8.21
C PRO J 257 29.00 37.63 -8.77
N PHE J 258 28.75 38.67 -7.96
CA PHE J 258 29.13 40.04 -8.26
C PHE J 258 28.49 40.57 -9.53
N GLY J 259 27.44 39.91 -10.03
CA GLY J 259 26.76 40.42 -11.21
C GLY J 259 27.57 40.30 -12.48
N CYS J 260 28.47 39.32 -12.56
CA CYS J 260 29.28 39.16 -13.77
C CYS J 260 28.41 38.81 -14.97
N SER J 261 28.83 39.30 -16.12
CA SER J 261 28.24 38.95 -17.41
C SER J 261 29.23 38.10 -18.18
N ILE J 262 28.76 37.03 -18.80
CA ILE J 262 29.62 36.06 -19.47
C ILE J 262 29.48 36.22 -20.97
N ALA J 263 30.61 36.46 -21.63
CA ALA J 263 30.73 36.56 -23.08
C ALA J 263 31.60 35.41 -23.57
N LEU J 264 31.45 35.07 -24.85
CA LEU J 264 32.10 33.85 -25.37
C LEU J 264 33.22 34.08 -26.37
N GLU J 265 33.34 35.27 -26.95
CA GLU J 265 34.37 35.53 -27.96
C GLU J 265 35.20 36.75 -27.60
N PRO J 266 36.24 36.59 -26.76
CA PRO J 266 36.72 35.36 -26.11
C PRO J 266 35.90 35.04 -24.87
N LEU J 267 35.97 33.82 -24.32
CA LEU J 267 35.28 33.53 -23.08
C LEU J 267 35.78 34.47 -22.00
N ARG J 268 34.86 35.17 -21.34
CA ARG J 268 35.26 36.13 -20.33
C ARG J 268 34.08 36.49 -19.44
N ALA J 269 34.40 36.96 -18.24
CA ALA J 269 33.43 37.49 -17.30
C ALA J 269 33.54 39.00 -17.30
N GLU J 270 32.42 39.68 -17.49
CA GLU J 270 32.42 41.13 -17.64
C GLU J 270 31.75 41.82 -16.46
N ASN J 271 32.27 43.02 -16.15
CA ASN J 271 31.69 43.91 -15.14
C ASN J 271 31.55 43.25 -13.77
N CYS J 272 32.56 42.47 -13.38
CA CYS J 272 32.57 41.88 -12.05
C CYS J 272 33.05 42.94 -11.06
N ALA J 273 32.17 43.33 -10.12
CA ALA J 273 32.48 44.36 -9.14
C ALA J 273 33.23 43.73 -7.96
N VAL J 274 34.50 43.41 -8.21
CA VAL J 274 35.34 42.72 -7.23
C VAL J 274 36.52 43.60 -6.86
N GLY J 275 36.68 43.84 -5.56
CA GLY J 275 37.83 44.54 -5.02
C GLY J 275 37.97 45.97 -5.52
N SER J 276 39.22 46.40 -5.64
CA SER J 276 39.57 47.74 -6.07
C SER J 276 40.73 47.66 -7.06
N ILE J 277 40.97 48.76 -7.76
CA ILE J 277 41.99 48.80 -8.81
C ILE J 277 42.94 49.97 -8.58
N PRO J 278 44.21 49.72 -8.25
CA PRO J 278 45.16 50.83 -8.18
C PRO J 278 45.33 51.46 -9.56
N ILE J 279 45.61 52.77 -9.56
CA ILE J 279 45.77 53.51 -10.80
C ILE J 279 46.95 54.48 -10.68
N SER J 280 47.49 54.84 -11.83
CA SER J 280 48.57 55.81 -11.92
C SER J 280 48.47 56.49 -13.27
N ILE J 281 48.34 57.81 -13.29
CA ILE J 281 48.17 58.57 -14.52
C ILE J 281 49.19 59.71 -14.55
N ASP J 282 49.89 59.84 -15.66
CA ASP J 282 50.87 60.91 -15.88
C ASP J 282 50.20 61.98 -16.73
N ILE J 283 49.93 63.14 -16.13
CA ILE J 283 49.29 64.24 -16.83
C ILE J 283 50.36 65.18 -17.36
N PRO J 284 50.31 65.59 -18.63
CA PRO J 284 51.37 66.45 -19.16
C PRO J 284 51.36 67.83 -18.52
N ASP J 285 52.53 68.47 -18.53
CA ASP J 285 52.66 69.80 -17.95
C ASP J 285 51.74 70.81 -18.64
N ALA J 286 51.45 70.60 -19.92
CA ALA J 286 50.59 71.54 -20.65
C ALA J 286 49.21 71.65 -20.03
N ALA J 287 48.78 70.65 -19.26
CA ALA J 287 47.47 70.68 -18.63
C ALA J 287 47.41 71.52 -17.37
N PHE J 288 48.56 71.90 -16.80
CA PHE J 288 48.62 72.64 -15.55
C PHE J 288 48.83 74.12 -15.82
N THR J 289 47.90 74.95 -15.36
CA THR J 289 47.98 76.39 -15.47
C THR J 289 48.46 76.97 -14.15
N ARG J 290 49.36 77.95 -14.22
CA ARG J 290 49.90 78.56 -13.02
C ARG J 290 48.79 79.23 -12.22
N ILE J 291 48.93 79.18 -10.89
CA ILE J 291 47.92 79.73 -10.00
C ILE J 291 47.71 81.22 -10.30
N SER J 292 48.79 81.95 -10.56
CA SER J 292 48.67 83.38 -10.82
C SER J 292 47.77 83.68 -12.01
N GLU J 293 47.49 82.69 -12.85
CA GLU J 293 46.64 82.87 -14.02
C GLU J 293 45.24 82.29 -13.82
N THR J 294 44.92 81.82 -12.63
CA THR J 294 43.63 81.19 -12.35
C THR J 294 43.01 81.79 -11.11
N PRO J 295 41.69 81.68 -10.96
CA PRO J 295 41.01 82.25 -9.79
C PRO J 295 41.37 81.53 -8.49
N THR J 296 41.32 82.29 -7.40
CA THR J 296 41.51 81.79 -6.05
C THR J 296 40.38 82.31 -5.18
N VAL J 297 40.05 81.57 -4.13
CA VAL J 297 38.92 81.92 -3.27
C VAL J 297 39.34 81.95 -1.81
N SER J 298 38.57 82.69 -1.02
CA SER J 298 38.79 82.82 0.41
C SER J 298 37.45 83.12 1.08
N ASP J 299 37.44 83.02 2.40
CA ASP J 299 36.24 83.29 3.20
C ASP J 299 35.06 82.44 2.73
N LEU J 300 35.33 81.15 2.54
CA LEU J 300 34.30 80.22 2.08
C LEU J 300 33.36 79.86 3.22
N GLU J 301 32.07 79.73 2.90
CA GLU J 301 31.05 79.35 3.87
C GLU J 301 30.04 78.46 3.16
N CYS J 302 29.87 77.23 3.66
CA CYS J 302 29.01 76.23 3.04
C CYS J 302 27.74 76.04 3.84
N LYS J 303 26.60 76.11 3.16
CA LYS J 303 25.29 75.87 3.76
C LYS J 303 24.64 74.70 3.03
N ILE J 304 24.26 73.66 3.77
CA ILE J 304 23.51 72.55 3.21
C ILE J 304 22.04 72.88 3.32
N THR J 305 21.38 73.10 2.18
CA THR J 305 19.99 73.52 2.16
C THR J 305 19.01 72.37 2.09
N GLU J 306 19.43 71.24 1.50
CA GLU J 306 18.59 70.06 1.39
C GLU J 306 19.48 68.84 1.34
N CYS J 307 19.01 67.73 1.92
CA CYS J 307 19.79 66.51 1.87
C CYS J 307 18.93 65.30 2.17
N THR J 308 19.01 64.30 1.31
CA THR J 308 18.39 63.00 1.49
C THR J 308 19.46 61.96 1.18
N TYR J 309 19.64 60.98 2.06
CA TYR J 309 20.68 60.00 1.78
C TYR J 309 20.15 58.93 0.83
N ALA J 310 19.57 59.37 -0.28
CA ALA J 310 19.13 58.47 -1.32
C ALA J 310 20.30 58.07 -2.21
N PHE J 311 20.07 57.06 -3.04
CA PHE J 311 21.13 56.64 -3.96
C PHE J 311 21.40 57.70 -5.02
N ASP J 312 20.40 58.52 -5.33
CA ASP J 312 20.60 59.59 -6.30
C ASP J 312 21.33 60.76 -5.64
N PHE J 313 21.52 61.84 -6.40
CA PHE J 313 22.14 63.07 -5.88
C PHE J 313 21.08 63.89 -5.14
N GLY J 314 20.69 63.39 -3.98
CA GLY J 314 19.68 64.01 -3.16
C GLY J 314 20.12 65.18 -2.32
N GLY J 315 21.41 65.52 -2.32
CA GLY J 315 21.91 66.63 -1.55
C GLY J 315 22.12 67.89 -2.39
N ILE J 316 21.86 69.04 -1.75
CA ILE J 316 22.09 70.34 -2.37
C ILE J 316 22.69 71.26 -1.31
N ALA J 317 23.69 72.04 -1.72
CA ALA J 317 24.34 72.96 -0.80
C ALA J 317 24.69 74.25 -1.53
N THR J 318 24.87 75.31 -0.76
CA THR J 318 25.25 76.62 -1.26
C THR J 318 26.52 77.07 -0.57
N VAL J 319 27.48 77.55 -1.35
CA VAL J 319 28.76 78.01 -0.82
C VAL J 319 28.94 79.48 -1.19
N ALA J 320 29.06 80.32 -0.17
CA ALA J 320 29.39 81.73 -0.37
C ALA J 320 30.91 81.87 -0.44
N TYR J 321 31.37 82.80 -1.28
CA TYR J 321 32.81 82.90 -1.48
C TYR J 321 33.20 84.30 -1.93
N LYS J 322 34.49 84.60 -1.76
CA LYS J 322 35.15 85.77 -2.29
C LYS J 322 36.33 85.28 -3.11
N SER J 323 36.62 85.95 -4.23
CA SER J 323 37.67 85.48 -5.11
C SER J 323 38.45 86.65 -5.71
N SER J 324 39.53 86.29 -6.41
CA SER J 324 40.37 87.22 -7.15
C SER J 324 40.57 86.66 -8.55
N LYS J 325 40.53 87.52 -9.56
CA LYS J 325 40.61 87.09 -10.94
C LYS J 325 39.56 86.02 -11.21
N ALA J 326 38.31 86.36 -10.89
CA ALA J 326 37.18 85.45 -10.98
C ALA J 326 37.18 84.67 -12.29
N GLY J 327 36.79 83.41 -12.21
CA GLY J 327 36.75 82.55 -13.38
C GLY J 327 36.31 81.16 -13.00
N ASN J 328 36.55 80.21 -13.91
CA ASN J 328 36.19 78.83 -13.67
C ASN J 328 37.08 78.21 -12.59
N CYS J 329 36.47 77.41 -11.71
CA CYS J 329 37.19 76.78 -10.60
C CYS J 329 36.72 75.33 -10.42
N PRO J 330 37.65 74.38 -10.27
CA PRO J 330 37.23 72.99 -10.03
C PRO J 330 36.70 72.78 -8.62
N ILE J 331 35.82 71.80 -8.49
CA ILE J 331 35.20 71.44 -7.22
C ILE J 331 35.40 69.95 -6.97
N HIS J 332 35.77 69.59 -5.75
CA HIS J 332 35.96 68.19 -5.41
C HIS J 332 35.77 67.99 -3.92
N SER J 333 35.41 66.76 -3.54
CA SER J 333 35.26 66.34 -2.15
C SER J 333 36.25 65.22 -1.85
N PRO J 334 37.38 65.52 -1.20
CA PRO J 334 38.39 64.46 -1.01
C PRO J 334 37.90 63.25 -0.23
N SER J 335 37.04 63.43 0.77
CA SER J 335 36.61 62.29 1.56
C SER J 335 35.48 61.54 0.86
N GLY J 336 35.20 60.33 1.36
CA GLY J 336 34.17 59.48 0.84
C GLY J 336 32.79 59.72 1.40
N VAL J 337 32.64 60.72 2.28
CA VAL J 337 31.34 60.98 2.90
C VAL J 337 30.32 61.39 1.84
N ALA J 338 30.72 62.25 0.91
CA ALA J 338 29.81 62.75 -0.11
C ALA J 338 30.52 62.85 -1.45
N VAL J 339 29.81 62.44 -2.50
CA VAL J 339 30.30 62.51 -3.88
C VAL J 339 29.67 63.71 -4.54
N ILE J 340 30.48 64.57 -5.14
CA ILE J 340 29.99 65.81 -5.73
C ILE J 340 29.60 65.57 -7.18
N LYS J 341 28.43 66.09 -7.57
CA LYS J 341 27.97 65.94 -8.95
C LYS J 341 28.72 66.86 -9.88
N GLU J 342 28.87 68.13 -9.52
CA GLU J 342 29.55 69.09 -10.37
C GLU J 342 31.06 68.82 -10.39
N ASN J 343 31.69 69.18 -11.50
CA ASN J 343 33.13 69.08 -11.68
C ASN J 343 33.83 70.41 -11.60
N ASP J 344 33.17 71.48 -12.02
CA ASP J 344 33.72 72.82 -11.95
C ASP J 344 32.56 73.81 -11.91
N VAL J 345 32.87 75.03 -11.44
CA VAL J 345 31.89 76.09 -11.31
C VAL J 345 32.48 77.39 -11.82
N THR J 346 31.61 78.33 -12.15
CA THR J 346 32.01 79.65 -12.61
C THR J 346 31.95 80.61 -11.42
N LEU J 347 33.09 81.21 -11.10
CA LEU J 347 33.19 82.11 -9.97
C LEU J 347 33.19 83.56 -10.42
N ALA J 348 32.61 84.42 -9.59
CA ALA J 348 32.65 85.87 -9.74
C ALA J 348 33.56 86.45 -8.67
N GLU J 349 33.75 87.77 -8.70
CA GLU J 349 34.57 88.41 -7.68
C GLU J 349 34.02 88.13 -6.29
N SER J 350 32.69 88.02 -6.16
CA SER J 350 32.07 87.63 -4.90
C SER J 350 30.68 87.12 -5.23
N GLY J 351 30.15 86.30 -4.33
CA GLY J 351 28.81 85.76 -4.49
C GLY J 351 28.73 84.39 -3.85
N SER J 352 27.88 83.54 -4.43
CA SER J 352 27.74 82.17 -3.97
C SER J 352 27.31 81.30 -5.16
N PHE J 353 27.60 80.00 -5.02
CA PHE J 353 27.25 79.02 -6.03
C PHE J 353 26.68 77.79 -5.34
N THR J 354 25.96 76.97 -6.10
CA THR J 354 25.37 75.75 -5.58
C THR J 354 25.95 74.54 -6.28
N PHE J 355 25.97 73.43 -5.55
CA PHE J 355 26.45 72.15 -6.07
C PHE J 355 25.59 71.04 -5.47
N HIS J 356 25.61 69.90 -6.13
CA HIS J 356 24.83 68.75 -5.69
C HIS J 356 25.75 67.62 -5.28
N PHE J 357 25.32 66.84 -4.28
CA PHE J 357 26.13 65.75 -3.78
C PHE J 357 25.22 64.61 -3.32
N SER J 358 25.80 63.43 -3.19
CA SER J 358 25.12 62.25 -2.70
C SER J 358 25.88 61.68 -1.51
N THR J 359 25.19 61.46 -0.41
CA THR J 359 25.82 60.96 0.81
C THR J 359 24.92 59.96 1.50
N ALA J 360 25.55 59.00 2.19
CA ALA J 360 24.83 58.02 2.98
C ALA J 360 24.72 58.41 4.45
N ASN J 361 25.44 59.43 4.88
CA ASN J 361 25.47 59.81 6.29
C ASN J 361 24.19 60.55 6.68
N ILE J 362 23.73 60.30 7.91
CA ILE J 362 22.61 61.06 8.44
C ILE J 362 23.02 62.50 8.72
N HIS J 363 24.24 62.69 9.22
CA HIS J 363 24.80 64.02 9.50
C HIS J 363 26.12 64.11 8.74
N PRO J 364 26.06 64.36 7.44
CA PRO J 364 27.31 64.44 6.65
C PRO J 364 28.20 65.57 7.13
N ALA J 365 29.50 65.29 7.13
CA ALA J 365 30.52 66.28 7.44
C ALA J 365 31.70 65.97 6.52
N PHE J 366 31.96 66.85 5.56
CA PHE J 366 32.99 66.58 4.57
C PHE J 366 33.67 67.87 4.15
N LYS J 367 34.91 67.71 3.68
CA LYS J 367 35.72 68.83 3.22
C LYS J 367 35.52 69.00 1.72
N LEU J 368 35.32 70.24 1.29
CA LEU J 368 35.16 70.57 -0.13
C LEU J 368 36.34 71.44 -0.55
N GLN J 369 37.05 71.01 -1.60
CA GLN J 369 38.19 71.75 -2.11
C GLN J 369 37.76 72.69 -3.24
N VAL J 370 38.18 73.95 -3.14
CA VAL J 370 37.87 74.97 -4.14
C VAL J 370 39.12 75.77 -4.44
N CYS J 371 39.76 75.51 -5.58
CA CYS J 371 40.94 76.25 -6.03
C CYS J 371 41.97 76.39 -4.91
N THR J 372 42.40 75.24 -4.41
CA THR J 372 43.40 75.11 -3.34
C THR J 372 42.86 75.50 -1.97
N SER J 373 41.69 76.13 -1.92
CA SER J 373 41.04 76.42 -0.66
C SER J 373 40.10 75.28 -0.29
N ALA J 374 39.61 75.30 0.95
CA ALA J 374 38.71 74.27 1.40
C ALA J 374 37.66 74.84 2.34
N VAL J 375 36.47 74.23 2.32
CA VAL J 375 35.36 74.62 3.17
C VAL J 375 34.73 73.35 3.72
N THR J 376 34.24 73.43 4.95
CA THR J 376 33.61 72.29 5.61
C THR J 376 32.10 72.44 5.56
N CYS J 377 31.41 71.44 5.01
CA CYS J 377 29.96 71.43 4.91
C CYS J 377 29.38 70.49 5.96
N LYS J 378 28.41 70.98 6.73
CA LYS J 378 27.77 70.17 7.75
C LYS J 378 26.26 70.38 7.68
N GLY J 379 25.52 69.32 7.98
CA GLY J 379 24.07 69.39 7.94
C GLY J 379 23.46 68.04 8.26
N ASP J 380 22.13 68.02 8.24
CA ASP J 380 21.35 66.82 8.53
C ASP J 380 20.62 66.37 7.27
N CYS J 381 20.42 65.05 7.14
CA CYS J 381 19.79 64.46 5.98
C CYS J 381 18.60 63.60 6.40
N LYS J 382 17.50 63.66 5.58
CA LYS J 382 16.29 62.88 5.80
C LYS J 382 16.34 61.56 5.05
N PRO J 383 15.62 60.53 5.51
CA PRO J 383 15.66 59.25 4.81
C PRO J 383 14.87 59.30 3.53
N PRO J 384 15.21 58.48 2.53
CA PRO J 384 14.42 58.41 1.31
C PRO J 384 13.13 57.63 1.52
N LYS J 385 12.16 57.88 0.65
CA LYS J 385 10.87 57.23 0.71
C LYS J 385 10.74 56.05 -0.24
N ASP J 386 11.53 56.00 -1.31
CA ASP J 386 11.43 54.94 -2.30
C ASP J 386 12.15 53.69 -1.80
N HIS J 387 11.40 52.61 -1.59
CA HIS J 387 12.00 51.40 -1.04
C HIS J 387 12.97 50.76 -2.03
N ILE J 388 12.63 50.75 -3.32
CA ILE J 388 13.45 50.10 -4.33
C ILE J 388 13.74 51.10 -5.45
N VAL J 389 14.98 51.08 -5.95
CA VAL J 389 15.42 51.93 -7.04
C VAL J 389 16.09 51.05 -8.09
N ASP J 390 16.15 51.57 -9.32
CA ASP J 390 16.72 50.83 -10.45
C ASP J 390 18.11 51.31 -10.83
N TYR J 391 18.84 51.93 -9.90
CA TYR J 391 20.20 52.38 -10.16
C TYR J 391 21.06 52.15 -8.92
N ALA J 392 22.36 51.97 -9.15
CA ALA J 392 23.27 51.68 -8.05
C ALA J 392 23.58 52.96 -7.27
N ALA J 393 23.94 52.77 -6.01
CA ALA J 393 24.25 53.90 -5.12
C ALA J 393 25.52 54.61 -5.57
N GLN J 394 25.46 55.95 -5.60
CA GLN J 394 26.63 56.75 -5.95
C GLN J 394 27.57 56.90 -4.77
N HIS J 395 27.03 57.02 -3.56
CA HIS J 395 27.82 57.17 -2.36
C HIS J 395 28.29 55.80 -1.85
N THR J 396 28.98 55.82 -0.71
CA THR J 396 29.47 54.61 -0.06
C THR J 396 29.11 54.64 1.42
N GLU J 397 28.73 53.48 1.95
CA GLU J 397 28.37 53.33 3.35
C GLU J 397 29.62 53.22 4.22
N SER J 398 29.43 53.43 5.52
CA SER J 398 30.49 53.26 6.50
C SER J 398 29.87 52.86 7.83
N PHE J 399 30.72 52.41 8.74
CA PHE J 399 30.24 51.96 10.05
C PHE J 399 29.50 53.07 10.79
N THR J 400 30.06 54.28 10.79
CA THR J 400 29.48 55.40 11.51
C THR J 400 28.55 56.26 10.65
N SER J 401 28.29 55.86 9.41
CA SER J 401 27.46 56.68 8.53
C SER J 401 26.04 56.78 9.06
N ALA J 402 25.50 55.70 9.60
CA ALA J 402 24.11 55.65 10.03
C ALA J 402 23.89 56.09 11.47
N ILE J 403 24.94 56.50 12.19
CA ILE J 403 24.79 56.88 13.59
C ILE J 403 24.36 58.33 13.66
N SER J 404 23.16 58.57 14.19
CA SER J 404 22.61 59.91 14.32
C SER J 404 23.19 60.61 15.54
N ALA J 405 22.97 61.93 15.59
CA ALA J 405 23.42 62.70 16.74
C ALA J 405 22.77 62.20 18.03
N THR J 406 21.51 61.80 17.96
CA THR J 406 20.86 61.24 19.15
C THR J 406 21.50 59.93 19.57
N ALA J 407 21.82 59.07 18.60
CA ALA J 407 22.50 57.82 18.93
C ALA J 407 23.86 58.09 19.56
N TRP J 408 24.60 59.06 19.02
CA TRP J 408 25.87 59.43 19.64
C TRP J 408 25.66 59.96 21.04
N SER J 409 24.61 60.74 21.25
CA SER J 409 24.33 61.26 22.59
C SER J 409 24.09 60.13 23.57
N TRP J 410 23.27 59.15 23.18
CA TRP J 410 23.03 58.00 24.05
C TRP J 410 24.30 57.18 24.27
N ILE J 411 25.11 57.00 23.24
CA ILE J 411 26.35 56.24 23.40
C ILE J 411 27.29 56.95 24.37
N LYS J 412 27.43 58.26 24.19
CA LYS J 412 28.30 59.04 25.08
C LYS J 412 27.77 59.01 26.51
N VAL J 413 26.46 59.16 26.69
CA VAL J 413 25.89 59.13 28.03
C VAL J 413 26.07 57.76 28.66
N LEU J 414 25.82 56.69 27.91
CA LEU J 414 25.96 55.34 28.44
C LEU J 414 27.40 55.05 28.86
N VAL J 415 28.34 55.26 27.95
CA VAL J 415 29.74 54.99 28.25
C VAL J 415 30.25 55.90 29.37
N GLY J 416 29.88 57.18 29.31
CA GLY J 416 30.30 58.10 30.35
C GLY J 416 29.72 57.76 31.70
N GLY J 417 28.45 57.36 31.74
CA GLY J 417 27.85 57.00 33.01
C GLY J 417 28.50 55.79 33.64
N THR J 418 28.67 54.73 32.86
CA THR J 418 29.30 53.53 33.42
C THR J 418 30.75 53.80 33.82
N SER J 419 31.49 54.52 32.97
CA SER J 419 32.88 54.84 33.28
C SER J 419 32.98 55.71 34.52
N ALA J 420 32.13 56.73 34.63
CA ALA J 420 32.15 57.60 35.79
C ALA J 420 31.76 56.85 37.06
N PHE J 421 30.84 55.89 36.95
CA PHE J 421 30.45 55.13 38.14
C PHE J 421 31.59 54.24 38.62
N ILE J 422 32.27 53.57 37.69
CA ILE J 422 33.42 52.76 38.06
C ILE J 422 34.53 53.63 38.65
N VAL J 423 34.78 54.79 38.02
CA VAL J 423 35.78 55.72 38.53
C VAL J 423 35.41 56.19 39.92
N LEU J 424 34.13 56.43 40.17
CA LEU J 424 33.70 56.82 41.52
C LEU J 424 34.03 55.73 42.52
N GLY J 425 33.76 54.47 42.18
CA GLY J 425 34.10 53.40 43.10
C GLY J 425 35.59 53.30 43.37
N LEU J 426 36.40 53.51 42.32
CA LEU J 426 37.85 53.43 42.50
C LEU J 426 38.36 54.62 43.32
N ILE J 427 37.79 55.79 43.10
CA ILE J 427 38.18 56.97 43.88
C ILE J 427 37.83 56.77 45.35
N ALA J 428 36.63 56.22 45.62
CA ALA J 428 36.26 55.94 46.99
C ALA J 428 37.23 54.95 47.63
N THR J 429 37.66 53.94 46.87
CA THR J 429 38.63 53.00 47.42
C THR J 429 39.93 53.70 47.77
N ALA J 430 40.40 54.59 46.91
CA ALA J 430 41.65 55.30 47.20
C ALA J 430 41.49 56.23 48.40
N VAL J 431 40.36 56.92 48.48
CA VAL J 431 40.15 57.87 49.58
C VAL J 431 40.07 57.13 50.91
N VAL J 432 39.35 56.01 50.95
CA VAL J 432 39.24 55.27 52.20
C VAL J 432 40.59 54.71 52.60
N ALA J 433 41.38 54.23 51.63
CA ALA J 433 42.71 53.73 51.97
C ALA J 433 43.58 54.85 52.53
N LEU J 434 43.46 56.05 51.97
CA LEU J 434 44.24 57.18 52.49
C LEU J 434 43.80 57.56 53.90
N VAL J 435 42.49 57.52 54.16
CA VAL J 435 41.99 57.82 55.51
C VAL J 435 42.51 56.80 56.51
N LEU J 436 42.47 55.52 56.13
CA LEU J 436 42.98 54.48 57.02
C LEU J 436 44.46 54.69 57.29
N PHE J 437 45.21 55.09 56.26
CA PHE J 437 46.63 55.41 56.49
C PHE J 437 46.77 56.53 57.50
N PHE J 438 45.93 57.57 57.40
CA PHE J 438 46.04 58.68 58.35
C PHE J 438 45.68 58.26 59.77
N HIS J 439 44.84 57.23 59.92
CA HIS J 439 44.52 56.78 61.27
C HIS J 439 45.77 56.34 62.02
N ARG J 440 46.63 55.57 61.36
CA ARG J 440 47.90 55.18 61.98
C ARG J 440 48.89 56.34 61.99
N HIS J 441 49.00 57.06 60.88
CA HIS J 441 49.96 58.15 60.78
C HIS J 441 49.25 59.50 60.71
N ASP K 1 19.01 26.41 -62.20
CA ASP K 1 18.34 25.20 -62.65
C ASP K 1 18.02 24.29 -61.47
N LEU K 2 17.00 23.45 -61.64
CA LEU K 2 16.62 22.49 -60.62
C LEU K 2 17.28 21.13 -60.82
N ASP K 3 17.58 20.77 -62.08
CA ASP K 3 18.18 19.47 -62.35
C ASP K 3 19.52 19.31 -61.65
N THR K 4 20.23 20.41 -61.39
CA THR K 4 21.53 20.34 -60.74
C THR K 4 21.44 19.81 -59.31
N HIS K 5 20.27 19.84 -58.70
CA HIS K 5 20.08 19.28 -57.38
C HIS K 5 19.73 17.80 -57.40
N PHE K 6 19.39 17.25 -58.56
CA PHE K 6 19.00 15.85 -58.70
C PHE K 6 20.00 15.05 -59.52
N THR K 7 21.15 15.63 -59.88
CA THR K 7 22.11 14.90 -60.70
C THR K 7 22.53 13.59 -60.04
N GLN K 8 22.69 13.60 -58.72
CA GLN K 8 23.04 12.37 -58.02
C GLN K 8 21.81 11.52 -57.72
N TYR K 9 20.69 12.16 -57.37
CA TYR K 9 19.48 11.40 -57.06
C TYR K 9 18.89 10.74 -58.30
N LYS K 10 19.14 11.33 -59.48
CA LYS K 10 18.61 10.76 -60.71
C LYS K 10 19.20 9.38 -61.00
N LEU K 11 20.35 9.05 -60.39
CA LEU K 11 20.95 7.73 -60.57
C LEU K 11 20.42 6.70 -59.58
N ALA K 12 19.66 7.11 -58.58
CA ALA K 12 19.13 6.20 -57.57
C ALA K 12 17.67 5.88 -57.87
N ARG K 13 17.19 4.81 -57.26
CA ARG K 13 15.81 4.35 -57.39
C ARG K 13 15.20 4.14 -56.02
N PRO K 14 13.88 4.16 -55.93
CA PRO K 14 13.22 3.76 -54.68
C PRO K 14 13.35 2.26 -54.45
N TYR K 15 13.00 1.84 -53.24
CA TYR K 15 13.07 0.43 -52.89
C TYR K 15 11.99 0.09 -51.88
N ILE K 16 11.69 -1.21 -51.79
CA ILE K 16 10.69 -1.73 -50.85
C ILE K 16 11.41 -2.34 -49.67
N ALA K 17 11.04 -1.91 -48.46
CA ALA K 17 11.70 -2.38 -47.25
C ALA K 17 10.68 -2.59 -46.14
N ASP K 18 11.10 -3.37 -45.15
CA ASP K 18 10.28 -3.66 -43.98
C ASP K 18 9.78 -2.38 -43.30
N CYS K 19 8.48 -2.35 -43.01
CA CYS K 19 7.86 -1.26 -42.26
C CYS K 19 7.13 -1.87 -41.08
N PRO K 20 7.47 -1.50 -39.84
CA PRO K 20 6.87 -2.20 -38.68
C PRO K 20 5.36 -2.15 -38.62
N ASN K 21 4.71 -1.09 -39.12
CA ASN K 21 3.26 -0.97 -39.05
C ASN K 21 2.69 -0.61 -40.41
N CYS K 22 3.22 -1.24 -41.45
CA CYS K 22 2.70 -1.08 -42.81
C CYS K 22 1.21 -1.37 -42.86
N GLY K 23 0.43 -0.32 -43.09
CA GLY K 23 -1.02 -0.44 -43.01
C GLY K 23 -1.50 -0.77 -41.60
N HIS K 24 -2.10 -1.94 -41.45
CA HIS K 24 -2.57 -2.43 -40.15
C HIS K 24 -1.76 -3.60 -39.61
N SER K 25 -0.83 -4.14 -40.38
CA SER K 25 -0.01 -5.26 -39.94
C SER K 25 1.29 -5.23 -40.71
N ARG K 26 2.38 -5.62 -40.04
CA ARG K 26 3.71 -5.55 -40.63
C ARG K 26 3.73 -6.11 -42.04
N CYS K 27 4.25 -5.32 -42.98
CA CYS K 27 4.37 -5.71 -44.38
C CYS K 27 5.43 -4.85 -45.04
N ASP K 28 5.90 -5.30 -46.20
CA ASP K 28 6.91 -4.57 -46.95
C ASP K 28 6.26 -3.38 -47.65
N SER K 29 6.53 -2.18 -47.15
CA SER K 29 5.96 -0.95 -47.65
C SER K 29 6.88 -0.30 -48.67
N PRO K 30 6.35 0.21 -49.79
CA PRO K 30 7.20 0.96 -50.73
C PRO K 30 7.63 2.32 -50.20
N ILE K 31 7.07 2.78 -49.08
CA ILE K 31 7.41 4.07 -48.52
C ILE K 31 7.91 3.90 -47.09
N ALA K 32 8.61 2.79 -46.83
CA ALA K 32 9.13 2.51 -45.50
C ALA K 32 9.95 3.69 -44.98
N ILE K 33 9.76 4.00 -43.69
CA ILE K 33 10.45 5.10 -43.05
C ILE K 33 11.78 4.61 -42.50
N GLU K 34 12.87 5.22 -42.95
CA GLU K 34 14.21 4.82 -42.53
C GLU K 34 14.70 5.59 -41.32
N GLU K 35 14.38 6.88 -41.22
CA GLU K 35 14.89 7.71 -40.15
C GLU K 35 13.94 8.87 -39.94
N VAL K 36 13.84 9.30 -38.68
CA VAL K 36 13.10 10.51 -38.33
C VAL K 36 14.05 11.41 -37.56
N ARG K 37 14.38 12.57 -38.14
CA ARG K 37 15.19 13.58 -37.50
C ARG K 37 14.24 14.61 -36.91
N GLY K 38 14.17 14.67 -35.58
CA GLY K 38 13.26 15.59 -34.92
C GLY K 38 13.90 16.45 -33.85
N ASP K 39 15.14 16.88 -34.07
CA ASP K 39 15.87 17.65 -33.08
C ASP K 39 15.74 19.15 -33.28
N ALA K 40 14.97 19.60 -34.27
CA ALA K 40 14.73 21.02 -34.45
C ALA K 40 13.74 21.55 -33.43
N HIS K 41 13.80 22.86 -33.22
CA HIS K 41 12.95 23.54 -32.24
C HIS K 41 11.48 23.63 -32.65
N ALA K 42 11.16 24.37 -33.72
CA ALA K 42 9.77 24.66 -34.04
C ALA K 42 9.03 23.45 -34.62
N GLY K 43 9.21 22.28 -34.03
CA GLY K 43 8.49 21.09 -34.46
C GLY K 43 8.72 20.66 -35.89
N VAL K 44 9.78 21.15 -36.54
CA VAL K 44 10.11 20.74 -37.91
C VAL K 44 10.92 19.46 -37.86
N ILE K 45 10.48 18.44 -38.58
CA ILE K 45 11.15 17.15 -38.60
C ILE K 45 11.43 16.75 -40.05
N ARG K 46 12.50 15.99 -40.25
CA ARG K 46 12.87 15.45 -41.55
C ARG K 46 12.76 13.93 -41.51
N ILE K 47 11.96 13.39 -42.43
CA ILE K 47 11.69 11.95 -42.50
C ILE K 47 12.29 11.43 -43.79
N GLN K 48 13.15 10.42 -43.67
CA GLN K 48 13.71 9.73 -44.83
C GLN K 48 12.90 8.48 -45.12
N THR K 49 12.44 8.34 -46.36
CA THR K 49 11.66 7.20 -46.78
C THR K 49 12.35 6.49 -47.94
N SER K 50 11.85 5.30 -48.25
CA SER K 50 12.33 4.53 -49.40
C SER K 50 11.77 5.02 -50.73
N ALA K 51 10.77 5.89 -50.71
CA ALA K 51 10.19 6.41 -51.93
C ALA K 51 10.98 7.62 -52.40
N MET K 52 10.93 7.87 -53.71
CA MET K 52 11.64 9.00 -54.31
C MET K 52 10.63 10.08 -54.69
N PHE K 53 10.77 11.25 -54.09
CA PHE K 53 9.88 12.38 -54.33
C PHE K 53 10.57 13.41 -55.21
N GLY K 54 9.84 13.92 -56.20
CA GLY K 54 10.37 14.87 -57.13
C GLY K 54 11.12 14.29 -58.31
N LEU K 55 11.19 12.96 -58.44
CA LEU K 55 11.86 12.33 -59.56
C LEU K 55 10.93 11.33 -60.23
N LYS K 56 10.93 11.33 -61.56
CA LYS K 56 10.16 10.38 -62.35
C LYS K 56 11.10 9.74 -63.36
N THR K 57 10.70 8.56 -63.84
CA THR K 57 11.54 7.85 -64.81
C THR K 57 11.85 8.73 -66.01
N ASP K 58 10.95 9.66 -66.35
CA ASP K 58 11.15 10.56 -67.47
C ASP K 58 12.03 11.76 -67.13
N GLY K 59 12.30 12.03 -65.87
CA GLY K 59 13.12 13.18 -65.51
C GLY K 59 12.73 13.74 -64.14
N VAL K 60 13.00 15.02 -63.96
CA VAL K 60 12.75 15.73 -62.71
C VAL K 60 11.42 16.48 -62.82
N ASP K 61 10.61 16.36 -61.77
CA ASP K 61 9.36 17.12 -61.69
C ASP K 61 8.88 17.05 -60.24
N LEU K 62 8.86 18.19 -59.56
CA LEU K 62 8.50 18.21 -58.15
C LEU K 62 7.06 17.76 -57.91
N ALA K 63 6.21 17.75 -58.94
CA ALA K 63 4.85 17.28 -58.79
C ALA K 63 4.75 15.76 -58.84
N TYR K 64 5.80 15.06 -59.25
CA TYR K 64 5.77 13.62 -59.44
C TYR K 64 6.68 12.93 -58.41
N MET K 65 6.34 11.68 -58.11
CA MET K 65 7.12 10.85 -57.21
C MET K 65 7.23 9.46 -57.81
N SER K 66 8.30 8.75 -57.46
CA SER K 66 8.52 7.39 -57.90
C SER K 66 8.58 6.44 -56.72
N PHE K 67 7.98 5.27 -56.89
CA PHE K 67 7.98 4.22 -55.89
C PHE K 67 8.04 2.88 -56.60
N MET K 68 8.52 1.86 -55.89
CA MET K 68 8.61 0.53 -56.47
C MET K 68 7.30 -0.22 -56.39
N ASN K 69 6.84 -0.71 -57.54
CA ASN K 69 5.68 -1.57 -57.65
C ASN K 69 6.20 -2.97 -57.95
N GLY K 70 6.61 -3.66 -56.89
CA GLY K 70 7.34 -4.91 -57.06
C GLY K 70 8.68 -4.69 -57.73
N LYS K 71 8.92 -5.40 -58.85
CA LYS K 71 10.15 -5.21 -59.61
C LYS K 71 10.13 -4.00 -60.52
N THR K 72 8.95 -3.42 -60.79
CA THR K 72 8.83 -2.32 -61.74
C THR K 72 8.65 -1.00 -61.01
N GLN K 73 9.48 -0.02 -61.34
CA GLN K 73 9.38 1.31 -60.76
C GLN K 73 8.27 2.08 -61.50
N LYS K 74 7.28 2.55 -60.75
CA LYS K 74 6.18 3.34 -61.29
C LYS K 74 6.28 4.77 -60.78
N SER K 75 6.20 5.72 -61.71
CA SER K 75 6.25 7.15 -61.38
C SER K 75 4.83 7.72 -61.50
N ILE K 76 4.33 8.28 -60.41
CA ILE K 76 2.97 8.79 -60.33
C ILE K 76 3.00 10.22 -59.83
N LYS K 77 1.98 10.99 -60.20
CA LYS K 77 1.78 12.31 -59.63
C LYS K 77 1.49 12.21 -58.14
N ILE K 78 2.16 13.06 -57.35
CA ILE K 78 1.94 13.07 -55.91
C ILE K 78 0.46 13.29 -55.63
N ASP K 79 -0.16 12.35 -54.94
CA ASP K 79 -1.59 12.41 -54.63
C ASP K 79 -1.79 12.21 -53.13
N ASN K 80 -2.20 13.27 -52.44
CA ASN K 80 -2.45 13.25 -51.00
C ASN K 80 -1.26 12.68 -50.24
N LEU K 81 -0.04 13.04 -50.65
CA LEU K 81 1.12 12.75 -49.83
C LEU K 81 0.97 13.46 -48.50
N HIS K 82 0.94 12.69 -47.40
CA HIS K 82 0.66 13.28 -46.10
C HIS K 82 1.58 12.68 -45.04
N VAL K 83 1.81 13.47 -44.00
CA VAL K 83 2.59 13.07 -42.82
C VAL K 83 1.77 13.43 -41.60
N ARG K 84 1.65 12.50 -40.65
CA ARG K 84 0.92 12.79 -39.43
C ARG K 84 1.53 12.04 -38.26
N THR K 85 1.56 12.69 -37.10
CA THR K 85 2.02 12.06 -35.86
C THR K 85 0.83 11.91 -34.91
N SER K 86 0.29 13.02 -34.41
CA SER K 86 -0.96 13.04 -33.68
C SER K 86 -2.02 13.82 -34.42
N ALA K 87 -1.63 14.59 -35.43
CA ALA K 87 -2.53 15.35 -36.27
C ALA K 87 -1.81 15.62 -37.58
N PRO K 88 -2.53 16.02 -38.63
CA PRO K 88 -1.87 16.25 -39.91
C PRO K 88 -0.74 17.26 -39.81
N CYS K 89 0.35 16.96 -40.51
CA CYS K 89 1.52 17.83 -40.56
C CYS K 89 1.50 18.65 -41.85
N SER K 90 1.95 19.90 -41.74
CA SER K 90 2.12 20.73 -42.92
C SER K 90 3.42 20.34 -43.62
N LEU K 91 3.32 19.91 -44.88
CA LEU K 91 4.52 19.59 -45.64
C LEU K 91 5.24 20.86 -46.06
N VAL K 92 6.55 20.90 -45.83
CA VAL K 92 7.38 22.04 -46.21
C VAL K 92 7.89 21.80 -47.62
N SER K 93 8.59 20.68 -47.83
CA SER K 93 9.11 20.32 -49.14
C SER K 93 9.55 18.88 -49.09
N HIS K 94 9.84 18.33 -50.27
CA HIS K 94 10.28 16.95 -50.39
C HIS K 94 11.39 16.88 -51.44
N HIS K 95 12.35 15.98 -51.22
CA HIS K 95 13.48 15.83 -52.13
C HIS K 95 14.06 14.45 -51.97
N GLY K 96 14.07 13.67 -53.04
CA GLY K 96 14.58 12.32 -53.01
C GLY K 96 13.92 11.46 -51.96
N TYR K 97 14.72 10.87 -51.07
CA TYR K 97 14.21 10.05 -49.99
C TYR K 97 13.61 10.86 -48.85
N TYR K 98 13.87 12.17 -48.78
CA TYR K 98 13.57 12.96 -47.60
C TYR K 98 12.29 13.77 -47.75
N ILE K 99 11.51 13.80 -46.67
CA ILE K 99 10.30 14.61 -46.57
C ILE K 99 10.47 15.55 -45.38
N LEU K 100 10.25 16.84 -45.60
CA LEU K 100 10.31 17.84 -44.55
C LEU K 100 8.91 18.27 -44.17
N ALA K 101 8.55 18.11 -42.90
CA ALA K 101 7.21 18.43 -42.44
C ALA K 101 7.26 19.05 -41.06
N GLN K 102 6.28 19.91 -40.77
CA GLN K 102 6.09 20.50 -39.45
C GLN K 102 4.98 19.74 -38.73
N CYS K 103 5.34 18.96 -37.72
CA CYS K 103 4.39 18.10 -37.02
C CYS K 103 4.23 18.53 -35.57
N PRO K 104 3.03 18.39 -35.02
CA PRO K 104 2.86 18.59 -33.58
C PRO K 104 3.38 17.39 -32.82
N PRO K 105 3.50 17.50 -31.50
CA PRO K 105 4.01 16.36 -30.71
C PRO K 105 3.16 15.11 -30.92
N GLY K 106 3.82 13.96 -30.82
CA GLY K 106 3.12 12.70 -30.96
C GLY K 106 4.08 11.55 -30.71
N ASP K 107 3.48 10.38 -30.51
CA ASP K 107 4.25 9.16 -30.24
C ASP K 107 4.52 8.34 -31.49
N THR K 108 4.00 8.77 -32.64
CA THR K 108 4.17 8.02 -33.88
C THR K 108 4.45 8.99 -35.02
N VAL K 109 5.02 8.46 -36.09
CA VAL K 109 5.23 9.21 -37.32
C VAL K 109 4.67 8.37 -38.46
N THR K 110 3.58 8.83 -39.06
CA THR K 110 2.92 8.13 -40.14
C THR K 110 3.13 8.88 -41.44
N VAL K 111 3.63 8.18 -42.45
CA VAL K 111 3.83 8.74 -43.78
C VAL K 111 3.11 7.85 -44.77
N GLY K 112 2.41 8.47 -45.72
CA GLY K 112 1.72 7.69 -46.72
C GLY K 112 1.34 8.51 -47.92
N PHE K 113 0.94 7.81 -48.97
CA PHE K 113 0.56 8.42 -50.23
C PHE K 113 -0.46 7.52 -50.91
N HIS K 114 -1.19 8.09 -51.86
CA HIS K 114 -2.21 7.36 -52.59
C HIS K 114 -1.77 7.13 -54.04
N ASP K 115 -2.18 5.99 -54.57
CA ASP K 115 -1.94 5.62 -55.97
C ASP K 115 -3.25 5.04 -56.49
N GLY K 116 -4.13 5.92 -56.99
CA GLY K 116 -5.44 5.51 -57.44
C GLY K 116 -6.24 4.87 -56.31
N PRO K 117 -6.66 3.62 -56.49
CA PRO K 117 -7.40 2.94 -55.42
C PRO K 117 -6.53 2.40 -54.29
N ASN K 118 -5.20 2.38 -54.45
CA ASN K 118 -4.30 1.84 -53.44
C ASN K 118 -3.92 2.90 -52.42
N ARG K 119 -3.67 2.45 -51.19
CA ARG K 119 -3.21 3.31 -50.11
C ARG K 119 -1.96 2.68 -49.49
N HIS K 120 -0.88 3.46 -49.44
CA HIS K 120 0.39 3.01 -48.86
C HIS K 120 0.69 3.87 -47.63
N THR K 121 0.70 3.23 -46.46
CA THR K 121 0.93 3.92 -45.20
C THR K 121 1.98 3.16 -44.40
N CYS K 122 2.97 3.89 -43.89
CA CYS K 122 3.99 3.32 -43.01
C CYS K 122 4.03 4.14 -41.72
N THR K 123 3.89 3.47 -40.58
CA THR K 123 3.91 4.10 -39.27
C THR K 123 5.03 3.50 -38.44
N VAL K 124 5.85 4.36 -37.83
CA VAL K 124 6.95 3.93 -36.99
C VAL K 124 6.81 4.59 -35.63
N ALA K 125 7.13 3.83 -34.58
CA ALA K 125 7.16 4.38 -33.22
C ALA K 125 8.34 5.33 -33.07
N HIS K 126 8.06 6.61 -32.86
CA HIS K 126 9.10 7.62 -32.75
C HIS K 126 8.50 8.82 -32.04
N LYS K 127 9.07 9.19 -30.89
CA LYS K 127 8.53 10.29 -30.10
C LYS K 127 8.90 11.61 -30.76
N VAL K 128 7.89 12.28 -31.32
CA VAL K 128 8.05 13.62 -31.87
C VAL K 128 7.55 14.60 -30.81
N GLU K 129 8.38 15.54 -30.42
CA GLU K 129 8.03 16.50 -29.38
C GLU K 129 8.41 17.90 -29.82
N PHE K 130 7.62 18.86 -29.35
CA PHE K 130 7.87 20.26 -29.65
C PHE K 130 8.94 20.80 -28.71
N ARG K 131 9.92 21.51 -29.26
CA ARG K 131 11.04 22.02 -28.49
C ARG K 131 10.99 23.54 -28.45
N PRO K 132 10.45 24.15 -27.40
CA PRO K 132 10.37 25.61 -27.36
C PRO K 132 11.75 26.26 -27.34
N VAL K 133 11.82 27.45 -27.94
CA VAL K 133 13.03 28.25 -27.95
C VAL K 133 12.99 29.25 -26.80
N GLY K 134 13.99 29.21 -25.93
CA GLY K 134 14.08 30.16 -24.85
C GLY K 134 13.60 29.66 -23.52
N ARG K 135 13.14 30.60 -22.67
CA ARG K 135 12.83 30.32 -21.28
C ARG K 135 11.33 30.22 -21.02
N GLU K 136 10.53 30.00 -22.06
CA GLU K 136 9.09 29.81 -21.92
C GLU K 136 8.68 28.60 -22.75
N LYS K 137 7.92 27.70 -22.12
CA LYS K 137 7.53 26.46 -22.78
C LYS K 137 6.20 26.65 -23.52
N TYR K 138 6.28 27.41 -24.61
CA TYR K 138 5.12 27.56 -25.47
C TYR K 138 4.89 26.27 -26.25
N ARG K 139 3.64 26.04 -26.63
CA ARG K 139 3.24 24.82 -27.31
C ARG K 139 2.99 25.00 -28.81
N HIS K 140 3.12 26.23 -29.32
CA HIS K 140 2.93 26.47 -30.75
C HIS K 140 3.64 27.77 -31.09
N PRO K 141 4.31 27.86 -32.23
CA PRO K 141 4.98 29.11 -32.58
C PRO K 141 4.03 30.29 -32.45
N PRO K 142 4.35 31.26 -31.60
CA PRO K 142 3.44 32.40 -31.41
C PRO K 142 3.41 33.31 -32.62
N GLU K 143 2.32 34.07 -32.71
CA GLU K 143 2.19 35.06 -33.77
C GLU K 143 3.12 36.25 -33.57
N HIS K 144 3.55 36.50 -32.34
CA HIS K 144 4.42 37.64 -32.04
C HIS K 144 5.22 37.32 -30.79
N GLY K 145 6.31 38.05 -30.60
CA GLY K 145 7.12 37.86 -29.41
C GLY K 145 8.55 38.35 -29.63
N VAL K 146 9.48 37.66 -28.97
CA VAL K 146 10.91 37.96 -29.04
C VAL K 146 11.58 36.98 -29.99
N GLU K 147 12.32 37.51 -30.96
CA GLU K 147 13.04 36.70 -31.93
C GLU K 147 14.33 36.16 -31.33
N LEU K 148 14.42 34.84 -31.17
CA LEU K 148 15.59 34.19 -30.60
C LEU K 148 16.24 33.24 -31.60
N PRO K 149 17.56 33.09 -31.58
CA PRO K 149 18.21 32.12 -32.46
C PRO K 149 17.80 30.69 -32.13
N CYS K 150 17.65 29.87 -33.18
CA CYS K 150 17.18 28.50 -33.03
C CYS K 150 17.75 27.63 -34.14
N ASN K 151 17.69 26.32 -33.92
CA ASN K 151 18.14 25.32 -34.89
C ASN K 151 16.96 24.80 -35.69
N ARG K 152 17.02 24.94 -37.01
CA ARG K 152 15.96 24.51 -37.91
C ARG K 152 16.55 23.74 -39.07
N TYR K 153 15.77 22.78 -39.58
CA TYR K 153 16.10 22.13 -40.84
C TYR K 153 15.66 23.03 -41.99
N THR K 154 16.62 23.49 -42.78
CA THR K 154 16.30 24.41 -43.86
C THR K 154 15.40 23.74 -44.89
N HIS K 155 14.52 24.53 -45.50
CA HIS K 155 13.57 24.00 -46.46
C HIS K 155 14.15 23.82 -47.85
N LYS K 156 15.37 24.29 -48.11
CA LYS K 156 15.92 24.19 -49.45
C LYS K 156 16.63 22.88 -49.71
N ARG K 157 16.71 22.52 -50.98
CA ARG K 157 17.27 21.26 -51.47
C ARG K 157 18.77 21.31 -51.71
N ALA K 158 19.41 22.47 -51.61
CA ALA K 158 20.80 22.60 -52.03
C ALA K 158 21.73 21.76 -51.17
N ASP K 159 22.83 21.32 -51.79
CA ASP K 159 23.86 20.54 -51.11
C ASP K 159 24.64 21.45 -50.16
N GLN K 160 24.69 21.08 -48.88
CA GLN K 160 25.38 21.86 -47.86
C GLN K 160 26.43 21.03 -47.12
N GLY K 161 27.01 20.04 -47.80
CA GLY K 161 28.10 19.26 -47.24
C GLY K 161 27.72 18.03 -46.45
N HIS K 162 26.45 17.64 -46.45
CA HIS K 162 26.01 16.40 -45.79
C HIS K 162 25.59 15.41 -46.86
N TYR K 163 26.15 14.20 -46.80
CA TYR K 163 25.91 13.17 -47.81
C TYR K 163 25.61 11.83 -47.15
N VAL K 164 24.91 11.00 -47.91
CA VAL K 164 24.68 9.60 -47.57
C VAL K 164 25.16 8.77 -48.76
N GLU K 165 25.56 7.53 -48.47
CA GLU K 165 26.12 6.67 -49.50
C GLU K 165 25.03 5.85 -50.16
N MET K 166 25.09 5.76 -51.49
CA MET K 166 24.20 4.90 -52.27
C MET K 166 25.02 3.74 -52.80
N HIS K 167 24.52 2.53 -52.57
CA HIS K 167 25.23 1.30 -52.90
C HIS K 167 24.46 0.52 -53.97
N GLN K 168 25.19 -0.29 -54.72
CA GLN K 168 24.55 -1.20 -55.66
C GLN K 168 23.59 -2.12 -54.92
N PRO K 169 22.33 -2.22 -55.34
CA PRO K 169 21.38 -3.04 -54.59
C PRO K 169 21.80 -4.49 -54.54
N GLY K 170 21.48 -5.13 -53.42
CA GLY K 170 21.77 -6.54 -53.26
C GLY K 170 20.83 -7.40 -54.08
N LEU K 171 20.99 -8.70 -53.91
CA LEU K 171 20.11 -9.66 -54.56
C LEU K 171 18.65 -9.41 -54.16
N VAL K 172 17.80 -9.24 -55.16
CA VAL K 172 16.37 -8.99 -54.96
C VAL K 172 15.63 -10.29 -55.23
N ALA K 173 15.29 -11.02 -54.17
CA ALA K 173 14.58 -12.28 -54.33
C ALA K 173 13.17 -12.03 -54.87
N ASP K 174 12.78 -12.80 -55.89
CA ASP K 174 11.47 -12.62 -56.52
C ASP K 174 11.06 -13.95 -57.14
N HIS K 175 10.18 -14.68 -56.45
CA HIS K 175 9.72 -15.99 -56.91
C HIS K 175 8.90 -15.90 -58.19
N SER K 176 8.42 -14.72 -58.57
CA SER K 176 7.59 -14.61 -59.76
C SER K 176 8.36 -14.85 -61.05
N LEU K 177 9.70 -14.94 -60.98
CA LEU K 177 10.49 -15.29 -62.15
C LEU K 177 10.38 -16.77 -62.49
N LEU K 178 9.96 -17.61 -61.55
CA LEU K 178 9.90 -19.04 -61.73
C LEU K 178 8.48 -19.46 -62.12
N SER K 179 8.38 -20.29 -63.16
CA SER K 179 7.10 -20.80 -63.63
C SER K 179 7.24 -22.28 -63.96
N ILE K 180 6.16 -23.03 -63.74
CA ILE K 180 6.20 -24.48 -63.94
C ILE K 180 6.47 -24.81 -65.40
N HIS K 181 5.95 -24.01 -66.33
CA HIS K 181 6.14 -24.20 -67.76
C HIS K 181 5.75 -25.64 -68.11
N SER K 182 6.55 -26.37 -68.89
CA SER K 182 6.28 -27.77 -69.22
C SER K 182 6.77 -28.72 -68.12
N ALA K 183 6.24 -28.51 -66.91
CA ALA K 183 6.64 -29.29 -65.74
C ALA K 183 8.14 -29.13 -65.45
N LYS K 184 8.70 -28.00 -65.87
CA LYS K 184 10.12 -27.71 -65.68
C LYS K 184 10.23 -26.24 -65.32
N VAL K 185 10.60 -25.95 -64.07
CA VAL K 185 10.76 -24.59 -63.59
C VAL K 185 11.56 -23.79 -64.61
N LYS K 186 10.95 -22.74 -65.14
CA LYS K 186 11.60 -21.86 -66.11
C LYS K 186 11.94 -20.54 -65.43
N ILE K 187 13.18 -20.09 -65.61
CA ILE K 187 13.63 -18.82 -65.06
C ILE K 187 13.48 -17.76 -66.14
N THR K 188 12.50 -16.86 -65.96
CA THR K 188 12.28 -15.77 -66.88
C THR K 188 13.16 -14.60 -66.49
N VAL K 189 13.92 -14.07 -67.46
CA VAL K 189 14.86 -12.98 -67.24
C VAL K 189 14.26 -11.72 -67.84
N PRO K 190 13.91 -10.71 -67.02
CA PRO K 190 13.45 -9.44 -67.59
C PRO K 190 14.52 -8.82 -68.49
N SER K 191 14.06 -8.12 -69.52
CA SER K 191 14.96 -7.50 -70.48
C SER K 191 15.97 -6.59 -69.79
N GLY K 192 17.25 -6.78 -70.13
CA GLY K 192 18.33 -6.00 -69.58
C GLY K 192 18.80 -6.39 -68.20
N ALA K 193 18.14 -7.32 -67.53
CA ALA K 193 18.53 -7.76 -66.20
C ALA K 193 19.11 -9.17 -66.26
N GLN K 194 19.66 -9.60 -65.12
CA GLN K 194 20.13 -10.98 -64.94
C GLN K 194 19.41 -11.59 -63.76
N VAL K 195 19.15 -12.90 -63.85
CA VAL K 195 18.49 -13.63 -62.79
C VAL K 195 19.46 -14.68 -62.25
N LYS K 196 19.85 -14.53 -60.98
CA LYS K 196 20.55 -15.59 -60.28
C LYS K 196 19.54 -16.61 -59.78
N TYR K 197 19.80 -17.87 -60.05
CA TYR K 197 18.91 -18.96 -59.68
C TYR K 197 19.66 -19.98 -58.83
N TYR K 198 18.97 -20.52 -57.83
CA TYR K 198 19.53 -21.53 -56.95
C TYR K 198 18.49 -22.61 -56.69
N CYS K 199 18.67 -23.78 -57.29
CA CYS K 199 17.78 -24.91 -57.14
C CYS K 199 18.54 -26.05 -56.49
N LYS K 200 18.09 -26.47 -55.31
CA LYS K 200 18.78 -27.49 -54.53
C LYS K 200 18.03 -28.82 -54.56
N CYS K 201 17.49 -29.17 -55.72
CA CYS K 201 16.95 -30.49 -55.97
C CYS K 201 18.12 -31.47 -55.88
N PRO K 202 17.88 -32.78 -55.81
CA PRO K 202 19.02 -33.72 -55.86
C PRO K 202 20.00 -33.39 -56.97
N ASP K 203 19.50 -32.93 -58.12
CA ASP K 203 20.34 -32.36 -59.17
C ASP K 203 20.48 -30.87 -58.91
N VAL K 204 21.42 -30.52 -58.04
CA VAL K 204 21.61 -29.13 -57.63
C VAL K 204 22.10 -28.32 -58.84
N ARG K 205 21.36 -27.26 -59.17
CA ARG K 205 21.69 -26.37 -60.27
C ARG K 205 21.72 -24.95 -59.74
N LYS K 206 22.78 -24.22 -60.07
CA LYS K 206 22.91 -22.82 -59.69
C LYS K 206 23.70 -22.09 -60.74
N GLY K 207 23.56 -20.76 -60.74
CA GLY K 207 24.33 -19.93 -61.63
C GLY K 207 23.58 -18.64 -61.93
N ILE K 208 24.16 -17.85 -62.83
CA ILE K 208 23.61 -16.58 -63.25
C ILE K 208 23.26 -16.69 -64.73
N THR K 209 21.98 -16.55 -65.05
CA THR K 209 21.49 -16.65 -66.42
C THR K 209 21.04 -15.27 -66.91
N SER K 210 21.44 -14.93 -68.13
CA SER K 210 21.03 -13.70 -68.77
C SER K 210 19.85 -13.89 -69.72
N SER K 211 19.35 -15.12 -69.83
CA SER K 211 18.28 -15.45 -70.77
C SER K 211 17.43 -16.54 -70.15
N ASP K 212 16.22 -16.71 -70.68
CA ASP K 212 15.32 -17.74 -70.18
C ASP K 212 16.04 -19.08 -70.11
N HIS K 213 15.94 -19.73 -68.95
CA HIS K 213 16.62 -20.98 -68.68
C HIS K 213 15.63 -21.98 -68.09
N THR K 214 15.62 -23.18 -68.65
CA THR K 214 14.80 -24.28 -68.13
C THR K 214 15.69 -25.18 -67.25
N THR K 215 15.38 -25.22 -65.95
CA THR K 215 16.15 -26.03 -65.02
C THR K 215 15.59 -27.45 -64.93
N THR K 216 16.39 -28.33 -64.33
CA THR K 216 15.96 -29.71 -64.10
C THR K 216 14.78 -29.80 -63.14
N CYS K 217 14.79 -29.00 -62.07
CA CYS K 217 13.71 -29.05 -61.09
C CYS K 217 12.34 -28.85 -61.73
N THR K 218 11.36 -29.55 -61.16
CA THR K 218 9.97 -29.50 -61.61
C THR K 218 9.07 -28.58 -60.78
N ASP K 219 9.47 -28.18 -59.58
CA ASP K 219 8.61 -27.43 -58.68
C ASP K 219 9.26 -26.10 -58.30
N VAL K 220 8.50 -25.02 -58.47
CA VAL K 220 8.96 -23.67 -58.17
C VAL K 220 9.56 -23.57 -56.77
N LYS K 221 8.90 -24.20 -55.78
CA LYS K 221 9.37 -24.09 -54.40
C LYS K 221 10.81 -24.58 -54.24
N GLN K 222 11.30 -25.44 -55.15
CA GLN K 222 12.66 -25.93 -55.04
C GLN K 222 13.71 -24.92 -55.47
N CYS K 223 13.33 -23.85 -56.16
CA CYS K 223 14.27 -22.85 -56.63
C CYS K 223 14.00 -21.48 -56.02
N ARG K 224 15.05 -20.67 -55.95
CA ARG K 224 14.99 -19.27 -55.57
C ARG K 224 15.62 -18.46 -56.68
N ALA K 225 14.89 -17.46 -57.18
CA ALA K 225 15.38 -16.57 -58.21
C ALA K 225 15.63 -15.19 -57.63
N TYR K 226 16.83 -14.67 -57.82
CA TYR K 226 17.22 -13.34 -57.35
C TYR K 226 17.49 -12.46 -58.57
N LEU K 227 16.78 -11.33 -58.65
CA LEU K 227 16.95 -10.40 -59.74
C LEU K 227 18.17 -9.52 -59.52
N ILE K 228 19.05 -9.47 -60.52
CA ILE K 228 20.23 -8.60 -60.51
C ILE K 228 20.01 -7.52 -61.55
N ASP K 229 19.72 -6.31 -61.08
CA ASP K 229 19.50 -5.15 -61.95
C ASP K 229 20.15 -3.96 -61.28
N ASN K 230 21.35 -3.61 -61.73
CA ASN K 230 22.16 -2.56 -61.12
C ASN K 230 22.12 -1.26 -61.89
N LYS K 231 21.13 -1.06 -62.77
CA LYS K 231 21.04 0.19 -63.50
C LYS K 231 20.89 1.36 -62.54
N LYS K 232 20.17 1.17 -61.44
CA LYS K 232 19.94 2.18 -60.44
C LYS K 232 20.53 1.70 -59.12
N TRP K 233 21.09 2.63 -58.35
CA TRP K 233 21.63 2.30 -57.03
C TRP K 233 20.61 2.64 -55.96
N VAL K 234 20.85 2.11 -54.76
CA VAL K 234 19.96 2.34 -53.63
C VAL K 234 20.78 2.75 -52.42
N TYR K 235 20.13 3.51 -51.53
CA TYR K 235 20.73 3.83 -50.24
C TYR K 235 21.04 2.54 -49.49
N ASN K 236 22.17 2.52 -48.79
CA ASN K 236 22.57 1.32 -48.07
C ASN K 236 21.70 1.14 -46.82
N SER K 237 20.41 0.95 -47.05
CA SER K 237 19.45 0.83 -45.96
C SER K 237 19.74 -0.39 -45.10
N GLY K 238 19.57 -0.23 -43.80
CA GLY K 238 19.70 -1.36 -42.91
C GLY K 238 18.63 -2.42 -43.08
N ARG K 239 17.65 -2.17 -43.96
CA ARG K 239 16.57 -3.10 -44.21
C ARG K 239 16.74 -3.86 -45.53
N LEU K 240 17.85 -3.67 -46.23
CA LEU K 240 18.13 -4.37 -47.48
C LEU K 240 19.35 -5.26 -47.33
N PRO K 241 19.35 -6.45 -47.91
CA PRO K 241 20.55 -7.29 -47.87
C PRO K 241 21.68 -6.68 -48.70
N ARG K 242 22.87 -6.63 -48.09
CA ARG K 242 24.06 -6.11 -48.77
C ARG K 242 24.46 -7.00 -49.95
N GLY K 243 24.91 -6.35 -51.02
CA GLY K 243 25.47 -7.07 -52.15
C GLY K 243 26.88 -7.55 -51.88
N GLU K 244 27.43 -8.28 -52.85
CA GLU K 244 28.78 -8.82 -52.76
C GLU K 244 29.82 -7.83 -53.28
N GLY K 245 30.97 -7.80 -52.61
CA GLY K 245 32.08 -6.95 -52.98
C GLY K 245 31.93 -5.51 -52.53
N ASP K 246 32.62 -4.62 -53.24
CA ASP K 246 32.54 -3.18 -53.00
C ASP K 246 31.28 -2.64 -53.66
N THR K 247 30.20 -2.59 -52.87
CA THR K 247 28.92 -2.13 -53.38
C THR K 247 28.80 -0.60 -53.35
N PHE K 248 29.75 0.10 -52.73
CA PHE K 248 29.72 1.56 -52.69
C PHE K 248 29.87 2.13 -54.11
N LYS K 249 28.85 2.88 -54.55
CA LYS K 249 28.85 3.46 -55.89
C LYS K 249 28.82 4.98 -55.93
N GLY K 250 28.35 5.67 -54.90
CA GLY K 250 28.35 7.12 -54.94
C GLY K 250 27.76 7.72 -53.69
N LYS K 251 27.75 9.05 -53.66
CA LYS K 251 27.21 9.83 -52.57
C LYS K 251 25.95 10.59 -52.98
N LEU K 252 24.99 10.65 -52.05
CA LEU K 252 23.77 11.43 -52.22
C LEU K 252 23.74 12.51 -51.15
N HIS K 253 23.67 13.77 -51.56
CA HIS K 253 23.59 14.86 -50.60
C HIS K 253 22.29 14.81 -49.80
N VAL K 254 22.39 15.24 -48.54
CA VAL K 254 21.21 15.41 -47.67
C VAL K 254 20.60 16.77 -47.98
N PRO K 255 19.35 16.85 -48.43
CA PRO K 255 18.80 18.14 -48.86
C PRO K 255 18.50 19.12 -47.73
N PHE K 256 17.84 18.66 -46.67
CA PHE K 256 17.38 19.55 -45.60
C PHE K 256 18.29 19.41 -44.38
N VAL K 257 19.47 20.01 -44.48
CA VAL K 257 20.47 19.98 -43.43
C VAL K 257 20.07 20.91 -42.29
N PRO K 258 20.45 20.62 -41.04
CA PRO K 258 20.19 21.57 -39.95
C PRO K 258 20.93 22.88 -40.15
N VAL K 259 20.25 24.00 -39.85
CA VAL K 259 20.82 25.33 -39.95
C VAL K 259 20.38 26.16 -38.75
N LYS K 260 21.17 27.19 -38.45
CA LYS K 260 20.79 28.20 -37.46
C LYS K 260 19.79 29.18 -38.07
N ALA K 261 18.70 29.43 -37.34
CA ALA K 261 17.65 30.31 -37.81
C ALA K 261 17.08 31.07 -36.62
N LYS K 262 16.23 32.04 -36.91
CA LYS K 262 15.54 32.84 -35.91
C LYS K 262 14.12 32.34 -35.69
N CYS K 263 13.80 32.01 -34.44
CA CYS K 263 12.46 31.59 -34.04
C CYS K 263 11.84 32.65 -33.13
N ILE K 264 10.54 32.87 -33.29
CA ILE K 264 9.80 33.81 -32.45
C ILE K 264 9.36 33.10 -31.17
N ALA K 265 9.90 33.53 -30.03
CA ALA K 265 9.52 33.01 -28.72
C ALA K 265 8.53 33.95 -28.05
N THR K 266 7.64 33.37 -27.25
CA THR K 266 6.63 34.14 -26.53
C THR K 266 7.27 35.09 -25.52
N LEU K 267 6.52 36.15 -25.19
CA LEU K 267 6.84 37.07 -24.12
C LEU K 267 5.73 37.00 -23.08
N ALA K 268 6.07 36.56 -21.88
CA ALA K 268 5.08 36.47 -20.82
C ALA K 268 4.63 37.87 -20.41
N PRO K 269 3.43 37.99 -19.82
CA PRO K 269 2.95 39.31 -19.38
C PRO K 269 3.89 39.95 -18.37
N GLU K 270 4.05 41.26 -18.48
CA GLU K 270 4.95 41.97 -17.58
C GLU K 270 4.46 41.82 -16.13
N PRO K 271 5.35 41.54 -15.18
CA PRO K 271 4.90 41.39 -13.80
C PRO K 271 4.44 42.70 -13.19
N LEU K 272 3.51 42.59 -12.24
CA LEU K 272 3.20 43.70 -11.37
C LEU K 272 4.23 43.74 -10.25
N VAL K 273 4.87 44.88 -10.06
CA VAL K 273 5.97 45.01 -9.12
C VAL K 273 5.52 45.89 -7.96
N GLU K 274 5.59 45.35 -6.75
CA GLU K 274 5.27 46.05 -5.52
C GLU K 274 6.53 46.11 -4.68
N HIS K 275 6.80 47.28 -4.08
CA HIS K 275 8.03 47.50 -3.35
C HIS K 275 7.76 47.61 -1.86
N LYS K 276 8.58 46.92 -1.07
CA LYS K 276 8.56 46.98 0.38
C LYS K 276 10.00 47.16 0.86
N HIS K 277 10.16 47.47 2.14
CA HIS K 277 11.49 47.68 2.69
C HIS K 277 12.38 46.46 2.44
N ARG K 278 13.44 46.67 1.66
CA ARG K 278 14.39 45.60 1.33
C ARG K 278 13.69 44.36 0.79
N THR K 279 12.52 44.52 0.16
CA THR K 279 11.80 43.39 -0.38
C THR K 279 11.18 43.77 -1.72
N LEU K 280 11.31 42.87 -2.69
CA LEU K 280 10.71 43.00 -4.00
C LEU K 280 9.59 41.98 -4.12
N ILE K 281 8.37 42.44 -4.37
CA ILE K 281 7.21 41.58 -4.50
C ILE K 281 6.76 41.60 -5.95
N LEU K 282 6.77 40.43 -6.59
CA LEU K 282 6.36 40.26 -7.97
C LEU K 282 5.08 39.45 -8.04
N HIS K 283 4.09 39.95 -8.77
CA HIS K 283 2.87 39.21 -9.05
C HIS K 283 2.97 38.73 -10.49
N LEU K 284 3.15 37.43 -10.67
CA LEU K 284 3.41 36.83 -11.97
C LEU K 284 2.18 36.11 -12.46
N HIS K 285 1.76 36.43 -13.69
CA HIS K 285 0.58 35.83 -14.32
C HIS K 285 0.99 35.31 -15.69
N PRO K 286 1.70 34.18 -15.74
CA PRO K 286 2.15 33.65 -17.02
C PRO K 286 1.06 32.94 -17.79
N ASP K 287 1.26 32.89 -19.11
CA ASP K 287 0.39 32.12 -19.98
C ASP K 287 0.85 30.68 -20.15
N HIS K 288 2.16 30.47 -20.11
CA HIS K 288 2.80 29.17 -20.27
C HIS K 288 3.84 29.04 -19.16
N PRO K 289 4.24 27.81 -18.84
CA PRO K 289 5.31 27.65 -17.84
C PRO K 289 6.49 28.54 -18.15
N THR K 290 6.74 29.53 -17.29
CA THR K 290 7.74 30.56 -17.51
C THR K 290 8.82 30.45 -16.44
N LEU K 291 10.08 30.49 -16.86
CA LEU K 291 11.20 30.37 -15.95
C LEU K 291 11.53 31.71 -15.31
N LEU K 292 11.60 31.73 -13.98
CA LEU K 292 11.99 32.91 -13.22
C LEU K 292 13.30 32.59 -12.51
N THR K 293 14.32 33.42 -12.72
CA THR K 293 15.60 33.27 -12.06
C THR K 293 16.04 34.60 -11.47
N THR K 294 16.68 34.55 -10.31
CA THR K 294 17.18 35.73 -9.65
C THR K 294 18.52 35.42 -9.00
N ARG K 295 19.28 36.49 -8.76
CA ARG K 295 20.57 36.38 -8.09
C ARG K 295 20.92 37.73 -7.50
N SER K 296 21.52 37.73 -6.31
CA SER K 296 21.99 38.99 -5.76
C SER K 296 23.31 39.37 -6.41
N LEU K 297 23.63 40.66 -6.33
CA LEU K 297 24.84 41.21 -6.94
C LEU K 297 25.98 41.35 -5.94
N GLY K 298 25.90 40.65 -4.80
CA GLY K 298 26.93 40.71 -3.79
C GLY K 298 27.94 39.60 -3.93
N SER K 299 28.77 39.45 -2.89
CA SER K 299 29.81 38.44 -2.90
C SER K 299 29.24 37.02 -2.81
N ASP K 300 28.02 36.88 -2.32
CA ASP K 300 27.34 35.59 -2.20
C ASP K 300 26.04 35.69 -2.98
N ALA K 301 26.10 35.45 -4.28
CA ALA K 301 24.92 35.55 -5.15
C ALA K 301 24.06 34.32 -4.92
N ASN K 302 23.04 34.45 -4.09
CA ASN K 302 22.14 33.35 -3.79
C ASN K 302 21.21 33.14 -4.97
N PRO K 303 21.45 32.13 -5.80
CA PRO K 303 20.65 31.99 -7.03
C PRO K 303 19.31 31.34 -6.76
N THR K 304 18.34 31.70 -7.59
CA THR K 304 17.01 31.13 -7.57
C THR K 304 16.63 30.70 -8.97
N ARG K 305 16.00 29.53 -9.08
CA ARG K 305 15.55 29.02 -10.37
C ARG K 305 14.28 28.22 -10.13
N GLN K 306 13.16 28.68 -10.68
CA GLN K 306 11.90 27.97 -10.52
C GLN K 306 11.02 28.22 -11.73
N TRP K 307 10.26 27.22 -12.12
CA TRP K 307 9.31 27.32 -13.21
C TRP K 307 7.94 27.66 -12.64
N ILE K 308 7.34 28.73 -13.15
CA ILE K 308 6.06 29.22 -12.67
C ILE K 308 5.02 28.93 -13.75
N GLU K 309 4.06 28.06 -13.42
CA GLU K 309 3.05 27.62 -14.36
C GLU K 309 1.71 28.31 -14.18
N ARG K 310 1.43 28.82 -12.99
CA ARG K 310 0.15 29.46 -12.68
C ARG K 310 0.42 30.72 -11.89
N PRO K 311 -0.57 31.62 -11.80
CA PRO K 311 -0.36 32.87 -11.07
C PRO K 311 0.18 32.63 -9.67
N THR K 312 1.20 33.39 -9.30
CA THR K 312 1.84 33.22 -8.01
C THR K 312 2.51 34.52 -7.61
N THR K 313 2.78 34.65 -6.30
CA THR K 313 3.47 35.79 -5.74
C THR K 313 4.79 35.32 -5.15
N VAL K 314 5.89 35.97 -5.54
CA VAL K 314 7.23 35.63 -5.07
C VAL K 314 7.85 36.87 -4.45
N ASN K 315 8.44 36.71 -3.27
CA ASN K 315 9.06 37.81 -2.53
C ASN K 315 10.57 37.59 -2.52
N PHE K 316 11.31 38.56 -3.05
CA PHE K 316 12.77 38.49 -3.08
C PHE K 316 13.36 39.58 -2.19
N THR K 317 14.35 39.21 -1.40
CA THR K 317 15.05 40.16 -0.54
C THR K 317 16.06 40.96 -1.37
N VAL K 318 15.98 42.27 -1.30
CA VAL K 318 16.87 43.17 -2.02
C VAL K 318 17.61 44.02 -0.99
N THR K 319 18.93 44.08 -1.10
CA THR K 319 19.77 44.84 -0.20
C THR K 319 20.49 45.93 -0.99
N GLY K 320 21.36 46.67 -0.30
CA GLY K 320 22.13 47.70 -0.97
C GLY K 320 23.09 47.17 -2.01
N GLU K 321 23.34 45.86 -2.00
CA GLU K 321 24.18 45.25 -3.02
C GLU K 321 23.43 45.13 -4.34
N GLY K 322 22.12 44.93 -4.29
CA GLY K 322 21.29 44.81 -5.47
C GLY K 322 20.86 43.38 -5.72
N LEU K 323 19.86 43.26 -6.60
CA LEU K 323 19.34 41.97 -7.01
C LEU K 323 18.92 42.04 -8.46
N GLU K 324 19.19 40.96 -9.20
CA GLU K 324 18.82 40.84 -10.60
C GLU K 324 17.82 39.71 -10.75
N TYR K 325 16.75 39.95 -11.51
CA TYR K 325 15.76 38.93 -11.79
C TYR K 325 15.43 38.94 -13.27
N THR K 326 15.16 37.75 -13.80
CA THR K 326 14.81 37.58 -15.21
C THR K 326 13.50 36.81 -15.29
N TRP K 327 12.51 37.41 -15.93
CA TRP K 327 11.18 36.83 -16.05
C TRP K 327 10.97 36.38 -17.49
N GLY K 328 10.82 35.08 -17.69
CA GLY K 328 10.61 34.57 -19.04
C GLY K 328 11.73 35.00 -19.96
N ASN K 329 11.35 35.48 -21.14
CA ASN K 329 12.32 35.93 -22.13
C ASN K 329 12.58 37.44 -22.06
N HIS K 330 12.17 38.09 -20.98
CA HIS K 330 12.42 39.51 -20.83
C HIS K 330 13.87 39.77 -20.46
N PRO K 331 14.40 40.96 -20.79
CA PRO K 331 15.77 41.27 -20.40
C PRO K 331 15.90 41.29 -18.88
N PRO K 332 17.06 40.93 -18.36
CA PRO K 332 17.24 40.96 -16.90
C PRO K 332 17.06 42.37 -16.34
N LYS K 333 16.39 42.45 -15.20
CA LYS K 333 16.14 43.70 -14.51
C LYS K 333 16.94 43.73 -13.22
N ARG K 334 17.60 44.85 -12.95
CA ARG K 334 18.39 45.01 -11.74
C ARG K 334 17.74 46.06 -10.85
N VAL K 335 17.61 45.73 -9.56
CA VAL K 335 16.99 46.62 -8.59
C VAL K 335 17.85 46.68 -7.33
N TRP K 336 17.83 47.83 -6.66
CA TRP K 336 18.57 48.05 -5.44
C TRP K 336 17.65 48.66 -4.39
N ALA K 337 17.84 48.27 -3.13
CA ALA K 337 17.02 48.74 -2.02
C ALA K 337 17.71 49.90 -1.32
N GLN K 338 16.94 50.96 -1.06
CA GLN K 338 17.46 52.11 -0.32
C GLN K 338 17.26 51.91 1.18
N GLU K 339 17.97 52.71 1.96
CA GLU K 339 17.91 52.64 3.42
C GLU K 339 16.73 53.47 3.92
N SER K 340 15.53 52.99 3.60
CA SER K 340 14.28 53.67 3.90
C SER K 340 13.50 52.97 5.00
N GLY K 341 14.19 52.27 5.89
CA GLY K 341 13.50 51.50 6.91
C GLY K 341 12.67 52.37 7.84
N GLU K 342 11.69 51.71 8.47
CA GLU K 342 10.79 52.40 9.38
C GLU K 342 11.49 52.76 10.68
N GLY K 343 11.14 53.91 11.23
CA GLY K 343 11.72 54.38 12.48
C GLY K 343 12.10 55.84 12.45
N ASN K 344 12.60 56.36 13.57
CA ASN K 344 13.03 57.75 13.67
C ASN K 344 14.35 57.80 14.44
N PRO K 345 15.48 57.96 13.74
CA PRO K 345 16.77 58.00 14.44
C PRO K 345 16.96 59.22 15.33
N HIS K 346 16.10 60.23 15.23
CA HIS K 346 16.19 61.43 16.04
C HIS K 346 15.09 61.51 17.10
N GLY K 347 14.31 60.45 17.26
CA GLY K 347 13.16 60.45 18.14
C GLY K 347 13.46 59.91 19.53
N TRP K 348 12.42 59.38 20.17
CA TRP K 348 12.55 58.83 21.50
C TRP K 348 13.30 57.50 21.46
N PRO K 349 13.80 57.04 22.62
CA PRO K 349 14.59 55.79 22.63
C PRO K 349 13.93 54.62 21.94
N HIS K 350 12.62 54.45 22.08
CA HIS K 350 11.97 53.33 21.40
C HIS K 350 11.95 53.53 19.89
N GLU K 351 11.93 54.78 19.44
CA GLU K 351 11.93 55.03 18.01
C GLU K 351 13.33 54.87 17.43
N VAL K 352 14.35 55.23 18.20
CA VAL K 352 15.73 55.07 17.74
C VAL K 352 16.07 53.60 17.66
N VAL K 353 15.71 52.84 18.70
CA VAL K 353 15.98 51.42 18.70
C VAL K 353 15.23 50.73 17.56
N VAL K 354 13.98 51.14 17.31
CA VAL K 354 13.24 50.54 16.20
C VAL K 354 13.92 50.86 14.87
N TYR K 355 14.37 52.10 14.68
CA TYR K 355 15.02 52.45 13.42
C TYR K 355 16.26 51.61 13.18
N TYR K 356 17.15 51.55 14.18
CA TYR K 356 18.37 50.78 13.97
C TYR K 356 18.12 49.29 13.90
N TYR K 357 17.07 48.80 14.58
CA TYR K 357 16.72 47.39 14.45
C TYR K 357 16.29 47.07 13.02
N ASN K 358 15.54 47.99 12.40
CA ASN K 358 15.13 47.75 11.02
C ASN K 358 16.30 47.87 10.06
N ARG K 359 17.22 48.79 10.33
CA ARG K 359 18.37 48.95 9.43
C ARG K 359 19.44 47.90 9.69
N TYR K 360 19.72 47.58 10.96
CA TYR K 360 20.73 46.60 11.34
C TYR K 360 20.14 45.66 12.39
N PRO K 361 19.34 44.67 11.97
CA PRO K 361 18.67 43.80 12.95
C PRO K 361 19.61 43.12 13.93
N LEU K 362 20.52 42.31 13.40
CA LEU K 362 21.39 41.51 14.26
C LEU K 362 22.41 42.39 14.98
N THR K 363 22.95 43.39 14.28
CA THR K 363 23.90 44.28 14.94
C THR K 363 23.23 45.02 16.08
N THR K 364 21.96 45.41 15.90
CA THR K 364 21.26 46.09 16.99
C THR K 364 21.05 45.15 18.17
N ILE K 365 20.68 43.88 17.91
CA ILE K 365 20.51 42.95 19.02
C ILE K 365 21.82 42.76 19.78
N ILE K 366 22.91 42.54 19.04
CA ILE K 366 24.22 42.35 19.68
C ILE K 366 24.63 43.59 20.45
N GLY K 367 24.43 44.78 19.86
CA GLY K 367 24.80 46.00 20.53
C GLY K 367 24.04 46.21 21.81
N LEU K 368 22.71 46.02 21.77
CA LEU K 368 21.92 46.20 22.98
C LEU K 368 22.32 45.20 24.06
N CYS K 369 22.51 43.93 23.68
CA CYS K 369 22.91 42.94 24.69
C CYS K 369 24.28 43.28 25.28
N THR K 370 25.23 43.71 24.44
CA THR K 370 26.54 44.09 24.95
C THR K 370 26.44 45.29 25.88
N CYS K 371 25.63 46.29 25.50
CA CYS K 371 25.47 47.45 26.36
C CYS K 371 24.85 47.08 27.70
N VAL K 372 23.82 46.23 27.69
CA VAL K 372 23.20 45.80 28.94
C VAL K 372 24.20 45.03 29.80
N ALA K 373 24.97 44.13 29.18
CA ALA K 373 25.98 43.39 29.93
C ALA K 373 27.01 44.34 30.54
N ILE K 374 27.45 45.33 29.78
CA ILE K 374 28.41 46.31 30.30
C ILE K 374 27.79 47.09 31.44
N ILE K 375 26.50 47.45 31.33
CA ILE K 375 25.83 48.16 32.40
C ILE K 375 25.83 47.32 33.66
N MET K 376 25.47 46.05 33.53
CA MET K 376 25.42 45.18 34.72
C MET K 376 26.81 45.03 35.34
N VAL K 377 27.83 44.79 34.51
CA VAL K 377 29.18 44.63 35.04
C VAL K 377 29.65 45.91 35.72
N SER K 378 29.39 47.06 35.10
CA SER K 378 29.81 48.33 35.68
C SER K 378 29.10 48.62 36.99
N CYS K 379 27.78 48.37 37.03
CA CYS K 379 27.03 48.63 38.25
C CYS K 379 27.45 47.68 39.36
N VAL K 380 27.60 46.39 39.05
CA VAL K 380 28.01 45.43 40.06
C VAL K 380 29.39 45.79 40.61
N THR K 381 30.34 46.13 39.72
CA THR K 381 31.68 46.47 40.18
C THR K 381 31.68 47.75 40.99
N SER K 382 30.93 48.77 40.56
CA SER K 382 30.92 50.04 41.28
C SER K 382 30.23 49.89 42.63
N VAL K 383 29.10 49.18 42.68
CA VAL K 383 28.40 48.96 43.94
C VAL K 383 29.26 48.13 44.87
N TRP K 384 29.93 47.10 44.35
CA TRP K 384 30.81 46.30 45.19
C TRP K 384 31.93 47.15 45.77
N LEU K 385 32.55 48.01 44.94
CA LEU K 385 33.61 48.87 45.45
C LEU K 385 33.08 49.83 46.50
N LEU K 386 31.87 50.36 46.29
CA LEU K 386 31.31 51.30 47.26
C LEU K 386 30.95 50.61 48.57
N CYS K 387 30.39 49.40 48.49
CA CYS K 387 30.07 48.66 49.71
C CYS K 387 31.34 48.27 50.46
N ARG K 388 32.37 47.83 49.75
CA ARG K 388 33.64 47.54 50.39
C ARG K 388 34.20 48.79 51.07
N THR K 389 34.11 49.93 50.39
CA THR K 389 34.57 51.17 50.98
C THR K 389 33.76 51.52 52.23
N ARG K 390 32.44 51.29 52.18
CA ARG K 390 31.61 51.59 53.35
C ARG K 390 31.99 50.70 54.52
N ASN K 391 32.22 49.41 54.27
CA ASN K 391 32.64 48.52 55.34
C ASN K 391 33.94 49.02 55.96
N LEU K 392 34.91 49.37 55.13
CA LEU K 392 36.17 49.91 55.67
C LEU K 392 35.95 51.24 56.38
N CYS K 393 34.99 52.04 55.93
CA CYS K 393 34.71 53.32 56.55
C CYS K 393 34.15 53.16 57.96
N ILE K 394 33.24 52.21 58.14
CA ILE K 394 32.57 52.06 59.43
C ILE K 394 33.29 51.11 60.39
N THR K 395 34.00 50.11 59.88
CA THR K 395 34.66 49.15 60.76
C THR K 395 35.58 49.81 61.78
N PRO K 396 36.39 50.81 61.43
CA PRO K 396 37.24 51.45 62.45
C PRO K 396 36.45 52.03 63.60
N TYR K 397 35.17 52.32 63.41
CA TYR K 397 34.33 52.89 64.45
C TYR K 397 33.46 51.86 65.15
N LYS K 398 32.98 50.84 64.44
CA LYS K 398 32.21 49.79 65.09
C LYS K 398 33.01 49.12 66.19
N LEU K 399 34.32 48.97 65.99
CA LEU K 399 35.20 48.37 66.98
C LEU K 399 35.62 49.36 68.06
N ALA K 400 35.07 50.58 68.04
CA ALA K 400 35.37 51.60 69.06
C ALA K 400 34.09 52.36 69.37
N PRO K 401 33.12 51.70 70.02
CA PRO K 401 31.86 52.38 70.31
C PRO K 401 32.00 53.69 71.08
N ASN K 402 33.15 53.92 71.72
CA ASN K 402 33.35 55.14 72.49
C ASN K 402 33.91 56.29 71.65
N ALA K 403 34.25 56.04 70.39
CA ALA K 403 34.80 57.08 69.54
C ALA K 403 33.70 57.98 68.98
N GLN K 404 34.06 59.22 68.71
CA GLN K 404 33.14 60.20 68.13
C GLN K 404 33.28 60.14 66.62
N VAL K 405 32.24 59.67 65.96
CA VAL K 405 32.27 59.56 64.49
C VAL K 405 32.30 60.96 63.88
N PRO K 406 33.20 61.26 62.95
CA PRO K 406 33.22 62.60 62.35
C PRO K 406 32.00 62.83 61.48
N ILE K 407 31.61 64.11 61.40
CA ILE K 407 30.40 64.48 60.68
C ILE K 407 30.47 64.05 59.22
N LEU K 408 31.62 64.25 58.58
CA LEU K 408 31.74 63.94 57.15
C LEU K 408 31.52 62.46 56.88
N LEU K 409 32.04 61.59 57.75
CA LEU K 409 31.84 60.16 57.55
C LEU K 409 30.42 59.75 57.92
N ALA K 410 29.82 60.40 58.91
CA ALA K 410 28.44 60.10 59.24
C ALA K 410 27.50 60.47 58.09
N LEU K 411 27.82 61.53 57.35
CA LEU K 411 26.97 61.93 56.23
C LEU K 411 27.27 61.13 54.97
N LEU K 412 28.54 60.78 54.74
CA LEU K 412 28.89 60.06 53.51
C LEU K 412 28.81 58.55 53.64
N CYS K 413 29.07 58.00 54.82
CA CYS K 413 29.10 56.54 54.99
C CYS K 413 27.83 55.99 55.63
N CYS K 414 27.33 56.62 56.69
CA CYS K 414 26.09 56.17 57.32
C CYS K 414 24.88 56.61 56.50
N ASP L 1 17.10 12.36 90.30
CA ASP L 1 16.37 13.58 89.92
C ASP L 1 15.11 13.25 89.14
N LYS L 2 14.01 13.90 89.52
CA LYS L 2 12.71 13.66 88.89
C LYS L 2 12.19 14.86 88.11
N THR L 3 12.62 16.08 88.44
CA THR L 3 12.25 17.28 87.72
C THR L 3 13.51 17.88 87.11
N PHE L 4 13.52 18.03 85.79
CA PHE L 4 14.70 18.49 85.07
C PHE L 4 14.44 19.85 84.43
N PRO L 5 15.35 20.81 84.57
CA PRO L 5 15.15 22.11 83.91
C PRO L 5 15.38 22.04 82.41
N ILE L 6 14.75 22.98 81.71
CA ILE L 6 14.85 23.11 80.26
C ILE L 6 15.66 24.36 79.96
N MET L 7 16.64 24.25 79.07
CA MET L 7 17.51 25.35 78.70
C MET L 7 17.45 25.61 77.21
N LEU L 8 17.39 26.89 76.84
CA LEU L 8 17.31 27.32 75.45
C LEU L 8 18.60 27.98 74.99
N ASN L 9 19.04 29.01 75.69
CA ASN L 9 20.25 29.76 75.35
C ASN L 9 21.31 29.64 76.45
N GLY L 10 21.26 28.55 77.23
CA GLY L 10 22.12 28.35 78.36
C GLY L 10 21.47 28.67 79.69
N GLN L 11 20.41 29.46 79.69
CA GLN L 11 19.64 29.78 80.88
C GLN L 11 18.38 28.91 80.94
N VAL L 12 17.89 28.73 82.16
CA VAL L 12 16.70 27.90 82.37
C VAL L 12 15.46 28.72 82.06
N ASN L 13 14.58 28.17 81.21
CA ASN L 13 13.34 28.83 80.82
C ASN L 13 12.12 27.98 81.15
N GLY L 14 12.30 26.96 82.00
CA GLY L 14 11.20 26.10 82.36
C GLY L 14 11.73 24.76 82.86
N TYR L 15 10.79 23.86 83.12
CA TYR L 15 11.13 22.54 83.65
C TYR L 15 10.38 21.45 82.90
N ALA L 16 10.99 20.26 82.88
CA ALA L 16 10.39 19.05 82.36
C ALA L 16 10.30 18.06 83.52
N CYS L 17 9.10 17.60 83.83
CA CYS L 17 8.88 16.73 84.97
C CYS L 17 8.62 15.30 84.55
N VAL L 18 9.19 14.36 85.30
CA VAL L 18 8.99 12.94 85.10
C VAL L 18 7.96 12.49 86.14
N VAL L 19 6.70 12.43 85.74
CA VAL L 19 5.60 12.08 86.64
C VAL L 19 4.83 10.92 86.03
N GLY L 20 4.52 9.92 86.84
CA GLY L 20 3.78 8.78 86.35
C GLY L 20 4.55 7.93 85.34
N GLY L 21 5.87 8.11 85.26
CA GLY L 21 6.64 7.37 84.28
C GLY L 21 6.60 7.99 82.89
N ARG L 22 6.20 9.25 82.80
CA ARG L 22 6.08 9.94 81.52
C ARG L 22 6.59 11.35 81.69
N VAL L 23 7.11 11.92 80.60
CA VAL L 23 7.66 13.26 80.61
C VAL L 23 6.53 14.26 80.38
N PHE L 24 6.46 15.28 81.23
CA PHE L 24 5.52 16.38 81.08
C PHE L 24 6.31 17.68 80.99
N LYS L 25 6.24 18.34 79.83
CA LYS L 25 6.90 19.62 79.65
C LYS L 25 5.95 20.57 78.94
N PRO L 26 5.96 21.86 79.29
CA PRO L 26 5.08 22.81 78.59
C PRO L 26 5.46 22.95 77.12
N LEU L 27 4.47 23.26 76.30
CA LEU L 27 4.71 23.50 74.88
C LEU L 27 5.36 24.86 74.62
N HIS L 28 5.00 25.88 75.39
CA HIS L 28 5.57 27.21 75.18
C HIS L 28 7.01 27.33 75.66
N VAL L 29 7.57 26.29 76.28
CA VAL L 29 8.95 26.30 76.74
C VAL L 29 9.77 25.56 75.69
N GLU L 30 10.50 26.32 74.87
CA GLU L 30 11.35 25.75 73.84
C GLU L 30 12.77 25.56 74.35
N GLY L 31 13.41 24.47 73.92
CA GLY L 31 14.76 24.15 74.33
C GLY L 31 14.96 22.68 74.62
N ARG L 32 16.18 22.28 74.93
CA ARG L 32 16.46 20.89 75.25
C ARG L 32 16.28 20.66 76.76
N ILE L 33 16.02 19.39 77.09
CA ILE L 33 15.89 18.99 78.49
C ILE L 33 17.28 18.82 79.10
N ASP L 34 17.41 19.16 80.38
CA ASP L 34 18.69 19.05 81.05
C ASP L 34 19.28 17.66 80.92
N ASN L 35 18.45 16.64 81.15
CA ASN L 35 18.90 15.26 80.98
C ASN L 35 19.02 14.92 79.51
N GLU L 36 20.19 14.39 79.12
CA GLU L 36 20.42 14.06 77.72
C GLU L 36 19.50 12.95 77.24
N GLN L 37 19.19 11.98 78.12
CA GLN L 37 18.34 10.86 77.70
C GLN L 37 16.88 11.27 77.54
N LEU L 38 16.41 12.22 78.37
CA LEU L 38 15.05 12.71 78.20
C LEU L 38 14.91 13.59 76.96
N ALA L 39 15.99 14.26 76.56
CA ALA L 39 15.97 15.07 75.35
C ALA L 39 16.08 14.23 74.09
N ALA L 40 16.56 13.00 74.19
CA ALA L 40 16.76 12.14 73.03
C ALA L 40 15.50 11.37 72.63
N ILE L 41 14.44 11.41 73.42
CA ILE L 41 13.21 10.67 73.14
C ILE L 41 12.22 11.60 72.43
N LYS L 42 11.57 11.06 71.39
CA LYS L 42 10.55 11.79 70.66
C LYS L 42 9.32 11.98 71.55
N LEU L 43 8.79 13.21 71.57
CA LEU L 43 7.64 13.54 72.41
C LEU L 43 6.44 13.92 71.55
N LYS L 44 5.25 13.67 72.10
CA LYS L 44 3.98 14.00 71.47
C LYS L 44 3.43 15.32 72.01
N LYS L 45 2.59 15.96 71.21
CA LYS L 45 2.01 17.25 71.56
C LYS L 45 0.55 17.10 71.98
N ALA L 46 0.18 17.86 73.02
CA ALA L 46 -1.21 17.94 73.50
C ALA L 46 -1.55 19.42 73.62
N SER L 47 -1.92 20.02 72.49
CA SER L 47 -2.20 21.46 72.46
C SER L 47 -3.33 21.84 73.40
N ILE L 48 -4.32 20.96 73.58
CA ILE L 48 -5.43 21.27 74.49
C ILE L 48 -4.95 21.38 75.93
N TYR L 49 -3.77 20.84 76.24
CA TYR L 49 -3.21 20.93 77.58
C TYR L 49 -1.94 21.76 77.64
N ASP L 50 -1.51 22.35 76.52
CA ASP L 50 -0.31 23.18 76.49
C ASP L 50 0.92 22.43 77.03
N LEU L 51 0.97 21.12 76.81
CA LEU L 51 2.11 20.34 77.29
C LEU L 51 2.50 19.28 76.25
N GLU L 52 3.76 18.86 76.34
CA GLU L 52 4.35 17.86 75.47
C GLU L 52 4.76 16.67 76.33
N TYR L 53 4.61 15.46 75.80
CA TYR L 53 4.84 14.27 76.60
C TYR L 53 5.45 13.14 75.79
N GLY L 54 6.04 12.18 76.50
CA GLY L 54 6.64 11.01 75.90
C GLY L 54 7.08 10.04 76.96
N ASP L 55 7.26 8.79 76.54
CA ASP L 55 7.68 7.74 77.46
C ASP L 55 9.13 7.92 77.87
N VAL L 56 9.39 7.77 79.17
CA VAL L 56 10.72 7.96 79.74
C VAL L 56 11.62 6.78 79.43
N PRO L 57 12.94 6.92 79.55
CA PRO L 57 13.85 5.79 79.36
C PRO L 57 13.59 4.66 80.35
N GLN L 58 14.00 3.46 79.96
CA GLN L 58 13.79 2.26 80.77
C GLN L 58 14.16 2.50 82.22
N CYS L 59 15.32 3.12 82.47
CA CYS L 59 15.78 3.33 83.83
C CYS L 59 14.92 4.35 84.58
N MET L 60 14.21 5.23 83.86
CA MET L 60 13.39 6.25 84.48
C MET L 60 11.97 5.80 84.74
N LYS L 61 11.62 4.56 84.36
CA LYS L 61 10.25 4.11 84.51
C LYS L 61 9.84 4.01 85.97
N SER L 62 10.75 3.56 86.83
CA SER L 62 10.47 3.47 88.26
C SER L 62 10.79 4.76 88.99
N ASP L 63 11.90 5.42 88.64
CA ASP L 63 12.31 6.66 89.30
C ASP L 63 11.48 7.82 88.74
N THR L 64 10.21 7.84 89.13
CA THR L 64 9.27 8.84 88.68
C THR L 64 8.34 9.23 89.82
N LEU L 65 7.79 10.44 89.71
CA LEU L 65 6.84 10.94 90.70
C LEU L 65 5.48 10.31 90.49
N GLN L 66 4.86 9.85 91.57
CA GLN L 66 3.48 9.39 91.50
C GLN L 66 2.54 10.59 91.60
N TYR L 67 1.38 10.47 90.98
CA TYR L 67 0.41 11.55 90.96
C TYR L 67 -0.89 11.10 91.60
N THR L 68 -1.65 12.09 92.08
CA THR L 68 -2.93 11.87 92.74
C THR L 68 -3.93 12.88 92.22
N SER L 69 -5.19 12.45 92.11
CA SER L 69 -6.27 13.34 91.69
C SER L 69 -6.99 14.00 92.85
N ASP L 70 -6.69 13.61 94.09
CA ASP L 70 -7.35 14.16 95.26
C ASP L 70 -6.57 15.36 95.78
N LYS L 71 -7.20 16.53 95.74
CA LYS L 71 -6.59 17.80 96.16
C LYS L 71 -7.58 18.53 97.05
N PRO L 72 -7.74 18.09 98.30
CA PRO L 72 -8.65 18.78 99.22
C PRO L 72 -8.10 20.15 99.59
N PRO L 73 -8.93 21.02 100.16
CA PRO L 73 -8.42 22.32 100.62
C PRO L 73 -7.27 22.16 101.59
N GLY L 74 -6.23 22.95 101.40
CA GLY L 74 -5.05 22.85 102.25
C GLY L 74 -3.85 23.49 101.57
N PHE L 75 -2.67 23.10 102.05
CA PHE L 75 -1.41 23.66 101.58
C PHE L 75 -0.60 22.62 100.82
N TYR L 76 0.11 23.09 99.79
CA TYR L 76 0.97 22.29 98.93
C TYR L 76 2.28 23.05 98.77
N ASN L 77 3.28 22.41 98.18
CA ASN L 77 4.59 23.04 98.09
C ASN L 77 5.21 22.85 96.71
N TRP L 78 6.13 23.77 96.40
CA TRP L 78 6.94 23.74 95.18
C TRP L 78 8.22 24.50 95.47
N HIS L 79 9.11 24.59 94.47
CA HIS L 79 10.43 25.15 94.72
C HIS L 79 10.40 26.62 95.07
N HIS L 80 9.29 27.33 94.84
CA HIS L 80 9.19 28.73 95.21
C HIS L 80 8.65 28.94 96.62
N GLY L 81 8.21 27.88 97.29
CA GLY L 81 7.64 28.00 98.62
C GLY L 81 6.38 27.17 98.78
N ALA L 82 5.48 27.62 99.66
CA ALA L 82 4.22 26.93 99.86
C ALA L 82 3.18 27.37 98.83
N VAL L 83 2.22 26.49 98.58
CA VAL L 83 1.11 26.75 97.66
C VAL L 83 -0.19 26.48 98.41
N GLN L 84 -1.12 27.42 98.33
CA GLN L 84 -2.39 27.33 99.03
C GLN L 84 -3.50 27.03 98.01
N TYR L 85 -4.35 26.06 98.35
CA TYR L 85 -5.45 25.63 97.48
C TYR L 85 -6.77 25.94 98.16
N GLU L 86 -7.56 26.81 97.55
CA GLU L 86 -8.85 27.20 98.10
C GLU L 86 -9.81 27.47 96.95
N ASN L 87 -11.09 27.23 97.21
CA ASN L 87 -12.15 27.46 96.22
C ASN L 87 -11.80 26.79 94.89
N ASN L 88 -11.16 25.62 94.97
CA ASN L 88 -10.74 24.85 93.81
C ASN L 88 -9.68 25.56 92.98
N ARG L 89 -9.05 26.60 93.52
CA ARG L 89 -8.04 27.38 92.80
C ARG L 89 -6.71 27.34 93.55
N PHE L 90 -5.62 27.24 92.79
CA PHE L 90 -4.28 27.25 93.34
C PHE L 90 -3.77 28.69 93.40
N THR L 91 -3.62 29.21 94.62
CA THR L 91 -3.19 30.58 94.84
C THR L 91 -1.89 30.61 95.63
N VAL L 92 -0.95 31.44 95.21
CA VAL L 92 0.34 31.58 95.88
C VAL L 92 0.49 33.02 96.37
N PRO L 93 1.28 33.27 97.41
CA PRO L 93 1.44 34.64 97.91
C PRO L 93 1.93 35.59 96.83
N ARG L 94 1.59 36.87 97.01
CA ARG L 94 1.93 37.92 96.07
C ARG L 94 3.41 37.91 95.71
N GLY L 95 3.70 37.83 94.41
CA GLY L 95 5.07 37.90 93.91
C GLY L 95 5.87 36.62 93.97
N VAL L 96 5.30 35.53 94.50
CA VAL L 96 6.08 34.30 94.66
C VAL L 96 6.41 33.69 93.30
N GLY L 97 5.43 33.66 92.38
CA GLY L 97 5.66 33.07 91.09
C GLY L 97 6.24 34.05 90.09
N GLY L 98 6.59 33.54 88.92
CA GLY L 98 7.18 34.38 87.90
C GLY L 98 7.74 33.56 86.76
N LYS L 99 8.30 34.30 85.80
CA LYS L 99 8.84 33.70 84.58
C LYS L 99 9.86 32.61 84.91
N GLY L 100 9.74 31.47 84.22
CA GLY L 100 10.63 30.36 84.39
C GLY L 100 10.15 29.27 85.32
N ASP L 101 9.04 29.46 86.01
CA ASP L 101 8.53 28.47 86.94
C ASP L 101 7.57 27.47 86.30
N SER L 102 7.31 27.59 85.01
CA SER L 102 6.40 26.67 84.34
C SER L 102 7.00 25.27 84.27
N GLY L 103 6.14 24.26 84.41
CA GLY L 103 6.56 22.88 84.41
C GLY L 103 6.85 22.30 85.77
N ARG L 104 7.00 23.13 86.80
CA ARG L 104 7.27 22.61 88.13
C ARG L 104 5.98 22.02 88.71
N PRO L 105 5.98 20.77 89.16
CA PRO L 105 4.76 20.20 89.74
C PRO L 105 4.55 20.67 91.18
N ILE L 106 3.28 20.67 91.57
CA ILE L 106 2.88 20.98 92.94
C ILE L 106 2.72 19.66 93.67
N LEU L 107 3.44 19.49 94.78
CA LEU L 107 3.44 18.23 95.51
C LEU L 107 2.61 18.34 96.79
N ASP L 108 1.98 17.23 97.15
CA ASP L 108 1.17 17.11 98.35
C ASP L 108 2.05 16.74 99.55
N ASN L 109 1.42 16.39 100.67
CA ASN L 109 2.16 16.00 101.86
C ASN L 109 2.80 14.62 101.75
N LYS L 110 2.56 13.90 100.67
CA LYS L 110 3.15 12.58 100.45
C LYS L 110 4.17 12.58 99.33
N GLY L 111 4.47 13.73 98.73
CA GLY L 111 5.41 13.78 97.63
C GLY L 111 4.83 13.39 96.29
N ARG L 112 3.51 13.38 96.15
CA ARG L 112 2.85 13.04 94.90
C ARG L 112 2.48 14.31 94.14
N VAL L 113 2.53 14.21 92.81
CA VAL L 113 2.22 15.36 91.95
C VAL L 113 0.72 15.61 91.95
N VAL L 114 0.33 16.83 92.28
CA VAL L 114 -1.07 17.23 92.27
C VAL L 114 -1.42 18.01 91.02
N ALA L 115 -0.55 18.94 90.60
CA ALA L 115 -0.79 19.75 89.41
C ALA L 115 0.54 20.25 88.87
N ILE L 116 0.54 20.57 87.58
CA ILE L 116 1.69 21.16 86.90
C ILE L 116 1.36 22.62 86.61
N VAL L 117 2.26 23.51 87.02
CA VAL L 117 2.05 24.95 86.89
C VAL L 117 2.48 25.41 85.50
N LEU L 118 1.66 26.26 84.88
CA LEU L 118 1.93 26.81 83.56
C LEU L 118 2.00 28.34 83.53
N GLY L 119 1.32 29.02 84.43
CA GLY L 119 1.32 30.47 84.43
C GLY L 119 0.61 30.99 85.66
N GLY L 120 0.21 32.26 85.62
CA GLY L 120 -0.50 32.82 86.75
C GLY L 120 -0.96 34.23 86.50
N VAL L 121 -1.74 34.74 87.46
CA VAL L 121 -2.31 36.08 87.42
C VAL L 121 -2.13 36.70 88.80
N ASN L 122 -1.60 37.93 88.83
CA ASN L 122 -1.52 38.68 90.07
C ASN L 122 -2.84 39.40 90.30
N GLU L 123 -3.55 39.03 91.37
CA GLU L 123 -4.84 39.61 91.68
C GLU L 123 -4.74 40.81 92.63
N GLY L 124 -3.52 41.22 93.00
CA GLY L 124 -3.32 42.34 93.89
C GLY L 124 -3.26 41.96 95.36
N SER L 125 -3.69 40.76 95.71
CA SER L 125 -3.62 40.23 97.07
C SER L 125 -2.88 38.91 97.09
N ARG L 126 -3.21 38.01 96.17
CA ARG L 126 -2.54 36.74 95.98
C ARG L 126 -2.43 36.50 94.49
N THR L 127 -1.61 35.52 94.12
CA THR L 127 -1.41 35.16 92.73
C THR L 127 -2.04 33.81 92.45
N ALA L 128 -2.91 33.76 91.43
CA ALA L 128 -3.51 32.53 90.98
C ALA L 128 -2.64 31.91 89.90
N LEU L 129 -2.45 30.59 89.98
CA LEU L 129 -1.61 29.88 89.03
C LEU L 129 -2.45 29.16 87.98
N SER L 130 -1.96 29.18 86.74
CA SER L 130 -2.52 28.34 85.69
C SER L 130 -1.88 26.97 85.80
N VAL L 131 -2.70 25.95 86.04
CA VAL L 131 -2.17 24.62 86.30
C VAL L 131 -2.87 23.58 85.42
N VAL L 132 -2.21 22.45 85.28
CA VAL L 132 -2.77 21.26 84.64
C VAL L 132 -2.95 20.23 85.74
N THR L 133 -4.20 19.86 86.01
CA THR L 133 -4.49 18.92 87.07
C THR L 133 -5.48 17.86 86.61
N TRP L 134 -6.00 17.09 87.56
CA TRP L 134 -6.93 16.01 87.28
C TRP L 134 -8.21 16.25 88.06
N ASN L 135 -9.35 16.00 87.42
CA ASN L 135 -10.64 16.23 88.02
C ASN L 135 -11.02 15.05 88.92
N GLN L 136 -12.23 15.12 89.47
CA GLN L 136 -12.71 14.06 90.36
C GLN L 136 -12.82 12.73 89.65
N LYS L 137 -12.79 12.72 88.31
CA LYS L 137 -12.82 11.49 87.54
C LYS L 137 -11.44 11.01 87.13
N GLY L 138 -10.38 11.72 87.55
CA GLY L 138 -9.04 11.34 87.20
C GLY L 138 -8.64 11.68 85.77
N VAL L 139 -9.41 12.50 85.08
CA VAL L 139 -9.11 12.88 83.72
C VAL L 139 -8.30 14.18 83.73
N THR L 140 -7.31 14.27 82.85
CA THR L 140 -6.48 15.47 82.78
C THR L 140 -7.33 16.67 82.41
N VAL L 141 -7.24 17.72 83.22
CA VAL L 141 -8.02 18.93 83.02
C VAL L 141 -7.11 20.14 83.20
N LYS L 142 -7.18 21.08 82.27
CA LYS L 142 -6.44 22.34 82.38
C LYS L 142 -7.30 23.38 83.08
N ASP L 143 -6.71 24.09 84.04
CA ASP L 143 -7.39 25.15 84.78
C ASP L 143 -6.51 26.39 84.73
N THR L 144 -6.97 27.41 84.00
CA THR L 144 -6.24 28.66 83.86
C THR L 144 -7.18 29.83 84.12
N PRO L 145 -6.80 30.80 84.96
CA PRO L 145 -7.64 31.99 85.11
C PRO L 145 -7.52 32.91 83.90
N GLU L 146 -8.57 33.70 83.69
CA GLU L 146 -8.61 34.58 82.52
C GLU L 146 -7.50 35.62 82.60
N GLY L 147 -6.76 35.78 81.50
CA GLY L 147 -5.65 36.70 81.45
C GLY L 147 -4.33 36.15 81.94
N SER L 148 -4.26 34.86 82.25
CA SER L 148 -3.03 34.29 82.79
C SER L 148 -1.89 34.37 81.78
N GLU L 149 -0.73 34.70 82.28
CA GLU L 149 0.49 34.83 81.47
C GLU L 149 1.25 33.51 81.48
N PRO L 150 1.59 32.95 80.32
CA PRO L 150 2.41 31.74 80.32
C PRO L 150 3.80 32.04 80.89
N TRP L 151 4.25 31.19 81.81
CA TRP L 151 5.53 31.38 82.47
C TRP L 151 6.52 30.30 82.02
N ALA M 4 -44.61 15.81 -26.05
CA ALA M 4 -46.08 16.06 -25.90
C ALA M 4 -46.49 17.28 -26.70
N LYS M 5 -47.79 17.57 -26.72
CA LYS M 5 -48.26 18.78 -27.38
C LYS M 5 -47.69 19.99 -26.65
N CYS M 6 -47.27 20.98 -27.42
CA CYS M 6 -46.49 22.10 -26.89
C CYS M 6 -47.30 23.39 -26.81
N GLU M 7 -46.95 24.19 -25.81
CA GLU M 7 -47.56 25.48 -25.55
C GLU M 7 -47.50 26.38 -26.79
N PRO M 8 -48.32 27.44 -26.82
CA PRO M 8 -48.29 28.36 -27.97
C PRO M 8 -46.96 29.09 -28.13
N SER M 9 -46.07 29.01 -27.15
CA SER M 9 -44.74 29.61 -27.28
C SER M 9 -43.82 28.80 -28.18
N GLN M 10 -44.21 27.58 -28.57
CA GLN M 10 -43.39 26.73 -29.39
C GLN M 10 -44.19 26.22 -30.59
N PHE M 11 -43.50 26.07 -31.71
CA PHE M 11 -44.08 25.50 -32.91
C PHE M 11 -43.76 24.01 -32.96
N GLN M 12 -44.69 23.22 -33.47
CA GLN M 12 -44.52 21.79 -33.59
C GLN M 12 -44.45 21.39 -35.06
N CYS M 13 -43.37 20.70 -35.43
CA CYS M 13 -43.17 20.23 -36.80
C CYS M 13 -44.03 19.00 -37.06
N THR M 14 -44.25 18.71 -38.35
CA THR M 14 -45.00 17.52 -38.71
C THR M 14 -44.32 16.25 -38.21
N ASN M 15 -43.03 16.31 -37.88
CA ASN M 15 -42.33 15.19 -37.28
C ASN M 15 -42.80 14.88 -35.87
N GLY M 16 -43.57 15.77 -35.25
CA GLY M 16 -44.04 15.60 -33.89
C GLY M 16 -43.19 16.31 -32.85
N ARG M 17 -42.03 16.80 -33.22
CA ARG M 17 -41.14 17.49 -32.29
C ARG M 17 -41.42 18.98 -32.31
N CYS M 18 -41.05 19.66 -31.23
CA CYS M 18 -41.36 21.07 -31.06
C CYS M 18 -40.12 21.94 -31.22
N ILE M 19 -40.34 23.12 -31.79
CA ILE M 19 -39.30 24.10 -32.07
C ILE M 19 -39.80 25.46 -31.61
N THR M 20 -38.91 26.23 -31.00
CA THR M 20 -39.28 27.57 -30.53
C THR M 20 -39.96 28.34 -31.64
N LEU M 21 -41.03 29.07 -31.29
CA LEU M 21 -41.82 29.77 -32.29
C LEU M 21 -41.00 30.79 -33.05
N LEU M 22 -39.99 31.38 -32.41
CA LEU M 22 -39.13 32.34 -33.10
C LEU M 22 -38.35 31.68 -34.23
N TRP M 23 -38.26 30.36 -34.22
CA TRP M 23 -37.57 29.60 -35.25
C TRP M 23 -38.52 29.07 -36.32
N LYS M 24 -39.80 29.45 -36.27
CA LYS M 24 -40.78 28.89 -37.19
C LYS M 24 -40.42 29.16 -38.64
N CYS M 25 -39.97 30.38 -38.95
CA CYS M 25 -39.54 30.70 -40.32
C CYS M 25 -38.40 31.70 -40.24
N ASP M 26 -37.16 31.18 -40.27
CA ASP M 26 -35.97 32.03 -40.24
C ASP M 26 -34.89 31.50 -41.16
N GLY M 27 -35.24 30.65 -42.13
CA GLY M 27 -34.30 30.14 -43.11
C GLY M 27 -33.51 28.92 -42.69
N ASP M 28 -33.61 28.50 -41.43
CA ASP M 28 -32.92 27.32 -40.94
C ASP M 28 -33.93 26.23 -40.63
N GLU M 29 -33.71 25.04 -41.22
CA GLU M 29 -34.57 23.89 -40.92
C GLU M 29 -34.14 23.34 -39.57
N ASP M 30 -34.91 23.70 -38.53
CA ASP M 30 -34.56 23.31 -37.17
C ASP M 30 -35.00 21.90 -36.83
N CYS M 31 -35.98 21.35 -37.54
CA CYS M 31 -36.41 19.97 -37.36
C CYS M 31 -36.08 19.18 -38.63
N VAL M 32 -35.56 17.96 -38.42
CA VAL M 32 -35.06 17.16 -39.54
C VAL M 32 -36.06 17.12 -40.69
N ASP M 33 -37.36 17.10 -40.37
CA ASP M 33 -38.36 17.07 -41.44
C ASP M 33 -38.45 18.37 -42.21
N GLY M 34 -37.89 19.46 -41.68
CA GLY M 34 -37.96 20.73 -42.39
C GLY M 34 -39.33 21.36 -42.42
N SER M 35 -40.22 20.95 -41.52
CA SER M 35 -41.59 21.47 -41.54
C SER M 35 -41.64 22.96 -41.25
N ASP M 36 -40.69 23.48 -40.50
CA ASP M 36 -40.69 24.92 -40.18
C ASP M 36 -40.46 25.76 -41.44
N GLU M 37 -39.39 25.48 -42.17
CA GLU M 37 -39.05 26.27 -43.34
C GLU M 37 -39.82 25.87 -44.59
N LYS M 38 -40.48 24.70 -44.59
CA LYS M 38 -41.23 24.28 -45.76
C LYS M 38 -42.35 25.26 -46.10
N ASN M 39 -42.84 26.02 -45.13
CA ASN M 39 -43.86 27.04 -45.34
C ASN M 39 -43.31 28.39 -44.91
N CYS M 40 -43.18 29.30 -45.87
CA CYS M 40 -42.61 30.62 -45.61
C CYS M 40 -43.03 31.56 -46.73
N VAL M 41 -42.72 32.85 -46.54
CA VAL M 41 -42.99 33.88 -47.53
C VAL M 41 -41.84 34.90 -47.51
N LYS M 42 -41.60 35.51 -48.67
CA LYS M 42 -40.55 36.50 -48.80
C LYS M 42 -41.04 37.88 -48.37
N LYS M 43 -40.10 38.70 -47.91
CA LYS M 43 -40.39 40.07 -47.48
C LYS M 43 -39.93 41.07 -48.54
N THR M 44 -40.48 42.27 -48.45
CA THR M 44 -40.18 43.34 -49.39
C THR M 44 -38.87 44.05 -49.02
N CYS M 45 -38.44 44.95 -49.90
CA CYS M 45 -37.21 45.72 -49.72
C CYS M 45 -37.52 47.21 -49.87
N ALA M 46 -36.67 48.02 -49.26
CA ALA M 46 -36.86 49.47 -49.28
C ALA M 46 -36.75 50.00 -50.72
N GLU M 47 -37.36 51.17 -50.93
CA GLU M 47 -37.33 51.82 -52.23
C GLU M 47 -35.91 52.18 -52.67
N SER M 48 -34.97 52.25 -51.73
CA SER M 48 -33.58 52.55 -52.07
C SER M 48 -32.87 51.38 -52.74
N ASP M 49 -33.50 50.21 -52.81
CA ASP M 49 -32.88 49.01 -53.35
C ASP M 49 -33.57 48.57 -54.63
N PHE M 50 -32.77 48.16 -55.61
CA PHE M 50 -33.27 47.63 -56.86
C PHE M 50 -33.51 46.12 -56.73
N VAL M 51 -34.42 45.59 -57.54
CA VAL M 51 -34.75 44.17 -57.52
C VAL M 51 -34.50 43.60 -58.91
N CYS M 52 -33.66 42.57 -58.97
CA CYS M 52 -33.32 41.92 -60.23
C CYS M 52 -34.45 41.00 -60.67
N ASN M 53 -34.24 40.30 -61.78
CA ASN M 53 -35.29 39.45 -62.33
C ASN M 53 -35.63 38.30 -61.40
N ASN M 54 -34.65 37.79 -60.65
CA ASN M 54 -34.90 36.74 -59.68
C ASN M 54 -35.50 37.27 -58.38
N GLY M 55 -35.72 38.57 -58.27
CA GLY M 55 -36.23 39.17 -57.06
C GLY M 55 -35.18 39.56 -56.04
N GLN M 56 -33.91 39.33 -56.32
CA GLN M 56 -32.86 39.69 -55.38
C GLN M 56 -32.76 41.20 -55.25
N CYS M 57 -32.66 41.68 -54.02
CA CYS M 57 -32.55 43.12 -53.76
C CYS M 57 -31.09 43.54 -53.70
N VAL M 58 -30.80 44.69 -54.32
CA VAL M 58 -29.45 45.27 -54.28
C VAL M 58 -29.59 46.78 -54.14
N PRO M 59 -28.70 47.44 -53.40
CA PRO M 59 -28.78 48.91 -53.28
C PRO M 59 -28.68 49.59 -54.65
N SER M 60 -29.39 50.71 -54.77
CA SER M 60 -29.40 51.44 -56.04
C SER M 60 -27.99 51.87 -56.45
N ARG M 61 -27.13 52.16 -55.48
CA ARG M 61 -25.76 52.54 -55.81
C ARG M 61 -25.00 51.43 -56.53
N TRP M 62 -25.50 50.19 -56.46
CA TRP M 62 -24.90 49.08 -57.18
C TRP M 62 -25.52 48.86 -58.55
N LYS M 63 -26.60 49.58 -58.87
CA LYS M 63 -27.27 49.40 -60.15
C LYS M 63 -26.45 50.01 -61.28
N CYS M 64 -26.30 49.27 -62.39
CA CYS M 64 -25.57 49.72 -63.57
C CYS M 64 -24.14 50.12 -63.24
N ASP M 65 -23.52 49.45 -62.28
CA ASP M 65 -22.16 49.76 -61.85
C ASP M 65 -21.11 48.90 -62.53
N GLY M 66 -21.52 48.01 -63.44
CA GLY M 66 -20.61 47.13 -64.13
C GLY M 66 -20.40 45.77 -63.50
N ASP M 67 -20.93 45.54 -62.30
CA ASP M 67 -20.80 44.26 -61.62
C ASP M 67 -22.15 43.60 -61.47
N PRO M 68 -22.31 42.33 -61.87
CA PRO M 68 -23.59 41.65 -61.67
C PRO M 68 -23.80 41.24 -60.22
N ASP M 69 -24.36 42.13 -59.41
CA ASP M 69 -24.51 41.92 -57.98
C ASP M 69 -25.72 41.06 -57.61
N CYS M 70 -26.26 40.30 -58.56
CA CYS M 70 -27.39 39.42 -58.29
C CYS M 70 -27.28 38.21 -59.22
N GLU M 71 -28.06 37.17 -58.91
CA GLU M 71 -28.00 35.94 -59.69
C GLU M 71 -28.07 36.21 -61.19
N ASP M 72 -29.07 36.99 -61.61
CA ASP M 72 -29.17 37.43 -62.99
C ASP M 72 -28.43 38.75 -63.18
N GLY M 73 -28.10 39.04 -64.44
CA GLY M 73 -27.40 40.27 -64.79
C GLY M 73 -28.30 41.48 -64.97
N SER M 74 -29.55 41.38 -64.51
CA SER M 74 -30.50 42.46 -64.75
C SER M 74 -29.99 43.80 -64.24
N ASP M 75 -29.26 43.80 -63.13
CA ASP M 75 -28.70 45.06 -62.63
C ASP M 75 -27.73 45.68 -63.62
N GLU M 76 -27.14 44.87 -64.50
CA GLU M 76 -26.22 45.35 -65.52
C GLU M 76 -26.75 45.10 -66.93
N SER M 77 -28.00 44.66 -67.06
CA SER M 77 -28.56 44.37 -68.37
C SER M 77 -28.70 45.65 -69.18
N PRO M 78 -28.39 45.62 -70.48
CA PRO M 78 -28.60 46.82 -71.30
C PRO M 78 -30.05 47.30 -71.29
N GLU M 79 -31.00 46.38 -71.24
CA GLU M 79 -32.41 46.76 -71.19
C GLU M 79 -32.74 47.56 -69.94
N GLN M 80 -31.97 47.37 -68.87
CA GLN M 80 -32.20 48.08 -67.62
C GLN M 80 -31.38 49.36 -67.51
N CYS M 81 -30.21 49.39 -68.13
CA CYS M 81 -29.33 50.55 -68.05
C CYS M 81 -29.24 51.26 -69.39
N ALA N 4 13.84 48.59 -47.44
CA ALA N 4 13.58 48.76 -48.89
C ALA N 4 14.74 48.20 -49.72
N LYS N 5 15.80 48.99 -49.87
CA LYS N 5 16.97 48.52 -50.59
C LYS N 5 17.63 47.38 -49.83
N CYS N 6 17.89 46.29 -50.52
CA CYS N 6 18.50 45.11 -49.91
C CYS N 6 20.02 45.24 -49.95
N GLU N 7 20.68 44.41 -49.15
CA GLU N 7 22.13 44.38 -49.16
C GLU N 7 22.64 43.75 -50.45
N PRO N 8 23.91 43.98 -50.80
CA PRO N 8 24.44 43.39 -52.03
C PRO N 8 24.37 41.87 -52.04
N SER N 9 24.34 41.23 -50.87
CA SER N 9 24.23 39.78 -50.77
C SER N 9 22.79 39.28 -50.84
N GLN N 10 21.83 40.12 -51.20
CA GLN N 10 20.43 39.72 -51.25
C GLN N 10 19.80 40.13 -52.57
N PHE N 11 19.00 39.22 -53.14
CA PHE N 11 18.21 39.52 -54.32
C PHE N 11 16.90 40.18 -53.90
N GLN N 12 16.51 41.21 -54.63
CA GLN N 12 15.28 41.95 -54.34
C GLN N 12 14.23 41.60 -55.39
N CYS N 13 13.20 40.87 -54.96
CA CYS N 13 12.11 40.50 -55.84
C CYS N 13 11.26 41.72 -56.20
N THR N 14 10.50 41.60 -57.28
CA THR N 14 9.61 42.67 -57.67
C THR N 14 8.62 42.98 -56.54
N ASN N 15 8.30 41.99 -55.73
CA ASN N 15 7.44 42.18 -54.57
C ASN N 15 8.06 43.09 -53.52
N GLY N 16 9.36 43.35 -53.62
CA GLY N 16 10.07 44.18 -52.68
C GLY N 16 10.78 43.42 -51.58
N ARG N 17 10.41 42.17 -51.34
CA ARG N 17 11.03 41.38 -50.29
C ARG N 17 12.44 40.98 -50.70
N CYS N 18 13.37 41.02 -49.73
CA CYS N 18 14.74 40.61 -50.00
C CYS N 18 14.86 39.10 -49.88
N ILE N 19 15.76 38.53 -50.69
CA ILE N 19 16.04 37.10 -50.71
C ILE N 19 17.54 36.92 -50.82
N THR N 20 18.07 35.93 -50.10
CA THR N 20 19.50 35.63 -50.16
C THR N 20 19.93 35.40 -51.60
N LEU N 21 21.03 36.03 -52.00
CA LEU N 21 21.48 35.95 -53.39
C LEU N 21 21.73 34.51 -53.82
N LEU N 22 22.12 33.64 -52.87
CA LEU N 22 22.32 32.23 -53.19
C LEU N 22 21.07 31.58 -53.73
N TRP N 23 19.89 32.14 -53.42
CA TRP N 23 18.61 31.58 -53.83
C TRP N 23 18.10 32.16 -55.15
N LYS N 24 18.89 32.99 -55.82
CA LYS N 24 18.40 33.66 -57.03
C LYS N 24 17.99 32.67 -58.12
N CYS N 25 18.75 31.57 -58.27
CA CYS N 25 18.42 30.54 -59.27
C CYS N 25 18.74 29.17 -58.68
N ASP N 26 17.74 28.54 -58.05
CA ASP N 26 17.92 27.21 -57.49
C ASP N 26 16.68 26.33 -57.69
N GLY N 27 15.82 26.67 -58.64
CA GLY N 27 14.65 25.87 -58.94
C GLY N 27 13.47 26.05 -58.02
N ASP N 28 13.57 26.92 -57.01
CA ASP N 28 12.47 27.18 -56.09
C ASP N 28 12.09 28.66 -56.16
N GLU N 29 10.79 28.93 -56.20
CA GLU N 29 10.29 30.30 -56.21
C GLU N 29 10.15 30.75 -54.76
N ASP N 30 11.20 31.40 -54.26
CA ASP N 30 11.21 31.86 -52.88
C ASP N 30 10.34 33.09 -52.67
N CYS N 31 9.98 33.78 -53.74
CA CYS N 31 9.06 34.91 -53.69
C CYS N 31 7.75 34.50 -54.33
N VAL N 32 6.64 34.81 -53.65
CA VAL N 32 5.32 34.39 -54.12
C VAL N 32 5.09 34.78 -55.57
N ASP N 33 5.61 35.92 -56.02
CA ASP N 33 5.42 36.33 -57.39
C ASP N 33 6.24 35.52 -58.39
N GLY N 34 7.22 34.74 -57.93
CA GLY N 34 8.02 33.93 -58.80
C GLY N 34 9.13 34.65 -59.55
N SER N 35 9.27 35.97 -59.37
CA SER N 35 10.33 36.71 -60.04
C SER N 35 11.71 36.26 -59.59
N ASP N 36 11.80 35.44 -58.54
CA ASP N 36 13.09 34.91 -58.11
C ASP N 36 13.74 34.07 -59.19
N GLU N 37 13.00 33.09 -59.73
CA GLU N 37 13.55 32.15 -60.70
C GLU N 37 13.34 32.56 -62.15
N LYS N 38 12.59 33.62 -62.42
CA LYS N 38 12.39 34.06 -63.80
C LYS N 38 13.70 34.53 -64.41
N ASN N 39 13.88 34.21 -65.69
CA ASN N 39 15.06 34.56 -66.48
C ASN N 39 16.33 33.82 -66.07
N CYS N 40 16.22 32.75 -65.29
CA CYS N 40 17.40 31.97 -64.93
C CYS N 40 17.90 31.20 -66.16
N VAL N 41 19.21 31.27 -66.42
CA VAL N 41 19.82 30.62 -67.57
C VAL N 41 20.08 29.14 -67.29
N LYS N 42 20.38 28.39 -68.34
CA LYS N 42 20.67 26.96 -68.26
C LYS N 42 21.91 26.66 -69.08
N LYS N 43 22.88 25.95 -68.48
CA LYS N 43 24.15 25.66 -69.12
C LYS N 43 24.17 24.22 -69.66
N THR N 44 25.18 23.96 -70.49
CA THR N 44 25.38 22.65 -71.11
C THR N 44 25.86 21.62 -70.08
N CYS N 45 25.68 20.35 -70.45
CA CYS N 45 26.08 19.22 -69.63
C CYS N 45 27.46 18.71 -70.02
N ALA N 46 27.96 17.75 -69.23
CA ALA N 46 29.24 17.14 -69.50
C ALA N 46 29.16 16.17 -70.66
N GLU N 47 30.32 15.84 -71.22
CA GLU N 47 30.40 14.90 -72.33
C GLU N 47 29.92 13.50 -71.97
N SER N 48 29.90 13.16 -70.68
CA SER N 48 29.48 11.83 -70.23
C SER N 48 27.98 11.60 -70.36
N ASP N 49 27.18 12.61 -70.70
CA ASP N 49 25.74 12.47 -70.76
C ASP N 49 25.22 12.68 -72.18
N PHE N 50 24.19 11.91 -72.52
CA PHE N 50 23.48 12.03 -73.79
C PHE N 50 22.32 13.00 -73.64
N VAL N 51 22.04 13.73 -74.71
CA VAL N 51 21.00 14.77 -74.72
C VAL N 51 19.87 14.32 -75.64
N CYS N 52 18.65 14.29 -75.09
CA CYS N 52 17.47 13.92 -75.86
C CYS N 52 16.92 15.12 -76.61
N ASN N 53 15.80 14.92 -77.31
CA ASN N 53 15.19 16.00 -78.07
C ASN N 53 14.68 17.12 -77.18
N ASN N 54 14.25 16.79 -75.96
CA ASN N 54 13.79 17.80 -75.02
C ASN N 54 14.93 18.57 -74.38
N GLY N 55 16.18 18.18 -74.63
CA GLY N 55 17.33 18.85 -74.09
C GLY N 55 17.81 18.34 -72.74
N GLN N 56 17.09 17.43 -72.10
CA GLN N 56 17.54 16.88 -70.84
C GLN N 56 18.69 15.91 -71.06
N CYS N 57 19.61 15.88 -70.10
CA CYS N 57 20.82 15.07 -70.19
C CYS N 57 20.67 13.79 -69.37
N VAL N 58 21.03 12.67 -70.00
CA VAL N 58 21.00 11.37 -69.33
C VAL N 58 22.35 10.69 -69.53
N PRO N 59 22.81 9.84 -68.61
CA PRO N 59 24.09 9.16 -68.81
C PRO N 59 24.14 8.40 -70.13
N SER N 60 25.33 8.43 -70.75
CA SER N 60 25.50 7.79 -72.05
C SER N 60 25.24 6.28 -71.97
N ARG N 61 25.65 5.64 -70.88
CA ARG N 61 25.46 4.20 -70.75
C ARG N 61 23.99 3.80 -70.78
N TRP N 62 23.07 4.74 -70.54
CA TRP N 62 21.65 4.46 -70.60
C TRP N 62 21.08 4.62 -72.02
N LYS N 63 21.91 5.03 -72.97
CA LYS N 63 21.44 5.23 -74.35
C LYS N 63 21.08 3.90 -74.99
N CYS N 64 19.87 3.83 -75.57
CA CYS N 64 19.39 2.63 -76.26
C CYS N 64 19.41 1.40 -75.34
N ASP N 65 19.20 1.59 -74.05
CA ASP N 65 19.23 0.49 -73.10
C ASP N 65 17.90 -0.22 -72.96
N GLY N 66 16.90 0.16 -73.76
CA GLY N 66 15.58 -0.43 -73.67
C GLY N 66 14.60 0.30 -72.78
N ASP N 67 15.08 1.27 -71.98
CA ASP N 67 14.22 2.04 -71.11
C ASP N 67 14.23 3.50 -71.53
N PRO N 68 13.05 4.16 -71.63
CA PRO N 68 13.04 5.59 -71.95
C PRO N 68 13.37 6.41 -70.72
N ASP N 69 14.57 6.99 -70.70
CA ASP N 69 15.04 7.77 -69.57
C ASP N 69 14.73 9.26 -69.70
N CYS N 70 14.15 9.69 -70.82
CA CYS N 70 13.76 11.08 -71.01
C CYS N 70 12.34 11.13 -71.54
N GLU N 71 11.71 12.28 -71.33
CA GLU N 71 10.29 12.45 -71.68
C GLU N 71 10.01 12.04 -73.12
N ASP N 72 10.92 12.33 -74.03
CA ASP N 72 10.73 11.99 -75.43
C ASP N 72 11.19 10.58 -75.78
N GLY N 73 11.95 9.93 -74.90
CA GLY N 73 12.46 8.61 -75.23
C GLY N 73 13.45 8.59 -76.37
N SER N 74 14.06 9.74 -76.69
CA SER N 74 14.99 9.81 -77.81
C SER N 74 16.15 8.84 -77.64
N ASP N 75 16.54 8.56 -76.40
CA ASP N 75 17.62 7.60 -76.17
C ASP N 75 17.29 6.21 -76.72
N GLU N 76 16.00 5.90 -76.86
CA GLU N 76 15.57 4.61 -77.41
C GLU N 76 15.00 4.73 -78.81
N SER N 77 14.92 5.93 -79.36
CA SER N 77 14.30 6.11 -80.67
C SER N 77 15.13 5.43 -81.77
N PRO N 78 14.48 4.87 -82.80
CA PRO N 78 15.25 4.25 -83.88
C PRO N 78 16.20 5.19 -84.58
N GLU N 79 15.82 6.47 -84.73
CA GLU N 79 16.66 7.45 -85.42
C GLU N 79 17.96 7.74 -84.67
N GLN N 80 18.08 7.32 -83.41
CA GLN N 80 19.27 7.60 -82.62
C GLN N 80 19.85 6.34 -81.98
N CYS N 81 19.52 5.17 -82.52
CA CYS N 81 20.08 3.91 -82.03
C CYS N 81 20.55 3.05 -83.20
N ALA O 4 12.02 -25.23 -48.00
CA ALA O 4 11.54 -25.10 -46.59
C ALA O 4 10.18 -25.75 -46.41
N LYS O 5 9.94 -26.32 -45.24
CA LYS O 5 8.70 -27.00 -44.94
C LYS O 5 8.08 -26.41 -43.68
N CYS O 6 6.76 -26.24 -43.71
CA CYS O 6 6.01 -25.73 -42.57
C CYS O 6 5.63 -26.86 -41.62
N GLU O 7 5.04 -26.48 -40.49
CA GLU O 7 4.54 -27.45 -39.54
C GLU O 7 3.40 -28.24 -40.18
N PRO O 8 3.11 -29.45 -39.66
CA PRO O 8 2.01 -30.24 -40.24
C PRO O 8 0.67 -29.54 -40.18
N SER O 9 0.44 -28.70 -39.17
CA SER O 9 -0.80 -27.96 -39.01
C SER O 9 -0.79 -26.61 -39.70
N GLN O 10 0.04 -26.43 -40.73
CA GLN O 10 0.15 -25.16 -41.44
C GLN O 10 0.11 -25.39 -42.94
N PHE O 11 -0.24 -24.33 -43.66
CA PHE O 11 -0.32 -24.33 -45.12
C PHE O 11 0.68 -23.33 -45.66
N GLN O 12 1.51 -23.77 -46.61
CA GLN O 12 2.54 -22.92 -47.21
C GLN O 12 2.00 -22.29 -48.49
N CYS O 13 1.78 -20.98 -48.47
CA CYS O 13 1.40 -20.29 -49.69
C CYS O 13 2.55 -20.34 -50.69
N THR O 14 2.22 -20.08 -51.97
CA THR O 14 3.24 -20.11 -52.99
C THR O 14 4.36 -19.11 -52.70
N ASN O 15 4.07 -18.07 -51.92
CA ASN O 15 5.08 -17.11 -51.51
C ASN O 15 6.11 -17.70 -50.56
N GLY O 16 5.87 -18.92 -50.04
CA GLY O 16 6.76 -19.56 -49.11
C GLY O 16 6.44 -19.32 -47.65
N ARG O 17 5.55 -18.38 -47.35
CA ARG O 17 5.18 -18.09 -45.96
C ARG O 17 4.17 -19.11 -45.46
N CYS O 18 4.38 -19.59 -44.24
CA CYS O 18 3.48 -20.55 -43.63
C CYS O 18 2.24 -19.86 -43.07
N ILE O 19 1.09 -20.52 -43.20
CA ILE O 19 -0.19 -20.04 -42.71
C ILE O 19 -0.88 -21.16 -41.97
N THR O 20 -1.67 -20.81 -40.96
CA THR O 20 -2.40 -21.80 -40.19
C THR O 20 -3.31 -22.61 -41.11
N LEU O 21 -3.34 -23.93 -40.89
CA LEU O 21 -4.13 -24.81 -41.75
C LEU O 21 -5.62 -24.48 -41.68
N LEU O 22 -6.10 -24.03 -40.52
CA LEU O 22 -7.50 -23.66 -40.40
C LEU O 22 -7.84 -22.53 -41.38
N TRP O 23 -6.90 -21.64 -41.65
CA TRP O 23 -7.08 -20.53 -42.58
C TRP O 23 -6.85 -20.93 -44.03
N LYS O 24 -6.50 -22.20 -44.29
CA LYS O 24 -6.12 -22.63 -45.63
C LYS O 24 -7.18 -22.32 -46.67
N CYS O 25 -8.46 -22.27 -46.29
CA CYS O 25 -9.50 -21.87 -47.24
C CYS O 25 -10.66 -21.22 -46.48
N ASP O 26 -10.84 -19.93 -46.70
CA ASP O 26 -11.95 -19.17 -46.12
C ASP O 26 -12.10 -17.89 -46.94
N GLY O 27 -12.89 -16.95 -46.44
CA GLY O 27 -13.15 -15.73 -47.17
C GLY O 27 -11.96 -14.79 -47.28
N ASP O 28 -10.96 -14.93 -46.42
CA ASP O 28 -9.84 -14.00 -46.35
C ASP O 28 -8.58 -14.63 -46.93
N GLU O 29 -7.88 -13.89 -47.79
CA GLU O 29 -6.56 -14.27 -48.27
C GLU O 29 -5.54 -13.85 -47.21
N ASP O 30 -5.05 -14.83 -46.45
CA ASP O 30 -4.15 -14.54 -45.34
C ASP O 30 -2.71 -14.30 -45.75
N CYS O 31 -2.34 -14.57 -47.01
CA CYS O 31 -1.01 -14.27 -47.51
C CYS O 31 -1.11 -13.36 -48.71
N VAL O 32 -0.17 -12.41 -48.82
CA VAL O 32 -0.22 -11.36 -49.82
C VAL O 32 -0.32 -11.93 -51.23
N ASP O 33 0.30 -13.09 -51.49
CA ASP O 33 0.25 -13.66 -52.83
C ASP O 33 -1.16 -14.06 -53.24
N GLY O 34 -2.07 -14.28 -52.29
CA GLY O 34 -3.42 -14.67 -52.61
C GLY O 34 -3.61 -16.12 -52.99
N SER O 35 -2.52 -16.90 -53.06
CA SER O 35 -2.64 -18.31 -53.41
C SER O 35 -3.37 -19.12 -52.35
N ASP O 36 -3.62 -18.54 -51.18
CA ASP O 36 -4.38 -19.23 -50.15
C ASP O 36 -5.75 -19.68 -50.64
N GLU O 37 -6.49 -18.78 -51.28
CA GLU O 37 -7.86 -19.04 -51.68
C GLU O 37 -8.00 -19.43 -53.15
N LYS O 38 -6.94 -19.31 -53.95
CA LYS O 38 -7.05 -19.59 -55.39
C LYS O 38 -7.62 -20.98 -55.65
N ASN O 39 -7.24 -21.98 -54.86
CA ASN O 39 -7.64 -23.36 -55.10
C ASN O 39 -8.86 -23.81 -54.31
N CYS O 40 -9.58 -22.88 -53.68
CA CYS O 40 -10.77 -23.25 -52.93
C CYS O 40 -11.86 -23.81 -53.86
N VAL O 41 -12.85 -24.45 -53.25
CA VAL O 41 -13.99 -25.03 -53.96
C VAL O 41 -15.28 -24.50 -53.33
N LYS O 42 -16.22 -24.10 -54.18
CA LYS O 42 -17.47 -23.52 -53.71
C LYS O 42 -18.32 -24.53 -52.93
N LYS O 43 -18.92 -24.06 -51.84
CA LYS O 43 -19.80 -24.87 -51.02
C LYS O 43 -21.21 -24.91 -51.60
N THR O 44 -21.94 -25.97 -51.24
CA THR O 44 -23.35 -26.10 -51.59
C THR O 44 -24.21 -25.37 -50.55
N CYS O 45 -25.53 -25.36 -50.77
CA CYS O 45 -26.46 -24.78 -49.81
C CYS O 45 -27.66 -25.70 -49.66
N ALA O 46 -28.28 -25.62 -48.47
CA ALA O 46 -29.41 -26.47 -48.14
C ALA O 46 -30.55 -26.34 -49.15
N GLU O 47 -31.29 -27.42 -49.32
CA GLU O 47 -32.45 -27.41 -50.22
C GLU O 47 -33.54 -26.46 -49.74
N SER O 48 -33.51 -26.05 -48.47
CA SER O 48 -34.46 -25.09 -47.96
C SER O 48 -34.21 -23.68 -48.48
N ASP O 49 -33.10 -23.45 -49.16
CA ASP O 49 -32.76 -22.15 -49.73
C ASP O 49 -32.82 -22.24 -51.25
N PHE O 50 -33.61 -21.36 -51.86
CA PHE O 50 -33.74 -21.30 -53.32
C PHE O 50 -32.42 -20.88 -53.94
N VAL O 51 -31.80 -21.79 -54.69
CA VAL O 51 -30.56 -21.47 -55.39
C VAL O 51 -30.88 -20.61 -56.61
N CYS O 52 -30.22 -19.46 -56.71
CA CYS O 52 -30.44 -18.53 -57.80
C CYS O 52 -29.78 -19.03 -59.08
N ASN O 53 -30.23 -18.47 -60.21
CA ASN O 53 -29.70 -18.87 -61.51
C ASN O 53 -28.20 -18.58 -61.62
N ASN O 54 -27.78 -17.42 -61.14
CA ASN O 54 -26.38 -17.01 -61.19
C ASN O 54 -25.53 -17.65 -60.10
N GLY O 55 -26.08 -18.59 -59.34
CA GLY O 55 -25.33 -19.29 -58.31
C GLY O 55 -25.52 -18.80 -56.89
N GLN O 56 -26.32 -17.75 -56.68
CA GLN O 56 -26.62 -17.34 -55.33
C GLN O 56 -27.61 -18.33 -54.69
N CYS O 57 -27.83 -18.17 -53.39
CA CYS O 57 -28.74 -19.05 -52.66
C CYS O 57 -29.41 -18.26 -51.57
N VAL O 58 -30.74 -18.16 -51.64
CA VAL O 58 -31.52 -17.36 -50.69
C VAL O 58 -32.59 -18.23 -50.04
N PRO O 59 -33.02 -17.93 -48.81
CA PRO O 59 -34.03 -18.76 -48.16
C PRO O 59 -35.31 -18.86 -48.98
N SER O 60 -35.97 -20.01 -48.86
CA SER O 60 -37.20 -20.26 -49.61
C SER O 60 -38.28 -19.23 -49.30
N ARG O 61 -38.41 -18.84 -48.03
CA ARG O 61 -39.46 -17.90 -47.66
C ARG O 61 -39.33 -16.57 -48.38
N TRP O 62 -38.13 -16.25 -48.89
CA TRP O 62 -37.93 -15.02 -49.65
C TRP O 62 -38.26 -15.18 -51.13
N LYS O 63 -38.47 -16.40 -51.61
CA LYS O 63 -38.74 -16.61 -53.02
C LYS O 63 -40.10 -16.05 -53.42
N CYS O 64 -40.11 -15.23 -54.47
CA CYS O 64 -41.33 -14.62 -54.98
C CYS O 64 -42.07 -13.85 -53.89
N ASP O 65 -41.32 -13.14 -53.05
CA ASP O 65 -41.90 -12.37 -51.96
C ASP O 65 -42.16 -10.92 -52.34
N GLY O 66 -41.78 -10.50 -53.54
CA GLY O 66 -41.94 -9.13 -53.97
C GLY O 66 -40.72 -8.26 -53.85
N ASP O 67 -39.58 -8.85 -53.47
CA ASP O 67 -38.33 -8.11 -53.30
C ASP O 67 -37.19 -8.90 -53.94
N PRO O 68 -36.43 -8.31 -54.87
CA PRO O 68 -35.34 -9.09 -55.51
C PRO O 68 -34.18 -9.33 -54.56
N ASP O 69 -34.06 -10.56 -54.06
CA ASP O 69 -32.97 -10.92 -53.16
C ASP O 69 -31.74 -11.42 -53.90
N CYS O 70 -31.90 -12.01 -55.08
CA CYS O 70 -30.74 -12.38 -55.87
C CYS O 70 -30.23 -11.17 -56.64
N GLU O 71 -28.96 -11.22 -57.04
CA GLU O 71 -28.34 -10.09 -57.72
C GLU O 71 -29.03 -9.75 -59.04
N ASP O 72 -29.82 -10.67 -59.58
CA ASP O 72 -30.55 -10.41 -60.82
C ASP O 72 -32.05 -10.48 -60.66
N GLY O 73 -32.57 -10.68 -59.44
CA GLY O 73 -34.00 -10.77 -59.23
C GLY O 73 -34.61 -12.08 -59.67
N SER O 74 -33.82 -13.15 -59.79
CA SER O 74 -34.35 -14.43 -60.22
C SER O 74 -35.53 -14.87 -59.35
N ASP O 75 -35.43 -14.68 -58.04
CA ASP O 75 -36.51 -15.06 -57.13
C ASP O 75 -37.81 -14.35 -57.46
N GLU O 76 -37.75 -13.19 -58.12
CA GLU O 76 -38.94 -12.42 -58.46
C GLU O 76 -39.23 -12.40 -59.96
N SER O 77 -38.39 -13.03 -60.77
CA SER O 77 -38.61 -13.05 -62.20
C SER O 77 -39.82 -13.91 -62.54
N PRO O 78 -40.55 -13.58 -63.62
CA PRO O 78 -41.74 -14.38 -63.97
C PRO O 78 -41.42 -15.85 -64.23
N GLU O 79 -40.16 -16.19 -64.51
CA GLU O 79 -39.80 -17.59 -64.70
C GLU O 79 -40.06 -18.41 -63.44
N GLN O 80 -39.97 -17.79 -62.27
CA GLN O 80 -40.19 -18.52 -61.02
C GLN O 80 -41.62 -18.42 -60.52
N CYS O 81 -42.34 -17.37 -60.88
CA CYS O 81 -43.72 -17.23 -60.46
C CYS O 81 -44.44 -16.18 -61.30
N ALA P 4 -46.03 -52.20 -18.68
CA ALA P 4 -46.04 -50.80 -19.21
C ALA P 4 -44.84 -50.56 -20.12
N LYS P 5 -44.81 -49.40 -20.76
CA LYS P 5 -43.72 -49.06 -21.65
C LYS P 5 -42.41 -48.97 -20.88
N CYS P 6 -41.35 -49.55 -21.44
CA CYS P 6 -40.06 -49.53 -20.79
C CYS P 6 -39.41 -48.15 -20.91
N GLU P 7 -38.22 -48.03 -20.33
CA GLU P 7 -37.48 -46.77 -20.37
C GLU P 7 -37.00 -46.48 -21.80
N PRO P 8 -36.79 -45.21 -22.13
CA PRO P 8 -36.36 -44.87 -23.49
C PRO P 8 -35.02 -45.48 -23.89
N SER P 9 -34.08 -45.63 -22.96
CA SER P 9 -32.77 -46.17 -23.25
C SER P 9 -32.72 -47.70 -23.15
N GLN P 10 -33.87 -48.36 -23.04
CA GLN P 10 -33.92 -49.81 -22.94
C GLN P 10 -34.91 -50.37 -23.94
N PHE P 11 -34.46 -51.35 -24.72
CA PHE P 11 -35.37 -52.04 -25.63
C PHE P 11 -36.35 -52.89 -24.85
N GLN P 12 -37.57 -53.01 -25.37
CA GLN P 12 -38.63 -53.81 -24.75
C GLN P 12 -39.02 -54.93 -25.70
N CYS P 13 -38.85 -56.17 -25.24
CA CYS P 13 -39.22 -57.32 -26.04
C CYS P 13 -40.72 -57.52 -26.07
N THR P 14 -41.19 -58.31 -27.03
CA THR P 14 -42.62 -58.54 -27.19
C THR P 14 -43.24 -59.25 -25.99
N ASN P 15 -42.43 -59.83 -25.11
CA ASN P 15 -42.94 -60.42 -23.88
C ASN P 15 -43.07 -59.41 -22.75
N GLY P 16 -42.66 -58.16 -22.97
CA GLY P 16 -42.78 -57.11 -22.00
C GLY P 16 -41.52 -56.83 -21.19
N ARG P 17 -40.61 -57.78 -21.10
CA ARG P 17 -39.41 -57.60 -20.29
C ARG P 17 -38.45 -56.62 -20.97
N CYS P 18 -37.94 -55.69 -20.18
CA CYS P 18 -36.97 -54.71 -20.68
C CYS P 18 -35.65 -55.36 -21.05
N ILE P 19 -34.91 -54.68 -21.92
CA ILE P 19 -33.58 -55.10 -22.34
C ILE P 19 -32.80 -53.83 -22.67
N THR P 20 -31.49 -53.86 -22.45
CA THR P 20 -30.66 -52.72 -22.76
C THR P 20 -30.64 -52.46 -24.25
N LEU P 21 -30.68 -51.19 -24.64
CA LEU P 21 -30.72 -50.84 -26.05
C LEU P 21 -29.50 -51.38 -26.79
N LEU P 22 -28.32 -51.25 -26.17
CA LEU P 22 -27.11 -51.78 -26.80
C LEU P 22 -27.22 -53.28 -27.04
N TRP P 23 -27.93 -53.99 -26.18
CA TRP P 23 -28.10 -55.43 -26.37
C TRP P 23 -29.00 -55.74 -27.56
N LYS P 24 -29.74 -54.77 -28.07
CA LYS P 24 -30.65 -55.02 -29.18
C LYS P 24 -29.87 -55.46 -30.42
N CYS P 25 -30.24 -56.62 -30.95
CA CYS P 25 -29.67 -57.15 -32.19
C CYS P 25 -28.15 -57.29 -32.13
N ASP P 26 -27.59 -57.52 -30.93
CA ASP P 26 -26.14 -57.65 -30.84
C ASP P 26 -25.65 -59.02 -31.26
N GLY P 27 -26.55 -59.99 -31.45
CA GLY P 27 -26.18 -61.33 -31.88
C GLY P 27 -26.77 -62.42 -31.02
N ASP P 28 -27.23 -62.07 -29.82
CA ASP P 28 -27.78 -63.02 -28.86
C ASP P 28 -29.21 -62.64 -28.50
N GLU P 29 -30.08 -63.65 -28.40
CA GLU P 29 -31.47 -63.45 -28.00
C GLU P 29 -31.51 -63.24 -26.49
N ASP P 30 -31.47 -61.98 -26.08
CA ASP P 30 -31.48 -61.65 -24.65
C ASP P 30 -32.83 -61.91 -24.00
N CYS P 31 -33.88 -62.15 -24.78
CA CYS P 31 -35.20 -62.47 -24.25
C CYS P 31 -35.76 -63.67 -25.00
N VAL P 32 -36.47 -64.52 -24.27
CA VAL P 32 -36.93 -65.81 -24.80
C VAL P 32 -37.80 -65.65 -26.03
N ASP P 33 -38.51 -64.53 -26.17
CA ASP P 33 -39.37 -64.34 -27.33
C ASP P 33 -38.59 -64.13 -28.63
N GLY P 34 -37.30 -63.85 -28.55
CA GLY P 34 -36.48 -63.67 -29.73
C GLY P 34 -36.68 -62.38 -30.49
N SER P 35 -37.61 -61.52 -30.08
CA SER P 35 -37.83 -60.27 -30.79
C SER P 35 -36.58 -59.40 -30.78
N ASP P 36 -35.66 -59.67 -29.86
CA ASP P 36 -34.39 -58.95 -29.80
C ASP P 36 -33.61 -59.05 -31.11
N GLU P 37 -33.64 -60.21 -31.77
CA GLU P 37 -32.80 -60.48 -32.92
C GLU P 37 -33.56 -60.75 -34.21
N LYS P 38 -34.86 -60.95 -34.15
CA LYS P 38 -35.62 -61.39 -35.32
C LYS P 38 -35.57 -60.39 -36.48
N ASN P 39 -35.76 -59.09 -36.19
CA ASN P 39 -36.00 -58.13 -37.27
C ASN P 39 -34.76 -57.52 -37.91
N CYS P 40 -33.64 -57.39 -37.20
CA CYS P 40 -32.51 -56.66 -37.77
C CYS P 40 -31.92 -57.36 -38.99
N VAL P 41 -31.47 -56.53 -39.94
CA VAL P 41 -30.83 -57.00 -41.17
C VAL P 41 -29.31 -56.94 -41.00
N LYS P 42 -28.61 -57.68 -41.86
CA LYS P 42 -27.15 -57.75 -41.86
C LYS P 42 -26.55 -56.50 -42.50
N LYS P 43 -25.28 -56.24 -42.17
CA LYS P 43 -24.52 -55.11 -42.68
C LYS P 43 -23.49 -55.57 -43.71
N THR P 44 -23.04 -54.62 -44.53
CA THR P 44 -22.07 -54.90 -45.59
C THR P 44 -20.67 -55.13 -45.01
N CYS P 45 -19.91 -55.98 -45.69
CA CYS P 45 -18.53 -56.27 -45.33
C CYS P 45 -17.58 -55.20 -45.84
N ALA P 46 -16.32 -55.32 -45.46
CA ALA P 46 -15.29 -54.39 -45.88
C ALA P 46 -14.92 -54.59 -47.35
N GLU P 47 -14.14 -53.63 -47.88
CA GLU P 47 -13.72 -53.70 -49.27
C GLU P 47 -12.67 -54.77 -49.52
N SER P 48 -11.90 -55.15 -48.49
CA SER P 48 -10.89 -56.19 -48.63
C SER P 48 -11.44 -57.60 -48.45
N ASP P 49 -12.70 -57.73 -48.04
CA ASP P 49 -13.30 -59.04 -47.83
C ASP P 49 -13.86 -59.60 -49.14
N PHE P 50 -13.59 -60.88 -49.37
CA PHE P 50 -14.18 -61.61 -50.48
C PHE P 50 -15.49 -62.23 -49.99
N VAL P 51 -16.57 -61.93 -50.69
CA VAL P 51 -17.91 -62.35 -50.26
C VAL P 51 -18.27 -63.66 -50.95
N CYS P 52 -18.65 -64.66 -50.16
CA CYS P 52 -19.10 -65.94 -50.68
C CYS P 52 -20.58 -65.89 -51.02
N ASN P 53 -21.03 -66.88 -51.79
CA ASN P 53 -22.43 -66.92 -52.20
C ASN P 53 -23.37 -67.03 -51.00
N ASN P 54 -22.96 -67.73 -49.95
CA ASN P 54 -23.77 -67.83 -48.75
C ASN P 54 -23.98 -66.49 -48.06
N GLY P 55 -23.20 -65.47 -48.40
CA GLY P 55 -23.28 -64.17 -47.79
C GLY P 55 -22.20 -63.89 -46.76
N GLN P 56 -21.52 -64.93 -46.28
CA GLN P 56 -20.41 -64.71 -45.35
C GLN P 56 -19.21 -64.16 -46.12
N CYS P 57 -18.28 -63.57 -45.38
CA CYS P 57 -17.13 -62.89 -45.97
C CYS P 57 -15.83 -63.46 -45.43
N VAL P 58 -14.87 -63.65 -46.33
CA VAL P 58 -13.54 -64.14 -45.96
C VAL P 58 -12.49 -63.21 -46.59
N PRO P 59 -11.32 -63.05 -45.97
CA PRO P 59 -10.29 -62.19 -46.58
C PRO P 59 -9.86 -62.67 -47.95
N SER P 60 -9.47 -61.71 -48.80
CA SER P 60 -9.02 -62.03 -50.15
C SER P 60 -7.84 -63.00 -50.14
N ARG P 61 -6.95 -62.88 -49.15
CA ARG P 61 -5.81 -63.80 -49.04
C ARG P 61 -6.24 -65.25 -48.88
N TRP P 62 -7.48 -65.51 -48.46
CA TRP P 62 -8.00 -66.86 -48.29
C TRP P 62 -8.72 -67.39 -49.53
N LYS P 63 -8.36 -66.90 -50.71
CA LYS P 63 -8.99 -67.31 -51.97
C LYS P 63 -8.00 -68.11 -52.80
N CYS P 64 -8.51 -69.15 -53.46
CA CYS P 64 -7.72 -70.06 -54.30
C CYS P 64 -6.67 -70.82 -53.48
N ASP P 65 -6.91 -70.97 -52.17
CA ASP P 65 -5.99 -71.70 -51.30
C ASP P 65 -6.08 -73.20 -51.46
N GLY P 66 -7.19 -73.71 -52.03
CA GLY P 66 -7.50 -75.11 -51.99
C GLY P 66 -8.20 -75.55 -50.72
N ASP P 67 -8.50 -74.60 -49.84
CA ASP P 67 -9.19 -74.84 -48.57
C ASP P 67 -10.49 -74.06 -48.54
N PRO P 68 -11.66 -74.71 -48.56
CA PRO P 68 -12.93 -73.96 -48.60
C PRO P 68 -13.28 -73.39 -47.25
N ASP P 69 -13.16 -72.07 -47.11
CA ASP P 69 -13.48 -71.38 -45.87
C ASP P 69 -14.97 -71.11 -45.70
N CYS P 70 -15.77 -71.25 -46.76
CA CYS P 70 -17.20 -71.03 -46.70
C CYS P 70 -17.93 -72.19 -47.36
N GLU P 71 -19.18 -72.40 -46.94
CA GLU P 71 -19.94 -73.59 -47.36
C GLU P 71 -20.07 -73.70 -48.88
N ASP P 72 -20.09 -72.58 -49.59
CA ASP P 72 -20.20 -72.64 -51.05
C ASP P 72 -18.86 -72.86 -51.74
N GLY P 73 -17.75 -72.81 -51.01
CA GLY P 73 -16.45 -72.99 -51.64
C GLY P 73 -16.11 -71.95 -52.67
N SER P 74 -16.82 -70.81 -52.68
CA SER P 74 -16.57 -69.78 -53.68
C SER P 74 -15.11 -69.35 -53.69
N ASP P 75 -14.46 -69.34 -52.52
CA ASP P 75 -13.05 -68.99 -52.46
C ASP P 75 -12.18 -70.00 -53.21
N GLU P 76 -12.68 -71.21 -53.41
CA GLU P 76 -11.96 -72.26 -54.12
C GLU P 76 -12.66 -72.73 -55.37
N SER P 77 -13.80 -72.13 -55.72
CA SER P 77 -14.53 -72.54 -56.90
C SER P 77 -13.69 -72.27 -58.15
N PRO P 78 -13.56 -73.24 -59.07
CA PRO P 78 -12.83 -72.97 -60.32
C PRO P 78 -13.46 -71.86 -61.15
N GLU P 79 -14.74 -71.56 -60.94
CA GLU P 79 -15.38 -70.46 -61.65
C GLU P 79 -14.91 -69.10 -61.16
N GLN P 80 -14.32 -69.03 -59.97
CA GLN P 80 -13.78 -67.79 -59.43
C GLN P 80 -12.28 -67.67 -59.58
N CYS P 81 -11.54 -68.76 -59.41
CA CYS P 81 -10.09 -68.75 -59.57
C CYS P 81 -9.70 -69.19 -60.97
N CYS Q 212 9.85 78.64 -63.15
CA CYS Q 212 8.67 77.81 -62.96
C CYS Q 212 7.41 78.50 -63.48
N PRO Q 213 6.49 77.72 -64.04
CA PRO Q 213 5.25 78.29 -64.58
C PRO Q 213 4.32 78.77 -63.47
N ALA Q 214 3.26 79.46 -63.89
CA ALA Q 214 2.29 79.99 -62.95
C ALA Q 214 1.63 78.90 -62.12
N SER Q 215 1.71 77.64 -62.57
CA SER Q 215 1.15 76.51 -61.84
C SER Q 215 1.95 76.14 -60.60
N GLU Q 216 3.10 76.79 -60.35
CA GLU Q 216 3.95 76.43 -59.23
C GLU Q 216 4.42 77.68 -58.51
N ILE Q 217 4.76 77.51 -57.24
CA ILE Q 217 5.25 78.59 -56.39
C ILE Q 217 6.67 78.24 -55.95
N GLN Q 218 7.62 79.10 -56.28
CA GLN Q 218 9.03 78.86 -56.00
C GLN Q 218 9.36 79.10 -54.53
N CYS Q 219 9.93 78.09 -53.88
CA CYS Q 219 10.41 78.21 -52.52
C CYS Q 219 11.80 78.84 -52.49
N GLY Q 220 12.15 79.42 -51.34
CA GLY Q 220 13.49 79.95 -51.19
C GLY Q 220 14.57 78.89 -51.32
N SER Q 221 14.21 77.62 -51.11
CA SER Q 221 15.15 76.52 -51.28
C SER Q 221 15.45 76.24 -52.75
N GLY Q 222 14.63 76.75 -53.68
CA GLY Q 222 14.82 76.57 -55.09
C GLY Q 222 13.82 75.64 -55.76
N GLU Q 223 13.13 74.80 -54.99
CA GLU Q 223 12.07 73.97 -55.56
C GLU Q 223 10.78 74.76 -55.64
N CYS Q 224 9.92 74.38 -56.58
CA CYS Q 224 8.65 75.06 -56.81
C CYS Q 224 7.48 74.19 -56.36
N ILE Q 225 6.65 74.75 -55.48
CA ILE Q 225 5.47 74.06 -54.97
C ILE Q 225 4.38 74.09 -56.03
N HIS Q 226 3.97 72.91 -56.49
CA HIS Q 226 2.83 72.84 -57.40
C HIS Q 226 1.57 73.22 -56.63
N LYS Q 227 0.72 74.04 -57.27
CA LYS Q 227 -0.48 74.50 -56.59
C LYS Q 227 -1.38 73.35 -56.16
N LYS Q 228 -1.43 72.27 -56.95
CA LYS Q 228 -2.20 71.10 -56.55
C LYS Q 228 -1.65 70.46 -55.28
N TRP Q 229 -0.37 70.71 -54.96
CA TRP Q 229 0.27 70.16 -53.77
C TRP Q 229 0.60 71.24 -52.75
N ARG Q 230 0.02 72.44 -52.91
CA ARG Q 230 0.30 73.53 -51.97
C ARG Q 230 -0.07 73.18 -50.54
N CYS Q 231 -0.94 72.19 -50.34
CA CYS Q 231 -1.20 71.67 -48.99
C CYS Q 231 -1.74 70.24 -49.16
N ASP Q 232 -0.86 69.25 -48.96
CA ASP Q 232 -1.27 67.86 -49.10
C ASP Q 232 -0.52 66.93 -48.15
N GLY Q 233 -0.01 67.43 -47.04
CA GLY Q 233 0.68 66.61 -46.04
C GLY Q 233 2.19 66.48 -46.15
N ASP Q 234 2.73 66.32 -47.35
CA ASP Q 234 4.17 66.18 -47.53
C ASP Q 234 4.76 67.43 -48.15
N PRO Q 235 5.85 67.98 -47.59
CA PRO Q 235 6.44 69.19 -48.17
C PRO Q 235 7.17 68.90 -49.47
N ASP Q 236 6.80 69.63 -50.52
CA ASP Q 236 7.42 69.47 -51.83
C ASP Q 236 8.67 70.31 -52.02
N CYS Q 237 9.10 71.04 -50.99
CA CYS Q 237 10.34 71.81 -51.07
C CYS Q 237 10.99 71.80 -49.70
N LYS Q 238 12.30 72.01 -49.67
CA LYS Q 238 13.03 72.00 -48.41
C LYS Q 238 12.54 73.09 -47.47
N ASP Q 239 12.02 74.19 -48.00
CA ASP Q 239 11.49 75.26 -47.17
C ASP Q 239 10.13 74.91 -46.56
N GLY Q 240 9.46 73.88 -47.08
CA GLY Q 240 8.17 73.50 -46.56
C GLY Q 240 7.09 74.53 -46.72
N SER Q 241 7.26 75.47 -47.66
CA SER Q 241 6.29 76.55 -47.83
C SER Q 241 4.89 76.06 -48.15
N ASP Q 242 4.73 74.77 -48.48
CA ASP Q 242 3.39 74.22 -48.71
C ASP Q 242 2.72 73.80 -47.40
N GLU Q 243 3.29 72.79 -46.74
CA GLU Q 243 2.65 72.25 -45.54
C GLU Q 243 2.70 73.24 -44.38
N VAL Q 244 3.70 74.11 -44.36
CA VAL Q 244 3.76 75.15 -43.33
C VAL Q 244 2.74 76.24 -43.58
N ASN Q 245 2.26 76.39 -44.81
CA ASN Q 245 1.30 77.42 -45.17
C ASN Q 245 -0.12 76.89 -45.32
N CYS Q 246 -0.38 75.67 -44.85
CA CYS Q 246 -1.72 75.11 -44.93
C CYS Q 246 -2.73 75.98 -44.19
N CYS R 212 27.67 -38.93 -63.35
CA CYS R 212 28.09 -37.56 -63.67
C CYS R 212 29.33 -37.56 -64.55
N PRO R 213 29.40 -36.61 -65.49
CA PRO R 213 30.55 -36.54 -66.39
C PRO R 213 31.81 -36.07 -65.67
N ALA R 214 32.93 -36.16 -66.39
CA ALA R 214 34.22 -35.77 -65.83
C ALA R 214 34.23 -34.31 -65.38
N SER R 215 33.29 -33.50 -65.83
CA SER R 215 33.19 -32.10 -65.40
C SER R 215 32.66 -31.95 -63.98
N GLU R 216 32.30 -33.03 -63.30
CA GLU R 216 31.70 -32.94 -61.97
C GLU R 216 32.33 -33.97 -61.05
N ILE R 217 32.29 -33.68 -59.75
CA ILE R 217 32.81 -34.55 -58.71
C ILE R 217 31.65 -34.95 -57.81
N GLN R 218 31.39 -36.26 -57.73
CA GLN R 218 30.27 -36.76 -56.93
C GLN R 218 30.62 -36.81 -55.45
N CYS R 219 29.79 -36.17 -54.63
CA CYS R 219 29.95 -36.21 -53.18
C CYS R 219 29.32 -37.49 -52.62
N GLY R 220 29.75 -37.86 -51.41
CA GLY R 220 29.15 -39.00 -50.75
C GLY R 220 27.67 -38.82 -50.51
N SER R 221 27.19 -37.58 -50.45
CA SER R 221 25.77 -37.31 -50.29
C SER R 221 24.98 -37.62 -51.57
N GLY R 222 25.66 -37.78 -52.70
CA GLY R 222 25.03 -38.11 -53.96
C GLY R 222 24.98 -36.99 -54.98
N GLU R 223 25.16 -35.74 -54.56
CA GLU R 223 25.22 -34.65 -55.51
C GLU R 223 26.61 -34.54 -56.10
N CYS R 224 26.69 -33.99 -57.31
CA CYS R 224 27.96 -33.86 -58.03
C CYS R 224 28.40 -32.40 -58.05
N ILE R 225 29.60 -32.16 -57.52
CA ILE R 225 30.22 -30.84 -57.52
C ILE R 225 30.74 -30.55 -58.92
N HIS R 226 30.14 -29.57 -59.60
CA HIS R 226 30.70 -29.14 -60.87
C HIS R 226 32.03 -28.44 -60.61
N LYS R 227 33.03 -28.74 -61.44
CA LYS R 227 34.34 -28.15 -61.23
C LYS R 227 34.28 -26.63 -61.24
N LYS R 228 33.35 -26.05 -62.01
CA LYS R 228 33.15 -24.61 -62.01
C LYS R 228 32.74 -24.08 -60.65
N TRP R 229 32.18 -24.93 -59.78
CA TRP R 229 31.71 -24.51 -58.46
C TRP R 229 32.52 -25.18 -57.34
N ARG R 230 33.66 -25.78 -57.66
CA ARG R 230 34.44 -26.53 -56.68
C ARG R 230 34.87 -25.67 -55.50
N CYS R 231 34.93 -24.34 -55.66
CA CYS R 231 35.18 -23.45 -54.53
C CYS R 231 34.62 -22.08 -54.87
N ASP R 232 33.41 -21.78 -54.36
CA ASP R 232 32.77 -20.50 -54.65
C ASP R 232 31.92 -20.01 -53.49
N GLY R 233 32.25 -20.42 -52.27
CA GLY R 233 31.56 -19.97 -51.05
C GLY R 233 30.38 -20.77 -50.56
N ASP R 234 29.50 -21.24 -51.47
CA ASP R 234 28.35 -22.03 -51.05
C ASP R 234 28.49 -23.47 -51.51
N PRO R 235 28.23 -24.45 -50.64
CA PRO R 235 28.44 -25.85 -51.01
C PRO R 235 27.39 -26.34 -52.00
N ASP R 236 27.85 -26.99 -53.07
CA ASP R 236 26.96 -27.54 -54.09
C ASP R 236 26.52 -28.97 -53.76
N CYS R 237 26.92 -29.51 -52.62
CA CYS R 237 26.45 -30.82 -52.19
C CYS R 237 26.33 -30.80 -50.68
N LYS R 238 25.46 -31.68 -50.15
CA LYS R 238 25.24 -31.71 -48.71
C LYS R 238 26.51 -32.06 -47.96
N ASP R 239 27.43 -32.78 -48.58
CA ASP R 239 28.69 -33.11 -47.94
C ASP R 239 29.65 -31.93 -47.87
N GLY R 240 29.40 -30.87 -48.65
CA GLY R 240 30.24 -29.69 -48.61
C GLY R 240 31.67 -29.92 -49.04
N SER R 241 31.94 -30.99 -49.81
CA SER R 241 33.30 -31.31 -50.21
C SER R 241 33.95 -30.21 -51.03
N ASP R 242 33.18 -29.23 -51.51
CA ASP R 242 33.77 -28.11 -52.26
C ASP R 242 34.30 -27.03 -51.33
N GLU R 243 33.43 -26.38 -50.56
CA GLU R 243 33.85 -25.28 -49.72
C GLU R 243 34.76 -25.73 -48.60
N VAL R 244 34.58 -26.97 -48.11
CA VAL R 244 35.45 -27.48 -47.07
C VAL R 244 36.84 -27.78 -47.60
N ASN R 245 36.99 -27.97 -48.91
CA ASN R 245 38.27 -28.31 -49.52
C ASN R 245 38.89 -27.14 -50.26
N CYS R 246 38.39 -25.92 -50.06
CA CYS R 246 38.96 -24.75 -50.72
C CYS R 246 40.43 -24.59 -50.37
N CYS S 212 -73.72 1.01 -34.50
CA CYS S 212 -72.58 0.13 -34.73
C CYS S 212 -73.02 -1.32 -34.95
N PRO S 213 -72.31 -2.03 -35.85
CA PRO S 213 -72.68 -3.42 -36.14
C PRO S 213 -72.34 -4.35 -34.98
N ALA S 214 -72.83 -5.58 -35.12
CA ALA S 214 -72.60 -6.60 -34.09
C ALA S 214 -71.12 -6.88 -33.88
N SER S 215 -70.27 -6.50 -34.83
CA SER S 215 -68.83 -6.68 -34.68
C SER S 215 -68.21 -5.69 -33.69
N GLU S 216 -68.99 -4.76 -33.15
CA GLU S 216 -68.47 -3.77 -32.21
C GLU S 216 -69.44 -3.63 -31.04
N ILE S 217 -68.90 -3.21 -29.91
CA ILE S 217 -69.66 -3.03 -28.67
C ILE S 217 -69.63 -1.55 -28.32
N GLN S 218 -70.80 -0.93 -28.25
CA GLN S 218 -70.89 0.49 -27.96
C GLN S 218 -70.67 0.76 -26.47
N CYS S 219 -69.72 1.66 -26.18
CA CYS S 219 -69.46 2.07 -24.81
C CYS S 219 -70.51 3.09 -24.37
N GLY S 220 -70.67 3.21 -23.05
CA GLY S 220 -71.58 4.22 -22.53
C GLY S 220 -71.17 5.62 -22.92
N SER S 221 -69.89 5.82 -23.23
CA SER S 221 -69.41 7.11 -23.72
C SER S 221 -69.83 7.38 -25.17
N GLY S 222 -70.27 6.36 -25.90
CA GLY S 222 -70.71 6.49 -27.26
C GLY S 222 -69.78 5.90 -28.30
N GLU S 223 -68.52 5.61 -27.94
CA GLU S 223 -67.63 4.94 -28.88
C GLU S 223 -67.88 3.44 -28.86
N CYS S 224 -67.58 2.77 -29.97
CA CYS S 224 -67.84 1.35 -30.13
C CYS S 224 -66.54 0.55 -30.10
N ILE S 225 -66.48 -0.41 -29.19
CA ILE S 225 -65.32 -1.29 -29.03
C ILE S 225 -65.35 -2.36 -30.11
N HIS S 226 -64.39 -2.31 -31.03
CA HIS S 226 -64.25 -3.36 -32.03
C HIS S 226 -63.74 -4.64 -31.35
N LYS S 227 -64.28 -5.78 -31.78
CA LYS S 227 -63.84 -7.05 -31.20
C LYS S 227 -62.33 -7.25 -31.32
N LYS S 228 -61.69 -6.64 -32.31
CA LYS S 228 -60.24 -6.76 -32.45
C LYS S 228 -59.48 -6.27 -31.23
N TRP S 229 -60.06 -5.39 -30.41
CA TRP S 229 -59.37 -4.86 -29.25
C TRP S 229 -60.29 -4.79 -28.03
N ARG S 230 -61.22 -5.73 -27.93
CA ARG S 230 -62.13 -5.80 -26.78
C ARG S 230 -61.36 -5.93 -25.47
N CYS S 231 -60.15 -6.48 -25.50
CA CYS S 231 -59.32 -6.57 -24.31
C CYS S 231 -57.87 -6.66 -24.73
N ASP S 232 -57.13 -5.55 -24.58
CA ASP S 232 -55.71 -5.56 -24.94
C ASP S 232 -54.86 -4.68 -24.03
N GLY S 233 -55.32 -4.39 -22.82
CA GLY S 233 -54.57 -3.58 -21.86
C GLY S 233 -54.82 -2.08 -21.90
N ASP S 234 -55.03 -1.51 -23.09
CA ASP S 234 -55.24 -0.08 -23.22
C ASP S 234 -56.71 0.23 -23.53
N PRO S 235 -57.35 1.13 -22.77
CA PRO S 235 -58.76 1.42 -23.02
C PRO S 235 -58.95 2.28 -24.26
N ASP S 236 -59.79 1.81 -25.17
CA ASP S 236 -60.05 2.50 -26.43
C ASP S 236 -61.30 3.37 -26.41
N CYS S 237 -61.98 3.50 -25.27
CA CYS S 237 -63.14 4.38 -25.15
C CYS S 237 -63.14 4.98 -23.76
N LYS S 238 -63.83 6.12 -23.63
CA LYS S 238 -63.86 6.82 -22.35
C LYS S 238 -64.51 5.98 -21.27
N ASP S 239 -65.42 5.09 -21.64
CA ASP S 239 -66.05 4.20 -20.67
C ASP S 239 -65.14 3.05 -20.24
N GLY S 240 -64.09 2.77 -21.00
CA GLY S 240 -63.21 1.66 -20.68
C GLY S 240 -63.88 0.31 -20.72
N SER S 241 -65.02 0.19 -21.41
CA SER S 241 -65.76 -1.06 -21.43
C SER S 241 -64.96 -2.21 -22.04
N ASP S 242 -63.80 -1.94 -22.62
CA ASP S 242 -62.94 -3.01 -23.12
C ASP S 242 -62.09 -3.60 -21.99
N GLU S 243 -61.20 -2.80 -21.41
CA GLU S 243 -60.31 -3.31 -20.38
C GLU S 243 -61.05 -3.62 -19.09
N VAL S 244 -62.17 -2.93 -18.84
CA VAL S 244 -62.99 -3.25 -17.68
C VAL S 244 -63.75 -4.56 -17.88
N ASN S 245 -63.94 -4.99 -19.12
CA ASN S 245 -64.67 -6.21 -19.44
C ASN S 245 -63.76 -7.38 -19.78
N CYS S 246 -62.46 -7.26 -19.50
CA CYS S 246 -61.52 -8.35 -19.77
C CYS S 246 -61.92 -9.60 -19.00
N CYS T 212 33.90 -78.64 -52.34
CA CYS T 212 32.77 -77.73 -52.20
C CYS T 212 32.81 -76.61 -53.24
N PRO T 213 31.65 -76.27 -53.81
CA PRO T 213 31.59 -75.20 -54.82
C PRO T 213 31.78 -73.83 -54.18
N ALA T 214 31.91 -72.83 -55.06
CA ALA T 214 32.08 -71.45 -54.61
C ALA T 214 30.92 -70.96 -53.77
N SER T 215 29.79 -71.66 -53.80
CA SER T 215 28.64 -71.30 -52.96
C SER T 215 28.86 -71.63 -51.49
N GLU T 216 29.97 -72.28 -51.13
CA GLU T 216 30.23 -72.72 -49.77
C GLU T 216 31.65 -72.37 -49.35
N ILE T 217 31.83 -72.17 -48.05
CA ILE T 217 33.13 -71.86 -47.44
C ILE T 217 33.53 -73.00 -46.51
N GLN T 218 34.63 -73.67 -46.86
CA GLN T 218 35.16 -74.79 -46.09
C GLN T 218 35.83 -74.32 -44.80
N CYS T 219 35.32 -74.81 -43.66
CA CYS T 219 35.97 -74.63 -42.37
C CYS T 219 37.17 -75.57 -42.27
N GLY T 220 38.17 -75.16 -41.47
CA GLY T 220 39.32 -76.01 -41.26
C GLY T 220 38.97 -77.36 -40.67
N SER T 221 37.82 -77.46 -40.00
CA SER T 221 37.32 -78.75 -39.52
C SER T 221 36.99 -79.70 -40.67
N GLY T 222 36.78 -79.17 -41.88
CA GLY T 222 36.40 -79.92 -43.05
C GLY T 222 34.95 -79.81 -43.50
N GLU T 223 34.05 -79.26 -42.69
CA GLU T 223 32.72 -78.95 -43.18
C GLU T 223 32.71 -77.61 -43.91
N CYS T 224 31.84 -77.51 -44.91
CA CYS T 224 31.68 -76.30 -45.71
C CYS T 224 30.42 -75.54 -45.33
N ILE T 225 30.60 -74.31 -44.86
CA ILE T 225 29.52 -73.38 -44.57
C ILE T 225 28.90 -72.90 -45.89
N HIS T 226 27.69 -73.36 -46.18
CA HIS T 226 26.95 -72.79 -47.31
C HIS T 226 26.65 -71.32 -47.03
N LYS T 227 26.90 -70.46 -48.02
CA LYS T 227 26.62 -69.04 -47.87
C LYS T 227 25.16 -68.79 -47.44
N LYS T 228 24.22 -69.60 -47.92
CA LYS T 228 22.85 -69.50 -47.43
C LYS T 228 22.78 -69.65 -45.90
N TRP T 229 23.72 -70.36 -45.31
CA TRP T 229 23.73 -70.62 -43.86
C TRP T 229 24.85 -69.88 -43.13
N ARG T 230 25.55 -68.96 -43.80
CA ARG T 230 26.67 -68.27 -43.18
C ARG T 230 26.27 -67.57 -41.89
N CYS T 231 25.01 -67.20 -41.73
CA CYS T 231 24.52 -66.66 -40.45
C CYS T 231 23.04 -67.01 -40.30
N ASP T 232 22.75 -68.09 -39.55
CA ASP T 232 21.37 -68.49 -39.36
C ASP T 232 21.12 -69.07 -37.96
N GLY T 233 21.98 -68.81 -36.99
CA GLY T 233 21.88 -69.32 -35.62
C GLY T 233 22.53 -70.64 -35.24
N ASP T 234 22.52 -71.63 -36.12
CA ASP T 234 23.15 -72.92 -35.79
C ASP T 234 24.44 -73.12 -36.56
N PRO T 235 25.55 -73.44 -35.89
CA PRO T 235 26.83 -73.64 -36.57
C PRO T 235 26.82 -74.88 -37.46
N ASP T 236 27.14 -74.68 -38.74
CA ASP T 236 27.18 -75.79 -39.70
C ASP T 236 28.54 -76.47 -39.76
N CYS T 237 29.53 -76.02 -38.99
CA CYS T 237 30.84 -76.64 -38.94
C CYS T 237 31.36 -76.62 -37.51
N LYS T 238 32.23 -77.58 -37.20
CA LYS T 238 32.79 -77.67 -35.85
C LYS T 238 33.45 -76.38 -35.40
N ASP T 239 34.04 -75.61 -36.32
CA ASP T 239 34.66 -74.34 -35.94
C ASP T 239 33.63 -73.29 -35.56
N GLY T 240 32.39 -73.43 -36.01
CA GLY T 240 31.35 -72.43 -35.76
C GLY T 240 31.63 -71.06 -36.34
N SER T 241 32.52 -70.98 -37.34
CA SER T 241 32.89 -69.70 -37.92
C SER T 241 31.71 -68.96 -38.53
N ASP T 242 30.59 -69.63 -38.76
CA ASP T 242 29.39 -68.95 -39.29
C ASP T 242 28.68 -68.12 -38.22
N GLU T 243 28.09 -68.79 -37.22
CA GLU T 243 27.32 -68.08 -36.21
C GLU T 243 28.19 -67.19 -35.32
N VAL T 244 29.44 -67.59 -35.08
CA VAL T 244 30.36 -66.75 -34.32
C VAL T 244 30.66 -65.45 -35.05
N ASN T 245 30.59 -65.45 -36.39
CA ASN T 245 30.94 -64.28 -37.19
C ASN T 245 29.73 -63.45 -37.63
N CYS T 246 28.53 -63.79 -37.16
CA CYS T 246 27.35 -62.99 -37.50
C CYS T 246 27.59 -61.51 -37.19
C1 NAG U . -38.92 -28.91 5.39
C2 NAG U . -38.72 -30.14 4.52
C3 NAG U . -40.05 -30.55 3.92
C4 NAG U . -41.05 -30.83 5.03
C5 NAG U . -41.19 -29.61 5.92
C6 NAG U . -42.05 -29.85 7.13
C7 NAG U . -36.78 -30.76 3.15
C8 NAG U . -35.86 -30.35 2.06
N2 NAG U . -37.74 -29.89 3.48
O3 NAG U . -39.87 -31.72 3.12
O4 NAG U . -42.33 -31.15 4.47
O5 NAG U . -39.90 -29.20 6.41
O6 NAG U . -41.27 -30.21 8.26
O7 NAG U . -36.68 -31.85 3.72
C1 NAG V . -26.95 -60.51 28.45
C2 NAG V . -26.03 -61.59 28.96
C3 NAG V . -26.84 -62.85 29.23
C4 NAG V . -27.97 -62.55 30.18
C5 NAG V . -28.81 -61.38 29.67
C6 NAG V . -29.86 -60.92 30.65
C7 NAG V . -23.79 -61.21 28.03
C8 NAG V . -22.80 -61.61 26.99
N2 NAG V . -24.96 -61.86 28.02
O3 NAG V . -25.99 -63.86 29.78
O4 NAG V . -28.81 -63.69 30.33
O5 NAG V . -27.97 -60.24 29.40
O6 NAG V . -30.47 -59.71 30.25
O7 NAG V . -23.55 -60.33 28.85
C1 NAG W . 24.45 -33.51 -16.10
C2 NAG W . 23.67 -32.81 -17.18
C3 NAG W . 24.38 -32.99 -18.50
C4 NAG W . 25.79 -32.42 -18.40
C5 NAG W . 26.53 -33.00 -17.19
C6 NAG W . 27.83 -32.29 -16.90
C7 NAG W . 21.25 -32.57 -17.46
C8 NAG W . 19.92 -33.27 -17.52
N2 NAG W . 22.31 -33.34 -17.26
O3 NAG W . 23.66 -32.32 -19.52
O4 NAG W . 26.52 -32.72 -19.58
O5 NAG W . 25.74 -32.90 -15.99
O6 NAG W . 27.63 -31.15 -16.08
O7 NAG W . 21.34 -31.35 -17.60
C1 NAG X . 25.66 5.00 -4.86
C2 NAG X . 25.13 6.37 -4.50
C3 NAG X . 25.97 7.44 -5.17
C4 NAG X . 27.43 7.28 -4.75
C5 NAG X . 27.91 5.86 -5.05
C6 NAG X . 29.29 5.59 -4.50
C7 NAG X . 22.71 6.37 -4.02
C8 NAG X . 21.34 6.54 -4.59
N2 NAG X . 23.73 6.51 -4.88
O3 NAG X . 25.50 8.73 -4.80
O4 NAG X . 28.24 8.20 -5.47
O5 NAG X . 27.03 4.90 -4.44
O6 NAG X . 29.67 4.23 -4.70
O7 NAG X . 22.91 6.09 -2.83
C1 NAG Y . -49.58 21.31 6.71
C2 NAG Y . -49.12 21.36 5.27
C3 NAG Y . -50.03 20.49 4.42
C4 NAG Y . -50.06 19.07 4.98
C5 NAG Y . -50.41 19.08 6.47
C6 NAG Y . -50.27 17.72 7.12
C7 NAG Y . -48.27 23.13 3.81
C8 NAG Y . -48.38 24.57 3.42
N2 NAG Y . -49.10 22.72 4.77
O3 NAG Y . -49.55 20.46 3.08
O4 NAG Y . -51.03 18.29 4.28
O5 NAG Y . -49.54 19.97 7.18
O6 NAG Y . -51.27 16.82 6.65
O7 NAG Y . -47.44 22.38 3.30
C1 NAG Z . -12.66 3.86 7.59
C2 NAG Z . -11.13 3.85 7.44
C3 NAG Z . -10.60 2.45 7.09
C4 NAG Z . -11.15 1.37 8.01
C5 NAG Z . -12.66 1.47 8.22
C6 NAG Z . -13.15 0.63 9.37
C7 NAG Z . -9.93 5.85 6.69
C8 NAG Z . -9.59 6.74 5.52
N2 NAG Z . -10.72 4.80 6.42
O3 NAG Z . -9.19 2.47 7.15
O4 NAG Z . -10.85 0.09 7.48
O5 NAG Z . -13.07 2.81 8.50
O6 NAG Z . -14.47 0.97 9.74
O7 NAG Z . -9.49 6.08 7.81
C1 NAG AA . 33.05 58.68 -22.01
C2 NAG AA . 32.25 57.87 -23.00
C3 NAG AA . 31.58 58.81 -23.98
C4 NAG AA . 30.66 59.75 -23.23
C5 NAG AA . 31.42 60.47 -22.11
C6 NAG AA . 30.50 61.22 -21.17
C7 NAG AA . 32.67 55.68 -24.03
C8 NAG AA . 33.66 54.83 -24.76
N2 NAG AA . 33.09 56.91 -23.70
O3 NAG AA . 30.85 58.06 -24.94
O4 NAG AA . 30.11 60.71 -24.12
O5 NAG AA . 32.18 59.57 -21.29
O6 NAG AA . 29.67 62.14 -21.86
O7 NAG AA . 31.53 55.30 -23.78
C1 NAG BA . 5.14 37.17 0.44
C2 NAG BA . 4.17 38.19 -0.15
C3 NAG BA . 2.74 37.85 0.23
C4 NAG BA . 2.42 36.42 -0.19
C5 NAG BA . 3.43 35.47 0.45
C6 NAG BA . 3.23 34.03 0.03
C7 NAG BA . 4.45 39.94 1.54
C8 NAG BA . 4.82 41.37 1.80
N2 NAG BA . 4.50 39.54 0.27
O3 NAG BA . 1.84 38.75 -0.42
O4 NAG BA . 1.10 36.07 0.24
O5 NAG BA . 4.75 35.84 0.04
O6 NAG BA . 4.44 33.47 -0.46
O7 NAG BA . 4.12 39.19 2.46
CA CA CA . -36.45 27.69 -38.65
CA CA DA . -24.25 46.07 -60.09
CA CA EA . 15.08 30.36 -55.55
CA CA FA . 17.62 4.41 -71.94
CA CA GA . -7.63 -17.89 -45.63
CA CA HA . -37.50 -12.26 -52.88
CA CA IA . -29.06 -59.15 -28.31
CA CA JA . -9.67 -70.60 -48.92
CA CA KA . 2.96 69.43 -50.51
CA CA LA . 30.43 -24.52 -54.28
CA CA MA . -58.71 -1.94 -25.68
CA CA NA . 24.89 -71.83 -39.88
#